data_8VHR
#
_entry.id   8VHR
#
_cell.length_a   113.576
_cell.length_b   141.078
_cell.length_c   301.877
_cell.angle_alpha   90.000
_cell.angle_beta   90.000
_cell.angle_gamma   90.000
#
_symmetry.space_group_name_H-M   'P 21 21 21'
#
loop_
_entity.id
_entity.type
_entity.pdbx_description
1 polymer 'Ribonucleoside-diphosphate reductase 1 subunit alpha'
2 non-polymer "2'-DEOXYADENOSINE 5'-TRIPHOSPHATE"
3 non-polymer 'MAGNESIUM ION'
4 non-polymer "GUANOSINE-5'-TRIPHOSPHATE"
#
_entity_poly.entity_id   1
_entity_poly.type   'polypeptide(L)'
_entity_poly.pdbx_seq_one_letter_code
;MGSSHHHHHHSSGLVPRGSMNQNLLVTKRDGSTERINLDKIHRVLDAAAEGLHNVSISQVELRSHIQFYDGIKTSDIHET
IIKAAADLISRDAPDYQYLAARLAIFHLRKKAYGQFEPPALYDHVVKMVEMGKYDNHLLEDYTEEEFKQMDTFIDHDRDM
TFSYAAVKQLEGKYLVQNRVTGEIYESAQFLYILVAACLFSNYPRETRLQYVKRFYDAVSTFKISLPTPIMSGVRTPTRQ
FSSCVLIECGDSLDSINATSSAIVKYVSQRAGIGINAGRIRALGSPIRGGEAFHTGCIPFYKHFQTAVKSCSQGGVRGGA
ATLFYPMWHLEVESLLVLKNNRGVEGNRVRHMDYGVQINKLMYTRLLKGEDITLFSPSDVPGLYDAFFADQEEFERLYTK
YEKDDSIRKQRVKAVELFSLMMQERASTGRIYIQNVDHCNTHSPFDPAIAPVRQSNLCLEIALPTKPLNDVNDENGEIAL
CTLSAFNLGAINNLDELEELAILAVRALDALLDYQDYPIPAAKRGAMGRRTLGIGVINFAYYLAKHGKRYSDGSANNLTH
KTFEAIQYYLLKASNELAKEQGACPWFNETTYAKGILPIDTYKKDLDTIANEPLHYDWEALRESIKTHGLRNSTLSALMP
SETSSQISNATNGIEPPRGYVSIKASKDGILRQVVPDYEHLHDAYELLWEMPGNDGYLQLVGIMQKFIDQSISANTNYDP
SRFPSGKVPMQQLLKDLLTAYKFGVKTLYYQNTRDGAEDAQDDLVPSIQDDGCESGACK
;
_entity_poly.pdbx_strand_id   A,B,C,D
#
loop_
_chem_comp.id
_chem_comp.type
_chem_comp.name
_chem_comp.formula
DTP non-polymer '2'-DEOXYADENOSINE 5'-TRIPHOSPHATE' 'C10 H16 N5 O12 P3'
GTP non-polymer GUANOSINE-5'-TRIPHOSPHATE 'C10 H16 N5 O14 P3'
MG non-polymer 'MAGNESIUM ION' 'Mg 2'
#
# COMPACT_ATOMS: atom_id res chain seq x y z
N ASN A 23 -62.50 -12.70 78.50
CA ASN A 23 -63.07 -14.01 78.18
C ASN A 23 -62.19 -14.76 77.18
N LEU A 24 -61.24 -14.04 76.58
CA LEU A 24 -60.36 -14.64 75.58
C LEU A 24 -59.23 -15.45 76.23
N LEU A 25 -58.66 -16.36 75.46
CA LEU A 25 -57.58 -17.21 75.94
C LEU A 25 -56.33 -17.09 75.08
N VAL A 26 -55.17 -17.25 75.70
CA VAL A 26 -53.91 -17.21 74.98
C VAL A 26 -53.22 -18.56 75.09
N THR A 27 -52.29 -18.82 74.18
CA THR A 27 -51.56 -20.09 74.15
C THR A 27 -50.11 -19.91 74.60
N LYS A 28 -49.75 -20.61 75.66
CA LYS A 28 -48.39 -20.54 76.20
C LYS A 28 -47.40 -21.24 75.28
N ARG A 29 -46.12 -21.18 75.62
CA ARG A 29 -45.07 -21.75 74.79
C ARG A 29 -45.11 -23.28 74.73
N ASP A 30 -45.45 -23.90 75.84
CA ASP A 30 -45.48 -25.35 75.93
C ASP A 30 -46.66 -25.98 75.20
N GLY A 31 -47.68 -25.18 74.94
CA GLY A 31 -48.88 -25.66 74.27
C GLY A 31 -50.11 -25.52 75.13
N SER A 32 -49.90 -25.10 76.38
CA SER A 32 -50.98 -24.89 77.33
C SER A 32 -51.84 -23.68 76.94
N THR A 33 -52.92 -23.49 77.69
CA THR A 33 -53.83 -22.38 77.45
C THR A 33 -54.18 -21.71 78.77
N GLU A 34 -54.37 -20.39 78.74
CA GLU A 34 -54.64 -19.62 79.95
C GLU A 34 -55.52 -18.41 79.65
N ARG A 35 -56.27 -17.96 80.67
CA ARG A 35 -57.09 -16.77 80.55
C ARG A 35 -56.22 -15.57 80.20
N ILE A 36 -56.73 -14.69 79.34
CA ILE A 36 -55.95 -13.53 78.92
C ILE A 36 -55.68 -12.64 80.14
N ASN A 37 -54.45 -12.14 80.24
CA ASN A 37 -54.07 -11.30 81.36
C ASN A 37 -53.39 -10.02 80.89
N LEU A 38 -54.15 -8.93 80.86
CA LEU A 38 -53.63 -7.65 80.38
C LEU A 38 -52.65 -7.03 81.38
N ASP A 39 -52.64 -7.55 82.61
CA ASP A 39 -51.73 -7.06 83.63
C ASP A 39 -50.31 -7.60 83.43
N LYS A 40 -50.22 -8.82 82.90
CA LYS A 40 -48.91 -9.40 82.59
C LYS A 40 -48.26 -8.63 81.45
N ILE A 41 -49.07 -8.22 80.48
CA ILE A 41 -48.60 -7.42 79.36
C ILE A 41 -48.20 -6.03 79.84
N HIS A 42 -49.03 -5.45 80.70
CA HIS A 42 -48.76 -4.13 81.25
C HIS A 42 -47.53 -4.14 82.13
N ARG A 43 -47.25 -5.29 82.74
CA ARG A 43 -46.09 -5.46 83.61
C ARG A 43 -44.80 -5.46 82.79
N VAL A 44 -44.87 -6.03 81.60
CA VAL A 44 -43.73 -6.07 80.70
C VAL A 44 -43.42 -4.69 80.12
N LEU A 45 -44.48 -3.99 79.71
CA LEU A 45 -44.34 -2.67 79.11
C LEU A 45 -43.76 -1.65 80.07
N ASP A 46 -44.09 -1.78 81.35
CA ASP A 46 -43.57 -0.88 82.38
C ASP A 46 -42.07 -1.05 82.57
N ALA A 47 -41.62 -2.31 82.48
CA ALA A 47 -40.21 -2.62 82.65
C ALA A 47 -39.39 -2.06 81.49
N ALA A 48 -40.00 -1.99 80.31
CA ALA A 48 -39.32 -1.51 79.11
C ALA A 48 -39.41 0.00 78.97
N ALA A 49 -40.26 0.62 79.78
CA ALA A 49 -40.47 2.06 79.68
C ALA A 49 -39.79 2.83 80.80
N GLU A 50 -38.98 2.13 81.58
CA GLU A 50 -38.28 2.75 82.70
C GLU A 50 -37.25 3.78 82.24
N GLY A 51 -37.43 5.02 82.68
CA GLY A 51 -36.49 6.08 82.35
C GLY A 51 -36.79 6.77 81.02
N LEU A 52 -37.78 6.26 80.31
CA LEU A 52 -38.14 6.82 79.00
C LEU A 52 -39.07 8.02 79.16
N HIS A 53 -39.01 8.93 78.20
CA HIS A 53 -39.83 10.14 78.23
C HIS A 53 -40.78 10.22 77.04
N ASN A 54 -41.94 10.85 77.25
CA ASN A 54 -42.94 11.06 76.22
C ASN A 54 -43.43 9.76 75.58
N VAL A 55 -43.45 8.69 76.37
CA VAL A 55 -43.96 7.40 75.92
C VAL A 55 -45.29 7.09 76.60
N SER A 56 -46.24 6.57 75.83
CA SER A 56 -47.57 6.26 76.37
C SER A 56 -47.85 4.76 76.34
N ILE A 57 -47.91 4.15 77.51
CA ILE A 57 -48.19 2.73 77.65
C ILE A 57 -49.59 2.39 77.16
N SER A 58 -50.55 3.25 77.49
CA SER A 58 -51.94 3.04 77.11
C SER A 58 -52.14 3.10 75.60
N GLN A 59 -51.37 3.95 74.93
CA GLN A 59 -51.44 4.08 73.49
C GLN A 59 -51.00 2.79 72.81
N VAL A 60 -49.97 2.16 73.36
CA VAL A 60 -49.49 0.88 72.84
C VAL A 60 -50.51 -0.21 73.07
N GLU A 61 -51.09 -0.23 74.28
CA GLU A 61 -52.10 -1.22 74.63
C GLU A 61 -53.37 -1.07 73.80
N LEU A 62 -53.67 0.16 73.42
CA LEU A 62 -54.86 0.45 72.61
C LEU A 62 -54.75 -0.18 71.23
N ARG A 63 -53.59 -0.03 70.61
CA ARG A 63 -53.36 -0.55 69.26
C ARG A 63 -53.08 -2.04 69.26
N SER A 64 -52.75 -2.60 70.43
CA SER A 64 -52.37 -4.00 70.52
C SER A 64 -53.56 -4.89 70.88
N HIS A 65 -54.38 -4.45 71.83
CA HIS A 65 -55.52 -5.24 72.29
C HIS A 65 -56.55 -5.47 71.20
N ILE A 66 -56.65 -4.51 70.27
CA ILE A 66 -57.63 -4.59 69.21
C ILE A 66 -57.29 -5.68 68.19
N GLN A 67 -56.03 -6.12 68.19
CA GLN A 67 -55.55 -7.12 67.25
C GLN A 67 -55.65 -8.54 67.82
N PHE A 68 -55.94 -8.63 69.11
CA PHE A 68 -55.97 -9.92 69.80
C PHE A 68 -57.14 -10.79 69.38
N TYR A 69 -56.87 -12.09 69.28
CA TYR A 69 -57.88 -13.07 68.91
C TYR A 69 -57.79 -14.29 69.83
N ASP A 70 -58.86 -15.07 69.90
CA ASP A 70 -58.90 -16.23 70.78
C ASP A 70 -57.99 -17.34 70.26
N GLY A 71 -57.10 -17.83 71.13
CA GLY A 71 -56.18 -18.89 70.77
C GLY A 71 -54.87 -18.37 70.22
N ILE A 72 -54.58 -17.10 70.49
CA ILE A 72 -53.36 -16.47 70.00
C ILE A 72 -52.14 -17.00 70.75
N LYS A 73 -51.07 -17.27 70.01
CA LYS A 73 -49.82 -17.70 70.62
C LYS A 73 -49.19 -16.56 71.41
N THR A 74 -48.59 -16.88 72.55
CA THR A 74 -47.98 -15.88 73.42
C THR A 74 -46.77 -15.22 72.74
N SER A 75 -46.19 -15.91 71.77
CA SER A 75 -45.06 -15.37 71.01
C SER A 75 -45.53 -14.32 70.02
N ASP A 76 -46.76 -14.50 69.52
CA ASP A 76 -47.35 -13.53 68.59
C ASP A 76 -47.80 -12.28 69.33
N ILE A 77 -48.15 -12.45 70.61
CA ILE A 77 -48.53 -11.34 71.46
C ILE A 77 -47.36 -10.38 71.66
N HIS A 78 -46.19 -10.96 71.92
CA HIS A 78 -44.98 -10.18 72.18
C HIS A 78 -44.54 -9.43 70.93
N GLU A 79 -44.61 -10.09 69.78
CA GLU A 79 -44.22 -9.47 68.53
C GLU A 79 -45.23 -8.41 68.09
N THR A 80 -46.43 -8.48 68.65
CA THR A 80 -47.47 -7.50 68.33
C THR A 80 -47.22 -6.17 69.03
N ILE A 81 -46.86 -6.23 70.31
CA ILE A 81 -46.61 -5.01 71.08
C ILE A 81 -45.28 -4.38 70.69
N ILE A 82 -44.39 -5.17 70.10
CA ILE A 82 -43.13 -4.65 69.59
C ILE A 82 -43.38 -3.82 68.34
N LYS A 83 -44.13 -4.41 67.40
CA LYS A 83 -44.47 -3.74 66.15
C LYS A 83 -45.35 -2.53 66.39
N ALA A 84 -46.19 -2.60 67.43
CA ALA A 84 -47.07 -1.50 67.78
C ALA A 84 -46.25 -0.31 68.30
N ALA A 85 -45.23 -0.60 69.10
CA ALA A 85 -44.37 0.44 69.65
C ALA A 85 -43.40 0.97 68.60
N ALA A 86 -43.06 0.11 67.62
CA ALA A 86 -42.14 0.48 66.57
C ALA A 86 -42.76 1.47 65.59
N ASP A 87 -44.08 1.41 65.45
CA ASP A 87 -44.80 2.30 64.55
C ASP A 87 -45.01 3.68 65.18
N LEU A 88 -44.79 3.75 66.49
CA LEU A 88 -44.97 5.01 67.22
C LEU A 88 -43.67 5.81 67.27
N ILE A 89 -42.64 5.30 66.60
CA ILE A 89 -41.37 6.01 66.51
C ILE A 89 -41.50 7.24 65.62
N SER A 90 -41.38 8.42 66.21
CA SER A 90 -41.53 9.66 65.47
C SER A 90 -40.63 10.77 66.00
N ARG A 91 -40.68 11.92 65.36
CA ARG A 91 -39.88 13.07 65.76
C ARG A 91 -40.32 13.61 67.12
N ASP A 92 -41.63 13.62 67.34
CA ASP A 92 -42.21 14.13 68.58
C ASP A 92 -41.86 13.25 69.78
N ALA A 93 -41.81 11.94 69.53
CA ALA A 93 -41.49 10.98 70.58
C ALA A 93 -40.42 10.00 70.12
N PRO A 94 -39.14 10.41 70.22
CA PRO A 94 -38.01 9.61 69.77
C PRO A 94 -37.70 8.43 70.69
N ASP A 95 -38.20 8.48 71.93
CA ASP A 95 -37.89 7.44 72.91
C ASP A 95 -38.66 6.15 72.67
N TYR A 96 -39.47 6.10 71.62
CA TYR A 96 -40.15 4.87 71.26
C TYR A 96 -39.19 3.89 70.61
N GLN A 97 -38.07 4.41 70.11
CA GLN A 97 -37.05 3.58 69.50
C GLN A 97 -36.32 2.75 70.55
N TYR A 98 -36.39 3.18 71.80
CA TYR A 98 -35.78 2.45 72.90
C TYR A 98 -36.80 1.54 73.57
N LEU A 99 -38.07 1.90 73.49
CA LEU A 99 -39.14 1.10 74.06
C LEU A 99 -39.29 -0.21 73.29
N ALA A 100 -39.44 -0.12 71.98
CA ALA A 100 -39.60 -1.29 71.13
C ALA A 100 -38.32 -2.13 71.12
N ALA A 101 -37.18 -1.47 71.34
CA ALA A 101 -35.90 -2.15 71.37
C ALA A 101 -35.80 -3.08 72.58
N ARG A 102 -36.09 -2.54 73.76
CA ARG A 102 -36.04 -3.32 74.99
C ARG A 102 -37.05 -4.46 74.97
N LEU A 103 -38.18 -4.24 74.30
CA LEU A 103 -39.17 -5.29 74.12
C LEU A 103 -38.62 -6.41 73.25
N ALA A 104 -37.83 -6.03 72.24
CA ALA A 104 -37.20 -7.00 71.36
C ALA A 104 -36.12 -7.78 72.10
N ILE A 105 -35.40 -7.09 72.98
CA ILE A 105 -34.37 -7.72 73.80
C ILE A 105 -34.98 -8.80 74.71
N PHE A 106 -36.11 -8.48 75.31
CA PHE A 106 -36.81 -9.41 76.20
C PHE A 106 -37.12 -10.73 75.50
N HIS A 107 -37.66 -10.63 74.29
CA HIS A 107 -38.04 -11.82 73.53
C HIS A 107 -36.80 -12.61 73.10
N LEU A 108 -35.72 -11.90 72.77
CA LEU A 108 -34.48 -12.53 72.37
C LEU A 108 -33.82 -13.28 73.54
N ARG A 109 -34.01 -12.75 74.75
CA ARG A 109 -33.51 -13.42 75.95
C ARG A 109 -34.20 -14.76 76.11
N LYS A 110 -35.50 -14.79 75.80
CA LYS A 110 -36.31 -16.00 75.92
C LYS A 110 -35.94 -17.02 74.85
N LYS A 111 -35.64 -16.55 73.65
CA LYS A 111 -35.32 -17.42 72.52
C LYS A 111 -34.02 -18.20 72.73
N ALA A 112 -33.09 -17.60 73.45
CA ALA A 112 -31.75 -18.18 73.60
C ALA A 112 -31.56 -18.88 74.93
N TYR A 113 -32.15 -18.32 75.99
CA TYR A 113 -31.89 -18.79 77.34
C TYR A 113 -33.12 -19.42 77.98
N GLY A 114 -34.29 -19.06 77.48
CA GLY A 114 -35.55 -19.56 78.04
C GLY A 114 -35.98 -18.77 79.25
N GLN A 115 -35.25 -17.69 79.53
CA GLN A 115 -35.57 -16.80 80.64
C GLN A 115 -34.91 -15.45 80.42
N PHE A 116 -35.26 -14.48 81.26
CA PHE A 116 -34.71 -13.13 81.12
C PHE A 116 -33.23 -13.07 81.46
N GLU A 117 -32.89 -13.45 82.69
CA GLU A 117 -31.51 -13.39 83.15
C GLU A 117 -30.67 -14.46 82.45
N PRO A 118 -29.59 -14.04 81.78
CA PRO A 118 -28.66 -14.94 81.10
C PRO A 118 -27.93 -15.85 82.08
N PRO A 119 -27.54 -17.05 81.64
CA PRO A 119 -26.79 -17.99 82.48
C PRO A 119 -25.36 -17.53 82.73
N ALA A 120 -24.60 -18.30 83.49
CA ALA A 120 -23.21 -17.99 83.76
C ALA A 120 -22.40 -18.04 82.47
N LEU A 121 -21.37 -17.20 82.39
CA LEU A 121 -20.54 -17.12 81.19
C LEU A 121 -19.87 -18.45 80.88
N TYR A 122 -19.31 -19.09 81.90
CA TYR A 122 -18.63 -20.36 81.73
C TYR A 122 -19.58 -21.47 81.30
N ASP A 123 -20.79 -21.45 81.88
CA ASP A 123 -21.80 -22.46 81.54
C ASP A 123 -22.28 -22.28 80.11
N HIS A 124 -22.32 -21.03 79.66
CA HIS A 124 -22.77 -20.71 78.30
C HIS A 124 -21.76 -21.19 77.27
N VAL A 125 -20.49 -20.86 77.49
CA VAL A 125 -19.43 -21.22 76.56
C VAL A 125 -19.31 -22.72 76.38
N VAL A 126 -19.29 -23.46 77.48
CA VAL A 126 -19.18 -24.92 77.46
C VAL A 126 -20.29 -25.55 76.62
N LYS A 127 -21.51 -25.07 76.82
CA LYS A 127 -22.66 -25.57 76.08
C LYS A 127 -22.55 -25.27 74.59
N MET A 128 -22.06 -24.09 74.26
CA MET A 128 -21.95 -23.66 72.87
C MET A 128 -20.79 -24.35 72.15
N VAL A 129 -19.70 -24.60 72.86
CA VAL A 129 -18.55 -25.30 72.30
C VAL A 129 -18.94 -26.73 71.93
N GLU A 130 -19.74 -27.36 72.78
CA GLU A 130 -20.22 -28.71 72.54
C GLU A 130 -21.12 -28.76 71.31
N MET A 131 -21.87 -27.68 71.08
CA MET A 131 -22.76 -27.60 69.92
C MET A 131 -21.98 -27.26 68.65
N GLY A 132 -20.75 -26.80 68.82
CA GLY A 132 -19.91 -26.46 67.69
C GLY A 132 -20.18 -25.08 67.13
N LYS A 133 -20.72 -24.20 67.96
CA LYS A 133 -21.02 -22.84 67.55
C LYS A 133 -19.90 -21.88 67.96
N TYR A 134 -19.21 -22.21 69.05
CA TYR A 134 -18.06 -21.45 69.48
C TYR A 134 -16.78 -22.24 69.22
N ASP A 135 -15.65 -21.55 69.14
CA ASP A 135 -14.38 -22.21 68.92
C ASP A 135 -13.89 -22.87 70.21
N ASN A 136 -13.26 -24.02 70.07
CA ASN A 136 -12.81 -24.78 71.23
C ASN A 136 -11.63 -24.14 71.94
N HIS A 137 -10.95 -23.23 71.25
CA HIS A 137 -9.75 -22.59 71.79
C HIS A 137 -10.07 -21.66 72.95
N LEU A 138 -11.36 -21.36 73.14
CA LEU A 138 -11.80 -20.53 74.26
C LEU A 138 -11.63 -21.27 75.58
N LEU A 139 -11.89 -22.57 75.56
CA LEU A 139 -11.77 -23.40 76.76
C LEU A 139 -10.32 -23.80 77.00
N GLU A 140 -9.48 -23.57 76.00
CA GLU A 140 -8.07 -23.93 76.09
C GLU A 140 -7.23 -22.75 76.61
N ASP A 141 -7.62 -21.54 76.22
CA ASP A 141 -6.87 -20.34 76.60
C ASP A 141 -7.34 -19.74 77.92
N TYR A 142 -8.55 -20.09 78.34
CA TYR A 142 -9.09 -19.56 79.58
C TYR A 142 -9.57 -20.66 80.53
N THR A 143 -9.23 -20.53 81.80
CA THR A 143 -9.67 -21.47 82.82
C THR A 143 -11.06 -21.11 83.32
N GLU A 144 -11.65 -22.00 84.11
CA GLU A 144 -13.00 -21.77 84.63
C GLU A 144 -13.03 -20.57 85.56
N GLU A 145 -11.97 -20.38 86.33
CA GLU A 145 -11.88 -19.25 87.24
C GLU A 145 -11.81 -17.93 86.50
N GLU A 146 -11.09 -17.94 85.38
CA GLU A 146 -10.93 -16.74 84.57
C GLU A 146 -12.24 -16.36 83.87
N PHE A 147 -13.06 -17.36 83.57
CA PHE A 147 -14.37 -17.10 82.98
C PHE A 147 -15.30 -16.46 84.00
N LYS A 148 -15.15 -16.86 85.26
CA LYS A 148 -15.95 -16.29 86.33
C LYS A 148 -15.61 -14.82 86.55
N GLN A 149 -14.34 -14.47 86.38
CA GLN A 149 -13.90 -13.08 86.54
C GLN A 149 -14.45 -12.21 85.43
N MET A 150 -14.47 -12.74 84.21
CA MET A 150 -14.96 -12.00 83.06
C MET A 150 -16.48 -11.83 83.11
N ASP A 151 -17.16 -12.73 83.83
CA ASP A 151 -18.61 -12.65 83.96
C ASP A 151 -18.97 -11.44 84.80
N THR A 152 -18.11 -11.09 85.75
CA THR A 152 -18.34 -9.92 86.59
C THR A 152 -18.24 -8.63 85.79
N PHE A 153 -17.47 -8.68 84.70
CA PHE A 153 -17.31 -7.52 83.83
C PHE A 153 -18.62 -7.25 83.08
N ILE A 154 -19.37 -8.31 82.84
CA ILE A 154 -20.58 -8.23 82.01
C ILE A 154 -21.71 -7.48 82.71
N ASP A 155 -22.25 -6.48 82.02
CA ASP A 155 -23.43 -5.77 82.47
C ASP A 155 -24.56 -5.96 81.47
N HIS A 156 -25.41 -6.94 81.71
CA HIS A 156 -26.48 -7.30 80.77
C HIS A 156 -27.53 -6.20 80.65
N ASP A 157 -27.47 -5.21 81.54
CA ASP A 157 -28.40 -4.09 81.50
C ASP A 157 -28.03 -3.12 80.38
N ARG A 158 -26.88 -3.34 79.76
CA ARG A 158 -26.44 -2.52 78.64
C ARG A 158 -27.19 -2.88 77.36
N ASP A 159 -27.94 -3.97 77.41
CA ASP A 159 -28.77 -4.38 76.27
C ASP A 159 -29.97 -3.45 76.13
N MET A 160 -30.24 -2.68 77.18
CA MET A 160 -31.36 -1.75 77.19
C MET A 160 -30.95 -0.40 76.61
N THR A 161 -29.70 -0.28 76.19
CA THR A 161 -29.19 0.96 75.62
C THR A 161 -29.23 0.95 74.10
N PHE A 162 -29.57 -0.22 73.53
CA PHE A 162 -29.68 -0.35 72.08
C PHE A 162 -30.95 0.31 71.54
N SER A 163 -30.86 0.86 70.33
CA SER A 163 -32.05 1.39 69.66
C SER A 163 -32.78 0.26 68.93
N TYR A 164 -33.96 0.55 68.42
CA TYR A 164 -34.76 -0.49 67.75
C TYR A 164 -34.09 -0.95 66.46
N ALA A 165 -33.51 -0.02 65.72
CA ALA A 165 -32.81 -0.36 64.50
C ALA A 165 -31.58 -1.20 64.81
N ALA A 166 -30.96 -0.94 65.95
CA ALA A 166 -29.75 -1.66 66.37
C ALA A 166 -30.03 -3.11 66.69
N VAL A 167 -31.09 -3.36 67.44
CA VAL A 167 -31.44 -4.71 67.86
C VAL A 167 -31.80 -5.57 66.65
N LYS A 168 -32.49 -4.96 65.69
CA LYS A 168 -32.87 -5.65 64.47
C LYS A 168 -31.63 -6.08 63.69
N GLN A 169 -30.60 -5.24 63.72
CA GLN A 169 -29.34 -5.55 63.06
C GLN A 169 -28.59 -6.65 63.83
N LEU A 170 -28.72 -6.63 65.15
CA LEU A 170 -28.09 -7.64 66.00
C LEU A 170 -28.69 -9.02 65.72
N GLU A 171 -30.02 -9.09 65.74
CA GLU A 171 -30.73 -10.34 65.55
C GLU A 171 -30.50 -10.90 64.15
N GLY A 172 -30.22 -10.03 63.19
CA GLY A 172 -30.09 -10.44 61.81
C GLY A 172 -28.68 -10.77 61.35
N LYS A 173 -27.70 -10.00 61.81
CA LYS A 173 -26.34 -10.13 61.27
C LYS A 173 -25.29 -10.55 62.30
N TYR A 174 -25.35 -9.99 63.51
CA TYR A 174 -24.26 -10.16 64.47
C TYR A 174 -24.41 -11.39 65.36
N LEU A 175 -25.57 -11.54 65.99
CA LEU A 175 -25.79 -12.63 66.95
C LEU A 175 -25.64 -14.01 66.32
N VAL A 176 -24.91 -14.88 67.01
CA VAL A 176 -24.74 -16.27 66.58
C VAL A 176 -26.08 -16.99 66.57
N GLN A 177 -26.43 -17.57 65.42
CA GLN A 177 -27.74 -18.19 65.27
C GLN A 177 -27.72 -19.34 64.28
N ASN A 178 -28.78 -20.15 64.30
CA ASN A 178 -28.96 -21.21 63.33
C ASN A 178 -29.63 -20.67 62.08
N ARG A 179 -28.90 -20.64 60.97
CA ARG A 179 -29.40 -20.05 59.73
C ARG A 179 -30.55 -20.85 59.12
N VAL A 180 -30.74 -22.07 59.59
CA VAL A 180 -31.79 -22.94 59.07
C VAL A 180 -33.09 -22.78 59.86
N THR A 181 -33.01 -22.95 61.17
CA THR A 181 -34.20 -22.90 62.02
C THR A 181 -34.51 -21.49 62.50
N GLY A 182 -33.48 -20.65 62.60
CA GLY A 182 -33.66 -19.28 63.03
C GLY A 182 -33.50 -19.10 64.53
N GLU A 183 -33.02 -20.15 65.20
CA GLU A 183 -32.82 -20.10 66.65
C GLU A 183 -31.69 -19.16 67.04
N ILE A 184 -31.97 -18.28 68.00
CA ILE A 184 -30.95 -17.41 68.56
C ILE A 184 -30.25 -18.13 69.70
N TYR A 185 -28.94 -18.02 69.77
CA TYR A 185 -28.17 -18.79 70.74
C TYR A 185 -27.47 -17.93 71.80
N GLU A 186 -27.44 -16.63 71.59
CA GLU A 186 -26.75 -15.74 72.52
C GLU A 186 -27.39 -14.35 72.63
N SER A 187 -26.83 -13.52 73.49
CA SER A 187 -27.31 -12.15 73.65
C SER A 187 -26.22 -11.16 73.23
N ALA A 188 -26.48 -9.87 73.43
CA ALA A 188 -25.57 -8.83 72.98
C ALA A 188 -24.29 -8.78 73.79
N GLN A 189 -24.40 -8.94 75.10
CA GLN A 189 -23.23 -8.80 75.97
C GLN A 189 -22.26 -9.98 75.84
N PHE A 190 -22.78 -11.17 75.57
CA PHE A 190 -21.93 -12.33 75.36
C PHE A 190 -21.10 -12.17 74.09
N LEU A 191 -21.65 -11.46 73.12
CA LEU A 191 -20.95 -11.17 71.88
C LEU A 191 -19.73 -10.30 72.17
N TYR A 192 -19.95 -9.20 72.88
CA TYR A 192 -18.89 -8.26 73.19
C TYR A 192 -17.77 -8.85 74.06
N ILE A 193 -18.16 -9.60 75.09
CA ILE A 193 -17.19 -10.10 76.06
C ILE A 193 -16.33 -11.23 75.47
N LEU A 194 -16.85 -11.94 74.48
CA LEU A 194 -16.13 -13.06 73.90
C LEU A 194 -15.25 -12.63 72.73
N VAL A 195 -15.64 -11.54 72.06
CA VAL A 195 -14.80 -10.96 71.02
C VAL A 195 -13.53 -10.43 71.67
N ALA A 196 -13.68 -9.77 72.81
CA ALA A 196 -12.55 -9.26 73.57
C ALA A 196 -11.70 -10.41 74.09
N ALA A 197 -12.34 -11.52 74.43
CA ALA A 197 -11.64 -12.67 74.96
C ALA A 197 -10.74 -13.33 73.91
N CYS A 198 -11.26 -13.46 72.70
CA CYS A 198 -10.52 -14.11 71.62
C CYS A 198 -9.35 -13.26 71.12
N LEU A 199 -9.58 -11.96 71.00
CA LEU A 199 -8.54 -11.06 70.47
C LEU A 199 -7.38 -10.90 71.44
N PHE A 200 -7.66 -10.91 72.73
CA PHE A 200 -6.62 -10.75 73.74
C PHE A 200 -6.28 -12.07 74.42
N SER A 201 -6.59 -13.18 73.77
CA SER A 201 -6.37 -14.51 74.33
C SER A 201 -4.88 -14.84 74.44
N ASN A 202 -4.08 -14.23 73.58
CA ASN A 202 -2.66 -14.53 73.54
C ASN A 202 -1.84 -13.57 74.41
N TYR A 203 -2.53 -12.66 75.08
CA TYR A 203 -1.90 -11.70 75.99
C TYR A 203 -1.47 -12.38 77.29
N PRO A 204 -0.39 -11.87 77.92
CA PRO A 204 0.09 -12.42 79.20
C PRO A 204 -0.94 -12.25 80.31
N ARG A 205 -0.99 -13.22 81.22
CA ARG A 205 -1.99 -13.23 82.29
C ARG A 205 -1.96 -11.97 83.16
N GLU A 206 -0.78 -11.39 83.32
CA GLU A 206 -0.62 -10.18 84.12
C GLU A 206 -1.48 -9.01 83.62
N THR A 207 -1.74 -8.98 82.32
CA THR A 207 -2.50 -7.88 81.73
C THR A 207 -3.66 -8.34 80.83
N ARG A 208 -3.80 -9.66 80.66
CA ARG A 208 -4.80 -10.19 79.74
C ARG A 208 -6.23 -9.80 80.11
N LEU A 209 -6.67 -10.22 81.29
CA LEU A 209 -8.03 -9.94 81.74
C LEU A 209 -8.26 -8.43 81.90
N GLN A 210 -7.18 -7.69 82.07
CA GLN A 210 -7.25 -6.25 82.19
C GLN A 210 -7.64 -5.60 80.86
N TYR A 211 -7.04 -6.10 79.78
CA TYR A 211 -7.36 -5.61 78.45
C TYR A 211 -8.75 -6.05 78.02
N VAL A 212 -9.16 -7.23 78.47
CA VAL A 212 -10.47 -7.78 78.13
C VAL A 212 -11.60 -6.90 78.65
N LYS A 213 -11.49 -6.50 79.92
CA LYS A 213 -12.50 -5.64 80.53
C LYS A 213 -12.55 -4.27 79.86
N ARG A 214 -11.38 -3.67 79.66
CA ARG A 214 -11.31 -2.33 79.10
C ARG A 214 -11.84 -2.30 77.68
N PHE A 215 -11.53 -3.34 76.90
CA PHE A 215 -12.00 -3.42 75.52
C PHE A 215 -13.50 -3.73 75.49
N TYR A 216 -13.96 -4.51 76.46
CA TYR A 216 -15.38 -4.82 76.58
C TYR A 216 -16.18 -3.55 76.89
N ASP A 217 -15.68 -2.76 77.81
CA ASP A 217 -16.33 -1.51 78.19
C ASP A 217 -16.36 -0.52 77.02
N ALA A 218 -15.38 -0.63 76.14
CA ALA A 218 -15.29 0.25 74.99
C ALA A 218 -16.36 -0.06 73.95
N VAL A 219 -16.55 -1.33 73.65
CA VAL A 219 -17.48 -1.74 72.61
C VAL A 219 -18.93 -1.85 73.10
N SER A 220 -19.10 -2.14 74.39
CA SER A 220 -20.44 -2.28 74.96
C SER A 220 -21.06 -0.92 75.25
N THR A 221 -20.22 0.08 75.51
CA THR A 221 -20.68 1.44 75.73
C THR A 221 -20.57 2.24 74.44
N PHE A 222 -20.38 1.52 73.33
CA PHE A 222 -20.36 2.10 71.99
C PHE A 222 -19.29 3.17 71.77
N LYS A 223 -18.11 2.96 72.32
CA LYS A 223 -16.99 3.87 72.05
C LYS A 223 -16.23 3.42 70.81
N ILE A 224 -16.12 2.11 70.61
CA ILE A 224 -15.46 1.56 69.44
C ILE A 224 -16.41 0.67 68.65
N SER A 225 -16.57 0.98 67.37
CA SER A 225 -17.44 0.20 66.49
C SER A 225 -16.62 -0.77 65.66
N LEU A 226 -17.04 -2.03 65.65
CA LEU A 226 -16.35 -3.08 64.92
C LEU A 226 -17.13 -3.52 63.68
N PRO A 227 -16.41 -3.86 62.60
CA PRO A 227 -17.02 -4.31 61.34
C PRO A 227 -17.86 -5.57 61.50
N THR A 228 -18.73 -5.82 60.53
CA THR A 228 -19.64 -6.97 60.55
C THR A 228 -18.93 -8.33 60.65
N PRO A 229 -17.86 -8.57 59.85
CA PRO A 229 -17.25 -9.91 59.97
C PRO A 229 -16.59 -10.16 61.33
N ILE A 230 -16.21 -9.09 62.03
CA ILE A 230 -15.62 -9.23 63.35
C ILE A 230 -16.69 -9.52 64.40
N MET A 231 -17.77 -8.75 64.35
CA MET A 231 -18.87 -8.89 65.29
C MET A 231 -19.53 -10.27 65.21
N SER A 232 -19.68 -10.78 63.98
CA SER A 232 -20.36 -12.04 63.77
C SER A 232 -19.39 -13.22 63.69
N GLY A 233 -18.10 -12.94 63.77
CA GLY A 233 -17.09 -13.97 63.57
C GLY A 233 -16.22 -14.32 64.75
N VAL A 234 -15.58 -13.32 65.35
CA VAL A 234 -14.52 -13.56 66.34
C VAL A 234 -15.04 -14.19 67.64
N ARG A 235 -15.32 -15.49 67.55
CA ARG A 235 -15.67 -16.36 68.67
C ARG A 235 -16.13 -17.70 68.08
N THR A 236 -16.43 -17.66 66.79
CA THR A 236 -16.88 -18.83 66.04
C THR A 236 -15.66 -19.52 65.42
N PRO A 237 -15.80 -20.82 65.07
CA PRO A 237 -14.70 -21.59 64.49
C PRO A 237 -14.11 -21.01 63.20
N THR A 238 -14.81 -20.09 62.55
CA THR A 238 -14.32 -19.50 61.31
C THR A 238 -13.15 -18.54 61.55
N ARG A 239 -12.39 -18.28 60.50
CA ARG A 239 -11.25 -17.37 60.57
C ARG A 239 -11.26 -16.37 59.42
N GLN A 240 -12.38 -16.30 58.72
CA GLN A 240 -12.52 -15.38 57.60
C GLN A 240 -13.00 -14.01 58.08
N PHE A 241 -12.07 -13.07 58.20
CA PHE A 241 -12.39 -11.72 58.67
C PHE A 241 -11.91 -10.67 57.68
N SER A 242 -11.31 -11.11 56.58
CA SER A 242 -10.83 -10.18 55.56
C SER A 242 -12.00 -9.64 54.75
N SER A 243 -12.20 -8.33 54.82
CA SER A 243 -13.30 -7.67 54.13
C SER A 243 -12.82 -6.58 53.18
N CYS A 244 -11.51 -6.47 53.03
CA CYS A 244 -10.93 -5.45 52.16
C CYS A 244 -9.71 -5.99 51.41
N VAL A 245 -9.84 -6.11 50.09
CA VAL A 245 -8.80 -6.69 49.25
C VAL A 245 -8.39 -5.77 48.11
N LEU A 246 -7.08 -5.56 47.95
CA LEU A 246 -6.56 -4.75 46.85
C LEU A 246 -5.61 -5.58 45.99
N ILE A 247 -5.98 -5.79 44.74
CA ILE A 247 -5.17 -6.60 43.83
C ILE A 247 -4.72 -5.81 42.60
N GLU A 248 -3.44 -5.88 42.30
CA GLU A 248 -2.90 -5.24 41.11
C GLU A 248 -2.67 -6.27 40.00
N CYS A 249 -3.18 -5.98 38.81
CA CYS A 249 -3.05 -6.91 37.68
C CYS A 249 -1.94 -6.46 36.74
N GLY A 250 -1.05 -7.39 36.40
CA GLY A 250 0.02 -7.11 35.47
C GLY A 250 -0.42 -7.30 34.03
N ASP A 251 0.46 -6.94 33.10
CA ASP A 251 0.15 -7.04 31.67
C ASP A 251 0.63 -8.37 31.09
N SER A 252 0.05 -9.46 31.56
CA SER A 252 0.39 -10.79 31.08
C SER A 252 -0.74 -11.78 31.33
N LEU A 253 -0.79 -12.82 30.51
CA LEU A 253 -1.80 -13.87 30.67
C LEU A 253 -1.66 -14.55 32.04
N ASP A 254 -0.43 -14.71 32.50
CA ASP A 254 -0.16 -15.33 33.78
C ASP A 254 -0.68 -14.49 34.94
N SER A 255 -0.61 -13.16 34.78
CA SER A 255 -1.07 -12.25 35.82
C SER A 255 -2.59 -12.13 35.85
N ILE A 256 -3.20 -12.08 34.68
CA ILE A 256 -4.66 -11.97 34.57
C ILE A 256 -5.33 -13.22 35.12
N ASN A 257 -4.79 -14.39 34.77
CA ASN A 257 -5.28 -15.65 35.30
C ASN A 257 -5.11 -15.72 36.81
N ALA A 258 -3.99 -15.20 37.29
CA ALA A 258 -3.72 -15.17 38.73
C ALA A 258 -4.67 -14.21 39.44
N THR A 259 -4.87 -13.04 38.83
CA THR A 259 -5.79 -12.05 39.39
C THR A 259 -7.20 -12.59 39.44
N SER A 260 -7.63 -13.24 38.36
CA SER A 260 -8.96 -13.83 38.29
C SER A 260 -9.16 -14.87 39.39
N SER A 261 -8.16 -15.74 39.58
CA SER A 261 -8.21 -16.76 40.61
C SER A 261 -8.19 -16.13 42.00
N ALA A 262 -7.46 -15.02 42.13
CA ALA A 262 -7.36 -14.32 43.40
C ALA A 262 -8.69 -13.70 43.81
N ILE A 263 -9.39 -13.14 42.82
CA ILE A 263 -10.69 -12.51 43.05
C ILE A 263 -11.72 -13.52 43.53
N VAL A 264 -11.81 -14.65 42.83
CA VAL A 264 -12.78 -15.69 43.15
C VAL A 264 -12.67 -16.19 44.60
N LYS A 265 -11.44 -16.37 45.06
CA LYS A 265 -11.22 -16.84 46.42
C LYS A 265 -11.69 -15.85 47.48
N TYR A 266 -11.63 -14.56 47.17
CA TYR A 266 -11.97 -13.54 48.16
C TYR A 266 -13.42 -13.07 48.08
N VAL A 267 -14.02 -13.17 46.90
CA VAL A 267 -15.44 -12.86 46.78
C VAL A 267 -16.26 -14.00 47.35
N SER A 268 -15.62 -15.16 47.50
CA SER A 268 -16.25 -16.30 48.14
C SER A 268 -16.29 -16.09 49.65
N GLN A 269 -15.42 -15.22 50.15
CA GLN A 269 -15.40 -14.86 51.55
C GLN A 269 -16.09 -13.53 51.78
N ARG A 270 -16.86 -13.11 50.77
CA ARG A 270 -17.67 -11.89 50.85
C ARG A 270 -16.82 -10.65 51.15
N ALA A 271 -15.72 -10.52 50.43
CA ALA A 271 -14.82 -9.38 50.61
C ALA A 271 -14.90 -8.41 49.43
N GLY A 272 -14.67 -7.13 49.71
CA GLY A 272 -14.65 -6.12 48.68
C GLY A 272 -13.32 -6.13 47.94
N ILE A 273 -13.38 -6.01 46.63
CA ILE A 273 -12.18 -6.14 45.81
C ILE A 273 -11.81 -4.83 45.12
N GLY A 274 -10.52 -4.50 45.13
CA GLY A 274 -10.01 -3.35 44.41
C GLY A 274 -9.06 -3.82 43.33
N ILE A 275 -9.44 -3.59 42.08
CA ILE A 275 -8.67 -4.11 40.94
C ILE A 275 -7.93 -3.01 40.20
N ASN A 276 -6.62 -3.17 40.05
CA ASN A 276 -5.81 -2.25 39.26
C ASN A 276 -5.41 -2.88 37.93
N ALA A 277 -6.16 -2.56 36.87
CA ALA A 277 -5.90 -3.13 35.56
C ALA A 277 -5.44 -2.07 34.57
N GLY A 278 -4.75 -1.05 35.06
CA GLY A 278 -4.23 0.00 34.22
C GLY A 278 -3.01 -0.42 33.44
N ARG A 279 -2.32 -1.45 33.93
CA ARG A 279 -1.11 -1.94 33.30
C ARG A 279 -1.38 -2.72 32.02
N ILE A 280 -2.61 -3.21 31.87
CA ILE A 280 -3.00 -3.96 30.68
C ILE A 280 -2.89 -3.08 29.44
N ARG A 281 -2.11 -3.53 28.47
CA ARG A 281 -1.86 -2.75 27.25
C ARG A 281 -3.14 -2.54 26.46
N ALA A 282 -3.13 -1.54 25.59
CA ALA A 282 -4.33 -1.14 24.86
C ALA A 282 -4.60 -2.03 23.66
N LEU A 283 -5.79 -1.88 23.09
CA LEU A 283 -6.20 -2.65 21.92
C LEU A 283 -5.32 -2.37 20.71
N GLY A 284 -4.83 -3.43 20.08
CA GLY A 284 -4.02 -3.29 18.89
C GLY A 284 -2.53 -3.38 19.16
N SER A 285 -2.16 -3.32 20.43
CA SER A 285 -0.76 -3.40 20.82
C SER A 285 -0.16 -4.75 20.44
N PRO A 286 1.04 -4.72 19.84
CA PRO A 286 1.71 -5.93 19.36
C PRO A 286 2.12 -6.87 20.49
N ILE A 287 2.05 -8.17 20.24
CA ILE A 287 2.44 -9.17 21.22
C ILE A 287 3.61 -10.00 20.71
N ARG A 288 4.66 -10.08 21.52
CA ARG A 288 5.86 -10.84 21.18
C ARG A 288 6.47 -10.35 19.86
N GLY A 289 6.51 -9.04 19.68
CA GLY A 289 7.12 -8.45 18.49
C GLY A 289 6.23 -8.43 17.28
N GLY A 290 4.96 -8.79 17.45
CA GLY A 290 4.01 -8.74 16.36
C GLY A 290 3.47 -10.11 15.96
N GLU A 291 3.79 -11.13 16.77
CA GLU A 291 3.29 -12.47 16.52
C GLU A 291 1.77 -12.51 16.66
N ALA A 292 1.24 -11.66 17.53
CA ALA A 292 -0.20 -11.52 17.70
C ALA A 292 -0.53 -10.09 18.12
N PHE A 293 -1.81 -9.72 18.05
CA PHE A 293 -2.23 -8.39 18.43
C PHE A 293 -3.30 -8.44 19.52
N HIS A 294 -3.23 -7.48 20.44
CA HIS A 294 -4.15 -7.43 21.58
C HIS A 294 -5.60 -7.25 21.14
N THR A 295 -6.52 -7.78 21.94
CA THR A 295 -7.93 -7.76 21.58
C THR A 295 -8.73 -6.75 22.40
N GLY A 296 -8.03 -5.98 23.24
CA GLY A 296 -8.67 -4.95 24.04
C GLY A 296 -8.70 -5.26 25.53
N CYS A 297 -8.87 -4.23 26.34
CA CYS A 297 -8.93 -4.39 27.79
C CYS A 297 -10.31 -4.85 28.23
N ILE A 298 -11.33 -4.44 27.48
CA ILE A 298 -12.71 -4.77 27.79
C ILE A 298 -13.01 -6.28 27.90
N PRO A 299 -12.49 -7.10 26.96
CA PRO A 299 -12.75 -8.53 27.13
C PRO A 299 -12.16 -9.11 28.41
N PHE A 300 -11.08 -8.51 28.90
CA PHE A 300 -10.46 -8.97 30.14
C PHE A 300 -11.18 -8.41 31.37
N TYR A 301 -11.81 -7.25 31.20
CA TYR A 301 -12.59 -6.66 32.28
C TYR A 301 -13.84 -7.49 32.54
N LYS A 302 -14.42 -8.05 31.48
CA LYS A 302 -15.58 -8.92 31.59
C LYS A 302 -15.23 -10.19 32.35
N HIS A 303 -14.03 -10.71 32.12
CA HIS A 303 -13.56 -11.91 32.80
C HIS A 303 -13.37 -11.65 34.28
N PHE A 304 -13.01 -10.42 34.62
CA PHE A 304 -12.86 -10.02 36.01
C PHE A 304 -14.22 -9.95 36.70
N GLN A 305 -15.21 -9.40 36.00
CA GLN A 305 -16.55 -9.23 36.55
C GLN A 305 -17.19 -10.56 36.92
N THR A 306 -17.06 -11.55 36.04
CA THR A 306 -17.62 -12.87 36.30
C THR A 306 -16.88 -13.57 37.43
N ALA A 307 -15.61 -13.21 37.60
CA ALA A 307 -14.83 -13.72 38.73
C ALA A 307 -15.33 -13.10 40.02
N VAL A 308 -15.77 -11.84 39.92
CA VAL A 308 -16.33 -11.12 41.05
C VAL A 308 -17.72 -11.64 41.41
N LYS A 309 -18.55 -11.82 40.38
CA LYS A 309 -19.93 -12.26 40.58
C LYS A 309 -20.08 -13.78 40.53
N SER A 310 -18.96 -14.50 40.69
CA SER A 310 -18.97 -15.96 40.63
C SER A 310 -19.73 -16.58 41.80
N CYS A 311 -19.64 -15.94 42.96
CA CYS A 311 -20.29 -16.47 44.16
C CYS A 311 -21.51 -15.65 44.57
N SER A 312 -22.30 -15.23 43.60
CA SER A 312 -23.50 -14.46 43.89
C SER A 312 -24.75 -15.16 43.38
N GLN A 313 -25.71 -15.38 44.28
CA GLN A 313 -27.01 -15.99 43.94
C GLN A 313 -27.76 -15.21 42.85
N GLY A 314 -27.13 -15.08 41.68
CA GLY A 314 -27.78 -14.38 40.58
C GLY A 314 -26.84 -13.37 39.93
N GLY A 315 -25.74 -13.06 40.62
CA GLY A 315 -24.80 -12.06 40.15
C GLY A 315 -25.16 -10.65 40.60
N VAL A 316 -25.86 -10.51 41.73
CA VAL A 316 -26.24 -9.19 42.25
C VAL A 316 -25.72 -8.93 43.68
N ARG A 317 -26.36 -9.56 44.65
CA ARG A 317 -26.10 -9.34 46.07
C ARG A 317 -24.64 -9.50 46.50
N GLY A 318 -23.96 -10.51 45.98
CA GLY A 318 -22.58 -10.82 46.36
C GLY A 318 -21.49 -9.75 46.32
N GLY A 319 -20.27 -10.20 46.02
CA GLY A 319 -19.11 -9.33 45.95
C GLY A 319 -19.16 -8.21 44.93
N ALA A 320 -18.90 -7.00 45.38
CA ALA A 320 -18.76 -5.85 44.49
C ALA A 320 -17.29 -5.49 44.36
N ALA A 321 -16.94 -4.78 43.30
CA ALA A 321 -15.53 -4.43 43.06
C ALA A 321 -15.40 -3.13 42.28
N THR A 322 -14.28 -2.44 42.49
CA THR A 322 -14.01 -1.21 41.77
C THR A 322 -12.70 -1.33 41.00
N LEU A 323 -12.77 -1.06 39.69
CA LEU A 323 -11.61 -1.21 38.82
C LEU A 323 -10.98 0.16 38.54
N PHE A 324 -9.66 0.21 38.55
CA PHE A 324 -8.94 1.47 38.39
C PHE A 324 -8.08 1.51 37.14
N TYR A 325 -8.02 2.68 36.51
CA TYR A 325 -7.19 2.89 35.33
C TYR A 325 -6.84 4.37 35.20
N PRO A 326 -5.63 4.66 34.70
CA PRO A 326 -5.18 6.05 34.52
C PRO A 326 -5.97 6.76 33.41
N MET A 327 -6.08 8.09 33.52
CA MET A 327 -6.85 8.87 32.56
C MET A 327 -6.16 8.93 31.20
N TRP A 328 -4.84 8.91 31.20
CA TRP A 328 -4.08 9.04 29.96
C TRP A 328 -3.99 7.71 29.20
N HIS A 329 -4.74 6.71 29.65
CA HIS A 329 -4.78 5.43 28.95
C HIS A 329 -5.42 5.60 27.57
N LEU A 330 -5.03 4.77 26.62
CA LEU A 330 -5.48 4.92 25.24
C LEU A 330 -6.96 4.61 25.08
N GLU A 331 -7.46 3.64 25.83
CA GLU A 331 -8.86 3.24 25.72
C GLU A 331 -9.74 3.92 26.77
N VAL A 332 -9.28 5.05 27.31
CA VAL A 332 -9.98 5.73 28.39
C VAL A 332 -11.36 6.20 27.95
N GLU A 333 -11.51 6.45 26.65
CA GLU A 333 -12.79 6.88 26.09
C GLU A 333 -13.77 5.72 26.03
N SER A 334 -13.25 4.50 25.99
CA SER A 334 -14.09 3.31 25.91
C SER A 334 -14.40 2.76 27.30
N LEU A 335 -13.50 3.00 28.25
CA LEU A 335 -13.64 2.48 29.60
C LEU A 335 -14.54 3.37 30.45
N LEU A 336 -14.62 4.64 30.08
CA LEU A 336 -15.42 5.61 30.82
C LEU A 336 -16.92 5.37 30.63
N VAL A 337 -17.27 4.74 29.52
CA VAL A 337 -18.67 4.53 29.18
C VAL A 337 -19.10 3.08 29.36
N LEU A 338 -18.53 2.39 30.34
CA LEU A 338 -18.82 0.97 30.55
C LEU A 338 -20.06 0.72 31.42
N LYS A 339 -20.53 1.74 32.13
CA LYS A 339 -21.60 1.53 33.10
C LYS A 339 -22.97 2.00 32.62
N ASN A 340 -22.99 2.88 31.63
CA ASN A 340 -24.26 3.42 31.14
C ASN A 340 -25.14 2.36 30.50
N ASN A 341 -26.44 2.57 30.57
CA ASN A 341 -27.43 1.61 30.09
C ASN A 341 -27.43 1.49 28.57
N ARG A 342 -26.82 2.47 27.91
CA ARG A 342 -26.75 2.50 26.45
C ARG A 342 -25.73 1.49 25.92
N GLY A 343 -25.60 1.44 24.60
CA GLY A 343 -24.64 0.57 23.95
C GLY A 343 -25.04 -0.90 23.95
N VAL A 344 -24.19 -1.72 23.33
CA VAL A 344 -24.41 -3.16 23.26
C VAL A 344 -23.60 -3.87 24.34
N GLU A 345 -23.81 -5.17 24.50
CA GLU A 345 -23.09 -5.92 25.53
C GLU A 345 -21.60 -6.04 25.21
N GLY A 346 -21.25 -5.88 23.94
CA GLY A 346 -19.88 -6.01 23.50
C GLY A 346 -18.94 -4.97 24.08
N ASN A 347 -19.48 -3.78 24.34
CA ASN A 347 -18.68 -2.69 24.89
C ASN A 347 -19.24 -2.14 26.19
N ARG A 348 -19.86 -3.01 26.99
CA ARG A 348 -20.43 -2.60 28.26
C ARG A 348 -20.13 -3.60 29.37
N VAL A 349 -19.62 -3.10 30.49
CA VAL A 349 -19.41 -3.89 31.69
C VAL A 349 -20.02 -3.14 32.87
N ARG A 350 -21.31 -3.36 33.09
CA ARG A 350 -22.09 -2.49 33.97
C ARG A 350 -22.05 -2.85 35.46
N HIS A 351 -21.78 -4.12 35.77
CA HIS A 351 -21.91 -4.59 37.14
C HIS A 351 -20.64 -4.40 37.97
N MET A 352 -19.81 -3.44 37.57
CA MET A 352 -18.63 -3.07 38.35
C MET A 352 -18.49 -1.56 38.40
N ASP A 353 -17.80 -1.07 39.43
CA ASP A 353 -17.55 0.36 39.57
C ASP A 353 -16.16 0.70 39.06
N TYR A 354 -15.94 1.96 38.71
CA TYR A 354 -14.66 2.37 38.14
C TYR A 354 -14.11 3.63 38.76
N GLY A 355 -12.79 3.72 38.85
CA GLY A 355 -12.13 4.89 39.38
C GLY A 355 -11.03 5.39 38.46
N VAL A 356 -11.21 6.59 37.94
CA VAL A 356 -10.25 7.19 37.03
C VAL A 356 -9.10 7.85 37.80
N GLN A 357 -7.88 7.52 37.42
CA GLN A 357 -6.70 8.05 38.09
C GLN A 357 -6.20 9.32 37.41
N ILE A 358 -6.16 10.41 38.17
CA ILE A 358 -5.78 11.72 37.65
C ILE A 358 -4.63 12.31 38.45
N ASN A 359 -3.75 13.06 37.78
CA ASN A 359 -2.67 13.76 38.47
C ASN A 359 -2.65 15.24 38.14
N LYS A 360 -1.61 15.93 38.57
CA LYS A 360 -1.51 17.38 38.43
C LYS A 360 -1.50 17.81 36.97
N LEU A 361 -0.73 17.10 36.15
CA LEU A 361 -0.56 17.47 34.75
C LEU A 361 -1.87 17.43 33.97
N MET A 362 -2.75 16.51 34.34
CA MET A 362 -4.05 16.40 33.68
C MET A 362 -4.92 17.61 33.99
N TYR A 363 -4.93 18.03 35.24
CA TYR A 363 -5.68 19.20 35.66
C TYR A 363 -5.12 20.48 35.05
N THR A 364 -3.81 20.49 34.84
CA THR A 364 -3.14 21.65 34.25
C THR A 364 -3.63 21.87 32.81
N ARG A 365 -3.71 20.78 32.05
CA ARG A 365 -4.20 20.84 30.68
C ARG A 365 -5.66 21.26 30.63
N LEU A 366 -6.40 20.95 31.70
CA LEU A 366 -7.80 21.31 31.78
C LEU A 366 -7.98 22.82 31.96
N LEU A 367 -7.18 23.40 32.84
CA LEU A 367 -7.26 24.83 33.12
C LEU A 367 -6.81 25.67 31.93
N LYS A 368 -5.76 25.24 31.25
CA LYS A 368 -5.25 25.95 30.08
C LYS A 368 -6.10 25.66 28.84
N GLY A 369 -6.99 24.69 28.95
CA GLY A 369 -7.87 24.33 27.85
C GLY A 369 -7.12 23.70 26.69
N GLU A 370 -6.03 23.01 27.00
CA GLU A 370 -5.20 22.37 25.98
C GLU A 370 -5.69 20.95 25.70
N ASP A 371 -4.77 20.10 25.23
CA ASP A 371 -5.11 18.72 24.90
C ASP A 371 -4.44 17.73 25.83
N ILE A 372 -5.02 16.54 25.92
CA ILE A 372 -4.43 15.43 26.67
C ILE A 372 -4.10 14.29 25.72
N THR A 373 -2.86 13.84 25.73
CA THR A 373 -2.43 12.79 24.81
C THR A 373 -2.59 11.41 25.45
N LEU A 374 -3.19 10.49 24.71
CA LEU A 374 -3.44 9.14 25.20
C LEU A 374 -2.36 8.17 24.78
N PHE A 375 -1.84 7.41 25.74
CA PHE A 375 -0.78 6.46 25.46
C PHE A 375 -1.13 5.06 25.96
N SER A 376 -0.52 4.04 25.35
CA SER A 376 -0.61 2.69 25.88
C SER A 376 0.58 2.45 26.80
N PRO A 377 0.32 1.94 28.01
CA PRO A 377 1.34 1.77 29.06
C PRO A 377 2.50 0.87 28.63
N SER A 378 2.34 0.14 27.53
CA SER A 378 3.38 -0.73 27.03
C SER A 378 4.29 -0.01 26.04
N ASP A 379 3.87 1.16 25.59
CA ASP A 379 4.62 1.92 24.59
C ASP A 379 5.38 3.09 25.20
N VAL A 380 5.11 3.37 26.47
CA VAL A 380 5.73 4.50 27.16
C VAL A 380 6.49 4.05 28.41
N PRO A 381 7.77 3.74 28.25
CA PRO A 381 8.63 3.23 29.32
C PRO A 381 8.75 4.18 30.51
N GLY A 382 8.39 3.68 31.70
CA GLY A 382 8.54 4.45 32.93
C GLY A 382 7.47 5.50 33.16
N LEU A 383 6.60 5.72 32.18
CA LEU A 383 5.55 6.71 32.32
C LEU A 383 4.53 6.30 33.37
N TYR A 384 4.24 5.01 33.43
CA TYR A 384 3.28 4.48 34.39
C TYR A 384 3.82 4.58 35.81
N ASP A 385 5.10 4.24 35.98
CA ASP A 385 5.72 4.29 37.30
C ASP A 385 5.84 5.72 37.79
N ALA A 386 6.21 6.63 36.90
CA ALA A 386 6.37 8.03 37.25
C ALA A 386 5.03 8.69 37.54
N PHE A 387 3.96 8.12 36.97
CA PHE A 387 2.62 8.67 37.15
C PHE A 387 2.19 8.64 38.62
N PHE A 388 2.79 7.74 39.39
CA PHE A 388 2.45 7.60 40.80
C PHE A 388 3.58 8.09 41.71
N ALA A 389 4.82 7.85 41.28
CA ALA A 389 5.98 8.06 42.16
C ALA A 389 6.66 9.41 41.97
N ASP A 390 6.70 9.90 40.74
CA ASP A 390 7.44 11.13 40.45
C ASP A 390 6.70 12.02 39.46
N GLN A 391 6.06 13.07 39.98
CA GLN A 391 5.31 14.00 39.14
C GLN A 391 6.24 14.82 38.25
N GLU A 392 7.46 15.07 38.73
CA GLU A 392 8.45 15.81 37.97
C GLU A 392 8.94 14.98 36.78
N GLU A 393 9.25 13.72 37.03
CA GLU A 393 9.72 12.80 35.99
C GLU A 393 8.61 12.53 34.98
N PHE A 394 7.37 12.52 35.46
CA PHE A 394 6.22 12.26 34.60
C PHE A 394 6.07 13.35 33.54
N GLU A 395 6.08 14.60 33.97
CA GLU A 395 5.93 15.73 33.05
C GLU A 395 7.05 15.76 32.01
N ARG A 396 8.23 15.31 32.41
CA ARG A 396 9.36 15.23 31.48
C ARG A 396 9.12 14.16 30.42
N LEU A 397 8.73 12.98 30.87
CA LEU A 397 8.48 11.85 29.97
C LEU A 397 7.22 12.05 29.13
N TYR A 398 6.20 12.67 29.72
CA TYR A 398 4.94 12.88 29.03
C TYR A 398 5.12 13.80 27.83
N THR A 399 5.81 14.93 28.04
CA THR A 399 6.07 15.87 26.96
C THR A 399 7.08 15.32 25.97
N LYS A 400 7.99 14.47 26.46
CA LYS A 400 8.98 13.84 25.61
C LYS A 400 8.33 12.87 24.63
N TYR A 401 7.39 12.07 25.13
CA TYR A 401 6.71 11.08 24.30
C TYR A 401 5.64 11.73 23.43
N GLU A 402 5.18 12.91 23.84
CA GLU A 402 4.22 13.68 23.06
C GLU A 402 4.89 14.22 21.80
N LYS A 403 6.18 14.55 21.91
CA LYS A 403 6.94 15.12 20.82
C LYS A 403 7.49 14.02 19.92
N ASP A 404 7.36 12.77 20.37
CA ASP A 404 7.79 11.62 19.57
C ASP A 404 6.65 11.19 18.64
N ASP A 405 6.98 10.99 17.37
CA ASP A 405 5.97 10.62 16.37
C ASP A 405 5.98 9.12 16.10
N SER A 406 7.00 8.43 16.60
CA SER A 406 7.12 6.99 16.42
C SER A 406 6.22 6.23 17.38
N ILE A 407 5.86 6.88 18.48
CA ILE A 407 4.99 6.27 19.49
C ILE A 407 3.52 6.50 19.18
N ARG A 408 2.75 5.41 19.16
CA ARG A 408 1.32 5.48 18.85
C ARG A 408 0.58 6.26 19.93
N LYS A 409 -0.22 7.24 19.49
CA LYS A 409 -0.92 8.13 20.41
C LYS A 409 -2.25 8.62 19.84
N GLN A 410 -3.02 9.30 20.67
CA GLN A 410 -4.26 9.93 20.23
C GLN A 410 -4.52 11.21 21.01
N ARG A 411 -4.88 12.28 20.30
CA ARG A 411 -5.10 13.57 20.93
C ARG A 411 -6.58 13.83 21.20
N VAL A 412 -6.90 14.25 22.42
CA VAL A 412 -8.25 14.65 22.78
C VAL A 412 -8.22 15.88 23.68
N LYS A 413 -9.18 16.78 23.50
CA LYS A 413 -9.23 18.00 24.29
C LYS A 413 -9.52 17.70 25.75
N ALA A 414 -8.76 18.34 26.63
CA ALA A 414 -8.88 18.11 28.07
C ALA A 414 -10.28 18.44 28.58
N VAL A 415 -10.89 19.46 27.98
CA VAL A 415 -12.24 19.87 28.38
C VAL A 415 -13.24 18.79 28.01
N GLU A 416 -13.05 18.16 26.86
CA GLU A 416 -13.95 17.12 26.39
C GLU A 416 -13.80 15.83 27.20
N LEU A 417 -12.56 15.49 27.54
CA LEU A 417 -12.27 14.26 28.26
C LEU A 417 -12.84 14.30 29.68
N PHE A 418 -12.59 15.40 30.38
CA PHE A 418 -13.10 15.59 31.74
C PHE A 418 -14.63 15.67 31.75
N SER A 419 -15.19 16.23 30.68
CA SER A 419 -16.64 16.35 30.57
C SER A 419 -17.28 14.97 30.43
N LEU A 420 -16.63 14.09 29.68
CA LEU A 420 -17.13 12.73 29.49
C LEU A 420 -17.11 11.95 30.79
N MET A 421 -16.05 12.14 31.57
CA MET A 421 -15.91 11.47 32.86
C MET A 421 -17.00 11.88 33.83
N MET A 422 -17.18 13.19 33.98
CA MET A 422 -18.18 13.73 34.90
C MET A 422 -19.60 13.44 34.43
N GLN A 423 -19.76 13.28 33.12
CA GLN A 423 -21.06 12.98 32.55
C GLN A 423 -21.53 11.59 32.98
N GLU A 424 -20.62 10.62 32.91
CA GLU A 424 -20.92 9.26 33.33
C GLU A 424 -21.03 9.17 34.84
N ARG A 425 -20.29 10.03 35.53
CA ARG A 425 -20.35 10.10 36.99
C ARG A 425 -21.70 10.67 37.43
N ALA A 426 -22.27 11.53 36.61
CA ALA A 426 -23.56 12.14 36.91
C ALA A 426 -24.71 11.15 36.71
N SER A 427 -24.64 10.39 35.62
CA SER A 427 -25.72 9.47 35.26
C SER A 427 -25.73 8.22 36.11
N THR A 428 -24.55 7.65 36.35
CA THR A 428 -24.44 6.40 37.10
C THR A 428 -24.20 6.64 38.59
N GLY A 429 -23.32 7.58 38.90
CA GLY A 429 -22.98 7.90 40.27
C GLY A 429 -21.94 6.96 40.84
N ARG A 430 -21.37 6.11 39.99
CA ARG A 430 -20.38 5.14 40.44
C ARG A 430 -19.06 5.22 39.66
N ILE A 431 -18.82 6.37 39.04
CA ILE A 431 -17.53 6.63 38.39
C ILE A 431 -16.68 7.51 39.30
N TYR A 432 -15.64 6.93 39.88
CA TYR A 432 -14.90 7.58 40.94
C TYR A 432 -13.62 8.25 40.45
N ILE A 433 -13.04 9.09 41.31
CA ILE A 433 -11.84 9.83 40.97
C ILE A 433 -10.77 9.65 42.06
N GLN A 434 -9.56 9.30 41.64
CA GLN A 434 -8.45 9.16 42.58
C GLN A 434 -7.26 10.03 42.15
N ASN A 435 -6.95 11.04 42.95
CA ASN A 435 -5.80 11.89 42.68
C ASN A 435 -4.52 11.22 43.16
N VAL A 436 -3.82 10.57 42.23
CA VAL A 436 -2.70 9.71 42.57
C VAL A 436 -1.48 10.48 43.10
N ASP A 437 -1.36 11.74 42.73
CA ASP A 437 -0.23 12.55 43.16
C ASP A 437 -0.36 12.88 44.66
N HIS A 438 -1.58 13.16 45.09
CA HIS A 438 -1.83 13.44 46.50
C HIS A 438 -1.73 12.16 47.35
N CYS A 439 -1.92 11.02 46.70
CA CYS A 439 -1.87 9.73 47.39
C CYS A 439 -0.44 9.25 47.61
N ASN A 440 0.53 10.00 47.10
CA ASN A 440 1.93 9.63 47.25
C ASN A 440 2.80 10.75 47.80
N THR A 441 2.43 11.99 47.50
CA THR A 441 3.12 13.15 48.06
C THR A 441 2.73 13.34 49.52
N HIS A 442 1.49 13.00 49.83
CA HIS A 442 1.00 13.01 51.20
C HIS A 442 0.66 11.60 51.64
N SER A 443 1.68 10.77 51.82
CA SER A 443 1.50 9.35 52.08
C SER A 443 2.49 8.84 53.12
N PRO A 444 2.07 7.84 53.91
CA PRO A 444 2.97 7.20 54.88
C PRO A 444 3.95 6.22 54.23
N PHE A 445 3.92 6.14 52.90
CA PHE A 445 4.81 5.24 52.18
C PHE A 445 5.76 5.99 51.25
N ASP A 446 6.94 5.41 51.02
CA ASP A 446 7.91 5.96 50.08
C ASP A 446 7.54 5.54 48.66
N PRO A 447 7.18 6.52 47.81
CA PRO A 447 6.78 6.27 46.42
C PRO A 447 7.88 5.60 45.59
N ALA A 448 9.12 5.70 46.03
CA ALA A 448 10.24 5.13 45.31
C ALA A 448 10.41 3.65 45.64
N ILE A 449 9.91 3.24 46.79
CA ILE A 449 10.04 1.86 47.24
C ILE A 449 8.71 1.12 47.16
N ALA A 450 7.65 1.75 47.67
CA ALA A 450 6.33 1.14 47.67
C ALA A 450 5.23 2.18 47.44
N PRO A 451 4.98 2.52 46.18
CA PRO A 451 3.98 3.53 45.80
C PRO A 451 2.55 2.99 45.86
N VAL A 452 1.58 3.90 46.02
CA VAL A 452 0.17 3.53 45.99
C VAL A 452 -0.38 3.70 44.59
N ARG A 453 -0.86 2.62 44.00
CA ARG A 453 -1.30 2.65 42.60
C ARG A 453 -2.80 2.43 42.45
N GLN A 454 -3.49 2.20 43.56
CA GLN A 454 -4.91 1.88 43.50
C GLN A 454 -5.63 2.13 44.82
N SER A 455 -6.87 1.67 44.89
CA SER A 455 -7.67 1.75 46.11
C SER A 455 -8.58 0.54 46.23
N ASN A 456 -9.61 0.64 47.07
CA ASN A 456 -10.53 -0.47 47.27
C ASN A 456 -11.93 -0.17 46.74
N LEU A 457 -12.92 -0.88 47.26
CA LEU A 457 -14.30 -0.73 46.80
C LEU A 457 -14.89 0.64 47.12
N CYS A 458 -14.68 1.10 48.35
CA CYS A 458 -15.27 2.36 48.80
C CYS A 458 -14.30 3.52 48.74
N LEU A 459 -13.10 3.27 48.23
CA LEU A 459 -12.07 4.29 48.04
C LEU A 459 -11.67 5.02 49.32
N GLU A 460 -11.37 4.27 50.37
CA GLU A 460 -10.86 4.86 51.60
C GLU A 460 -9.50 4.24 51.93
N ILE A 461 -9.14 3.19 51.21
CA ILE A 461 -7.91 2.46 51.46
C ILE A 461 -6.85 2.76 50.39
N ALA A 462 -5.65 3.12 50.85
CA ALA A 462 -4.55 3.41 49.93
C ALA A 462 -3.28 2.68 50.37
N LEU A 463 -3.07 1.49 49.83
CA LEU A 463 -1.95 0.65 50.23
C LEU A 463 -1.14 0.18 49.03
N PRO A 464 0.17 -0.03 49.23
CA PRO A 464 1.07 -0.51 48.18
C PRO A 464 0.71 -1.93 47.71
N THR A 465 0.84 -2.18 46.42
CA THR A 465 0.51 -3.49 45.86
C THR A 465 1.53 -3.92 44.81
N LYS A 466 1.66 -5.23 44.63
CA LYS A 466 2.52 -5.80 43.60
C LYS A 466 1.82 -6.96 42.90
N PRO A 467 1.80 -6.94 41.56
CA PRO A 467 1.10 -7.93 40.74
C PRO A 467 1.65 -9.35 40.90
N LEU A 468 0.79 -10.33 40.69
CA LEU A 468 1.16 -11.74 40.83
C LEU A 468 1.34 -12.41 39.47
N ASN A 469 2.27 -13.35 39.39
CA ASN A 469 2.46 -14.15 38.18
C ASN A 469 1.78 -15.50 38.33
N ASP A 470 1.29 -15.77 39.54
CA ASP A 470 0.55 -16.98 39.85
C ASP A 470 -0.30 -16.74 41.09
N VAL A 471 -1.34 -17.53 41.26
CA VAL A 471 -2.25 -17.37 42.41
C VAL A 471 -1.51 -17.62 43.73
N ASN A 472 -0.45 -18.42 43.69
CA ASN A 472 0.34 -18.72 44.87
C ASN A 472 1.74 -18.12 44.82
N ASP A 473 1.87 -17.01 44.09
CA ASP A 473 3.15 -16.32 43.96
C ASP A 473 3.60 -15.70 45.27
N GLU A 474 4.86 -15.91 45.62
CA GLU A 474 5.41 -15.38 46.87
C GLU A 474 6.12 -14.05 46.67
N ASN A 475 6.11 -13.54 45.43
CA ASN A 475 6.74 -12.26 45.14
C ASN A 475 5.72 -11.13 45.02
N GLY A 476 4.46 -11.51 44.80
CA GLY A 476 3.39 -10.54 44.69
C GLY A 476 2.96 -10.01 46.05
N GLU A 477 2.20 -8.92 46.05
CA GLU A 477 1.72 -8.34 47.28
C GLU A 477 0.26 -7.89 47.15
N ILE A 478 -0.64 -8.61 47.81
CA ILE A 478 -2.04 -8.24 47.85
C ILE A 478 -2.34 -7.50 49.15
N ALA A 479 -2.81 -6.27 49.03
CA ALA A 479 -3.02 -5.41 50.19
C ALA A 479 -4.33 -5.74 50.92
N LEU A 480 -4.21 -6.06 52.20
CA LEU A 480 -5.38 -6.27 53.05
C LEU A 480 -5.39 -5.21 54.14
N CYS A 481 -6.56 -4.96 54.71
CA CYS A 481 -6.67 -3.95 55.76
C CYS A 481 -7.84 -4.21 56.70
N THR A 482 -7.57 -4.16 58.00
CA THR A 482 -8.61 -4.36 59.01
C THR A 482 -9.18 -3.01 59.43
N LEU A 483 -10.50 -2.91 59.46
CA LEU A 483 -11.16 -1.63 59.70
C LEU A 483 -11.73 -1.50 61.11
N SER A 484 -12.02 -0.27 61.50
CA SER A 484 -12.67 0.05 62.77
C SER A 484 -13.08 1.52 62.78
N ALA A 485 -13.73 1.96 63.85
CA ALA A 485 -14.22 3.33 63.92
C ALA A 485 -14.39 3.83 65.35
N PHE A 486 -14.06 5.10 65.57
CA PHE A 486 -14.31 5.75 66.85
C PHE A 486 -15.67 6.43 66.81
N ASN A 487 -16.43 6.32 67.89
CA ASN A 487 -17.73 6.98 67.97
C ASN A 487 -17.59 8.34 68.65
N LEU A 488 -17.63 9.40 67.85
CA LEU A 488 -17.42 10.75 68.35
C LEU A 488 -18.57 11.25 69.21
N GLY A 489 -19.74 10.62 69.07
CA GLY A 489 -20.90 11.01 69.86
C GLY A 489 -20.94 10.33 71.20
N ALA A 490 -20.04 9.36 71.40
CA ALA A 490 -20.02 8.59 72.64
C ALA A 490 -18.89 9.04 73.57
N ILE A 491 -18.06 9.96 73.08
CA ILE A 491 -16.95 10.47 73.88
C ILE A 491 -17.28 11.87 74.43
N ASN A 492 -16.75 12.17 75.60
CA ASN A 492 -16.98 13.46 76.23
C ASN A 492 -15.89 14.46 75.88
N ASN A 493 -14.70 13.96 75.60
CA ASN A 493 -13.58 14.80 75.19
C ASN A 493 -12.63 14.05 74.26
N LEU A 494 -11.73 14.78 73.62
CA LEU A 494 -10.82 14.19 72.65
C LEU A 494 -9.69 13.41 73.32
N ASP A 495 -9.48 13.67 74.60
CA ASP A 495 -8.41 13.00 75.34
C ASP A 495 -8.81 11.59 75.76
N GLU A 496 -10.08 11.26 75.55
CA GLU A 496 -10.56 9.91 75.81
C GLU A 496 -10.06 8.97 74.71
N LEU A 497 -9.67 9.55 73.58
CA LEU A 497 -9.19 8.78 72.44
C LEU A 497 -7.88 8.06 72.75
N GLU A 498 -7.12 8.60 73.68
CA GLU A 498 -5.84 8.01 74.05
C GLU A 498 -6.04 6.60 74.60
N GLU A 499 -7.06 6.44 75.43
CA GLU A 499 -7.40 5.12 75.97
C GLU A 499 -8.00 4.24 74.88
N LEU A 500 -8.90 4.81 74.08
CA LEU A 500 -9.58 4.07 73.03
C LEU A 500 -8.63 3.63 71.92
N ALA A 501 -7.62 4.43 71.64
CA ALA A 501 -6.65 4.12 70.60
C ALA A 501 -5.85 2.88 70.98
N ILE A 502 -5.41 2.83 72.23
CA ILE A 502 -4.64 1.70 72.73
C ILE A 502 -5.46 0.42 72.64
N LEU A 503 -6.75 0.52 72.96
CA LEU A 503 -7.64 -0.63 72.87
C LEU A 503 -7.92 -1.04 71.42
N ALA A 504 -8.14 -0.04 70.57
CA ALA A 504 -8.47 -0.28 69.17
C ALA A 504 -7.31 -0.87 68.39
N VAL A 505 -6.14 -0.25 68.51
CA VAL A 505 -4.97 -0.68 67.76
C VAL A 505 -4.51 -2.08 68.13
N ARG A 506 -4.41 -2.35 69.44
CA ARG A 506 -3.96 -3.64 69.92
C ARG A 506 -4.90 -4.78 69.55
N ALA A 507 -6.19 -4.47 69.48
CA ALA A 507 -7.19 -5.47 69.14
C ALA A 507 -7.08 -5.88 67.68
N LEU A 508 -7.04 -4.89 66.79
CA LEU A 508 -6.97 -5.14 65.36
C LEU A 508 -5.65 -5.79 64.97
N ASP A 509 -4.59 -5.39 65.65
CA ASP A 509 -3.26 -5.96 65.38
C ASP A 509 -3.21 -7.42 65.77
N ALA A 510 -3.97 -7.78 66.80
CA ALA A 510 -4.04 -9.16 67.26
C ALA A 510 -4.86 -10.01 66.30
N LEU A 511 -5.82 -9.38 65.63
CA LEU A 511 -6.68 -10.07 64.67
C LEU A 511 -5.88 -10.49 63.44
N LEU A 512 -4.85 -9.71 63.11
CA LEU A 512 -3.99 -9.99 61.97
C LEU A 512 -3.33 -11.36 62.11
N ASP A 513 -2.99 -11.72 63.35
CA ASP A 513 -2.38 -13.01 63.62
C ASP A 513 -3.45 -14.06 63.92
N TYR A 514 -4.70 -13.63 64.00
CA TYR A 514 -5.81 -14.51 64.31
C TYR A 514 -6.51 -15.02 63.05
N GLN A 515 -6.67 -14.14 62.07
CA GLN A 515 -7.37 -14.47 60.83
C GLN A 515 -6.51 -15.31 59.88
N ASP A 516 -7.16 -15.92 58.90
CA ASP A 516 -6.46 -16.74 57.91
C ASP A 516 -6.30 -16.01 56.58
N TYR A 517 -5.41 -16.54 55.74
CA TYR A 517 -5.15 -15.94 54.43
C TYR A 517 -5.14 -17.01 53.36
N PRO A 518 -6.14 -16.99 52.46
CA PRO A 518 -6.27 -17.99 51.40
C PRO A 518 -5.22 -17.82 50.30
N ILE A 519 -4.57 -16.66 50.29
CA ILE A 519 -3.56 -16.36 49.27
C ILE A 519 -2.26 -15.89 49.91
N PRO A 520 -1.15 -16.56 49.57
CA PRO A 520 0.19 -16.26 50.10
C PRO A 520 0.62 -14.81 49.91
N ALA A 521 0.27 -14.22 48.77
CA ALA A 521 0.65 -12.84 48.48
C ALA A 521 -0.07 -11.87 49.41
N ALA A 522 -1.28 -12.25 49.82
CA ALA A 522 -2.07 -11.43 50.73
C ALA A 522 -1.50 -11.50 52.15
N LYS A 523 -0.99 -12.67 52.50
CA LYS A 523 -0.38 -12.88 53.81
C LYS A 523 0.90 -12.07 53.94
N ARG A 524 1.63 -11.94 52.84
CA ARG A 524 2.87 -11.16 52.81
C ARG A 524 2.62 -9.69 53.13
N GLY A 525 1.58 -9.13 52.51
CA GLY A 525 1.24 -7.73 52.72
C GLY A 525 0.68 -7.48 54.11
N ALA A 526 -0.05 -8.44 54.63
CA ALA A 526 -0.67 -8.31 55.94
C ALA A 526 0.36 -8.42 57.06
N MET A 527 1.26 -9.40 56.95
CA MET A 527 2.27 -9.61 57.97
C MET A 527 3.43 -8.63 57.84
N GLY A 528 3.64 -8.13 56.63
CA GLY A 528 4.76 -7.26 56.36
C GLY A 528 4.56 -5.83 56.82
N ARG A 529 3.39 -5.27 56.53
CA ARG A 529 3.13 -3.87 56.84
C ARG A 529 2.18 -3.73 58.03
N ARG A 530 1.32 -4.73 58.20
CA ARG A 530 0.32 -4.74 59.27
C ARG A 530 -0.53 -3.48 59.22
N THR A 531 -1.15 -3.23 58.07
CA THR A 531 -1.92 -2.02 57.84
C THR A 531 -3.28 -2.05 58.54
N LEU A 532 -3.62 -0.94 59.19
CA LEU A 532 -4.93 -0.78 59.82
C LEU A 532 -5.64 0.44 59.24
N GLY A 533 -6.97 0.45 59.36
CA GLY A 533 -7.77 1.56 58.88
C GLY A 533 -8.90 1.89 59.83
N ILE A 534 -8.64 2.80 60.76
CA ILE A 534 -9.65 3.19 61.73
C ILE A 534 -10.28 4.53 61.35
N GLY A 535 -11.60 4.58 61.36
CA GLY A 535 -12.33 5.78 60.97
C GLY A 535 -13.17 6.36 62.09
N VAL A 536 -14.21 7.11 61.72
CA VAL A 536 -15.09 7.74 62.70
C VAL A 536 -16.56 7.63 62.29
N ILE A 537 -17.44 7.64 63.29
CA ILE A 537 -18.88 7.69 63.04
C ILE A 537 -19.50 8.78 63.91
N ASN A 538 -20.79 9.04 63.69
CA ASN A 538 -21.52 10.08 64.42
C ASN A 538 -20.87 11.45 64.33
N PHE A 539 -20.34 11.78 63.16
CA PHE A 539 -19.67 13.06 62.95
C PHE A 539 -20.67 14.21 62.84
N ALA A 540 -21.82 13.92 62.23
CA ALA A 540 -22.88 14.93 62.09
C ALA A 540 -23.42 15.31 63.45
N TYR A 541 -23.62 14.31 64.30
CA TYR A 541 -24.07 14.54 65.68
C TYR A 541 -22.98 15.21 66.49
N TYR A 542 -21.73 14.94 66.12
CA TYR A 542 -20.57 15.53 66.80
C TYR A 542 -20.52 17.04 66.55
N LEU A 543 -20.92 17.45 65.36
CA LEU A 543 -20.95 18.87 65.01
C LEU A 543 -22.16 19.56 65.64
N ALA A 544 -23.24 18.82 65.78
CA ALA A 544 -24.48 19.35 66.36
C ALA A 544 -24.30 19.68 67.83
N LYS A 545 -23.54 18.85 68.53
CA LYS A 545 -23.28 19.08 69.96
C LYS A 545 -22.46 20.33 70.18
N HIS A 546 -21.58 20.65 69.23
CA HIS A 546 -20.72 21.82 69.35
C HIS A 546 -21.31 23.01 68.60
N GLY A 547 -22.51 22.82 68.05
CA GLY A 547 -23.22 23.89 67.38
C GLY A 547 -22.54 24.36 66.10
N LYS A 548 -21.97 23.42 65.36
CA LYS A 548 -21.29 23.74 64.11
C LYS A 548 -22.07 23.19 62.92
N ARG A 549 -21.67 23.59 61.71
CA ARG A 549 -22.32 23.14 60.50
C ARG A 549 -21.30 22.75 59.42
N TYR A 550 -21.80 22.26 58.29
CA TYR A 550 -20.92 21.79 57.23
C TYR A 550 -20.54 22.87 56.23
N SER A 551 -21.54 23.59 55.73
CA SER A 551 -21.37 24.46 54.57
C SER A 551 -20.84 25.86 54.89
N ASP A 552 -20.95 26.27 56.14
CA ASP A 552 -20.51 27.62 56.52
C ASP A 552 -19.03 27.66 56.87
N GLY A 553 -18.43 26.48 57.03
CA GLY A 553 -17.03 26.37 57.37
C GLY A 553 -16.76 26.75 58.81
N SER A 554 -17.80 26.71 59.63
CA SER A 554 -17.69 27.06 61.04
C SER A 554 -17.08 25.90 61.83
N ALA A 555 -17.01 24.73 61.21
CA ALA A 555 -16.48 23.54 61.86
C ALA A 555 -15.05 23.25 61.43
N ASN A 556 -14.46 24.16 60.67
CA ASN A 556 -13.11 23.99 60.15
C ASN A 556 -12.06 23.81 61.25
N ASN A 557 -12.07 24.73 62.22
CA ASN A 557 -11.10 24.67 63.32
C ASN A 557 -11.40 23.51 64.27
N LEU A 558 -12.67 23.20 64.43
CA LEU A 558 -13.07 22.08 65.27
C LEU A 558 -12.62 20.76 64.66
N THR A 559 -12.77 20.63 63.35
CA THR A 559 -12.34 19.45 62.62
C THR A 559 -10.84 19.26 62.75
N HIS A 560 -10.10 20.36 62.61
CA HIS A 560 -8.65 20.31 62.70
C HIS A 560 -8.18 19.83 64.07
N LYS A 561 -8.86 20.30 65.12
CA LYS A 561 -8.52 19.89 66.48
C LYS A 561 -8.89 18.43 66.71
N THR A 562 -10.04 18.02 66.19
CA THR A 562 -10.55 16.68 66.42
C THR A 562 -9.68 15.60 65.78
N PHE A 563 -9.48 15.70 64.47
CA PHE A 563 -8.74 14.67 63.73
C PHE A 563 -7.25 14.68 64.05
N GLU A 564 -6.76 15.77 64.63
CA GLU A 564 -5.39 15.82 65.11
C GLU A 564 -5.22 14.87 66.29
N ALA A 565 -6.17 14.95 67.22
CA ALA A 565 -6.16 14.09 68.40
C ALA A 565 -6.34 12.64 68.02
N ILE A 566 -7.08 12.39 66.95
CA ILE A 566 -7.29 11.03 66.46
C ILE A 566 -5.98 10.42 65.97
N GLN A 567 -5.33 11.09 65.03
CA GLN A 567 -4.10 10.58 64.44
C GLN A 567 -2.97 10.50 65.45
N TYR A 568 -2.89 11.50 66.33
CA TYR A 568 -1.84 11.56 67.34
C TYR A 568 -1.91 10.36 68.28
N TYR A 569 -3.10 10.11 68.82
CA TYR A 569 -3.29 9.02 69.77
C TYR A 569 -3.19 7.65 69.09
N LEU A 570 -3.52 7.61 67.80
CA LEU A 570 -3.38 6.37 67.04
C LEU A 570 -1.90 6.04 66.85
N LEU A 571 -1.14 7.04 66.39
CA LEU A 571 0.30 6.87 66.21
C LEU A 571 1.00 6.59 67.53
N LYS A 572 0.59 7.28 68.58
CA LYS A 572 1.18 7.11 69.90
C LYS A 572 0.92 5.70 70.43
N ALA A 573 -0.27 5.18 70.15
CA ALA A 573 -0.62 3.83 70.59
C ALA A 573 0.18 2.78 69.84
N SER A 574 0.30 2.97 68.53
CA SER A 574 1.06 2.04 67.70
C SER A 574 2.56 2.13 68.01
N ASN A 575 3.02 3.32 68.36
CA ASN A 575 4.44 3.53 68.68
C ASN A 575 4.85 2.83 69.96
N GLU A 576 4.02 2.95 71.00
CA GLU A 576 4.29 2.27 72.27
C GLU A 576 4.13 0.77 72.12
N LEU A 577 3.30 0.34 71.17
CA LEU A 577 3.11 -1.07 70.90
C LEU A 577 4.35 -1.63 70.21
N ALA A 578 5.01 -0.77 69.43
CA ALA A 578 6.24 -1.16 68.75
C ALA A 578 7.37 -1.34 69.76
N LYS A 579 7.29 -0.61 70.87
CA LYS A 579 8.28 -0.76 71.94
C LYS A 579 8.09 -2.09 72.65
N GLU A 580 6.85 -2.56 72.69
CA GLU A 580 6.50 -3.77 73.42
C GLU A 580 6.72 -5.04 72.59
N GLN A 581 6.28 -5.02 71.34
CA GLN A 581 6.29 -6.23 70.52
C GLN A 581 7.10 -6.10 69.23
N GLY A 582 7.69 -4.93 69.01
CA GLY A 582 8.51 -4.70 67.84
C GLY A 582 7.74 -4.09 66.68
N ALA A 583 8.43 -3.29 65.87
CA ALA A 583 7.80 -2.66 64.71
C ALA A 583 7.55 -3.66 63.59
N CYS A 584 6.73 -3.28 62.62
CA CYS A 584 6.42 -4.13 61.48
C CYS A 584 7.67 -4.33 60.63
N PRO A 585 7.81 -5.53 60.03
CA PRO A 585 8.98 -5.89 59.22
C PRO A 585 9.29 -4.89 58.10
N TRP A 586 8.27 -4.40 57.42
CA TRP A 586 8.47 -3.50 56.28
C TRP A 586 8.28 -2.04 56.68
N PHE A 587 8.71 -1.70 57.89
CA PHE A 587 8.58 -0.33 58.39
C PHE A 587 9.58 0.61 57.72
N ASN A 588 10.69 0.06 57.26
CA ASN A 588 11.74 0.86 56.64
C ASN A 588 11.31 1.45 55.30
N GLU A 589 10.20 0.95 54.75
CA GLU A 589 9.68 1.44 53.49
C GLU A 589 8.66 2.55 53.71
N THR A 590 8.48 2.95 54.96
CA THR A 590 7.53 4.01 55.29
C THR A 590 8.23 5.35 55.45
N THR A 591 7.45 6.42 55.38
CA THR A 591 7.99 7.77 55.56
C THR A 591 8.20 8.06 57.04
N TYR A 592 7.48 7.34 57.89
CA TYR A 592 7.62 7.49 59.34
C TYR A 592 9.01 7.08 59.79
N ALA A 593 9.59 6.11 59.09
CA ALA A 593 10.93 5.62 59.40
C ALA A 593 11.98 6.70 59.12
N LYS A 594 11.66 7.58 58.18
CA LYS A 594 12.57 8.67 57.82
C LYS A 594 12.20 9.93 58.59
N GLY A 595 11.31 9.79 59.56
CA GLY A 595 10.92 10.90 60.42
C GLY A 595 9.98 11.87 59.76
N ILE A 596 9.20 11.40 58.81
CA ILE A 596 8.22 12.24 58.13
C ILE A 596 6.83 12.02 58.71
N LEU A 597 6.17 13.12 59.07
CA LEU A 597 4.84 13.07 59.67
C LEU A 597 3.81 13.67 58.71
N PRO A 598 2.54 13.30 58.86
CA PRO A 598 1.46 13.87 58.04
C PRO A 598 1.39 15.39 58.13
N ILE A 599 1.90 15.95 59.22
CA ILE A 599 1.90 17.40 59.42
C ILE A 599 3.01 18.08 58.63
N ASP A 600 3.78 17.30 57.88
CA ASP A 600 4.89 17.83 57.10
C ASP A 600 4.58 17.86 55.61
N THR A 601 3.74 16.93 55.16
CA THR A 601 3.48 16.76 53.74
C THR A 601 2.05 17.10 53.32
N TYR A 602 1.31 17.78 54.20
CA TYR A 602 -0.06 18.14 53.90
C TYR A 602 -0.14 19.25 52.86
N LYS A 603 -1.28 19.37 52.20
CA LYS A 603 -1.51 20.41 51.21
C LYS A 603 -1.49 21.79 51.86
N LYS A 604 -0.58 22.65 51.41
CA LYS A 604 -0.38 23.95 52.05
C LYS A 604 -1.53 24.93 51.80
N ASP A 605 -2.47 24.54 50.93
CA ASP A 605 -3.65 25.36 50.66
C ASP A 605 -4.65 25.29 51.81
N LEU A 606 -4.45 24.31 52.71
CA LEU A 606 -5.32 24.13 53.85
C LEU A 606 -5.10 25.20 54.90
N ASP A 607 -3.96 25.88 54.83
CA ASP A 607 -3.63 26.92 55.80
C ASP A 607 -4.51 28.15 55.62
N THR A 608 -5.16 28.24 54.46
CA THR A 608 -6.02 29.37 54.14
C THR A 608 -7.44 29.19 54.67
N ILE A 609 -7.77 27.98 55.11
CA ILE A 609 -9.12 27.69 55.59
C ILE A 609 -9.15 27.20 57.03
N ALA A 610 -7.97 27.10 57.66
CA ALA A 610 -7.89 26.65 59.04
C ALA A 610 -6.65 27.21 59.73
N ASN A 611 -6.84 27.80 60.91
CA ASN A 611 -5.74 28.39 61.65
C ASN A 611 -5.61 27.78 63.05
N GLU A 612 -6.26 26.65 63.25
CA GLU A 612 -6.20 25.95 64.53
C GLU A 612 -4.81 25.39 64.76
N PRO A 613 -4.19 25.73 65.90
CA PRO A 613 -2.84 25.29 66.23
C PRO A 613 -2.78 23.84 66.68
N LEU A 614 -1.58 23.26 66.68
CA LEU A 614 -1.39 21.89 67.15
C LEU A 614 -1.40 21.87 68.67
N HIS A 615 -2.13 20.93 69.24
CA HIS A 615 -2.30 20.88 70.69
C HIS A 615 -1.47 19.78 71.35
N TYR A 616 -0.82 18.96 70.53
CA TYR A 616 -0.07 17.83 71.05
C TYR A 616 1.40 17.88 70.65
N ASP A 617 2.22 17.15 71.40
CA ASP A 617 3.66 17.14 71.17
C ASP A 617 4.03 16.18 70.03
N TRP A 618 4.00 16.70 68.80
CA TRP A 618 4.33 15.89 67.64
C TRP A 618 5.83 15.65 67.51
N GLU A 619 6.63 16.57 68.03
CA GLU A 619 8.07 16.48 67.93
C GLU A 619 8.63 15.37 68.80
N ALA A 620 8.01 15.17 69.96
CA ALA A 620 8.41 14.08 70.85
C ALA A 620 8.00 12.75 70.24
N LEU A 621 6.87 12.75 69.54
CA LEU A 621 6.39 11.56 68.84
C LEU A 621 7.28 11.24 67.66
N ARG A 622 7.79 12.29 67.02
CA ARG A 622 8.66 12.15 65.85
C ARG A 622 9.95 11.41 66.19
N GLU A 623 10.56 11.76 67.32
CA GLU A 623 11.81 11.14 67.76
C GLU A 623 11.56 9.74 68.32
N SER A 624 10.34 9.49 68.76
CA SER A 624 9.96 8.18 69.29
C SER A 624 9.75 7.18 68.15
N ILE A 625 9.28 7.68 67.02
CA ILE A 625 9.04 6.83 65.85
C ILE A 625 10.34 6.48 65.15
N LYS A 626 11.25 7.44 65.04
CA LYS A 626 12.56 7.17 64.44
C LYS A 626 13.32 6.10 65.20
N THR A 627 13.09 6.02 66.51
CA THR A 627 13.82 5.10 67.36
C THR A 627 13.18 3.72 67.46
N HIS A 628 11.90 3.69 67.82
CA HIS A 628 11.23 2.42 68.09
C HIS A 628 10.34 1.97 66.93
N GLY A 629 9.87 2.92 66.14
CA GLY A 629 9.05 2.60 64.97
C GLY A 629 7.57 2.50 65.28
N LEU A 630 6.81 2.03 64.30
CA LEU A 630 5.37 1.85 64.45
C LEU A 630 5.00 0.38 64.22
N ARG A 631 4.06 -0.12 65.00
CA ARG A 631 3.60 -1.50 64.85
C ARG A 631 2.83 -1.64 63.54
N ASN A 632 2.23 -0.55 63.09
CA ASN A 632 1.44 -0.55 61.87
C ASN A 632 1.88 0.55 60.90
N SER A 633 1.89 0.22 59.61
CA SER A 633 2.26 1.18 58.58
C SER A 633 1.20 2.27 58.45
N THR A 634 -0.06 1.87 58.45
CA THR A 634 -1.18 2.81 58.41
C THR A 634 -2.10 2.57 59.60
N LEU A 635 -2.90 3.58 59.94
CA LEU A 635 -3.78 3.48 61.10
C LEU A 635 -5.14 4.12 60.86
N SER A 636 -5.16 5.25 60.16
CA SER A 636 -6.38 6.00 59.97
C SER A 636 -6.91 5.95 58.55
N ALA A 637 -8.22 5.73 58.43
CA ALA A 637 -8.91 5.71 57.14
C ALA A 637 -10.41 5.86 57.37
N LEU A 638 -11.02 6.82 56.69
CA LEU A 638 -12.43 7.11 56.89
C LEU A 638 -13.31 6.36 55.91
N MET A 639 -13.90 5.26 56.38
CA MET A 639 -14.76 4.42 55.56
C MET A 639 -16.23 4.71 55.81
N PRO A 640 -17.09 4.39 54.84
CA PRO A 640 -18.53 4.50 55.06
C PRO A 640 -19.03 3.41 55.99
N SER A 641 -19.96 3.74 56.88
CA SER A 641 -20.51 2.76 57.80
C SER A 641 -22.03 2.84 57.84
N GLU A 642 -22.69 1.85 57.26
CA GLU A 642 -24.15 1.81 57.22
C GLU A 642 -24.69 0.77 58.17
N THR A 643 -23.92 -0.31 58.36
CA THR A 643 -24.34 -1.41 59.24
C THR A 643 -23.89 -1.19 60.68
N SER A 644 -22.61 -0.88 60.85
CA SER A 644 -22.04 -0.72 62.19
C SER A 644 -22.52 0.57 62.86
N SER A 645 -22.98 1.53 62.07
CA SER A 645 -23.44 2.80 62.60
C SER A 645 -24.80 2.68 63.28
N GLN A 646 -25.68 1.85 62.71
CA GLN A 646 -27.03 1.69 63.25
C GLN A 646 -27.02 1.05 64.63
N ILE A 647 -25.96 0.29 64.91
CA ILE A 647 -25.81 -0.34 66.21
C ILE A 647 -25.66 0.71 67.32
N SER A 648 -24.86 1.73 67.05
CA SER A 648 -24.64 2.80 68.02
C SER A 648 -25.62 3.95 67.83
N ASN A 649 -26.60 3.75 66.93
CA ASN A 649 -27.57 4.77 66.57
C ASN A 649 -26.84 6.05 66.16
N ALA A 650 -25.84 5.90 65.30
CA ALA A 650 -25.00 7.01 64.87
C ALA A 650 -25.32 7.43 63.44
N THR A 651 -24.86 8.63 63.08
CA THR A 651 -24.97 9.09 61.70
C THR A 651 -23.94 8.35 60.84
N ASN A 652 -24.32 8.03 59.61
CA ASN A 652 -23.47 7.23 58.74
C ASN A 652 -22.13 7.89 58.43
N GLY A 653 -21.09 7.46 59.15
CA GLY A 653 -19.74 7.96 58.95
C GLY A 653 -19.60 9.45 59.20
N ILE A 654 -19.07 10.16 58.22
CA ILE A 654 -18.90 11.61 58.32
C ILE A 654 -19.99 12.33 57.54
N GLU A 655 -20.80 11.57 56.83
CA GLU A 655 -21.86 12.12 56.00
C GLU A 655 -23.02 12.65 56.85
N PRO A 656 -23.60 13.78 56.44
CA PRO A 656 -24.78 14.34 57.10
C PRO A 656 -26.04 13.57 56.72
N PRO A 657 -26.97 13.42 57.68
CA PRO A 657 -28.20 12.65 57.45
C PRO A 657 -29.12 13.31 56.41
N ARG A 658 -29.83 12.50 55.65
CA ARG A 658 -30.74 13.02 54.64
C ARG A 658 -32.05 13.51 55.26
N GLY A 659 -32.35 13.00 56.45
CA GLY A 659 -33.53 13.39 57.19
C GLY A 659 -33.38 13.15 58.67
N TYR A 660 -34.27 13.75 59.47
CA TYR A 660 -34.23 13.58 60.91
C TYR A 660 -34.61 12.15 61.30
N VAL A 661 -35.47 11.54 60.50
CA VAL A 661 -35.87 10.15 60.72
C VAL A 661 -35.73 9.34 59.45
N SER A 662 -34.92 8.29 59.49
CA SER A 662 -34.70 7.44 58.33
C SER A 662 -35.70 6.29 58.29
N ILE A 663 -36.35 6.13 57.14
CA ILE A 663 -37.33 5.05 56.96
C ILE A 663 -36.80 4.00 56.00
N LYS A 664 -36.65 2.78 56.49
CA LYS A 664 -36.15 1.68 55.67
C LYS A 664 -36.97 0.40 55.89
N ALA A 665 -37.63 -0.06 54.84
CA ALA A 665 -38.46 -1.25 54.91
C ALA A 665 -37.62 -2.51 55.13
N SER A 666 -38.20 -3.48 55.84
CA SER A 666 -37.50 -4.71 56.15
C SER A 666 -38.43 -5.92 56.10
N LYS A 667 -37.90 -7.08 56.49
CA LYS A 667 -38.66 -8.32 56.46
C LYS A 667 -39.76 -8.35 57.52
N ASP A 668 -39.51 -7.68 58.64
CA ASP A 668 -40.46 -7.65 59.74
C ASP A 668 -41.28 -6.36 59.74
N GLY A 669 -41.21 -5.61 58.64
CA GLY A 669 -41.97 -4.38 58.52
C GLY A 669 -41.10 -3.15 58.31
N ILE A 670 -41.64 -1.98 58.66
CA ILE A 670 -40.92 -0.73 58.49
C ILE A 670 -40.11 -0.37 59.73
N LEU A 671 -38.81 -0.20 59.55
CA LEU A 671 -37.92 0.18 60.64
C LEU A 671 -37.67 1.67 60.64
N ARG A 672 -37.89 2.32 61.77
CA ARG A 672 -37.68 3.77 61.88
C ARG A 672 -36.54 4.10 62.84
N GLN A 673 -35.63 4.95 62.39
CA GLN A 673 -34.48 5.35 63.19
C GLN A 673 -34.38 6.87 63.28
N VAL A 674 -34.36 7.39 64.51
CA VAL A 674 -34.28 8.83 64.73
C VAL A 674 -32.83 9.25 65.02
N VAL A 675 -32.44 10.40 64.49
CA VAL A 675 -31.12 10.96 64.76
C VAL A 675 -30.89 11.15 66.26
N PRO A 676 -29.65 10.92 66.71
CA PRO A 676 -29.32 10.99 68.14
C PRO A 676 -29.57 12.36 68.75
N ASP A 677 -30.30 12.39 69.86
CA ASP A 677 -30.63 13.62 70.58
C ASP A 677 -31.33 14.63 69.68
N TYR A 678 -32.40 14.19 69.03
CA TYR A 678 -33.21 15.06 68.19
C TYR A 678 -33.97 16.08 69.02
N GLU A 679 -34.26 15.71 70.27
CA GLU A 679 -35.06 16.52 71.17
C GLU A 679 -34.42 17.89 71.45
N HIS A 680 -33.09 17.92 71.51
CA HIS A 680 -32.39 19.14 71.87
C HIS A 680 -31.62 19.75 70.70
N LEU A 681 -31.51 19.00 69.60
CA LEU A 681 -30.69 19.45 68.48
C LEU A 681 -31.44 19.40 67.15
N HIS A 682 -32.75 19.62 67.18
CA HIS A 682 -33.55 19.55 65.96
C HIS A 682 -33.19 20.68 64.99
N ASP A 683 -32.75 21.81 65.55
CA ASP A 683 -32.35 22.95 64.73
C ASP A 683 -30.83 23.00 64.56
N ALA A 684 -30.12 22.26 65.40
CA ALA A 684 -28.67 22.22 65.35
C ALA A 684 -28.17 21.38 64.19
N TYR A 685 -28.98 20.41 63.77
CA TYR A 685 -28.62 19.55 62.65
C TYR A 685 -28.72 20.26 61.31
N GLU A 686 -27.90 19.83 60.37
CA GLU A 686 -27.98 20.32 58.99
C GLU A 686 -28.13 19.13 58.06
N LEU A 687 -29.33 18.95 57.52
CA LEU A 687 -29.62 17.83 56.65
C LEU A 687 -28.82 17.92 55.35
N LEU A 688 -28.80 16.82 54.59
CA LEU A 688 -27.99 16.74 53.38
C LEU A 688 -28.48 17.69 52.29
N TRP A 689 -29.79 17.81 52.13
CA TRP A 689 -30.36 18.62 51.07
C TRP A 689 -30.67 20.04 51.54
N GLU A 690 -30.33 20.34 52.79
CA GLU A 690 -30.44 21.70 53.31
C GLU A 690 -29.14 22.47 53.04
N MET A 691 -28.18 21.78 52.43
CA MET A 691 -26.88 22.36 52.14
C MET A 691 -26.88 23.13 50.82
N PRO A 692 -26.28 24.33 50.82
CA PRO A 692 -26.15 25.17 49.63
C PRO A 692 -25.31 24.52 48.53
N GLY A 693 -24.14 23.99 48.90
CA GLY A 693 -23.26 23.36 47.95
C GLY A 693 -22.34 22.33 48.56
N ASN A 694 -21.27 21.98 47.84
CA ASN A 694 -20.32 20.98 48.31
C ASN A 694 -19.03 21.62 48.81
N ASP A 695 -18.88 22.92 48.57
CA ASP A 695 -17.65 23.63 48.92
C ASP A 695 -17.35 23.57 50.40
N GLY A 696 -18.38 23.69 51.23
CA GLY A 696 -18.21 23.62 52.67
C GLY A 696 -17.82 22.22 53.12
N TYR A 697 -18.44 21.22 52.50
CA TYR A 697 -18.18 19.83 52.83
C TYR A 697 -16.77 19.39 52.45
N LEU A 698 -16.35 19.74 51.24
CA LEU A 698 -15.04 19.35 50.74
C LEU A 698 -13.91 19.94 51.57
N GLN A 699 -14.11 21.16 52.07
CA GLN A 699 -13.10 21.82 52.89
C GLN A 699 -12.85 21.04 54.17
N LEU A 700 -13.93 20.56 54.79
CA LEU A 700 -13.82 19.75 55.99
C LEU A 700 -13.09 18.44 55.70
N VAL A 701 -13.43 17.83 54.57
CA VAL A 701 -12.79 16.59 54.13
C VAL A 701 -11.30 16.81 53.95
N GLY A 702 -10.95 17.92 53.30
CA GLY A 702 -9.56 18.27 53.07
C GLY A 702 -8.79 18.43 54.36
N ILE A 703 -9.43 19.03 55.37
CA ILE A 703 -8.81 19.21 56.67
C ILE A 703 -8.57 17.87 57.35
N MET A 704 -9.52 16.95 57.19
CA MET A 704 -9.37 15.60 57.75
C MET A 704 -8.19 14.88 57.11
N GLN A 705 -8.04 15.04 55.81
CA GLN A 705 -7.00 14.36 55.04
C GLN A 705 -5.59 14.74 55.51
N LYS A 706 -5.49 15.89 56.16
CA LYS A 706 -4.20 16.37 56.69
C LYS A 706 -3.60 15.39 57.70
N PHE A 707 -4.45 14.67 58.42
CA PHE A 707 -3.99 13.75 59.44
C PHE A 707 -4.26 12.28 59.08
N ILE A 708 -5.26 12.04 58.25
CA ILE A 708 -5.61 10.68 57.84
C ILE A 708 -4.49 10.06 57.00
N ASP A 709 -4.04 8.87 57.40
CA ASP A 709 -2.98 8.18 56.69
C ASP A 709 -3.39 7.82 55.27
N GLN A 710 -4.52 7.12 55.14
CA GLN A 710 -4.96 6.66 53.83
C GLN A 710 -5.90 7.66 53.16
N SER A 711 -7.09 7.21 52.80
CA SER A 711 -8.02 8.07 52.09
C SER A 711 -9.35 8.25 52.81
N ILE A 712 -10.24 9.04 52.22
CA ILE A 712 -11.54 9.33 52.80
C ILE A 712 -12.65 9.17 51.76
N SER A 713 -13.66 8.38 52.11
CA SER A 713 -14.79 8.17 51.21
C SER A 713 -15.71 9.38 51.18
N ALA A 714 -15.29 10.41 50.46
CA ALA A 714 -16.06 11.66 50.39
C ALA A 714 -17.11 11.60 49.29
N ASN A 715 -18.34 11.99 49.63
CA ASN A 715 -19.44 12.00 48.68
C ASN A 715 -19.77 13.40 48.18
N THR A 716 -20.12 13.51 46.90
CA THR A 716 -20.57 14.77 46.33
C THR A 716 -22.09 14.74 46.16
N ASN A 717 -22.74 15.83 46.55
CA ASN A 717 -24.20 15.88 46.50
C ASN A 717 -24.72 17.05 45.67
N TYR A 718 -25.78 16.79 44.90
CA TYR A 718 -26.36 17.82 44.04
C TYR A 718 -27.88 17.73 43.99
N ASP A 719 -28.54 18.87 44.13
CA ASP A 719 -30.00 18.94 44.05
C ASP A 719 -30.41 19.68 42.77
N PRO A 720 -31.00 18.95 41.81
CA PRO A 720 -31.43 19.49 40.52
C PRO A 720 -32.41 20.65 40.64
N SER A 721 -33.16 20.69 41.74
CA SER A 721 -34.15 21.74 41.96
C SER A 721 -33.49 23.08 42.27
N ARG A 722 -32.27 23.02 42.80
CA ARG A 722 -31.52 24.23 43.15
C ARG A 722 -30.83 24.85 41.93
N PHE A 723 -30.97 24.19 40.79
CA PHE A 723 -30.36 24.69 39.55
C PHE A 723 -31.43 25.02 38.52
N PRO A 724 -31.17 26.06 37.69
CA PRO A 724 -32.10 26.45 36.62
C PRO A 724 -32.30 25.35 35.60
N SER A 725 -33.48 25.31 34.99
CA SER A 725 -33.85 24.30 33.99
C SER A 725 -33.82 22.87 34.55
N GLY A 726 -33.71 22.75 35.88
CA GLY A 726 -33.73 21.45 36.53
C GLY A 726 -32.61 20.52 36.13
N LYS A 727 -31.47 21.10 35.74
CA LYS A 727 -30.34 20.29 35.31
C LYS A 727 -29.02 20.84 35.85
N VAL A 728 -28.19 19.95 36.38
CA VAL A 728 -26.89 20.35 36.94
C VAL A 728 -25.88 20.65 35.83
N PRO A 729 -25.37 21.88 35.80
CA PRO A 729 -24.41 22.33 34.79
C PRO A 729 -23.04 21.68 34.91
N MET A 730 -22.35 21.55 33.77
CA MET A 730 -21.01 20.96 33.74
C MET A 730 -20.01 21.84 34.48
N GLN A 731 -20.26 23.15 34.47
CA GLN A 731 -19.36 24.11 35.11
C GLN A 731 -19.29 23.91 36.62
N GLN A 732 -20.40 23.48 37.21
CA GLN A 732 -20.45 23.26 38.65
C GLN A 732 -19.73 21.97 39.04
N LEU A 733 -19.85 20.95 38.20
CA LEU A 733 -19.20 19.67 38.45
C LEU A 733 -17.69 19.80 38.41
N LEU A 734 -17.18 20.51 37.40
CA LEU A 734 -15.75 20.71 37.26
C LEU A 734 -15.23 21.65 38.35
N LYS A 735 -16.10 22.54 38.82
CA LYS A 735 -15.75 23.47 39.89
C LYS A 735 -15.42 22.72 41.17
N ASP A 736 -16.34 21.84 41.59
CA ASP A 736 -16.16 21.07 42.81
C ASP A 736 -15.02 20.06 42.68
N LEU A 737 -14.81 19.57 41.47
CA LEU A 737 -13.71 18.64 41.22
C LEU A 737 -12.37 19.33 41.45
N LEU A 738 -12.24 20.53 40.91
CA LEU A 738 -11.03 21.33 41.10
C LEU A 738 -10.94 21.85 42.53
N THR A 739 -12.10 22.07 43.15
CA THR A 739 -12.17 22.52 44.53
C THR A 739 -11.63 21.44 45.46
N ALA A 740 -12.01 20.20 45.20
CA ALA A 740 -11.56 19.06 46.00
C ALA A 740 -10.06 18.87 45.87
N TYR A 741 -9.56 18.89 44.63
CA TYR A 741 -8.14 18.70 44.37
C TYR A 741 -7.31 19.82 45.00
N LYS A 742 -7.90 21.01 45.09
CA LYS A 742 -7.22 22.17 45.63
C LYS A 742 -6.86 21.99 47.10
N PHE A 743 -7.72 21.32 47.85
CA PHE A 743 -7.52 21.13 49.28
C PHE A 743 -6.94 19.76 49.61
N GLY A 744 -6.39 19.09 48.61
CA GLY A 744 -5.67 17.84 48.81
C GLY A 744 -6.54 16.61 49.02
N VAL A 745 -7.78 16.65 48.54
CA VAL A 745 -8.66 15.49 48.62
C VAL A 745 -8.12 14.38 47.72
N LYS A 746 -7.94 13.19 48.30
CA LYS A 746 -7.33 12.08 47.58
C LYS A 746 -8.30 11.38 46.64
N THR A 747 -9.48 11.03 47.14
CA THR A 747 -10.45 10.29 46.35
C THR A 747 -11.86 10.86 46.44
N LEU A 748 -12.69 10.50 45.47
CA LEU A 748 -14.10 10.89 45.48
C LEU A 748 -15.00 9.67 45.27
N TYR A 749 -15.97 9.50 46.16
CA TYR A 749 -16.83 8.32 46.13
C TYR A 749 -18.12 8.58 45.35
N TYR A 750 -19.26 8.35 46.00
CA TYR A 750 -20.56 8.51 45.37
C TYR A 750 -20.85 9.94 44.95
N GLN A 751 -21.68 10.09 43.92
CA GLN A 751 -22.29 11.38 43.61
C GLN A 751 -23.80 11.27 43.73
N ASN A 752 -24.32 11.57 44.91
CA ASN A 752 -25.75 11.43 45.17
C ASN A 752 -26.57 12.54 44.52
N THR A 753 -27.45 12.16 43.61
CA THR A 753 -28.33 13.11 42.94
C THR A 753 -29.77 12.93 43.39
N ARG A 754 -30.35 13.97 43.99
CA ARG A 754 -31.72 13.89 44.49
C ARG A 754 -32.71 13.83 43.34
N ASP A 755 -33.69 12.95 43.46
CA ASP A 755 -34.71 12.79 42.43
C ASP A 755 -35.97 13.59 42.75
N LEU B 24 -5.17 2.29 -25.50
CA LEU B 24 -4.34 1.39 -26.30
C LEU B 24 -3.00 1.11 -25.62
N LEU B 25 -2.87 1.56 -24.37
CA LEU B 25 -1.63 1.37 -23.63
C LEU B 25 -1.86 0.61 -22.32
N VAL B 26 -0.89 -0.21 -21.95
CA VAL B 26 -0.92 -0.91 -20.67
C VAL B 26 0.27 -0.48 -19.83
N THR B 27 0.18 -0.67 -18.52
CA THR B 27 1.27 -0.31 -17.63
C THR B 27 1.94 -1.56 -17.07
N LYS B 28 3.23 -1.72 -17.38
CA LYS B 28 3.98 -2.87 -16.92
C LYS B 28 4.25 -2.76 -15.42
N ARG B 29 4.86 -3.80 -14.85
CA ARG B 29 5.12 -3.84 -13.41
C ARG B 29 6.19 -2.84 -12.98
N ASP B 30 7.22 -2.68 -13.80
CA ASP B 30 8.34 -1.81 -13.45
C ASP B 30 7.95 -0.34 -13.57
N GLY B 31 6.90 -0.05 -14.33
CA GLY B 31 6.45 1.30 -14.52
C GLY B 31 6.53 1.71 -15.98
N SER B 32 7.10 0.85 -16.80
CA SER B 32 7.23 1.12 -18.22
C SER B 32 5.86 1.06 -18.91
N THR B 33 5.81 1.45 -20.17
CA THR B 33 4.55 1.43 -20.91
C THR B 33 4.75 0.88 -22.32
N GLU B 34 3.77 0.11 -22.79
CA GLU B 34 3.80 -0.45 -24.13
C GLU B 34 2.38 -0.62 -24.66
N ARG B 35 2.23 -0.58 -25.98
CA ARG B 35 0.94 -0.78 -26.60
C ARG B 35 0.35 -2.15 -26.29
N ILE B 36 -0.97 -2.18 -26.11
CA ILE B 36 -1.69 -3.39 -25.73
C ILE B 36 -1.56 -4.49 -26.79
N ASN B 37 -1.36 -5.71 -26.32
CA ASN B 37 -1.20 -6.87 -27.20
C ASN B 37 -2.14 -8.00 -26.79
N LEU B 38 -3.22 -8.16 -27.53
CA LEU B 38 -4.23 -9.16 -27.22
C LEU B 38 -3.73 -10.58 -27.47
N ASP B 39 -2.61 -10.71 -28.17
CA ASP B 39 -2.02 -12.02 -28.43
C ASP B 39 -1.31 -12.53 -27.18
N LYS B 40 -0.76 -11.61 -26.39
CA LYS B 40 -0.13 -11.97 -25.13
C LYS B 40 -1.15 -12.48 -24.13
N ILE B 41 -2.33 -11.87 -24.12
CA ILE B 41 -3.43 -12.29 -23.26
C ILE B 41 -3.99 -13.63 -23.72
N HIS B 42 -4.15 -13.78 -25.03
CA HIS B 42 -4.67 -15.01 -25.61
C HIS B 42 -3.71 -16.18 -25.42
N ARG B 43 -2.42 -15.88 -25.34
CA ARG B 43 -1.40 -16.90 -25.14
C ARG B 43 -1.44 -17.46 -23.71
N VAL B 44 -1.75 -16.60 -22.75
CA VAL B 44 -1.84 -17.01 -21.36
C VAL B 44 -3.06 -17.89 -21.11
N LEU B 45 -4.19 -17.50 -21.70
CA LEU B 45 -5.45 -18.23 -21.53
C LEU B 45 -5.36 -19.64 -22.08
N ASP B 46 -4.58 -19.82 -23.14
CA ASP B 46 -4.40 -21.13 -23.76
C ASP B 46 -3.66 -22.08 -22.83
N ALA B 47 -2.69 -21.55 -22.10
CA ALA B 47 -1.90 -22.35 -21.16
C ALA B 47 -2.73 -22.86 -19.99
N ALA B 48 -3.75 -22.08 -19.62
CA ALA B 48 -4.60 -22.43 -18.48
C ALA B 48 -5.78 -23.32 -18.89
N ALA B 49 -5.97 -23.49 -20.19
CA ALA B 49 -7.10 -24.26 -20.69
C ALA B 49 -6.70 -25.65 -21.19
N GLU B 50 -5.46 -26.04 -20.93
CA GLU B 50 -4.95 -27.33 -21.39
C GLU B 50 -5.68 -28.50 -20.71
N GLY B 51 -6.29 -29.34 -21.53
CA GLY B 51 -6.98 -30.53 -21.03
C GLY B 51 -8.40 -30.26 -20.57
N LEU B 52 -8.81 -28.99 -20.62
CA LEU B 52 -10.15 -28.62 -20.17
C LEU B 52 -11.20 -28.81 -21.27
N HIS B 53 -12.43 -29.07 -20.86
CA HIS B 53 -13.52 -29.28 -21.80
C HIS B 53 -14.60 -28.21 -21.63
N ASN B 54 -15.31 -27.92 -22.72
CA ASN B 54 -16.39 -26.94 -22.73
C ASN B 54 -15.98 -25.56 -22.25
N VAL B 55 -14.72 -25.21 -22.51
CA VAL B 55 -14.21 -23.89 -22.15
C VAL B 55 -13.99 -23.04 -23.40
N SER B 56 -14.39 -21.77 -23.32
CA SER B 56 -14.27 -20.85 -24.44
C SER B 56 -13.30 -19.71 -24.14
N ILE B 57 -12.17 -19.71 -24.84
CA ILE B 57 -11.16 -18.67 -24.66
C ILE B 57 -11.70 -17.31 -25.08
N SER B 58 -12.45 -17.29 -26.18
CA SER B 58 -13.02 -16.07 -26.72
C SER B 58 -14.06 -15.46 -25.77
N GLN B 59 -14.79 -16.32 -25.08
CA GLN B 59 -15.82 -15.87 -24.15
C GLN B 59 -15.20 -15.08 -22.99
N VAL B 60 -14.03 -15.54 -22.55
CA VAL B 60 -13.30 -14.84 -21.48
C VAL B 60 -12.81 -13.49 -21.97
N GLU B 61 -12.28 -13.46 -23.19
CA GLU B 61 -11.78 -12.23 -23.79
C GLU B 61 -12.89 -11.22 -24.02
N LEU B 62 -14.09 -11.72 -24.30
CA LEU B 62 -15.24 -10.86 -24.52
C LEU B 62 -15.59 -10.09 -23.25
N ARG B 63 -15.57 -10.79 -22.13
CA ARG B 63 -15.89 -10.20 -20.84
C ARG B 63 -14.74 -9.37 -20.29
N SER B 64 -13.55 -9.59 -20.83
CA SER B 64 -12.34 -8.93 -20.33
C SER B 64 -12.00 -7.66 -21.11
N HIS B 65 -12.09 -7.73 -22.44
CA HIS B 65 -11.72 -6.61 -23.30
C HIS B 65 -12.59 -5.37 -23.07
N ILE B 66 -13.84 -5.59 -22.69
CA ILE B 66 -14.77 -4.49 -22.49
C ILE B 66 -14.43 -3.71 -21.22
N GLN B 67 -13.64 -4.33 -20.35
CA GLN B 67 -13.26 -3.70 -19.08
C GLN B 67 -11.94 -2.94 -19.20
N PHE B 68 -11.24 -3.13 -20.31
CA PHE B 68 -9.92 -2.53 -20.50
C PHE B 68 -9.99 -1.03 -20.67
N TYR B 69 -9.02 -0.34 -20.08
CA TYR B 69 -8.93 1.11 -20.15
C TYR B 69 -7.49 1.54 -20.40
N ASP B 70 -7.30 2.75 -20.91
CA ASP B 70 -5.96 3.24 -21.23
C ASP B 70 -5.16 3.52 -19.96
N GLY B 71 -3.97 2.94 -19.87
CA GLY B 71 -3.13 3.12 -18.71
C GLY B 71 -3.38 2.08 -17.64
N ILE B 72 -3.98 0.97 -18.04
CA ILE B 72 -4.31 -0.11 -17.11
C ILE B 72 -3.05 -0.85 -16.66
N LYS B 73 -2.97 -1.15 -15.36
CA LYS B 73 -1.87 -1.92 -14.83
C LYS B 73 -1.93 -3.35 -15.34
N THR B 74 -0.77 -3.92 -15.65
CA THR B 74 -0.70 -5.27 -16.18
C THR B 74 -1.18 -6.29 -15.14
N SER B 75 -1.10 -5.93 -13.87
CA SER B 75 -1.56 -6.78 -12.78
C SER B 75 -3.08 -6.78 -12.71
N ASP B 76 -3.68 -5.66 -13.07
CA ASP B 76 -5.14 -5.54 -13.09
C ASP B 76 -5.72 -6.29 -14.28
N ILE B 77 -4.94 -6.38 -15.35
CA ILE B 77 -5.35 -7.14 -16.53
C ILE B 77 -5.48 -8.62 -16.19
N HIS B 78 -4.51 -9.13 -15.45
CA HIS B 78 -4.48 -10.53 -15.07
C HIS B 78 -5.63 -10.87 -14.12
N GLU B 79 -5.88 -9.98 -13.17
CA GLU B 79 -6.96 -10.19 -12.21
C GLU B 79 -8.33 -10.03 -12.88
N THR B 80 -8.35 -9.38 -14.04
CA THR B 80 -9.57 -9.19 -14.79
C THR B 80 -10.01 -10.48 -15.47
N ILE B 81 -9.06 -11.16 -16.10
CA ILE B 81 -9.34 -12.40 -16.79
C ILE B 81 -9.57 -13.55 -15.81
N ILE B 82 -9.06 -13.38 -14.59
CA ILE B 82 -9.30 -14.36 -13.53
C ILE B 82 -10.75 -14.29 -13.08
N LYS B 83 -11.20 -13.07 -12.79
CA LYS B 83 -12.57 -12.85 -12.34
C LYS B 83 -13.57 -13.19 -13.45
N ALA B 84 -13.15 -12.98 -14.69
CA ALA B 84 -13.98 -13.30 -15.85
C ALA B 84 -14.21 -14.80 -15.98
N ALA B 85 -13.15 -15.57 -15.75
CA ALA B 85 -13.23 -17.01 -15.83
C ALA B 85 -13.92 -17.60 -14.59
N ALA B 86 -13.79 -16.89 -13.47
CA ALA B 86 -14.39 -17.32 -12.22
C ALA B 86 -15.92 -17.18 -12.24
N ASP B 87 -16.40 -16.23 -13.02
CA ASP B 87 -17.84 -16.00 -13.13
C ASP B 87 -18.49 -17.00 -14.07
N LEU B 88 -17.67 -17.67 -14.88
CA LEU B 88 -18.19 -18.63 -15.84
C LEU B 88 -18.23 -20.04 -15.25
N ILE B 89 -17.88 -20.15 -13.97
CA ILE B 89 -17.95 -21.44 -13.28
C ILE B 89 -19.40 -21.84 -13.05
N SER B 90 -19.83 -22.91 -13.72
CA SER B 90 -21.22 -23.37 -13.61
C SER B 90 -21.31 -24.88 -13.73
N ARG B 91 -22.53 -25.39 -13.61
CA ARG B 91 -22.79 -26.82 -13.70
C ARG B 91 -22.53 -27.34 -15.12
N ASP B 92 -22.91 -26.55 -16.10
CA ASP B 92 -22.76 -26.93 -17.51
C ASP B 92 -21.28 -27.00 -17.89
N ALA B 93 -20.48 -26.10 -17.32
CA ALA B 93 -19.05 -26.07 -17.59
C ALA B 93 -18.27 -26.01 -16.27
N PRO B 94 -18.06 -27.17 -15.64
CA PRO B 94 -17.36 -27.25 -14.34
C PRO B 94 -15.87 -27.01 -14.45
N ASP B 95 -15.32 -27.15 -15.64
CA ASP B 95 -13.87 -27.02 -15.83
C ASP B 95 -13.38 -25.58 -15.77
N TYR B 96 -14.29 -24.64 -15.56
CA TYR B 96 -13.91 -23.25 -15.37
C TYR B 96 -13.30 -23.03 -13.99
N GLN B 97 -13.58 -23.95 -13.07
CA GLN B 97 -13.03 -23.87 -11.72
C GLN B 97 -11.54 -24.19 -11.74
N TYR B 98 -11.10 -24.86 -12.80
CA TYR B 98 -9.69 -25.17 -12.99
C TYR B 98 -9.03 -24.13 -13.87
N LEU B 99 -9.82 -23.51 -14.74
CA LEU B 99 -9.31 -22.46 -15.62
C LEU B 99 -8.92 -21.22 -14.82
N ALA B 100 -9.86 -20.71 -14.04
CA ALA B 100 -9.62 -19.53 -13.22
C ALA B 100 -8.58 -19.80 -12.14
N ALA B 101 -8.49 -21.06 -11.71
CA ALA B 101 -7.52 -21.45 -10.69
C ALA B 101 -6.10 -21.34 -11.22
N ARG B 102 -5.86 -21.92 -12.39
CA ARG B 102 -4.53 -21.90 -12.99
C ARG B 102 -4.10 -20.48 -13.33
N LEU B 103 -5.07 -19.64 -13.68
CA LEU B 103 -4.81 -18.23 -13.91
C LEU B 103 -4.38 -17.55 -12.62
N ALA B 104 -5.00 -17.95 -11.52
CA ALA B 104 -4.65 -17.42 -10.20
C ALA B 104 -3.27 -17.90 -9.76
N ILE B 105 -2.94 -19.15 -10.10
CA ILE B 105 -1.64 -19.70 -9.78
C ILE B 105 -0.54 -18.93 -10.49
N PHE B 106 -0.77 -18.59 -11.76
CA PHE B 106 0.18 -17.83 -12.56
C PHE B 106 0.53 -16.49 -11.92
N HIS B 107 -0.50 -15.76 -11.48
CA HIS B 107 -0.31 -14.45 -10.88
C HIS B 107 0.43 -14.54 -9.54
N LEU B 108 0.14 -15.59 -8.78
CA LEU B 108 0.78 -15.79 -7.48
C LEU B 108 2.26 -16.11 -7.65
N ARG B 109 2.62 -16.76 -8.75
CA ARG B 109 4.02 -17.06 -9.04
C ARG B 109 4.82 -15.77 -9.22
N LYS B 110 4.20 -14.78 -9.87
CA LYS B 110 4.85 -13.50 -10.12
C LYS B 110 5.00 -12.69 -8.84
N LYS B 111 4.00 -12.78 -7.96
CA LYS B 111 3.99 -12.03 -6.72
C LYS B 111 5.10 -12.48 -5.77
N ALA B 112 5.47 -13.76 -5.85
CA ALA B 112 6.42 -14.33 -4.91
C ALA B 112 7.81 -14.48 -5.49
N TYR B 113 7.90 -14.82 -6.77
CA TYR B 113 9.18 -15.15 -7.39
C TYR B 113 9.61 -14.16 -8.46
N GLY B 114 8.64 -13.43 -9.02
CA GLY B 114 8.92 -12.49 -10.10
C GLY B 114 9.01 -13.19 -11.44
N GLN B 115 8.70 -14.48 -11.45
CA GLN B 115 8.70 -15.28 -12.66
C GLN B 115 7.84 -16.52 -12.46
N PHE B 116 7.60 -17.27 -13.53
CA PHE B 116 6.75 -18.45 -13.45
C PHE B 116 7.42 -19.58 -12.67
N GLU B 117 8.56 -20.05 -13.14
CA GLU B 117 9.26 -21.15 -12.50
C GLU B 117 9.89 -20.73 -11.17
N PRO B 118 9.57 -21.45 -10.09
CA PRO B 118 10.12 -21.20 -8.76
C PRO B 118 11.63 -21.41 -8.71
N PRO B 119 12.32 -20.69 -7.81
CA PRO B 119 13.77 -20.82 -7.65
C PRO B 119 14.15 -22.16 -7.03
N ALA B 120 15.46 -22.40 -6.85
CA ALA B 120 15.93 -23.63 -6.24
C ALA B 120 15.43 -23.73 -4.80
N LEU B 121 15.17 -24.95 -4.36
CA LEU B 121 14.63 -25.18 -3.02
C LEU B 121 15.58 -24.67 -1.94
N TYR B 122 16.87 -24.97 -2.09
CA TYR B 122 17.87 -24.52 -1.12
C TYR B 122 18.00 -23.01 -1.13
N ASP B 123 17.94 -22.42 -2.32
CA ASP B 123 18.03 -20.97 -2.45
C ASP B 123 16.80 -20.30 -1.85
N HIS B 124 15.66 -20.97 -1.95
CA HIS B 124 14.41 -20.45 -1.41
C HIS B 124 14.43 -20.44 0.12
N VAL B 125 14.83 -21.56 0.71
CA VAL B 125 14.84 -21.70 2.16
C VAL B 125 15.80 -20.70 2.81
N VAL B 126 17.02 -20.62 2.29
CA VAL B 126 18.04 -19.71 2.82
C VAL B 126 17.55 -18.27 2.85
N LYS B 127 16.92 -17.83 1.77
CA LYS B 127 16.40 -16.47 1.68
C LYS B 127 15.29 -16.23 2.69
N MET B 128 14.43 -17.24 2.88
CA MET B 128 13.29 -17.12 3.77
C MET B 128 13.70 -17.17 5.24
N VAL B 129 14.73 -17.96 5.55
CA VAL B 129 15.23 -18.06 6.92
C VAL B 129 15.80 -16.71 7.37
N GLU B 130 16.49 -16.03 6.47
CA GLU B 130 17.06 -14.72 6.76
C GLU B 130 15.93 -13.71 7.02
N MET B 131 14.81 -13.89 6.33
CA MET B 131 13.66 -13.00 6.50
C MET B 131 12.89 -13.33 7.77
N GLY B 132 13.15 -14.50 8.34
CA GLY B 132 12.51 -14.92 9.56
C GLY B 132 11.13 -15.50 9.35
N LYS B 133 10.90 -16.04 8.16
CA LYS B 133 9.61 -16.65 7.83
C LYS B 133 9.67 -18.17 8.00
N TYR B 134 10.85 -18.74 7.79
CA TYR B 134 11.08 -20.17 8.02
C TYR B 134 11.91 -20.39 9.27
N ASP B 135 11.79 -21.59 9.84
CA ASP B 135 12.58 -21.95 11.02
C ASP B 135 14.00 -22.29 10.61
N ASN B 136 14.96 -21.91 11.45
CA ASN B 136 16.37 -22.12 11.13
C ASN B 136 16.79 -23.59 11.21
N HIS B 137 15.98 -24.41 11.88
CA HIS B 137 16.33 -25.81 12.10
C HIS B 137 16.28 -26.63 10.80
N LEU B 138 15.70 -26.05 9.76
CA LEU B 138 15.65 -26.71 8.46
C LEU B 138 17.04 -26.80 7.84
N LEU B 139 17.83 -25.74 8.04
CA LEU B 139 19.19 -25.68 7.50
C LEU B 139 20.17 -26.43 8.39
N GLU B 140 19.72 -26.77 9.60
CA GLU B 140 20.56 -27.48 10.55
C GLU B 140 20.39 -28.99 10.40
N ASP B 141 19.17 -29.42 10.09
CA ASP B 141 18.86 -30.83 9.96
C ASP B 141 19.10 -31.33 8.55
N TYR B 142 19.15 -30.41 7.59
CA TYR B 142 19.37 -30.77 6.20
C TYR B 142 20.53 -30.00 5.59
N THR B 143 21.40 -30.71 4.87
CA THR B 143 22.52 -30.10 4.18
C THR B 143 22.10 -29.57 2.82
N GLU B 144 22.98 -28.82 2.18
CA GLU B 144 22.69 -28.23 0.87
C GLU B 144 22.46 -29.32 -0.18
N GLU B 145 23.21 -30.42 -0.05
CA GLU B 145 23.09 -31.55 -0.97
C GLU B 145 21.74 -32.23 -0.83
N GLU B 146 21.26 -32.34 0.41
CA GLU B 146 19.98 -32.98 0.68
C GLU B 146 18.80 -32.16 0.18
N PHE B 147 18.98 -30.84 0.14
CA PHE B 147 17.96 -29.95 -0.39
C PHE B 147 17.84 -30.11 -1.91
N LYS B 148 18.96 -30.39 -2.57
CA LYS B 148 18.96 -30.62 -4.01
C LYS B 148 18.19 -31.88 -4.35
N GLN B 149 18.29 -32.89 -3.49
CA GLN B 149 17.61 -34.16 -3.70
C GLN B 149 16.10 -34.01 -3.51
N MET B 150 15.69 -33.23 -2.52
CA MET B 150 14.28 -33.03 -2.25
C MET B 150 13.60 -32.16 -3.31
N ASP B 151 14.40 -31.35 -4.00
CA ASP B 151 13.87 -30.49 -5.06
C ASP B 151 13.40 -31.32 -6.24
N THR B 152 14.05 -32.45 -6.46
CA THR B 152 13.70 -33.34 -7.57
C THR B 152 12.34 -34.01 -7.33
N PHE B 153 11.97 -34.14 -6.06
CA PHE B 153 10.69 -34.72 -5.70
C PHE B 153 9.53 -33.81 -6.09
N ILE B 154 9.80 -32.51 -6.11
CA ILE B 154 8.78 -31.51 -6.35
C ILE B 154 8.28 -31.48 -7.79
N ASP B 155 6.97 -31.56 -7.96
CA ASP B 155 6.33 -31.40 -9.26
C ASP B 155 5.42 -30.18 -9.23
N HIS B 156 5.94 -29.04 -9.66
CA HIS B 156 5.21 -27.78 -9.58
C HIS B 156 3.98 -27.72 -10.49
N ASP B 157 3.87 -28.69 -11.39
CA ASP B 157 2.72 -28.74 -12.30
C ASP B 157 1.48 -29.27 -11.59
N ARG B 158 1.65 -29.73 -10.35
CA ARG B 158 0.54 -30.20 -9.55
C ARG B 158 -0.29 -29.03 -9.02
N ASP B 159 0.21 -27.82 -9.22
CA ASP B 159 -0.50 -26.60 -8.84
C ASP B 159 -1.68 -26.34 -9.77
N MET B 160 -1.68 -27.01 -10.91
CA MET B 160 -2.75 -26.85 -11.90
C MET B 160 -3.91 -27.79 -11.61
N THR B 161 -3.79 -28.56 -10.54
CA THR B 161 -4.83 -29.51 -10.15
C THR B 161 -5.74 -28.92 -9.10
N PHE B 162 -5.37 -27.74 -8.58
CA PHE B 162 -6.18 -27.05 -7.59
C PHE B 162 -7.41 -26.44 -8.24
N SER B 163 -8.52 -26.41 -7.49
CA SER B 163 -9.72 -25.74 -7.95
C SER B 163 -9.64 -24.26 -7.61
N TYR B 164 -10.57 -23.46 -8.11
CA TYR B 164 -10.55 -22.02 -7.87
C TYR B 164 -10.79 -21.71 -6.40
N ALA B 165 -11.69 -22.46 -5.78
CA ALA B 165 -11.97 -22.30 -4.35
C ALA B 165 -10.76 -22.69 -3.52
N ALA B 166 -9.99 -23.65 -4.02
CA ALA B 166 -8.81 -24.15 -3.32
C ALA B 166 -7.71 -23.09 -3.28
N VAL B 167 -7.47 -22.43 -4.41
CA VAL B 167 -6.43 -21.42 -4.52
C VAL B 167 -6.70 -20.24 -3.59
N LYS B 168 -7.97 -19.85 -3.49
CA LYS B 168 -8.36 -18.77 -2.59
C LYS B 168 -8.09 -19.14 -1.14
N GLN B 169 -8.27 -20.41 -0.81
CA GLN B 169 -7.98 -20.90 0.54
C GLN B 169 -6.48 -20.94 0.79
N LEU B 170 -5.71 -21.27 -0.24
CA LEU B 170 -4.26 -21.29 -0.14
C LEU B 170 -3.71 -19.88 0.11
N GLU B 171 -4.14 -18.94 -0.73
CA GLU B 171 -3.67 -17.56 -0.65
C GLU B 171 -4.06 -16.90 0.66
N GLY B 172 -5.17 -17.34 1.24
CA GLY B 172 -5.71 -16.71 2.43
C GLY B 172 -5.25 -17.30 3.75
N LYS B 173 -5.11 -18.62 3.82
CA LYS B 173 -4.86 -19.27 5.09
C LYS B 173 -3.54 -20.02 5.18
N TYR B 174 -3.16 -20.73 4.12
CA TYR B 174 -2.04 -21.65 4.19
C TYR B 174 -0.69 -21.03 3.83
N LEU B 175 -0.62 -20.38 2.68
CA LEU B 175 0.64 -19.83 2.17
C LEU B 175 1.26 -18.78 3.10
N VAL B 176 2.57 -18.92 3.32
CA VAL B 176 3.32 -17.95 4.12
C VAL B 176 3.32 -16.59 3.42
N GLN B 177 2.88 -15.57 4.14
CA GLN B 177 2.72 -14.25 3.55
C GLN B 177 2.92 -13.13 4.57
N ASN B 178 3.08 -11.92 4.08
CA ASN B 178 3.17 -10.75 4.94
C ASN B 178 1.76 -10.23 5.24
N ARG B 179 1.34 -10.35 6.50
CA ARG B 179 -0.02 -9.98 6.90
C ARG B 179 -0.27 -8.48 6.81
N VAL B 180 0.81 -7.70 6.69
CA VAL B 180 0.69 -6.25 6.62
C VAL B 180 0.55 -5.76 5.17
N THR B 181 1.50 -6.15 4.33
CA THR B 181 1.54 -5.69 2.95
C THR B 181 0.74 -6.59 2.01
N GLY B 182 0.60 -7.85 2.38
CA GLY B 182 -0.16 -8.80 1.57
C GLY B 182 0.70 -9.55 0.56
N GLU B 183 2.02 -9.40 0.69
CA GLU B 183 2.96 -10.08 -0.20
C GLU B 183 2.98 -11.58 0.03
N ILE B 184 2.85 -12.35 -1.05
CA ILE B 184 2.96 -13.80 -0.98
C ILE B 184 4.44 -14.18 -1.11
N TYR B 185 4.89 -15.14 -0.31
CA TYR B 185 6.31 -15.46 -0.26
C TYR B 185 6.64 -16.86 -0.76
N GLU B 186 5.62 -17.70 -0.96
CA GLU B 186 5.85 -19.08 -1.38
C GLU B 186 4.72 -19.61 -2.26
N SER B 187 4.88 -20.85 -2.74
CA SER B 187 3.86 -21.50 -3.54
C SER B 187 3.32 -22.74 -2.84
N ALA B 188 2.43 -23.46 -3.52
CA ALA B 188 1.76 -24.62 -2.93
C ALA B 188 2.69 -25.80 -2.71
N GLN B 189 3.56 -26.06 -3.69
CA GLN B 189 4.44 -27.22 -3.62
C GLN B 189 5.55 -27.06 -2.58
N PHE B 190 6.00 -25.83 -2.38
CA PHE B 190 7.01 -25.56 -1.36
C PHE B 190 6.43 -25.79 0.03
N LEU B 191 5.13 -25.54 0.17
CA LEU B 191 4.43 -25.78 1.43
C LEU B 191 4.44 -27.27 1.75
N TYR B 192 4.02 -28.07 0.78
CA TYR B 192 3.93 -29.53 0.96
C TYR B 192 5.27 -30.18 1.24
N ILE B 193 6.30 -29.79 0.49
CA ILE B 193 7.60 -30.44 0.59
C ILE B 193 8.32 -30.09 1.90
N LEU B 194 7.99 -28.93 2.46
CA LEU B 194 8.65 -28.48 3.68
C LEU B 194 7.93 -28.95 4.93
N VAL B 195 6.63 -29.18 4.81
CA VAL B 195 5.87 -29.78 5.91
C VAL B 195 6.38 -31.20 6.13
N ALA B 196 6.58 -31.92 5.04
CA ALA B 196 7.13 -33.27 5.09
C ALA B 196 8.56 -33.26 5.61
N ALA B 197 9.29 -32.20 5.28
CA ALA B 197 10.68 -32.08 5.70
C ALA B 197 10.80 -31.90 7.21
N CYS B 198 9.92 -31.08 7.78
CA CYS B 198 9.95 -30.78 9.21
C CYS B 198 9.49 -31.97 10.06
N LEU B 199 8.44 -32.65 9.61
CA LEU B 199 7.88 -33.76 10.38
C LEU B 199 8.82 -34.96 10.42
N PHE B 200 9.54 -35.20 9.34
CA PHE B 200 10.46 -36.33 9.28
C PHE B 200 11.91 -35.86 9.40
N SER B 201 12.09 -34.67 9.97
CA SER B 201 13.42 -34.09 10.10
C SER B 201 14.28 -34.86 11.10
N ASN B 202 13.63 -35.50 12.07
CA ASN B 202 14.36 -36.20 13.12
C ASN B 202 14.53 -37.68 12.80
N TYR B 203 14.05 -38.08 11.62
CA TYR B 203 14.22 -39.45 11.16
C TYR B 203 15.65 -39.68 10.71
N PRO B 204 16.16 -40.92 10.85
CA PRO B 204 17.52 -41.23 10.43
C PRO B 204 17.71 -41.06 8.92
N ARG B 205 18.88 -40.61 8.50
CA ARG B 205 19.17 -40.37 7.09
C ARG B 205 18.94 -41.61 6.22
N GLU B 206 19.11 -42.77 6.82
CA GLU B 206 18.93 -44.05 6.12
C GLU B 206 17.52 -44.18 5.54
N THR B 207 16.54 -43.55 6.18
CA THR B 207 15.16 -43.65 5.73
C THR B 207 14.47 -42.28 5.63
N ARG B 208 15.18 -41.22 6.02
CA ARG B 208 14.58 -39.89 6.08
C ARG B 208 14.05 -39.38 4.75
N LEU B 209 14.95 -39.23 3.78
CA LEU B 209 14.56 -38.68 2.48
C LEU B 209 13.55 -39.55 1.74
N GLN B 210 13.50 -40.84 2.08
CA GLN B 210 12.54 -41.75 1.49
C GLN B 210 11.12 -41.45 2.00
N TYR B 211 11.01 -41.18 3.30
CA TYR B 211 9.73 -40.83 3.90
C TYR B 211 9.25 -39.45 3.46
N VAL B 212 10.21 -38.55 3.21
CA VAL B 212 9.89 -37.19 2.78
C VAL B 212 9.17 -37.19 1.44
N LYS B 213 9.69 -37.96 0.50
CA LYS B 213 9.11 -38.06 -0.84
C LYS B 213 7.73 -38.71 -0.79
N ARG B 214 7.62 -39.83 -0.07
CA ARG B 214 6.37 -40.57 -0.02
C ARG B 214 5.25 -39.77 0.63
N PHE B 215 5.59 -39.01 1.68
CA PHE B 215 4.59 -38.19 2.36
C PHE B 215 4.22 -36.97 1.51
N TYR B 216 5.19 -36.46 0.76
CA TYR B 216 4.93 -35.33 -0.13
C TYR B 216 3.97 -35.73 -1.24
N ASP B 217 4.19 -36.90 -1.82
CA ASP B 217 3.33 -37.40 -2.90
C ASP B 217 1.91 -37.63 -2.40
N ALA B 218 1.77 -37.94 -1.12
CA ALA B 218 0.47 -38.19 -0.53
C ALA B 218 -0.33 -36.91 -0.38
N VAL B 219 0.30 -35.85 0.10
CA VAL B 219 -0.39 -34.59 0.37
C VAL B 219 -0.54 -33.72 -0.87
N SER B 220 0.39 -33.85 -1.81
CA SER B 220 0.36 -33.04 -3.04
C SER B 220 -0.65 -33.58 -4.04
N THR B 221 -0.92 -34.88 -3.97
CA THR B 221 -1.91 -35.51 -4.84
C THR B 221 -3.25 -35.62 -4.13
N PHE B 222 -3.37 -34.88 -3.02
CA PHE B 222 -4.61 -34.79 -2.26
C PHE B 222 -5.11 -36.14 -1.75
N LYS B 223 -4.19 -37.00 -1.34
CA LYS B 223 -4.55 -38.28 -0.74
C LYS B 223 -4.70 -38.14 0.78
N ILE B 224 -3.87 -37.28 1.36
CA ILE B 224 -3.93 -37.01 2.78
C ILE B 224 -4.18 -35.52 3.02
N SER B 225 -5.26 -35.22 3.74
CA SER B 225 -5.61 -33.84 4.04
C SER B 225 -5.15 -33.43 5.43
N LEU B 226 -4.45 -32.30 5.52
CA LEU B 226 -3.93 -31.82 6.79
C LEU B 226 -4.70 -30.59 7.27
N PRO B 227 -4.89 -30.48 8.60
CA PRO B 227 -5.59 -29.36 9.23
C PRO B 227 -4.95 -28.00 8.95
N THR B 228 -5.72 -26.93 9.16
CA THR B 228 -5.25 -25.57 8.92
C THR B 228 -3.97 -25.18 9.70
N PRO B 229 -3.91 -25.48 11.01
CA PRO B 229 -2.69 -25.04 11.72
C PRO B 229 -1.43 -25.77 11.27
N ILE B 230 -1.59 -26.97 10.71
CA ILE B 230 -0.45 -27.74 10.22
C ILE B 230 0.05 -27.20 8.88
N MET B 231 -0.88 -26.95 7.97
CA MET B 231 -0.56 -26.45 6.64
C MET B 231 0.14 -25.09 6.68
N SER B 232 -0.32 -24.22 7.58
CA SER B 232 0.20 -22.87 7.66
C SER B 232 1.30 -22.72 8.71
N GLY B 233 1.59 -23.81 9.42
CA GLY B 233 2.52 -23.75 10.54
C GLY B 233 3.82 -24.52 10.41
N VAL B 234 3.72 -25.82 10.11
CA VAL B 234 4.87 -26.72 10.19
C VAL B 234 5.95 -26.39 9.15
N ARG B 235 6.65 -25.29 9.40
CA ARG B 235 7.83 -24.85 8.65
C ARG B 235 8.22 -23.47 9.18
N THR B 236 7.27 -22.85 9.86
CA THR B 236 7.46 -21.53 10.46
C THR B 236 7.98 -21.66 11.89
N PRO B 237 8.61 -20.59 12.41
CA PRO B 237 9.16 -20.60 13.77
C PRO B 237 8.16 -20.89 14.88
N THR B 238 6.85 -20.80 14.59
CA THR B 238 5.84 -21.05 15.60
C THR B 238 5.77 -22.53 15.95
N ARG B 239 5.22 -22.84 17.13
CA ARG B 239 5.13 -24.22 17.57
C ARG B 239 3.72 -24.53 18.10
N GLN B 240 2.80 -23.61 17.84
CA GLN B 240 1.40 -23.77 18.27
C GLN B 240 0.60 -24.52 17.21
N PHE B 241 0.36 -25.81 17.44
CA PHE B 241 -0.38 -26.63 16.50
C PHE B 241 -1.58 -27.31 17.14
N SER B 242 -1.77 -27.06 18.43
CA SER B 242 -2.90 -27.63 19.16
C SER B 242 -4.20 -26.90 18.82
N SER B 243 -5.15 -27.62 18.24
CA SER B 243 -6.41 -27.02 17.84
C SER B 243 -7.60 -27.72 18.50
N CYS B 244 -7.32 -28.66 19.39
CA CYS B 244 -8.37 -29.41 20.07
C CYS B 244 -8.01 -29.67 21.53
N VAL B 245 -8.77 -29.07 22.44
CA VAL B 245 -8.48 -29.14 23.87
C VAL B 245 -9.68 -29.64 24.67
N LEU B 246 -9.45 -30.62 25.55
CA LEU B 246 -10.50 -31.14 26.42
C LEU B 246 -10.13 -30.98 27.89
N ILE B 247 -10.90 -30.19 28.62
CA ILE B 247 -10.63 -29.93 30.02
C ILE B 247 -11.79 -30.36 30.93
N GLU B 248 -11.48 -31.12 31.97
CA GLU B 248 -12.48 -31.53 32.95
C GLU B 248 -12.37 -30.70 34.21
N CYS B 249 -13.50 -30.15 34.66
CA CYS B 249 -13.52 -29.31 35.85
C CYS B 249 -14.01 -30.05 37.08
N GLY B 250 -13.27 -29.94 38.18
CA GLY B 250 -13.64 -30.57 39.43
C GLY B 250 -14.59 -29.69 40.23
N ASP B 251 -15.09 -30.20 41.33
CA ASP B 251 -16.04 -29.47 42.16
C ASP B 251 -15.35 -28.70 43.28
N SER B 252 -14.53 -27.72 42.90
CA SER B 252 -13.84 -26.89 43.88
C SER B 252 -13.41 -25.56 43.25
N LEU B 253 -13.28 -24.53 44.09
CA LEU B 253 -12.84 -23.23 43.64
C LEU B 253 -11.46 -23.30 43.00
N ASP B 254 -10.60 -24.14 43.57
CA ASP B 254 -9.25 -24.32 43.05
C ASP B 254 -9.26 -24.94 41.67
N SER B 255 -10.22 -25.83 41.43
CA SER B 255 -10.33 -26.50 40.15
C SER B 255 -10.93 -25.58 39.08
N ILE B 256 -11.94 -24.81 39.47
CA ILE B 256 -12.58 -23.88 38.56
C ILE B 256 -11.61 -22.78 38.11
N ASN B 257 -10.86 -22.25 39.08
CA ASN B 257 -9.83 -21.25 38.77
C ASN B 257 -8.74 -21.82 37.87
N ALA B 258 -8.38 -23.07 38.10
CA ALA B 258 -7.40 -23.75 37.28
C ALA B 258 -7.94 -23.97 35.87
N THR B 259 -9.20 -24.39 35.80
CA THR B 259 -9.87 -24.61 34.52
C THR B 259 -9.96 -23.31 33.73
N SER B 260 -10.32 -22.24 34.41
CA SER B 260 -10.42 -20.92 33.79
C SER B 260 -9.08 -20.47 33.22
N SER B 261 -8.02 -20.65 34.00
CA SER B 261 -6.68 -20.28 33.56
C SER B 261 -6.23 -21.15 32.39
N ALA B 262 -6.65 -22.42 32.41
CA ALA B 262 -6.30 -23.36 31.36
C ALA B 262 -6.97 -22.97 30.04
N ILE B 263 -8.22 -22.54 30.11
CA ILE B 263 -8.97 -22.13 28.93
C ILE B 263 -8.32 -20.92 28.28
N VAL B 264 -8.01 -19.91 29.09
CA VAL B 264 -7.40 -18.68 28.60
C VAL B 264 -6.08 -18.96 27.86
N LYS B 265 -5.31 -19.90 28.39
CA LYS B 265 -4.03 -20.26 27.80
C LYS B 265 -4.18 -20.87 26.41
N TYR B 266 -5.28 -21.57 26.18
CA TYR B 266 -5.48 -22.28 24.91
C TYR B 266 -6.33 -21.52 23.90
N VAL B 267 -7.20 -20.64 24.37
CA VAL B 267 -7.98 -19.81 23.45
C VAL B 267 -7.12 -18.70 22.88
N SER B 268 -5.98 -18.46 23.53
CA SER B 268 -5.00 -17.50 23.04
C SER B 268 -4.26 -18.10 21.84
N GLN B 269 -4.25 -19.43 21.78
CA GLN B 269 -3.63 -20.13 20.66
C GLN B 269 -4.70 -20.59 19.65
N ARG B 270 -5.88 -20.01 19.77
CA ARG B 270 -6.99 -20.27 18.84
C ARG B 270 -7.36 -21.76 18.77
N ALA B 271 -7.48 -22.39 19.93
CA ALA B 271 -7.83 -23.80 20.01
C ALA B 271 -9.27 -23.98 20.49
N GLY B 272 -9.90 -25.07 20.05
CA GLY B 272 -11.25 -25.39 20.48
C GLY B 272 -11.24 -26.05 21.85
N ILE B 273 -12.18 -25.65 22.70
CA ILE B 273 -12.20 -26.11 24.09
C ILE B 273 -13.41 -26.98 24.40
N GLY B 274 -13.17 -28.07 25.11
CA GLY B 274 -14.23 -28.94 25.59
C GLY B 274 -14.24 -28.95 27.11
N ILE B 275 -15.33 -28.44 27.69
CA ILE B 275 -15.41 -28.28 29.13
C ILE B 275 -16.39 -29.25 29.76
N ASN B 276 -15.92 -30.01 30.75
CA ASN B 276 -16.78 -30.90 31.52
C ASN B 276 -17.04 -30.32 32.91
N ALA B 277 -18.18 -29.67 33.07
CA ALA B 277 -18.52 -29.03 34.34
C ALA B 277 -19.73 -29.70 34.98
N GLY B 278 -19.87 -31.00 34.75
CA GLY B 278 -20.97 -31.76 35.33
C GLY B 278 -20.73 -32.07 36.80
N ARG B 279 -19.48 -32.02 37.22
CA ARG B 279 -19.12 -32.34 38.60
C ARG B 279 -19.48 -31.22 39.57
N ILE B 280 -19.67 -30.01 39.05
CA ILE B 280 -20.04 -28.88 39.87
C ILE B 280 -21.40 -29.11 40.51
N ARG B 281 -21.44 -29.03 41.85
CA ARG B 281 -22.66 -29.30 42.59
C ARG B 281 -23.77 -28.30 42.28
N ALA B 282 -25.00 -28.68 42.58
CA ALA B 282 -26.16 -27.87 42.22
C ALA B 282 -26.41 -26.73 43.20
N LEU B 283 -27.32 -25.83 42.81
CA LEU B 283 -27.70 -24.69 43.63
C LEU B 283 -28.36 -25.12 44.93
N GLY B 284 -27.88 -24.57 46.04
CA GLY B 284 -28.46 -24.84 47.35
C GLY B 284 -27.70 -25.89 48.13
N SER B 285 -26.81 -26.61 47.44
CA SER B 285 -26.00 -27.63 48.09
C SER B 285 -25.09 -27.02 49.15
N PRO B 286 -25.04 -27.64 50.34
CA PRO B 286 -24.25 -27.14 51.46
C PRO B 286 -22.75 -27.19 51.21
N ILE B 287 -22.02 -26.21 51.74
CA ILE B 287 -20.57 -26.14 51.59
C ILE B 287 -19.90 -26.24 52.95
N ARG B 288 -18.95 -27.16 53.06
CA ARG B 288 -18.22 -27.41 54.31
C ARG B 288 -19.17 -27.73 55.46
N GLY B 289 -20.18 -28.55 55.18
CA GLY B 289 -21.11 -28.99 56.21
C GLY B 289 -22.21 -27.99 56.51
N GLY B 290 -22.30 -26.94 55.73
CA GLY B 290 -23.33 -25.95 55.91
C GLY B 290 -22.81 -24.58 56.29
N GLU B 291 -21.49 -24.40 56.24
CA GLU B 291 -20.88 -23.11 56.52
C GLU B 291 -21.32 -22.08 55.49
N ALA B 292 -21.56 -22.55 54.27
CA ALA B 292 -22.07 -21.71 53.20
C ALA B 292 -22.92 -22.55 52.26
N PHE B 293 -23.68 -21.89 51.38
CA PHE B 293 -24.52 -22.60 50.43
C PHE B 293 -24.20 -22.18 49.00
N HIS B 294 -24.25 -23.14 48.09
CA HIS B 294 -23.89 -22.90 46.69
C HIS B 294 -24.81 -21.88 46.03
N THR B 295 -24.28 -21.16 45.05
CA THR B 295 -25.03 -20.08 44.40
C THR B 295 -25.47 -20.45 42.99
N GLY B 296 -25.20 -21.69 42.59
CA GLY B 296 -25.62 -22.17 41.28
C GLY B 296 -24.47 -22.40 40.31
N CYS B 297 -24.72 -23.21 39.29
CA CYS B 297 -23.72 -23.51 38.27
C CYS B 297 -23.64 -22.40 37.23
N ILE B 298 -24.75 -21.72 37.01
CA ILE B 298 -24.84 -20.66 36.00
C ILE B 298 -23.81 -19.52 36.20
N PRO B 299 -23.61 -19.03 37.44
CA PRO B 299 -22.57 -18.00 37.58
C PRO B 299 -21.16 -18.47 37.20
N PHE B 300 -20.90 -19.77 37.36
CA PHE B 300 -19.59 -20.32 37.00
C PHE B 300 -19.49 -20.60 35.50
N TYR B 301 -20.63 -20.84 34.85
CA TYR B 301 -20.64 -21.03 33.41
C TYR B 301 -20.33 -19.72 32.70
N LYS B 302 -20.80 -18.62 33.28
CA LYS B 302 -20.51 -17.30 32.76
C LYS B 302 -19.02 -16.99 32.85
N HIS B 303 -18.41 -17.42 33.95
CA HIS B 303 -16.98 -17.21 34.16
C HIS B 303 -16.16 -18.00 33.15
N PHE B 304 -16.70 -19.16 32.74
CA PHE B 304 -16.06 -19.97 31.72
C PHE B 304 -16.16 -19.30 30.35
N GLN B 305 -17.32 -18.74 30.06
CA GLN B 305 -17.58 -18.09 28.77
C GLN B 305 -16.64 -16.91 28.53
N THR B 306 -16.47 -16.09 29.55
CA THR B 306 -15.59 -14.92 29.45
C THR B 306 -14.13 -15.35 29.36
N ALA B 307 -13.81 -16.52 29.92
CA ALA B 307 -12.49 -17.08 29.80
C ALA B 307 -12.24 -17.55 28.36
N VAL B 308 -13.28 -18.04 27.72
CA VAL B 308 -13.21 -18.48 26.33
C VAL B 308 -13.11 -17.28 25.40
N LYS B 309 -13.94 -16.27 25.66
CA LYS B 309 -14.01 -15.08 24.82
C LYS B 309 -13.03 -14.01 25.30
N SER B 310 -12.05 -14.40 26.12
CA SER B 310 -11.10 -13.46 26.68
C SER B 310 -10.18 -12.86 25.62
N CYS B 311 -9.81 -13.67 24.64
CA CYS B 311 -8.92 -13.19 23.58
C CYS B 311 -9.67 -13.04 22.25
N SER B 312 -10.91 -12.56 22.34
CA SER B 312 -11.73 -12.34 21.15
C SER B 312 -12.17 -10.88 21.08
N GLN B 313 -11.89 -10.23 19.95
CA GLN B 313 -12.33 -8.86 19.74
C GLN B 313 -13.84 -8.74 19.93
N GLY B 314 -14.26 -8.26 21.09
CA GLY B 314 -15.66 -8.08 21.40
C GLY B 314 -16.25 -9.37 21.95
N GLY B 315 -17.39 -9.78 21.41
CA GLY B 315 -18.05 -10.98 21.87
C GLY B 315 -18.66 -11.75 20.71
N VAL B 316 -18.12 -11.54 19.52
CA VAL B 316 -18.61 -12.23 18.34
C VAL B 316 -17.50 -13.04 17.69
N ARG B 317 -17.82 -14.25 17.25
CA ARG B 317 -16.83 -15.20 16.74
C ARG B 317 -15.73 -15.38 17.79
N GLY B 318 -14.55 -15.80 17.35
CA GLY B 318 -13.45 -16.01 18.27
C GLY B 318 -13.35 -17.45 18.75
N GLY B 319 -12.87 -17.62 19.97
CA GLY B 319 -12.81 -18.92 20.60
C GLY B 319 -14.21 -19.48 20.83
N ALA B 320 -14.47 -20.69 20.36
CA ALA B 320 -15.72 -21.37 20.66
C ALA B 320 -15.49 -22.48 21.67
N ALA B 321 -16.54 -22.88 22.37
CA ALA B 321 -16.43 -23.92 23.39
C ALA B 321 -17.73 -24.67 23.59
N THR B 322 -17.63 -25.94 23.97
CA THR B 322 -18.80 -26.76 24.25
C THR B 322 -18.75 -27.30 25.67
N LEU B 323 -19.80 -27.05 26.44
CA LEU B 323 -19.86 -27.45 27.84
C LEU B 323 -20.72 -28.70 28.01
N PHE B 324 -20.27 -29.64 28.83
CA PHE B 324 -20.97 -30.90 29.00
C PHE B 324 -21.51 -31.09 30.41
N TYR B 325 -22.68 -31.69 30.51
CA TYR B 325 -23.31 -31.99 31.80
C TYR B 325 -24.29 -33.16 31.66
N PRO B 326 -24.38 -33.99 32.71
CA PRO B 326 -25.29 -35.14 32.71
C PRO B 326 -26.75 -34.71 32.74
N MET B 327 -27.64 -35.54 32.19
CA MET B 327 -29.07 -35.22 32.13
C MET B 327 -29.71 -35.29 33.50
N TRP B 328 -29.21 -36.17 34.36
CA TRP B 328 -29.79 -36.37 35.69
C TRP B 328 -29.34 -35.30 36.69
N HIS B 329 -28.66 -34.26 36.19
CA HIS B 329 -28.25 -33.15 37.03
C HIS B 329 -29.46 -32.41 37.57
N LEU B 330 -29.33 -31.81 38.75
CA LEU B 330 -30.45 -31.16 39.41
C LEU B 330 -30.90 -29.89 38.68
N GLU B 331 -29.95 -29.17 38.12
CA GLU B 331 -30.24 -27.91 37.43
C GLU B 331 -30.39 -28.12 35.92
N VAL B 332 -30.67 -29.35 35.51
CA VAL B 332 -30.73 -29.68 34.08
C VAL B 332 -31.84 -28.92 33.35
N GLU B 333 -32.89 -28.55 34.08
CA GLU B 333 -34.00 -27.81 33.48
C GLU B 333 -33.58 -26.37 33.22
N SER B 334 -32.56 -25.91 33.95
CA SER B 334 -32.06 -24.55 33.82
C SER B 334 -30.94 -24.46 32.80
N LEU B 335 -30.22 -25.57 32.61
CA LEU B 335 -29.07 -25.59 31.71
C LEU B 335 -29.47 -25.78 30.24
N LEU B 336 -30.61 -26.40 30.01
CA LEU B 336 -31.08 -26.67 28.65
C LEU B 336 -31.56 -25.40 27.96
N VAL B 337 -31.98 -24.41 28.74
CA VAL B 337 -32.54 -23.19 28.18
C VAL B 337 -31.59 -22.01 28.28
N LEU B 338 -30.29 -22.28 28.17
CA LEU B 338 -29.28 -21.24 28.30
C LEU B 338 -29.01 -20.50 26.99
N LYS B 339 -29.43 -21.08 25.87
CA LYS B 339 -29.07 -20.54 24.56
C LYS B 339 -30.19 -19.78 23.84
N ASN B 340 -31.44 -20.01 24.24
CA ASN B 340 -32.56 -19.35 23.56
C ASN B 340 -32.50 -17.84 23.74
N ASN B 341 -32.98 -17.10 22.74
CA ASN B 341 -32.87 -15.65 22.74
C ASN B 341 -33.75 -14.93 23.75
N ARG B 342 -34.79 -15.59 24.24
CA ARG B 342 -35.68 -14.97 25.22
C ARG B 342 -35.08 -15.01 26.63
N GLY B 343 -35.83 -14.49 27.59
CA GLY B 343 -35.38 -14.48 28.97
C GLY B 343 -34.37 -13.38 29.24
N VAL B 344 -33.92 -13.28 30.49
CA VAL B 344 -32.96 -12.26 30.88
C VAL B 344 -31.53 -12.79 30.93
N GLU B 345 -30.57 -11.90 31.11
CA GLU B 345 -29.16 -12.27 31.12
C GLU B 345 -28.82 -13.11 32.36
N GLY B 346 -29.65 -13.01 33.39
CA GLY B 346 -29.41 -13.71 34.63
C GLY B 346 -29.47 -15.22 34.48
N ASN B 347 -30.28 -15.68 33.53
CA ASN B 347 -30.44 -17.11 33.28
C ASN B 347 -30.13 -17.50 31.85
N ARG B 348 -29.18 -16.79 31.24
CA ARG B 348 -28.78 -17.08 29.86
C ARG B 348 -27.27 -17.02 29.66
N VAL B 349 -26.72 -18.07 29.07
CA VAL B 349 -25.31 -18.09 28.65
C VAL B 349 -25.26 -18.56 27.20
N ARG B 350 -25.41 -17.60 26.28
CA ARG B 350 -25.71 -17.91 24.88
C ARG B 350 -24.50 -18.20 24.00
N HIS B 351 -23.34 -17.67 24.35
CA HIS B 351 -22.19 -17.73 23.45
C HIS B 351 -21.35 -19.00 23.62
N MET B 352 -21.97 -20.06 24.13
CA MET B 352 -21.32 -21.36 24.22
C MET B 352 -22.28 -22.48 23.82
N ASP B 353 -21.73 -23.61 23.39
CA ASP B 353 -22.55 -24.76 23.02
C ASP B 353 -22.63 -25.75 24.17
N TYR B 354 -23.64 -26.61 24.15
CA TYR B 354 -23.85 -27.55 25.25
C TYR B 354 -24.15 -28.97 24.76
N GLY B 355 -23.68 -29.96 25.52
CA GLY B 355 -23.91 -31.35 25.20
C GLY B 355 -24.46 -32.14 26.38
N VAL B 356 -25.68 -32.65 26.24
CA VAL B 356 -26.31 -33.43 27.30
C VAL B 356 -25.83 -34.88 27.26
N GLN B 357 -25.40 -35.38 28.41
CA GLN B 357 -24.88 -36.74 28.51
C GLN B 357 -25.99 -37.71 28.93
N ILE B 358 -26.23 -38.71 28.08
CA ILE B 358 -27.32 -39.66 28.30
C ILE B 358 -26.82 -41.11 28.31
N ASN B 359 -27.44 -41.96 29.12
CA ASN B 359 -27.11 -43.38 29.13
C ASN B 359 -28.36 -44.24 28.93
N LYS B 360 -28.20 -45.56 29.11
CA LYS B 360 -29.27 -46.51 28.84
C LYS B 360 -30.49 -46.30 29.73
N LEU B 361 -30.26 -46.07 31.01
CA LEU B 361 -31.34 -45.96 32.00
C LEU B 361 -32.27 -44.78 31.69
N MET B 362 -31.71 -43.72 31.14
CA MET B 362 -32.50 -42.54 30.79
C MET B 362 -33.47 -42.84 29.66
N TYR B 363 -32.98 -43.54 28.63
CA TYR B 363 -33.82 -43.92 27.50
C TYR B 363 -34.89 -44.93 27.89
N THR B 364 -34.57 -45.77 28.88
CA THR B 364 -35.49 -46.78 29.37
C THR B 364 -36.71 -46.12 30.01
N ARG B 365 -36.47 -45.08 30.81
CA ARG B 365 -37.54 -44.34 31.46
C ARG B 365 -38.39 -43.61 30.42
N LEU B 366 -37.78 -43.26 29.30
CA LEU B 366 -38.48 -42.59 28.22
C LEU B 366 -39.43 -43.55 27.51
N LEU B 367 -38.96 -44.75 27.24
CA LEU B 367 -39.76 -45.76 26.56
C LEU B 367 -40.90 -46.26 27.45
N LYS B 368 -40.60 -46.45 28.73
CA LYS B 368 -41.61 -46.91 29.68
C LYS B 368 -42.54 -45.77 30.10
N GLY B 369 -42.17 -44.55 29.74
CA GLY B 369 -42.97 -43.38 30.07
C GLY B 369 -42.99 -43.10 31.55
N GLU B 370 -41.91 -43.46 32.24
CA GLU B 370 -41.80 -43.27 33.67
C GLU B 370 -41.21 -41.90 34.00
N ASP B 371 -40.59 -41.79 35.17
CA ASP B 371 -40.02 -40.54 35.62
C ASP B 371 -38.50 -40.58 35.66
N ILE B 372 -37.88 -39.41 35.61
CA ILE B 372 -36.44 -39.28 35.78
C ILE B 372 -36.16 -38.43 37.02
N THR B 373 -35.40 -38.97 37.96
CA THR B 373 -35.11 -38.26 39.19
C THR B 373 -33.83 -37.46 39.05
N LEU B 374 -33.88 -36.19 39.45
CA LEU B 374 -32.72 -35.30 39.35
C LEU B 374 -31.95 -35.25 40.65
N PHE B 375 -30.63 -35.44 40.56
CA PHE B 375 -29.77 -35.42 41.72
C PHE B 375 -28.62 -34.44 41.56
N SER B 376 -28.10 -33.97 42.68
CA SER B 376 -26.86 -33.19 42.68
C SER B 376 -25.69 -34.14 42.91
N PRO B 377 -24.65 -34.05 42.07
CA PRO B 377 -23.51 -34.97 42.12
C PRO B 377 -22.78 -34.99 43.46
N SER B 378 -23.07 -34.00 44.31
CA SER B 378 -22.46 -33.92 45.63
C SER B 378 -23.29 -34.67 46.68
N ASP B 379 -24.52 -35.01 46.30
CA ASP B 379 -25.44 -35.67 47.23
C ASP B 379 -25.55 -37.16 46.94
N VAL B 380 -25.00 -37.60 45.81
CA VAL B 380 -25.09 -39.00 45.42
C VAL B 380 -23.70 -39.62 45.21
N PRO B 381 -23.13 -40.20 46.27
CA PRO B 381 -21.78 -40.77 46.30
C PRO B 381 -21.55 -41.88 45.27
N GLY B 382 -20.57 -41.69 44.39
CA GLY B 382 -20.20 -42.71 43.43
C GLY B 382 -21.14 -42.84 42.25
N LEU B 383 -22.24 -42.11 42.30
CA LEU B 383 -23.25 -42.16 41.23
C LEU B 383 -22.71 -41.55 39.94
N TYR B 384 -21.90 -40.50 40.07
CA TYR B 384 -21.34 -39.83 38.91
C TYR B 384 -20.29 -40.69 38.22
N ASP B 385 -19.44 -41.33 39.01
CA ASP B 385 -18.38 -42.17 38.48
C ASP B 385 -18.94 -43.40 37.75
N ALA B 386 -19.96 -44.01 38.34
CA ALA B 386 -20.58 -45.20 37.77
C ALA B 386 -21.32 -44.87 36.48
N PHE B 387 -21.73 -43.60 36.34
CA PHE B 387 -22.48 -43.14 35.19
C PHE B 387 -21.70 -43.31 33.87
N PHE B 388 -20.38 -43.38 33.98
CA PHE B 388 -19.55 -43.52 32.79
C PHE B 388 -18.91 -44.91 32.68
N ALA B 389 -18.55 -45.49 33.81
CA ALA B 389 -17.74 -46.71 33.81
C ALA B 389 -18.56 -48.00 33.91
N ASP B 390 -19.65 -47.97 34.67
CA ASP B 390 -20.43 -49.18 34.92
C ASP B 390 -21.93 -48.89 34.92
N GLN B 391 -22.59 -49.27 33.83
CA GLN B 391 -24.03 -49.06 33.71
C GLN B 391 -24.82 -49.95 34.67
N GLU B 392 -24.25 -51.10 35.00
CA GLU B 392 -24.89 -52.02 35.94
C GLU B 392 -24.86 -51.43 37.35
N GLU B 393 -23.69 -50.91 37.73
CA GLU B 393 -23.52 -50.28 39.04
C GLU B 393 -24.33 -49.00 39.15
N PHE B 394 -24.49 -48.31 38.02
CA PHE B 394 -25.25 -47.06 37.98
C PHE B 394 -26.72 -47.29 38.30
N GLU B 395 -27.33 -48.27 37.63
CA GLU B 395 -28.74 -48.57 37.83
C GLU B 395 -28.99 -48.99 39.27
N ARG B 396 -27.99 -49.63 39.89
CA ARG B 396 -28.08 -50.03 41.28
C ARG B 396 -28.09 -48.81 42.19
N LEU B 397 -27.14 -47.90 41.97
CA LEU B 397 -27.02 -46.70 42.79
C LEU B 397 -28.16 -45.72 42.52
N TYR B 398 -28.59 -45.63 41.27
CA TYR B 398 -29.65 -44.71 40.88
C TYR B 398 -30.97 -45.09 41.56
N THR B 399 -31.31 -46.36 41.51
CA THR B 399 -32.54 -46.84 42.13
C THR B 399 -32.44 -46.82 43.66
N LYS B 400 -31.22 -46.96 44.18
CA LYS B 400 -31.00 -46.92 45.62
C LYS B 400 -31.29 -45.53 46.17
N TYR B 401 -30.81 -44.51 45.46
CA TYR B 401 -30.96 -43.12 45.90
C TYR B 401 -32.35 -42.58 45.60
N GLU B 402 -33.07 -43.21 44.68
CA GLU B 402 -34.43 -42.82 44.37
C GLU B 402 -35.38 -43.14 45.52
N LYS B 403 -35.11 -44.25 46.20
CA LYS B 403 -35.95 -44.69 47.31
C LYS B 403 -35.54 -44.05 48.64
N ASP B 404 -34.41 -43.35 48.62
CA ASP B 404 -33.93 -42.65 49.82
C ASP B 404 -34.58 -41.26 49.90
N ASP B 405 -35.10 -40.93 51.07
CA ASP B 405 -35.79 -39.66 51.25
C ASP B 405 -34.89 -38.62 51.91
N SER B 406 -33.73 -39.05 52.39
CA SER B 406 -32.79 -38.14 53.03
C SER B 406 -31.99 -37.36 51.99
N ILE B 407 -31.91 -37.90 50.78
CA ILE B 407 -31.18 -37.26 49.69
C ILE B 407 -32.08 -36.30 48.93
N ARG B 408 -31.62 -35.05 48.79
CA ARG B 408 -32.40 -34.05 48.07
C ARG B 408 -32.52 -34.42 46.60
N LYS B 409 -33.74 -34.38 46.08
CA LYS B 409 -34.01 -34.81 44.72
C LYS B 409 -35.18 -34.04 44.10
N GLN B 410 -35.39 -34.24 42.81
CA GLN B 410 -36.53 -33.66 42.10
C GLN B 410 -37.02 -34.61 41.02
N ARG B 411 -38.35 -34.76 40.96
CA ARG B 411 -38.96 -35.69 40.01
C ARG B 411 -39.44 -34.98 38.75
N VAL B 412 -39.07 -35.51 37.59
CA VAL B 412 -39.57 -35.00 36.33
C VAL B 412 -39.85 -36.15 35.37
N LYS B 413 -40.94 -36.04 34.62
CA LYS B 413 -41.32 -37.09 33.67
C LYS B 413 -40.34 -37.16 32.50
N ALA B 414 -39.95 -38.39 32.17
CA ALA B 414 -38.95 -38.62 31.12
C ALA B 414 -39.39 -38.07 29.77
N VAL B 415 -40.68 -38.13 29.49
CA VAL B 415 -41.22 -37.63 28.22
C VAL B 415 -41.07 -36.12 28.14
N GLU B 416 -41.30 -35.44 29.27
CA GLU B 416 -41.20 -33.98 29.32
C GLU B 416 -39.75 -33.51 29.25
N LEU B 417 -38.86 -34.23 29.92
CA LEU B 417 -37.45 -33.86 29.98
C LEU B 417 -36.79 -34.00 28.62
N PHE B 418 -37.01 -35.12 27.95
CA PHE B 418 -36.46 -35.33 26.61
C PHE B 418 -37.04 -34.37 25.59
N SER B 419 -38.31 -34.00 25.79
CA SER B 419 -38.98 -33.05 24.90
C SER B 419 -38.36 -31.67 25.00
N LEU B 420 -38.01 -31.26 26.21
CA LEU B 420 -37.40 -29.95 26.44
C LEU B 420 -36.02 -29.87 25.78
N MET B 421 -35.27 -30.95 25.87
CA MET B 421 -33.94 -31.01 25.27
C MET B 421 -34.00 -30.89 23.75
N MET B 422 -34.84 -31.70 23.13
CA MET B 422 -34.96 -31.70 21.67
C MET B 422 -35.61 -30.41 21.16
N GLN B 423 -36.41 -29.78 22.01
CA GLN B 423 -37.05 -28.52 21.67
C GLN B 423 -36.01 -27.40 21.51
N GLU B 424 -35.08 -27.34 22.47
CA GLU B 424 -34.02 -26.35 22.43
C GLU B 424 -33.00 -26.70 21.37
N ARG B 425 -32.85 -27.99 21.10
CA ARG B 425 -31.96 -28.46 20.04
C ARG B 425 -32.51 -28.07 18.67
N ALA B 426 -33.83 -28.01 18.57
CA ALA B 426 -34.49 -27.65 17.32
C ALA B 426 -34.37 -26.16 17.01
N SER B 427 -34.55 -25.34 18.04
CA SER B 427 -34.56 -23.89 17.87
C SER B 427 -33.17 -23.32 17.66
N THR B 428 -32.21 -23.79 18.45
CA THR B 428 -30.85 -23.26 18.39
C THR B 428 -29.99 -24.08 17.43
N GLY B 429 -30.08 -25.39 17.52
CA GLY B 429 -29.29 -26.27 16.69
C GLY B 429 -27.90 -26.50 17.23
N ARG B 430 -27.66 -26.04 18.46
CA ARG B 430 -26.34 -26.15 19.06
C ARG B 430 -26.39 -26.88 20.41
N ILE B 431 -27.47 -27.62 20.63
CA ILE B 431 -27.59 -28.48 21.81
C ILE B 431 -27.33 -29.92 21.43
N TYR B 432 -26.20 -30.46 21.87
CA TYR B 432 -25.71 -31.76 21.39
C TYR B 432 -26.05 -32.91 22.35
N ILE B 433 -25.88 -34.14 21.86
CA ILE B 433 -26.17 -35.33 22.64
C ILE B 433 -24.99 -36.31 22.63
N GLN B 434 -24.57 -36.75 23.81
CA GLN B 434 -23.50 -37.73 23.93
C GLN B 434 -23.93 -38.97 24.74
N ASN B 435 -23.99 -40.11 24.08
CA ASN B 435 -24.31 -41.36 24.76
C ASN B 435 -23.08 -41.94 25.46
N VAL B 436 -22.97 -41.66 26.76
CA VAL B 436 -21.77 -41.98 27.50
C VAL B 436 -21.54 -43.48 27.71
N ASP B 437 -22.62 -44.25 27.69
CA ASP B 437 -22.50 -45.69 27.89
C ASP B 437 -21.86 -46.37 26.69
N HIS B 438 -22.21 -45.89 25.50
CA HIS B 438 -21.61 -46.39 24.27
C HIS B 438 -20.16 -45.92 24.14
N CYS B 439 -19.83 -44.82 24.83
CA CYS B 439 -18.49 -44.25 24.76
C CYS B 439 -17.50 -44.98 25.66
N ASN B 440 -17.98 -45.98 26.40
CA ASN B 440 -17.12 -46.75 27.29
C ASN B 440 -17.23 -48.25 27.06
N THR B 441 -18.40 -48.70 26.64
CA THR B 441 -18.60 -50.11 26.31
C THR B 441 -17.93 -50.40 24.96
N HIS B 442 -17.93 -49.42 24.09
CA HIS B 442 -17.26 -49.52 22.80
C HIS B 442 -16.12 -48.49 22.73
N SER B 443 -15.08 -48.73 23.50
CA SER B 443 -13.99 -47.77 23.65
C SER B 443 -12.63 -48.44 23.69
N PRO B 444 -11.60 -47.76 23.17
CA PRO B 444 -10.23 -48.27 23.24
C PRO B 444 -9.60 -48.09 24.62
N PHE B 445 -10.38 -47.59 25.58
CA PHE B 445 -9.87 -47.35 26.92
C PHE B 445 -10.60 -48.19 27.97
N ASP B 446 -9.89 -48.53 29.03
CA ASP B 446 -10.48 -49.25 30.16
C ASP B 446 -11.21 -48.28 31.07
N PRO B 447 -12.53 -48.42 31.17
CA PRO B 447 -13.37 -47.53 31.99
C PRO B 447 -13.00 -47.56 33.47
N ALA B 448 -12.30 -48.61 33.89
CA ALA B 448 -11.90 -48.75 35.29
C ALA B 448 -10.61 -47.98 35.58
N ILE B 449 -9.83 -47.72 34.53
CA ILE B 449 -8.55 -47.03 34.71
C ILE B 449 -8.60 -45.60 34.16
N ALA B 450 -9.13 -45.46 32.95
CA ALA B 450 -9.22 -44.15 32.32
C ALA B 450 -10.48 -44.02 31.47
N PRO B 451 -11.61 -43.71 32.13
CA PRO B 451 -12.90 -43.61 31.43
C PRO B 451 -13.05 -42.30 30.66
N VAL B 452 -13.92 -42.30 29.65
CA VAL B 452 -14.23 -41.11 28.89
C VAL B 452 -15.49 -40.44 29.44
N ARG B 453 -15.35 -39.20 29.90
CA ARG B 453 -16.47 -38.50 30.54
C ARG B 453 -16.94 -37.28 29.76
N GLN B 454 -16.30 -37.00 28.62
CA GLN B 454 -16.65 -35.79 27.87
C GLN B 454 -16.22 -35.88 26.40
N SER B 455 -16.34 -34.76 25.70
CA SER B 455 -15.91 -34.66 24.32
C SER B 455 -15.35 -33.27 24.03
N ASN B 456 -15.28 -32.90 22.75
CA ASN B 456 -14.73 -31.60 22.36
C ASN B 456 -15.76 -30.68 21.74
N LEU B 457 -15.28 -29.71 20.96
CA LEU B 457 -16.15 -28.71 20.35
C LEU B 457 -17.07 -29.31 19.29
N CYS B 458 -16.52 -30.16 18.43
CA CYS B 458 -17.29 -30.73 17.33
C CYS B 458 -17.76 -32.15 17.62
N LEU B 459 -17.49 -32.60 18.84
CA LEU B 459 -17.95 -33.91 19.32
C LEU B 459 -17.49 -35.09 18.47
N GLU B 460 -16.20 -35.13 18.15
CA GLU B 460 -15.63 -36.27 17.44
C GLU B 460 -14.50 -36.86 18.27
N ILE B 461 -14.14 -36.17 19.33
CA ILE B 461 -13.04 -36.60 20.19
C ILE B 461 -13.55 -37.17 21.51
N ALA B 462 -13.08 -38.36 21.86
CA ALA B 462 -13.45 -39.00 23.11
C ALA B 462 -12.21 -39.53 23.84
N LEU B 463 -11.66 -38.71 24.71
CA LEU B 463 -10.42 -39.04 25.40
C LEU B 463 -10.56 -38.90 26.92
N PRO B 464 -9.81 -39.72 27.68
CA PRO B 464 -9.81 -39.64 29.13
C PRO B 464 -9.27 -38.31 29.65
N THR B 465 -9.87 -37.81 30.73
CA THR B 465 -9.45 -36.54 31.31
C THR B 465 -9.42 -36.60 32.83
N LYS B 466 -8.62 -35.75 33.44
CA LYS B 466 -8.52 -35.65 34.89
C LYS B 466 -8.48 -34.19 35.32
N PRO B 467 -9.33 -33.82 36.29
CA PRO B 467 -9.43 -32.42 36.73
C PRO B 467 -8.14 -31.91 37.36
N LEU B 468 -7.92 -30.60 37.26
CA LEU B 468 -6.72 -29.97 37.79
C LEU B 468 -7.04 -29.21 39.08
N ASN B 469 -6.08 -29.19 40.01
CA ASN B 469 -6.21 -28.40 41.22
C ASN B 469 -5.41 -27.10 41.10
N ASP B 470 -4.66 -26.99 40.02
CA ASP B 470 -3.89 -25.79 39.70
C ASP B 470 -3.59 -25.76 38.22
N VAL B 471 -3.32 -24.57 37.69
CA VAL B 471 -3.04 -24.41 36.25
C VAL B 471 -1.78 -25.16 35.85
N ASN B 472 -0.86 -25.34 36.79
CA ASN B 472 0.39 -26.05 36.52
C ASN B 472 0.46 -27.38 37.25
N ASP B 473 -0.70 -27.97 37.52
CA ASP B 473 -0.75 -29.27 38.19
C ASP B 473 -0.23 -30.37 37.28
N GLU B 474 0.64 -31.22 37.81
CA GLU B 474 1.23 -32.30 37.04
C GLU B 474 0.48 -33.62 37.25
N ASN B 475 -0.60 -33.56 38.04
CA ASN B 475 -1.41 -34.75 38.29
C ASN B 475 -2.67 -34.75 37.44
N GLY B 476 -3.04 -33.57 36.93
CA GLY B 476 -4.20 -33.44 36.08
C GLY B 476 -3.90 -33.93 34.68
N GLU B 477 -4.94 -34.13 33.88
CA GLU B 477 -4.76 -34.60 32.51
C GLU B 477 -5.69 -33.87 31.54
N ILE B 478 -5.10 -33.02 30.70
CA ILE B 478 -5.86 -32.33 29.67
C ILE B 478 -5.67 -33.04 28.33
N ALA B 479 -6.78 -33.48 27.74
CA ALA B 479 -6.73 -34.29 26.52
C ALA B 479 -6.51 -33.44 25.27
N LEU B 480 -5.44 -33.75 24.54
CA LEU B 480 -5.17 -33.13 23.25
C LEU B 480 -5.24 -34.18 22.16
N CYS B 481 -5.45 -33.74 20.92
CA CYS B 481 -5.55 -34.67 19.80
C CYS B 481 -5.15 -34.02 18.48
N THR B 482 -4.29 -34.70 17.73
CA THR B 482 -3.85 -34.21 16.43
C THR B 482 -4.71 -34.81 15.32
N LEU B 483 -5.18 -33.96 14.41
CA LEU B 483 -6.14 -34.38 13.40
C LEU B 483 -5.53 -34.59 12.02
N SER B 484 -6.26 -35.30 11.17
CA SER B 484 -5.92 -35.53 9.77
C SER B 484 -7.11 -36.16 9.07
N ALA B 485 -6.98 -36.39 7.76
CA ALA B 485 -8.10 -36.96 7.01
C ALA B 485 -7.64 -37.68 5.75
N PHE B 486 -8.29 -38.79 5.44
CA PHE B 486 -8.06 -39.50 4.18
C PHE B 486 -9.03 -39.02 3.12
N ASN B 487 -8.54 -38.83 1.90
CA ASN B 487 -9.39 -38.46 0.79
C ASN B 487 -9.81 -39.69 0.00
N LEU B 488 -11.06 -40.11 0.19
CA LEU B 488 -11.57 -41.32 -0.44
C LEU B 488 -11.72 -41.18 -1.95
N GLY B 489 -11.77 -39.94 -2.42
CA GLY B 489 -11.92 -39.67 -3.84
C GLY B 489 -10.60 -39.67 -4.58
N ALA B 490 -9.50 -39.75 -3.84
CA ALA B 490 -8.16 -39.71 -4.44
C ALA B 490 -7.54 -41.10 -4.53
N ILE B 491 -8.21 -42.09 -3.94
CA ILE B 491 -7.74 -43.46 -4.00
C ILE B 491 -8.56 -44.29 -4.98
N ASN B 492 -7.92 -45.26 -5.62
CA ASN B 492 -8.60 -46.12 -6.57
C ASN B 492 -9.09 -47.42 -5.92
N ASN B 493 -8.41 -47.82 -4.85
CA ASN B 493 -8.80 -49.01 -4.09
C ASN B 493 -8.44 -48.88 -2.61
N LEU B 494 -8.98 -49.78 -1.80
CA LEU B 494 -8.81 -49.72 -0.36
C LEU B 494 -7.43 -50.18 0.10
N ASP B 495 -6.70 -50.87 -0.77
CA ASP B 495 -5.39 -51.41 -0.42
C ASP B 495 -4.31 -50.34 -0.47
N GLU B 496 -4.66 -49.15 -0.97
CA GLU B 496 -3.75 -48.01 -0.95
C GLU B 496 -3.62 -47.43 0.45
N LEU B 497 -4.59 -47.76 1.30
CA LEU B 497 -4.62 -47.24 2.67
C LEU B 497 -3.47 -47.77 3.50
N GLU B 498 -2.93 -48.93 3.13
CA GLU B 498 -1.82 -49.52 3.86
C GLU B 498 -0.61 -48.60 3.82
N GLU B 499 -0.35 -48.03 2.64
CA GLU B 499 0.75 -47.09 2.47
C GLU B 499 0.43 -45.75 3.13
N LEU B 500 -0.81 -45.29 2.94
CA LEU B 500 -1.24 -43.99 3.48
C LEU B 500 -1.29 -43.97 5.00
N ALA B 501 -1.63 -45.11 5.60
CA ALA B 501 -1.72 -45.21 7.05
C ALA B 501 -0.34 -45.04 7.69
N ILE B 502 0.65 -45.71 7.10
CA ILE B 502 2.02 -45.64 7.59
C ILE B 502 2.53 -44.19 7.53
N LEU B 503 2.19 -43.50 6.46
CA LEU B 503 2.60 -42.11 6.28
C LEU B 503 1.89 -41.18 7.25
N ALA B 504 0.59 -41.39 7.42
CA ALA B 504 -0.23 -40.52 8.26
C ALA B 504 0.14 -40.65 9.74
N VAL B 505 0.22 -41.88 10.22
CA VAL B 505 0.50 -42.14 11.63
C VAL B 505 1.90 -41.65 12.03
N ARG B 506 2.90 -42.00 11.23
CA ARG B 506 4.28 -41.63 11.53
C ARG B 506 4.50 -40.12 11.52
N ALA B 507 3.77 -39.43 10.65
CA ALA B 507 3.89 -37.97 10.53
C ALA B 507 3.30 -37.26 11.74
N LEU B 508 2.07 -37.62 12.09
CA LEU B 508 1.37 -37.00 13.21
C LEU B 508 2.05 -37.32 14.53
N ASP B 509 2.57 -38.53 14.66
CA ASP B 509 3.25 -38.96 15.87
C ASP B 509 4.52 -38.16 16.09
N ALA B 510 5.16 -37.76 14.98
CA ALA B 510 6.36 -36.95 15.05
C ALA B 510 6.02 -35.51 15.45
N LEU B 511 4.82 -35.07 15.09
CA LEU B 511 4.36 -33.73 15.41
C LEU B 511 4.15 -33.55 16.91
N LEU B 512 3.79 -34.64 17.58
CA LEU B 512 3.55 -34.60 19.03
C LEU B 512 4.80 -34.19 19.79
N ASP B 513 5.97 -34.59 19.29
CA ASP B 513 7.24 -34.22 19.91
C ASP B 513 7.77 -32.93 19.31
N TYR B 514 7.07 -32.42 18.30
CA TYR B 514 7.47 -31.21 17.61
C TYR B 514 6.79 -29.97 18.20
N GLN B 515 5.50 -30.10 18.51
CA GLN B 515 4.71 -28.99 19.03
C GLN B 515 5.03 -28.73 20.50
N ASP B 516 4.60 -27.55 20.98
CA ASP B 516 4.82 -27.18 22.37
C ASP B 516 3.56 -27.34 23.20
N TYR B 517 3.70 -27.32 24.51
CA TYR B 517 2.58 -27.47 25.43
C TYR B 517 2.63 -26.41 26.53
N PRO B 518 1.67 -25.48 26.51
CA PRO B 518 1.62 -24.38 27.48
C PRO B 518 1.19 -24.83 28.87
N ILE B 519 0.65 -26.04 28.97
CA ILE B 519 0.17 -26.57 30.24
C ILE B 519 0.78 -27.94 30.52
N PRO B 520 1.42 -28.10 31.69
CA PRO B 520 2.06 -29.35 32.10
C PRO B 520 1.11 -30.54 32.08
N ALA B 521 -0.14 -30.31 32.47
CA ALA B 521 -1.14 -31.37 32.51
C ALA B 521 -1.51 -31.84 31.11
N ALA B 522 -1.44 -30.93 30.14
CA ALA B 522 -1.75 -31.25 28.76
C ALA B 522 -0.64 -32.08 28.11
N LYS B 523 0.60 -31.78 28.48
CA LYS B 523 1.76 -32.51 27.95
C LYS B 523 1.75 -33.95 28.44
N ARG B 524 1.25 -34.15 29.65
CA ARG B 524 1.16 -35.49 30.25
C ARG B 524 0.25 -36.40 29.43
N GLY B 525 -0.90 -35.87 29.02
CA GLY B 525 -1.85 -36.62 28.23
C GLY B 525 -1.36 -36.88 26.83
N ALA B 526 -0.65 -35.92 26.27
CA ALA B 526 -0.14 -36.03 24.90
C ALA B 526 1.02 -37.02 24.81
N MET B 527 1.95 -36.94 25.76
CA MET B 527 3.11 -37.82 25.76
C MET B 527 2.76 -39.20 26.30
N GLY B 528 1.73 -39.27 27.12
CA GLY B 528 1.35 -40.51 27.78
C GLY B 528 0.62 -41.48 26.87
N ARG B 529 -0.37 -40.96 26.14
CA ARG B 529 -1.19 -41.81 25.28
C ARG B 529 -0.88 -41.64 23.80
N ARG B 530 -0.39 -40.44 23.44
CA ARG B 530 -0.08 -40.11 22.05
C ARG B 530 -1.29 -40.35 21.14
N THR B 531 -2.40 -39.71 21.49
CA THR B 531 -3.66 -39.92 20.78
C THR B 531 -3.70 -39.20 19.43
N LEU B 532 -4.18 -39.91 18.42
CA LEU B 532 -4.36 -39.33 17.10
C LEU B 532 -5.82 -39.44 16.67
N GLY B 533 -6.22 -38.58 15.73
CA GLY B 533 -7.59 -38.59 15.23
C GLY B 533 -7.65 -38.35 13.74
N ILE B 534 -7.60 -39.43 12.97
CA ILE B 534 -7.64 -39.33 11.52
C ILE B 534 -9.03 -39.65 10.98
N GLY B 535 -9.54 -38.79 10.11
CA GLY B 535 -10.87 -38.96 9.55
C GLY B 535 -10.89 -39.14 8.05
N VAL B 536 -12.03 -38.83 7.44
CA VAL B 536 -12.19 -38.96 6.00
C VAL B 536 -12.94 -37.78 5.39
N ILE B 537 -12.66 -37.50 4.12
CA ILE B 537 -13.39 -36.50 3.36
C ILE B 537 -13.84 -37.09 2.03
N ASN B 538 -14.65 -36.32 1.29
CA ASN B 538 -15.16 -36.75 -0.01
C ASN B 538 -15.91 -38.07 0.05
N PHE B 539 -16.70 -38.27 1.11
CA PHE B 539 -17.45 -39.51 1.28
C PHE B 539 -18.65 -39.54 0.34
N ALA B 540 -19.24 -38.37 0.10
CA ALA B 540 -20.39 -38.27 -0.80
C ALA B 540 -19.98 -38.62 -2.23
N TYR B 541 -18.82 -38.12 -2.65
CA TYR B 541 -18.28 -38.44 -3.97
C TYR B 541 -17.83 -39.89 -4.04
N TYR B 542 -17.42 -40.43 -2.89
CA TYR B 542 -16.98 -41.81 -2.82
C TYR B 542 -18.15 -42.78 -3.06
N LEU B 543 -19.33 -42.38 -2.59
CA LEU B 543 -20.53 -43.19 -2.80
C LEU B 543 -21.04 -43.05 -4.23
N ALA B 544 -20.84 -41.88 -4.82
CA ALA B 544 -21.29 -41.62 -6.18
C ALA B 544 -20.52 -42.44 -7.19
N LYS B 545 -19.23 -42.65 -6.94
CA LYS B 545 -18.40 -43.44 -7.84
C LYS B 545 -18.81 -44.91 -7.85
N HIS B 546 -19.30 -45.38 -6.69
CA HIS B 546 -19.71 -46.77 -6.55
C HIS B 546 -21.22 -46.92 -6.72
N GLY B 547 -21.88 -45.81 -7.07
CA GLY B 547 -23.30 -45.82 -7.35
C GLY B 547 -24.18 -46.14 -6.17
N LYS B 548 -23.80 -45.63 -5.00
CA LYS B 548 -24.57 -45.85 -3.77
C LYS B 548 -25.21 -44.55 -3.29
N ARG B 549 -26.11 -44.66 -2.31
CA ARG B 549 -26.79 -43.49 -1.76
C ARG B 549 -26.86 -43.54 -0.24
N TYR B 550 -27.41 -42.49 0.36
CA TYR B 550 -27.48 -42.37 1.82
C TYR B 550 -28.75 -42.99 2.41
N SER B 551 -29.91 -42.63 1.84
CA SER B 551 -31.18 -42.92 2.48
C SER B 551 -31.73 -44.32 2.18
N ASP B 552 -31.23 -44.95 1.13
CA ASP B 552 -31.74 -46.25 0.73
C ASP B 552 -31.01 -47.39 1.47
N GLY B 553 -29.88 -47.06 2.09
CA GLY B 553 -29.12 -48.05 2.83
C GLY B 553 -28.36 -48.99 1.91
N SER B 554 -28.18 -48.59 0.66
CA SER B 554 -27.49 -49.41 -0.33
C SER B 554 -25.97 -49.35 -0.14
N ALA B 555 -25.51 -48.40 0.69
CA ALA B 555 -24.09 -48.21 0.93
C ALA B 555 -23.65 -48.85 2.24
N ASN B 556 -24.56 -49.58 2.89
CA ASN B 556 -24.28 -50.19 4.18
C ASN B 556 -23.12 -51.18 4.14
N ASN B 557 -23.15 -52.10 3.17
CA ASN B 557 -22.09 -53.10 3.03
C ASN B 557 -20.80 -52.48 2.52
N LEU B 558 -20.91 -51.45 1.68
CA LEU B 558 -19.75 -50.74 1.18
C LEU B 558 -19.04 -49.98 2.30
N THR B 559 -19.83 -49.35 3.15
CA THR B 559 -19.31 -48.60 4.29
C THR B 559 -18.53 -49.52 5.23
N HIS B 560 -19.10 -50.68 5.52
CA HIS B 560 -18.47 -51.66 6.40
C HIS B 560 -17.13 -52.14 5.83
N LYS B 561 -17.10 -52.35 4.53
CA LYS B 561 -15.88 -52.78 3.85
C LYS B 561 -14.84 -51.67 3.88
N THR B 562 -15.29 -50.44 3.67
CA THR B 562 -14.39 -49.29 3.57
C THR B 562 -13.70 -48.99 4.89
N PHE B 563 -14.49 -48.76 5.94
CA PHE B 563 -13.94 -48.36 7.23
C PHE B 563 -13.21 -49.48 7.95
N GLU B 564 -13.44 -50.72 7.51
CA GLU B 564 -12.68 -51.84 8.04
C GLU B 564 -11.23 -51.75 7.59
N ALA B 565 -11.05 -51.45 6.31
CA ALA B 565 -9.71 -51.29 5.74
C ALA B 565 -9.01 -50.09 6.36
N ILE B 566 -9.78 -49.07 6.71
CA ILE B 566 -9.25 -47.88 7.35
C ILE B 566 -8.67 -48.21 8.72
N GLN B 567 -9.51 -48.77 9.59
CA GLN B 567 -9.12 -49.09 10.95
C GLN B 567 -8.02 -50.14 11.02
N TYR B 568 -8.10 -51.15 10.16
CA TYR B 568 -7.11 -52.22 10.15
C TYR B 568 -5.72 -51.70 9.82
N TYR B 569 -5.61 -50.94 8.74
CA TYR B 569 -4.33 -50.42 8.29
C TYR B 569 -3.77 -49.36 9.23
N LEU B 570 -4.66 -48.65 9.92
CA LEU B 570 -4.23 -47.67 10.91
C LEU B 570 -3.59 -48.38 12.11
N LEU B 571 -4.29 -49.38 12.63
CA LEU B 571 -3.78 -50.19 13.74
C LEU B 571 -2.49 -50.90 13.32
N LYS B 572 -2.48 -51.40 12.09
CA LYS B 572 -1.33 -52.11 11.54
C LYS B 572 -0.12 -51.18 11.43
N ALA B 573 -0.39 -49.93 11.06
CA ALA B 573 0.67 -48.93 10.94
C ALA B 573 1.23 -48.54 12.31
N SER B 574 0.33 -48.32 13.27
CA SER B 574 0.72 -47.97 14.62
C SER B 574 1.43 -49.11 15.32
N ASN B 575 1.01 -50.34 15.02
CA ASN B 575 1.61 -51.53 15.61
C ASN B 575 3.05 -51.74 15.13
N GLU B 576 3.26 -51.55 13.83
CA GLU B 576 4.59 -51.67 13.26
C GLU B 576 5.49 -50.53 13.74
N LEU B 577 4.86 -49.40 14.05
CA LEU B 577 5.58 -48.26 14.60
C LEU B 577 5.98 -48.53 16.05
N ALA B 578 5.15 -49.31 16.75
CA ALA B 578 5.42 -49.68 18.12
C ALA B 578 6.58 -50.67 18.20
N LYS B 579 6.78 -51.45 17.15
CA LYS B 579 7.91 -52.36 17.08
C LYS B 579 9.21 -51.59 16.93
N GLU B 580 9.11 -50.43 16.27
CA GLU B 580 10.28 -49.63 15.94
C GLU B 580 10.74 -48.71 17.07
N GLN B 581 9.79 -48.02 17.69
CA GLN B 581 10.12 -47.01 18.68
C GLN B 581 9.50 -47.26 20.05
N GLY B 582 8.74 -48.35 20.17
CA GLY B 582 8.12 -48.69 21.44
C GLY B 582 6.70 -48.15 21.55
N ALA B 583 5.86 -48.88 22.28
CA ALA B 583 4.48 -48.46 22.48
C ALA B 583 4.41 -47.27 23.44
N CYS B 584 3.24 -46.63 23.46
CA CYS B 584 3.02 -45.48 24.33
C CYS B 584 3.08 -45.90 25.80
N PRO B 585 3.58 -45.01 26.68
CA PRO B 585 3.74 -45.28 28.11
C PRO B 585 2.46 -45.77 28.79
N TRP B 586 1.33 -45.16 28.45
CA TRP B 586 0.06 -45.50 29.07
C TRP B 586 -0.75 -46.47 28.22
N PHE B 587 -0.08 -47.40 27.56
CA PHE B 587 -0.76 -48.38 26.72
C PHE B 587 -1.49 -49.43 27.55
N ASN B 588 -1.01 -49.65 28.77
CA ASN B 588 -1.61 -50.65 29.65
C ASN B 588 -3.00 -50.24 30.11
N GLU B 589 -3.35 -48.97 29.91
CA GLU B 589 -4.65 -48.46 30.31
C GLU B 589 -5.66 -48.58 29.17
N THR B 590 -5.23 -49.18 28.06
CA THR B 590 -6.09 -49.36 26.91
C THR B 590 -6.68 -50.76 26.87
N THR B 591 -7.74 -50.93 26.09
CA THR B 591 -8.36 -52.25 25.93
C THR B 591 -7.55 -53.11 24.97
N TYR B 592 -6.76 -52.45 24.12
CA TYR B 592 -5.90 -53.15 23.16
C TYR B 592 -4.85 -53.98 23.88
N ALA B 593 -4.42 -53.50 25.04
CA ALA B 593 -3.42 -54.21 25.83
C ALA B 593 -3.98 -55.52 26.37
N LYS B 594 -5.29 -55.57 26.55
CA LYS B 594 -5.96 -56.77 27.05
C LYS B 594 -6.49 -57.59 25.88
N GLY B 595 -6.09 -57.22 24.66
CA GLY B 595 -6.46 -57.95 23.48
C GLY B 595 -7.88 -57.72 23.00
N ILE B 596 -8.42 -56.56 23.29
CA ILE B 596 -9.77 -56.22 22.88
C ILE B 596 -9.75 -55.33 21.64
N LEU B 597 -10.50 -55.73 20.61
CA LEU B 597 -10.56 -54.99 19.36
C LEU B 597 -11.94 -54.36 19.18
N PRO B 598 -12.02 -53.29 18.37
CA PRO B 598 -13.31 -52.64 18.08
C PRO B 598 -14.36 -53.59 17.49
N ILE B 599 -13.90 -54.67 16.87
CA ILE B 599 -14.81 -55.64 16.27
C ILE B 599 -15.42 -56.59 17.31
N ASP B 600 -15.07 -56.39 18.56
CA ASP B 600 -15.55 -57.24 19.65
C ASP B 600 -16.61 -56.55 20.50
N THR B 601 -16.54 -55.23 20.59
CA THR B 601 -17.39 -54.49 21.50
C THR B 601 -18.39 -53.57 20.81
N TYR B 602 -18.57 -53.76 19.50
CA TYR B 602 -19.50 -52.94 18.74
C TYR B 602 -20.94 -53.27 19.08
N LYS B 603 -21.85 -52.34 18.78
CA LYS B 603 -23.27 -52.55 19.02
C LYS B 603 -23.79 -53.68 18.14
N LYS B 604 -24.33 -54.72 18.77
CA LYS B 604 -24.72 -55.93 18.06
C LYS B 604 -25.98 -55.74 17.20
N ASP B 605 -26.61 -54.57 17.31
CA ASP B 605 -27.78 -54.27 16.48
C ASP B 605 -27.38 -53.95 15.05
N LEU B 606 -26.09 -53.73 14.83
CA LEU B 606 -25.56 -53.43 13.50
C LEU B 606 -25.59 -54.65 12.60
N ASP B 607 -25.69 -55.83 13.19
CA ASP B 607 -25.69 -57.08 12.45
C ASP B 607 -26.98 -57.26 11.65
N THR B 608 -28.01 -56.50 12.01
CA THR B 608 -29.29 -56.60 11.32
C THR B 608 -29.36 -55.70 10.10
N ILE B 609 -28.39 -54.81 9.95
CA ILE B 609 -28.38 -53.87 8.83
C ILE B 609 -27.12 -53.99 7.98
N ALA B 610 -26.23 -54.89 8.34
CA ALA B 610 -24.99 -55.10 7.60
C ALA B 610 -24.47 -56.52 7.76
N ASN B 611 -24.19 -57.18 6.64
CA ASN B 611 -23.71 -58.56 6.65
C ASN B 611 -22.38 -58.73 5.93
N GLU B 612 -21.70 -57.61 5.70
CA GLU B 612 -20.40 -57.63 5.03
C GLU B 612 -19.36 -58.29 5.94
N PRO B 613 -18.68 -59.32 5.44
CA PRO B 613 -17.67 -60.05 6.21
C PRO B 613 -16.35 -59.28 6.35
N LEU B 614 -15.53 -59.69 7.30
CA LEU B 614 -14.23 -59.08 7.49
C LEU B 614 -13.25 -59.59 6.43
N HIS B 615 -12.52 -58.67 5.82
CA HIS B 615 -11.64 -59.02 4.71
C HIS B 615 -10.18 -59.07 5.11
N TYR B 616 -9.88 -58.69 6.35
CA TYR B 616 -8.50 -58.65 6.82
C TYR B 616 -8.29 -59.53 8.04
N ASP B 617 -7.04 -59.90 8.29
CA ASP B 617 -6.69 -60.77 9.40
C ASP B 617 -6.61 -59.99 10.71
N TRP B 618 -7.75 -59.86 11.38
CA TRP B 618 -7.81 -59.16 12.65
C TRP B 618 -7.20 -59.99 13.77
N GLU B 619 -7.22 -61.32 13.60
CA GLU B 619 -6.71 -62.22 14.62
C GLU B 619 -5.18 -62.17 14.71
N ALA B 620 -4.53 -62.01 13.57
CA ALA B 620 -3.07 -61.86 13.54
C ALA B 620 -2.66 -60.51 14.09
N LEU B 621 -3.51 -59.50 13.83
CA LEU B 621 -3.27 -58.16 14.34
C LEU B 621 -3.46 -58.11 15.85
N ARG B 622 -4.42 -58.89 16.35
CA ARG B 622 -4.72 -58.95 17.77
C ARG B 622 -3.52 -59.44 18.57
N GLU B 623 -2.87 -60.49 18.09
CA GLU B 623 -1.71 -61.05 18.76
C GLU B 623 -0.49 -60.19 18.58
N SER B 624 -0.48 -59.38 17.52
CA SER B 624 0.63 -58.47 17.27
C SER B 624 0.55 -57.26 18.19
N ILE B 625 -0.67 -56.85 18.51
CA ILE B 625 -0.88 -55.72 19.42
C ILE B 625 -0.66 -56.15 20.87
N LYS B 626 -1.14 -57.34 21.22
CA LYS B 626 -0.95 -57.87 22.57
C LYS B 626 0.52 -58.02 22.92
N THR B 627 1.34 -58.26 21.91
CA THR B 627 2.76 -58.50 22.11
C THR B 627 3.59 -57.22 22.11
N HIS B 628 3.44 -56.41 21.07
CA HIS B 628 4.29 -55.24 20.87
C HIS B 628 3.59 -53.94 21.26
N GLY B 629 2.26 -53.92 21.20
CA GLY B 629 1.49 -52.75 21.58
C GLY B 629 1.23 -51.78 20.45
N LEU B 630 0.69 -50.62 20.80
CA LEU B 630 0.40 -49.56 19.83
C LEU B 630 1.15 -48.28 20.19
N ARG B 631 1.64 -47.58 19.17
CA ARG B 631 2.31 -46.31 19.37
C ARG B 631 1.30 -45.25 19.82
N ASN B 632 0.05 -45.44 19.41
CA ASN B 632 -1.03 -44.52 19.74
C ASN B 632 -2.22 -45.23 20.37
N SER B 633 -2.82 -44.60 21.38
CA SER B 633 -3.99 -45.16 22.04
C SER B 633 -5.21 -45.13 21.12
N THR B 634 -5.39 -44.00 20.43
CA THR B 634 -6.47 -43.86 19.45
C THR B 634 -5.88 -43.51 18.09
N LEU B 635 -6.66 -43.73 17.04
CA LEU B 635 -6.18 -43.48 15.68
C LEU B 635 -7.25 -42.86 14.78
N SER B 636 -8.49 -43.33 14.91
CA SER B 636 -9.56 -42.92 14.02
C SER B 636 -10.59 -42.01 14.69
N ALA B 637 -10.97 -40.94 13.99
CA ALA B 637 -11.99 -40.02 14.47
C ALA B 637 -12.51 -39.16 13.30
N LEU B 638 -13.82 -39.13 13.12
CA LEU B 638 -14.42 -38.44 11.99
C LEU B 638 -14.83 -37.01 12.33
N MET B 639 -13.99 -36.05 11.94
CA MET B 639 -14.23 -34.64 12.21
C MET B 639 -14.80 -33.91 10.99
N PRO B 640 -15.50 -32.78 11.22
CA PRO B 640 -15.94 -31.93 10.11
C PRO B 640 -14.79 -31.17 9.46
N SER B 641 -14.81 -31.05 8.14
CA SER B 641 -13.76 -30.32 7.43
C SER B 641 -14.35 -29.39 6.38
N GLU B 642 -14.28 -28.08 6.65
CA GLU B 642 -14.80 -27.10 5.71
C GLU B 642 -13.68 -26.38 4.97
N THR B 643 -12.54 -26.22 5.65
CA THR B 643 -11.40 -25.53 5.06
C THR B 643 -10.49 -26.48 4.30
N SER B 644 -10.10 -27.58 4.95
CA SER B 644 -9.18 -28.54 4.35
C SER B 644 -9.80 -29.32 3.20
N SER B 645 -11.12 -29.39 3.18
CA SER B 645 -11.83 -30.14 2.14
C SER B 645 -11.81 -29.38 0.80
N GLN B 646 -11.93 -28.06 0.87
CA GLN B 646 -11.96 -27.24 -0.33
C GLN B 646 -10.62 -27.28 -1.07
N ILE B 647 -9.55 -27.58 -0.34
CA ILE B 647 -8.23 -27.71 -0.93
C ILE B 647 -8.20 -28.87 -1.91
N SER B 648 -8.79 -29.98 -1.52
CA SER B 648 -8.84 -31.18 -2.36
C SER B 648 -10.10 -31.19 -3.21
N ASN B 649 -10.85 -30.09 -3.16
CA ASN B 649 -12.13 -29.96 -3.83
C ASN B 649 -13.06 -31.13 -3.47
N ALA B 650 -13.14 -31.41 -2.17
CA ALA B 650 -13.90 -32.55 -1.67
C ALA B 650 -15.20 -32.10 -1.01
N THR B 651 -16.11 -33.05 -0.82
CA THR B 651 -17.32 -32.78 -0.06
C THR B 651 -16.99 -32.69 1.42
N ASN B 652 -17.65 -31.80 2.13
CA ASN B 652 -17.33 -31.53 3.53
C ASN B 652 -17.51 -32.76 4.42
N GLY B 653 -16.39 -33.42 4.71
CA GLY B 653 -16.38 -34.59 5.58
C GLY B 653 -17.22 -35.73 5.06
N ILE B 654 -18.14 -36.21 5.89
CA ILE B 654 -19.03 -37.30 5.52
C ILE B 654 -20.40 -36.77 5.14
N GLU B 655 -20.60 -35.47 5.34
CA GLU B 655 -21.88 -34.83 5.04
C GLU B 655 -22.12 -34.70 3.55
N PRO B 656 -23.38 -34.91 3.12
CA PRO B 656 -23.77 -34.71 1.73
C PRO B 656 -23.91 -33.22 1.39
N PRO B 657 -23.51 -32.83 0.17
CA PRO B 657 -23.58 -31.43 -0.25
C PRO B 657 -25.01 -30.91 -0.35
N ARG B 658 -25.20 -29.63 -0.03
CA ARG B 658 -26.52 -29.01 -0.10
C ARG B 658 -26.89 -28.66 -1.53
N GLY B 659 -25.88 -28.53 -2.38
CA GLY B 659 -26.09 -28.23 -3.79
C GLY B 659 -24.92 -28.70 -4.63
N TYR B 660 -25.13 -28.78 -5.94
CA TYR B 660 -24.08 -29.21 -6.85
C TYR B 660 -22.95 -28.18 -6.92
N VAL B 661 -23.33 -26.91 -6.75
CA VAL B 661 -22.37 -25.82 -6.73
C VAL B 661 -22.57 -24.94 -5.51
N SER B 662 -21.54 -24.81 -4.69
CA SER B 662 -21.61 -24.00 -3.48
C SER B 662 -21.20 -22.56 -3.78
N ILE B 663 -22.02 -21.61 -3.36
CA ILE B 663 -21.75 -20.20 -3.58
C ILE B 663 -21.39 -19.49 -2.28
N LYS B 664 -20.18 -18.94 -2.23
CA LYS B 664 -19.72 -18.23 -1.04
C LYS B 664 -19.03 -16.92 -1.42
N ALA B 665 -19.62 -15.81 -0.98
CA ALA B 665 -19.06 -14.49 -1.27
C ALA B 665 -17.74 -14.29 -0.54
N SER B 666 -16.83 -13.54 -1.16
CA SER B 666 -15.50 -13.32 -0.57
C SER B 666 -15.02 -11.90 -0.81
N LYS B 667 -13.77 -11.65 -0.42
CA LYS B 667 -13.17 -10.33 -0.56
C LYS B 667 -12.91 -9.98 -2.02
N ASP B 668 -12.61 -10.99 -2.82
CA ASP B 668 -12.32 -10.79 -4.24
C ASP B 668 -13.53 -11.10 -5.11
N GLY B 669 -14.70 -11.22 -4.48
CA GLY B 669 -15.92 -11.49 -5.21
C GLY B 669 -16.60 -12.78 -4.79
N ILE B 670 -17.41 -13.34 -5.69
CA ILE B 670 -18.14 -14.57 -5.41
C ILE B 670 -17.37 -15.81 -5.84
N LEU B 671 -17.12 -16.70 -4.88
CA LEU B 671 -16.40 -17.94 -5.16
C LEU B 671 -17.35 -19.11 -5.38
N ARG B 672 -17.19 -19.79 -6.51
CA ARG B 672 -18.02 -20.94 -6.85
C ARG B 672 -17.22 -22.23 -6.88
N GLN B 673 -17.73 -23.26 -6.22
CA GLN B 673 -17.06 -24.56 -6.19
C GLN B 673 -18.01 -25.66 -6.63
N VAL B 674 -17.60 -26.41 -7.65
CA VAL B 674 -18.41 -27.49 -8.18
C VAL B 674 -17.98 -28.84 -7.60
N VAL B 675 -18.96 -29.69 -7.33
CA VAL B 675 -18.70 -31.04 -6.83
C VAL B 675 -17.82 -31.81 -7.79
N PRO B 676 -16.92 -32.66 -7.25
CA PRO B 676 -15.96 -33.40 -8.07
C PRO B 676 -16.63 -34.34 -9.07
N ASP B 677 -16.23 -34.23 -10.33
CA ASP B 677 -16.76 -35.06 -11.42
C ASP B 677 -18.27 -34.95 -11.54
N TYR B 678 -18.78 -33.72 -11.64
CA TYR B 678 -20.20 -33.48 -11.81
C TYR B 678 -20.66 -33.92 -13.20
N GLU B 679 -19.73 -33.90 -14.15
CA GLU B 679 -20.02 -34.21 -15.54
C GLU B 679 -20.54 -35.64 -15.72
N HIS B 680 -20.04 -36.57 -14.92
CA HIS B 680 -20.39 -37.98 -15.09
C HIS B 680 -21.25 -38.51 -13.95
N LEU B 681 -21.36 -37.75 -12.87
CA LEU B 681 -22.07 -38.22 -11.68
C LEU B 681 -23.10 -37.23 -11.18
N HIS B 682 -23.72 -36.47 -12.08
CA HIS B 682 -24.70 -35.46 -11.70
C HIS B 682 -25.94 -36.07 -11.08
N ASP B 683 -26.27 -37.30 -11.49
CA ASP B 683 -27.42 -38.00 -10.96
C ASP B 683 -27.03 -38.98 -9.86
N ALA B 684 -25.73 -39.27 -9.77
CA ALA B 684 -25.22 -40.21 -8.78
C ALA B 684 -25.20 -39.56 -7.40
N TYR B 685 -25.11 -38.23 -7.36
CA TYR B 685 -25.08 -37.50 -6.11
C TYR B 685 -26.45 -37.47 -5.44
N GLU B 686 -26.46 -37.38 -4.12
CA GLU B 686 -27.69 -37.21 -3.36
C GLU B 686 -27.59 -35.98 -2.47
N LEU B 687 -28.29 -34.92 -2.85
CA LEU B 687 -28.25 -33.67 -2.11
C LEU B 687 -28.84 -33.82 -0.72
N LEU B 688 -28.60 -32.84 0.14
CA LEU B 688 -29.02 -32.89 1.53
C LEU B 688 -30.53 -32.89 1.68
N TRP B 689 -31.21 -32.06 0.89
CA TRP B 689 -32.66 -31.89 1.02
C TRP B 689 -33.44 -32.81 0.09
N GLU B 690 -32.72 -33.67 -0.64
CA GLU B 690 -33.37 -34.69 -1.45
C GLU B 690 -33.61 -35.94 -0.63
N MET B 691 -33.18 -35.89 0.63
CA MET B 691 -33.30 -37.04 1.53
C MET B 691 -34.66 -37.06 2.24
N PRO B 692 -35.28 -38.25 2.29
CA PRO B 692 -36.56 -38.45 2.97
C PRO B 692 -36.48 -38.21 4.48
N GLY B 693 -35.47 -38.80 5.12
CA GLY B 693 -35.30 -38.66 6.55
C GLY B 693 -33.86 -38.85 6.99
N ASN B 694 -33.67 -39.12 8.28
CA ASN B 694 -32.33 -39.27 8.83
C ASN B 694 -31.98 -40.72 9.09
N ASP B 695 -32.97 -41.60 8.98
CA ASP B 695 -32.80 -43.02 9.27
C ASP B 695 -31.73 -43.67 8.41
N GLY B 696 -31.70 -43.31 7.13
CA GLY B 696 -30.70 -43.83 6.21
C GLY B 696 -29.30 -43.35 6.54
N TYR B 697 -29.22 -42.07 6.91
CA TYR B 697 -27.94 -41.44 7.26
C TYR B 697 -27.35 -42.03 8.53
N LEU B 698 -28.20 -42.16 9.56
CA LEU B 698 -27.76 -42.65 10.86
C LEU B 698 -27.23 -44.08 10.81
N GLN B 699 -27.83 -44.89 9.95
CA GLN B 699 -27.40 -46.28 9.80
C GLN B 699 -25.97 -46.36 9.31
N LEU B 700 -25.60 -45.50 8.36
CA LEU B 700 -24.24 -45.43 7.86
C LEU B 700 -23.28 -45.01 8.97
N VAL B 701 -23.69 -44.04 9.76
CA VAL B 701 -22.88 -43.54 10.87
C VAL B 701 -22.59 -44.64 11.88
N GLY B 702 -23.61 -45.41 12.22
CA GLY B 702 -23.47 -46.52 13.16
C GLY B 702 -22.48 -47.57 12.68
N ILE B 703 -22.50 -47.84 11.38
CA ILE B 703 -21.59 -48.82 10.78
C ILE B 703 -20.15 -48.32 10.86
N MET B 704 -19.97 -47.02 10.65
CA MET B 704 -18.66 -46.40 10.78
C MET B 704 -18.14 -46.53 12.21
N GLN B 705 -19.04 -46.33 13.17
CA GLN B 705 -18.70 -46.34 14.59
C GLN B 705 -18.14 -47.69 15.03
N LYS B 706 -18.47 -48.74 14.28
CA LYS B 706 -18.01 -50.09 14.58
C LYS B 706 -16.48 -50.17 14.56
N PHE B 707 -15.86 -49.35 13.72
CA PHE B 707 -14.41 -49.38 13.58
C PHE B 707 -13.75 -48.12 14.10
N ILE B 708 -14.49 -47.02 14.12
CA ILE B 708 -13.95 -45.75 14.63
C ILE B 708 -13.68 -45.81 16.13
N ASP B 709 -12.45 -45.48 16.51
CA ASP B 709 -12.04 -45.50 17.91
C ASP B 709 -12.83 -44.49 18.75
N GLN B 710 -12.82 -43.24 18.32
CA GLN B 710 -13.46 -42.18 19.08
C GLN B 710 -14.91 -41.97 18.64
N SER B 711 -15.24 -40.75 18.25
CA SER B 711 -16.63 -40.43 17.89
C SER B 711 -16.76 -39.90 16.47
N ILE B 712 -18.00 -39.60 16.07
CA ILE B 712 -18.29 -39.11 14.74
C ILE B 712 -19.21 -37.89 14.80
N SER B 713 -18.81 -36.82 14.13
CA SER B 713 -19.62 -35.60 14.11
C SER B 713 -20.81 -35.76 13.18
N ALA B 714 -21.84 -36.46 13.64
CA ALA B 714 -23.02 -36.73 12.83
C ALA B 714 -24.04 -35.61 12.95
N ASN B 715 -24.55 -35.16 11.81
CA ASN B 715 -25.56 -34.10 11.77
C ASN B 715 -26.95 -34.65 11.50
N THR B 716 -27.96 -34.05 12.15
CA THR B 716 -29.35 -34.38 11.88
C THR B 716 -29.98 -33.28 11.03
N ASN B 717 -30.74 -33.67 10.01
CA ASN B 717 -31.32 -32.70 9.10
C ASN B 717 -32.84 -32.83 9.00
N TYR B 718 -33.53 -31.69 8.94
CA TYR B 718 -34.98 -31.68 8.88
C TYR B 718 -35.51 -30.59 7.95
N ASP B 719 -36.45 -30.97 7.09
CA ASP B 719 -37.10 -30.03 6.19
C ASP B 719 -38.55 -29.83 6.62
N PRO B 720 -38.87 -28.63 7.12
CA PRO B 720 -40.21 -28.27 7.61
C PRO B 720 -41.30 -28.43 6.54
N SER B 721 -40.92 -28.34 5.28
CA SER B 721 -41.86 -28.47 4.17
C SER B 721 -42.34 -29.90 3.98
N ARG B 722 -41.52 -30.86 4.43
CA ARG B 722 -41.85 -32.27 4.28
C ARG B 722 -42.82 -32.77 5.36
N PHE B 723 -43.17 -31.88 6.28
CA PHE B 723 -44.09 -32.22 7.36
C PHE B 723 -45.35 -31.37 7.30
N PRO B 724 -46.49 -31.93 7.70
CA PRO B 724 -47.76 -31.21 7.72
C PRO B 724 -47.71 -30.00 8.65
N SER B 725 -48.47 -28.95 8.31
CA SER B 725 -48.51 -27.69 9.05
C SER B 725 -47.15 -26.98 9.10
N GLY B 726 -46.21 -27.45 8.28
CA GLY B 726 -44.90 -26.84 8.16
C GLY B 726 -44.08 -26.85 9.44
N LYS B 727 -44.32 -27.83 10.29
CA LYS B 727 -43.62 -27.92 11.57
C LYS B 727 -43.22 -29.36 11.89
N VAL B 728 -41.97 -29.53 12.32
CA VAL B 728 -41.46 -30.85 12.67
C VAL B 728 -42.03 -31.33 14.00
N PRO B 729 -42.73 -32.47 13.98
CA PRO B 729 -43.36 -33.02 15.18
C PRO B 729 -42.33 -33.53 16.20
N MET B 730 -42.69 -33.47 17.47
CA MET B 730 -41.79 -33.93 18.53
C MET B 730 -41.55 -35.44 18.45
N GLN B 731 -42.55 -36.17 17.98
CA GLN B 731 -42.46 -37.63 17.88
C GLN B 731 -41.39 -38.05 16.88
N GLN B 732 -41.17 -37.23 15.86
CA GLN B 732 -40.17 -37.52 14.84
C GLN B 732 -38.76 -37.30 15.37
N LEU B 733 -38.60 -36.28 16.21
CA LEU B 733 -37.31 -35.97 16.81
C LEU B 733 -36.84 -37.09 17.74
N LEU B 734 -37.76 -37.57 18.58
CA LEU B 734 -37.46 -38.64 19.52
C LEU B 734 -37.26 -39.97 18.80
N LYS B 735 -37.93 -40.13 17.66
CA LYS B 735 -37.81 -41.35 16.86
C LYS B 735 -36.38 -41.55 16.35
N ASP B 736 -35.85 -40.51 15.70
CA ASP B 736 -34.50 -40.56 15.16
C ASP B 736 -33.45 -40.58 16.26
N LEU B 737 -33.78 -39.96 17.39
CA LEU B 737 -32.89 -39.96 18.56
C LEU B 737 -32.70 -41.37 19.10
N LEU B 738 -33.80 -42.09 19.25
CA LEU B 738 -33.76 -43.48 19.72
C LEU B 738 -33.16 -44.39 18.65
N THR B 739 -33.35 -44.01 17.39
CA THR B 739 -32.81 -44.78 16.28
C THR B 739 -31.28 -44.74 16.29
N ALA B 740 -30.73 -43.56 16.56
CA ALA B 740 -29.28 -43.38 16.62
C ALA B 740 -28.68 -44.22 17.74
N TYR B 741 -29.27 -44.13 18.92
CA TYR B 741 -28.79 -44.86 20.08
C TYR B 741 -28.86 -46.37 19.87
N LYS B 742 -29.85 -46.81 19.09
CA LYS B 742 -30.04 -48.23 18.82
C LYS B 742 -28.88 -48.83 18.05
N PHE B 743 -28.28 -48.04 17.16
CA PHE B 743 -27.19 -48.52 16.32
C PHE B 743 -25.82 -48.11 16.86
N GLY B 744 -25.79 -47.70 18.13
CA GLY B 744 -24.53 -47.43 18.80
C GLY B 744 -23.89 -46.09 18.47
N VAL B 745 -24.69 -45.13 18.01
CA VAL B 745 -24.18 -43.80 17.73
C VAL B 745 -23.77 -43.11 19.03
N LYS B 746 -22.52 -42.64 19.07
CA LYS B 746 -21.98 -42.05 20.30
C LYS B 746 -22.44 -40.61 20.51
N THR B 747 -22.30 -39.77 19.48
CA THR B 747 -22.62 -38.35 19.62
C THR B 747 -23.47 -37.81 18.47
N LEU B 748 -24.12 -36.68 18.72
CA LEU B 748 -24.90 -35.98 17.71
C LEU B 748 -24.50 -34.51 17.65
N TYR B 749 -24.18 -34.03 16.45
CA TYR B 749 -23.69 -32.66 16.28
C TYR B 749 -24.83 -31.70 15.93
N TYR B 750 -24.68 -31.00 14.82
CA TYR B 750 -25.65 -30.00 14.38
C TYR B 750 -27.02 -30.58 14.07
N GLN B 751 -28.05 -29.76 14.21
CA GLN B 751 -29.38 -30.08 13.67
C GLN B 751 -29.78 -29.04 12.64
N ASN B 752 -29.47 -29.33 11.37
CA ASN B 752 -29.71 -28.40 10.29
C ASN B 752 -31.19 -28.29 9.91
N THR B 753 -31.74 -27.09 10.04
CA THR B 753 -33.12 -26.82 9.69
C THR B 753 -33.19 -25.92 8.45
N ARG B 754 -33.80 -26.42 7.39
CA ARG B 754 -33.89 -25.69 6.13
C ARG B 754 -34.78 -24.45 6.26
N ASP B 755 -34.32 -23.34 5.70
CA ASP B 755 -35.06 -22.09 5.75
C ASP B 755 -35.90 -21.89 4.48
N ASN C 23 35.96 1.80 -94.53
CA ASN C 23 34.87 2.50 -95.20
C ASN C 23 33.96 3.21 -94.20
N LEU C 24 34.13 2.89 -92.93
CA LEU C 24 33.30 3.48 -91.88
C LEU C 24 33.77 4.89 -91.53
N LEU C 25 32.86 5.69 -90.97
CA LEU C 25 33.16 7.07 -90.62
C LEU C 25 32.92 7.34 -89.15
N VAL C 26 33.72 8.23 -88.58
CA VAL C 26 33.57 8.65 -87.19
C VAL C 26 33.22 10.12 -87.11
N THR C 27 32.66 10.54 -85.98
CA THR C 27 32.26 11.93 -85.79
C THR C 27 33.20 12.65 -84.82
N LYS C 28 33.85 13.71 -85.31
CA LYS C 28 34.78 14.49 -84.50
C LYS C 28 34.03 15.30 -83.44
N ARG C 29 34.78 15.98 -82.60
CA ARG C 29 34.19 16.75 -81.50
C ARG C 29 33.42 17.98 -81.98
N ASP C 30 33.94 18.62 -83.02
CA ASP C 30 33.33 19.85 -83.54
C ASP C 30 32.05 19.56 -84.32
N GLY C 31 31.89 18.32 -84.76
CA GLY C 31 30.72 17.92 -85.52
C GLY C 31 31.08 17.44 -86.91
N SER C 32 32.36 17.57 -87.25
CA SER C 32 32.87 17.13 -88.54
C SER C 32 32.87 15.61 -88.64
N THR C 33 33.22 15.10 -89.82
CA THR C 33 33.27 13.67 -90.06
C THR C 33 34.55 13.33 -90.81
N GLU C 34 35.12 12.16 -90.49
CA GLU C 34 36.37 11.74 -91.12
C GLU C 34 36.42 10.22 -91.24
N ARG C 35 37.19 9.74 -92.22
CA ARG C 35 37.36 8.31 -92.44
C ARG C 35 37.99 7.67 -91.21
N ILE C 36 37.55 6.47 -90.86
CA ILE C 36 38.06 5.78 -89.68
C ILE C 36 39.55 5.48 -89.82
N ASN C 37 40.31 5.71 -88.76
CA ASN C 37 41.75 5.49 -88.79
C ASN C 37 42.21 4.64 -87.59
N LEU C 38 42.45 3.36 -87.83
CA LEU C 38 42.85 2.44 -86.77
C LEU C 38 44.29 2.69 -86.31
N ASP C 39 45.04 3.46 -87.09
CA ASP C 39 46.41 3.81 -86.74
C ASP C 39 46.45 4.89 -85.66
N LYS C 40 45.45 5.77 -85.69
CA LYS C 40 45.33 6.82 -84.67
C LYS C 40 45.04 6.21 -83.31
N ILE C 41 44.21 5.17 -83.31
CA ILE C 41 43.89 4.44 -82.08
C ILE C 41 45.09 3.66 -81.59
N HIS C 42 45.80 3.02 -82.51
CA HIS C 42 46.98 2.24 -82.17
C HIS C 42 48.11 3.14 -81.65
N ARG C 43 48.11 4.38 -82.10
CA ARG C 43 49.11 5.35 -81.68
C ARG C 43 48.88 5.78 -80.23
N VAL C 44 47.62 5.87 -79.84
CA VAL C 44 47.25 6.26 -78.48
C VAL C 44 47.58 5.14 -77.48
N LEU C 45 47.24 3.91 -77.88
CA LEU C 45 47.45 2.74 -77.01
C LEU C 45 48.93 2.51 -76.70
N ASP C 46 49.80 2.83 -77.66
CA ASP C 46 51.23 2.68 -77.47
C ASP C 46 51.75 3.65 -76.43
N ALA C 47 51.19 4.87 -76.43
CA ALA C 47 51.60 5.90 -75.48
C ALA C 47 51.20 5.53 -74.06
N ALA C 48 50.09 4.79 -73.93
CA ALA C 48 49.57 4.40 -72.63
C ALA C 48 50.19 3.09 -72.15
N ALA C 49 50.91 2.41 -73.03
CA ALA C 49 51.49 1.12 -72.71
C ALA C 49 53.00 1.22 -72.46
N GLU C 50 53.50 2.45 -72.39
CA GLU C 50 54.93 2.69 -72.18
C GLU C 50 55.39 2.21 -70.81
N GLY C 51 56.33 1.27 -70.80
CA GLY C 51 56.90 0.76 -69.56
C GLY C 51 56.08 -0.36 -68.94
N LEU C 52 54.95 -0.67 -69.56
CA LEU C 52 54.06 -1.72 -69.05
C LEU C 52 54.49 -3.10 -69.51
N HIS C 53 54.15 -4.11 -68.70
CA HIS C 53 54.51 -5.50 -69.00
C HIS C 53 53.24 -6.34 -69.15
N ASN C 54 53.34 -7.39 -69.96
CA ASN C 54 52.24 -8.32 -70.20
C ASN C 54 50.98 -7.64 -70.72
N VAL C 55 51.17 -6.57 -71.49
CA VAL C 55 50.05 -5.85 -72.10
C VAL C 55 50.02 -6.09 -73.61
N SER C 56 48.82 -6.33 -74.13
CA SER C 56 48.63 -6.59 -75.55
C SER C 56 47.80 -5.51 -76.22
N ILE C 57 48.42 -4.73 -77.09
CA ILE C 57 47.73 -3.67 -77.82
C ILE C 57 46.68 -4.25 -78.75
N SER C 58 47.02 -5.34 -79.42
CA SER C 58 46.12 -5.98 -80.37
C SER C 58 44.89 -6.57 -79.70
N GLN C 59 45.04 -7.08 -78.48
CA GLN C 59 43.94 -7.66 -77.73
C GLN C 59 42.86 -6.61 -77.41
N VAL C 60 43.31 -5.41 -77.08
CA VAL C 60 42.41 -4.30 -76.80
C VAL C 60 41.65 -3.89 -78.06
N GLU C 61 42.37 -3.79 -79.17
CA GLU C 61 41.79 -3.41 -80.45
C GLU C 61 40.77 -4.42 -80.95
N LEU C 62 40.98 -5.70 -80.60
CA LEU C 62 40.07 -6.76 -81.03
C LEU C 62 38.67 -6.59 -80.45
N ARG C 63 38.61 -6.28 -79.15
CA ARG C 63 37.33 -6.11 -78.47
C ARG C 63 36.69 -4.76 -78.76
N SER C 64 37.49 -3.82 -79.27
CA SER C 64 37.02 -2.47 -79.51
C SER C 64 36.50 -2.28 -80.92
N HIS C 65 37.22 -2.83 -81.91
CA HIS C 65 36.86 -2.67 -83.30
C HIS C 65 35.52 -3.34 -83.62
N ILE C 66 35.21 -4.41 -82.89
CA ILE C 66 33.98 -5.17 -83.12
C ILE C 66 32.74 -4.39 -82.67
N GLN C 67 32.94 -3.40 -81.82
CA GLN C 67 31.83 -2.61 -81.28
C GLN C 67 31.56 -1.36 -82.09
N PHE C 68 32.47 -1.03 -83.00
CA PHE C 68 32.40 0.20 -83.76
C PHE C 68 31.25 0.21 -84.78
N TYR C 69 30.62 1.36 -84.92
CA TYR C 69 29.51 1.54 -85.85
C TYR C 69 29.66 2.84 -86.63
N ASP C 70 28.97 2.93 -87.76
CA ASP C 70 29.07 4.11 -88.62
C ASP C 70 28.40 5.33 -88.00
N GLY C 71 29.14 6.43 -87.91
CA GLY C 71 28.63 7.67 -87.35
C GLY C 71 28.89 7.79 -85.86
N ILE C 72 29.83 7.00 -85.36
CA ILE C 72 30.16 6.99 -83.95
C ILE C 72 30.92 8.26 -83.55
N LYS C 73 30.55 8.85 -82.42
CA LYS C 73 31.26 10.01 -81.89
C LYS C 73 32.66 9.61 -81.42
N THR C 74 33.62 10.49 -81.65
CA THR C 74 35.00 10.22 -81.27
C THR C 74 35.18 10.11 -79.76
N SER C 75 34.24 10.68 -79.01
CA SER C 75 34.28 10.60 -77.55
C SER C 75 33.84 9.22 -77.08
N ASP C 76 32.93 8.60 -77.83
CA ASP C 76 32.47 7.25 -77.51
C ASP C 76 33.52 6.21 -77.87
N ILE C 77 34.34 6.53 -78.87
CA ILE C 77 35.43 5.65 -79.29
C ILE C 77 36.44 5.47 -78.17
N HIS C 78 36.80 6.58 -77.54
CA HIS C 78 37.79 6.58 -76.47
C HIS C 78 37.29 5.81 -75.24
N GLU C 79 36.03 6.00 -74.91
CA GLU C 79 35.42 5.32 -73.77
C GLU C 79 35.24 3.83 -74.04
N THR C 80 35.26 3.45 -75.31
CA THR C 80 35.12 2.05 -75.69
C THR C 80 36.39 1.26 -75.40
N ILE C 81 37.53 1.83 -75.78
CA ILE C 81 38.82 1.17 -75.58
C ILE C 81 39.25 1.21 -74.12
N ILE C 82 38.69 2.17 -73.37
CA ILE C 82 38.94 2.25 -71.94
C ILE C 82 38.23 1.11 -71.21
N LYS C 83 36.95 0.95 -71.52
CA LYS C 83 36.14 -0.10 -70.90
C LYS C 83 36.64 -1.48 -71.33
N ALA C 84 37.15 -1.56 -72.55
CA ALA C 84 37.69 -2.81 -73.06
C ALA C 84 38.96 -3.20 -72.32
N ALA C 85 39.81 -2.20 -72.04
CA ALA C 85 41.05 -2.43 -71.33
C ALA C 85 40.81 -2.63 -69.83
N ALA C 86 39.74 -2.03 -69.32
CA ALA C 86 39.40 -2.12 -67.91
C ALA C 86 38.91 -3.53 -67.56
N ASP C 87 38.33 -4.20 -68.54
CA ASP C 87 37.82 -5.55 -68.34
C ASP C 87 38.96 -6.57 -68.40
N LEU C 88 40.10 -6.15 -68.93
CA LEU C 88 41.25 -7.03 -69.05
C LEU C 88 42.16 -6.95 -67.83
N ILE C 89 41.75 -6.16 -66.84
CA ILE C 89 42.49 -6.06 -65.59
C ILE C 89 42.32 -7.36 -64.80
N SER C 90 43.41 -8.11 -64.67
CA SER C 90 43.35 -9.40 -63.99
C SER C 90 44.64 -9.72 -63.25
N ARG C 91 44.67 -10.87 -62.58
CA ARG C 91 45.83 -11.31 -61.83
C ARG C 91 46.99 -11.63 -62.75
N ASP C 92 46.68 -12.23 -63.90
CA ASP C 92 47.70 -12.62 -64.87
C ASP C 92 48.37 -11.39 -65.48
N ALA C 93 47.58 -10.34 -65.71
CA ALA C 93 48.10 -9.10 -66.26
C ALA C 93 47.62 -7.90 -65.46
N PRO C 94 48.33 -7.60 -64.35
CA PRO C 94 47.95 -6.50 -63.45
C PRO C 94 48.25 -5.12 -64.02
N ASP C 95 49.11 -5.05 -65.03
CA ASP C 95 49.52 -3.77 -65.60
C ASP C 95 48.45 -3.14 -66.50
N TYR C 96 47.31 -3.81 -66.64
CA TYR C 96 46.18 -3.25 -67.38
C TYR C 96 45.51 -2.15 -66.55
N GLN C 97 45.74 -2.17 -65.24
CA GLN C 97 45.17 -1.15 -64.37
C GLN C 97 45.87 0.19 -64.59
N TYR C 98 47.06 0.14 -65.17
CA TYR C 98 47.80 1.34 -65.50
C TYR C 98 47.54 1.74 -66.95
N LEU C 99 47.24 0.75 -67.78
CA LEU C 99 46.92 1.00 -69.18
C LEU C 99 45.60 1.73 -69.32
N ALA C 100 44.55 1.17 -68.72
CA ALA C 100 43.23 1.77 -68.77
C ALA C 100 43.18 3.09 -68.02
N ALA C 101 44.03 3.25 -67.02
CA ALA C 101 44.09 4.48 -66.24
C ALA C 101 44.61 5.63 -67.10
N ARG C 102 45.74 5.42 -67.75
CA ARG C 102 46.34 6.44 -68.60
C ARG C 102 45.43 6.80 -69.77
N LEU C 103 44.67 5.82 -70.25
CA LEU C 103 43.69 6.07 -71.29
C LEU C 103 42.58 6.98 -70.76
N ALA C 104 42.22 6.79 -69.49
CA ALA C 104 41.22 7.62 -68.84
C ALA C 104 41.77 9.02 -68.61
N ILE C 105 43.05 9.10 -68.26
CA ILE C 105 43.73 10.37 -68.05
C ILE C 105 43.74 11.20 -69.34
N PHE C 106 44.02 10.53 -70.46
CA PHE C 106 44.07 11.19 -71.76
C PHE C 106 42.76 11.90 -72.08
N HIS C 107 41.65 11.20 -71.86
CA HIS C 107 40.33 11.74 -72.16
C HIS C 107 39.97 12.90 -71.22
N LEU C 108 40.39 12.79 -69.97
CA LEU C 108 40.11 13.82 -68.97
C LEU C 108 40.87 15.10 -69.29
N ARG C 109 42.06 14.96 -69.87
CA ARG C 109 42.85 16.10 -70.30
C ARG C 109 42.12 16.88 -71.38
N LYS C 110 41.46 16.16 -72.28
CA LYS C 110 40.74 16.77 -73.39
C LYS C 110 39.49 17.51 -72.91
N LYS C 111 38.82 16.96 -71.91
CA LYS C 111 37.58 17.56 -71.41
C LYS C 111 37.83 18.90 -70.73
N ALA C 112 39.02 19.07 -70.15
CA ALA C 112 39.31 20.26 -69.35
C ALA C 112 40.15 21.28 -70.11
N TYR C 113 41.08 20.80 -70.93
CA TYR C 113 42.05 21.67 -71.57
C TYR C 113 41.89 21.71 -73.09
N GLY C 114 41.28 20.66 -73.64
CA GLY C 114 41.11 20.56 -75.08
C GLY C 114 42.36 20.04 -75.76
N GLN C 115 43.33 19.64 -74.95
CA GLN C 115 44.59 19.09 -75.46
C GLN C 115 45.28 18.28 -74.37
N PHE C 116 46.35 17.59 -74.74
CA PHE C 116 47.06 16.73 -73.79
C PHE C 116 47.83 17.55 -72.76
N GLU C 117 48.74 18.39 -73.22
CA GLU C 117 49.58 19.18 -72.31
C GLU C 117 48.76 20.28 -71.62
N PRO C 118 48.78 20.30 -70.28
CA PRO C 118 48.08 21.30 -69.48
C PRO C 118 48.64 22.71 -69.68
N PRO C 119 47.81 23.73 -69.53
CA PRO C 119 48.25 25.13 -69.66
C PRO C 119 49.12 25.58 -68.50
N ALA C 120 49.59 26.81 -68.54
CA ALA C 120 50.41 27.38 -67.46
C ALA C 120 49.62 27.44 -66.16
N LEU C 121 50.31 27.29 -65.05
CA LEU C 121 49.67 27.30 -63.74
C LEU C 121 48.97 28.64 -63.48
N TYR C 122 49.65 29.72 -63.79
CA TYR C 122 49.11 31.06 -63.59
C TYR C 122 47.90 31.30 -64.51
N ASP C 123 47.98 30.82 -65.73
CA ASP C 123 46.89 30.96 -66.69
C ASP C 123 45.67 30.15 -66.27
N HIS C 124 45.93 29.01 -65.63
CA HIS C 124 44.85 28.14 -65.17
C HIS C 124 44.07 28.76 -64.01
N VAL C 125 44.80 29.26 -63.02
CA VAL C 125 44.19 29.84 -61.82
C VAL C 125 43.31 31.04 -62.14
N VAL C 126 43.84 31.97 -62.93
CA VAL C 126 43.12 33.18 -63.31
C VAL C 126 41.78 32.86 -63.98
N LYS C 127 41.80 31.90 -64.89
CA LYS C 127 40.59 31.49 -65.61
C LYS C 127 39.57 30.87 -64.66
N MET C 128 40.05 30.09 -63.71
CA MET C 128 39.18 29.38 -62.77
C MET C 128 38.58 30.31 -61.72
N VAL C 129 39.36 31.31 -61.31
CA VAL C 129 38.87 32.28 -60.33
C VAL C 129 37.71 33.10 -60.92
N GLU C 130 37.83 33.44 -62.19
CA GLU C 130 36.78 34.17 -62.90
C GLU C 130 35.50 33.35 -62.97
N MET C 131 35.64 32.03 -63.10
CA MET C 131 34.50 31.13 -63.17
C MET C 131 33.90 30.87 -61.79
N GLY C 132 34.65 31.21 -60.76
CA GLY C 132 34.19 31.05 -59.38
C GLY C 132 34.33 29.64 -58.86
N LYS C 133 35.28 28.88 -59.41
CA LYS C 133 35.52 27.52 -58.97
C LYS C 133 36.68 27.45 -57.98
N TYR C 134 37.61 28.38 -58.11
CA TYR C 134 38.72 28.49 -57.17
C TYR C 134 38.55 29.73 -56.29
N ASP C 135 39.20 29.72 -55.13
CA ASP C 135 39.12 30.85 -54.21
C ASP C 135 40.01 31.99 -54.70
N ASN C 136 39.55 33.22 -54.49
CA ASN C 136 40.27 34.40 -54.97
C ASN C 136 41.54 34.68 -54.19
N HIS C 137 41.66 34.08 -53.00
CA HIS C 137 42.80 34.35 -52.12
C HIS C 137 44.10 33.78 -52.69
N LEU C 138 43.98 32.94 -53.72
CA LEU C 138 45.15 32.37 -54.37
C LEU C 138 45.93 33.43 -55.14
N LEU C 139 45.21 34.37 -55.75
CA LEU C 139 45.82 35.45 -56.51
C LEU C 139 46.28 36.58 -55.60
N GLU C 140 45.84 36.52 -54.34
CA GLU C 140 46.19 37.54 -53.36
C GLU C 140 47.46 37.19 -52.58
N ASP C 141 47.64 35.90 -52.31
CA ASP C 141 48.78 35.44 -51.52
C ASP C 141 50.00 35.13 -52.40
N TYR C 142 49.76 34.93 -53.69
CA TYR C 142 50.84 34.61 -54.61
C TYR C 142 50.87 35.55 -55.81
N THR C 143 52.06 36.01 -56.16
CA THR C 143 52.26 36.87 -57.33
C THR C 143 52.40 36.04 -58.59
N GLU C 144 52.41 36.70 -59.74
CA GLU C 144 52.53 36.01 -61.02
C GLU C 144 53.86 35.28 -61.15
N GLU C 145 54.91 35.88 -60.59
CA GLU C 145 56.24 35.28 -60.62
C GLU C 145 56.30 34.00 -59.80
N GLU C 146 55.63 34.00 -58.65
CA GLU C 146 55.64 32.84 -57.76
C GLU C 146 54.83 31.69 -58.34
N PHE C 147 53.83 32.00 -59.16
CA PHE C 147 53.06 30.96 -59.83
C PHE C 147 53.91 30.28 -60.90
N LYS C 148 54.79 31.06 -61.53
CA LYS C 148 55.70 30.52 -62.53
C LYS C 148 56.71 29.57 -61.88
N GLN C 149 57.13 29.91 -60.67
CA GLN C 149 58.07 29.08 -59.92
C GLN C 149 57.44 27.78 -59.48
N MET C 150 56.18 27.84 -59.03
CA MET C 150 55.46 26.66 -58.58
C MET C 150 55.09 25.76 -59.75
N ASP C 151 55.03 26.33 -60.94
CA ASP C 151 54.70 25.58 -62.15
C ASP C 151 55.84 24.62 -62.48
N THR C 152 57.07 25.02 -62.16
CA THR C 152 58.24 24.20 -62.41
C THR C 152 58.26 22.97 -61.50
N PHE C 153 57.62 23.08 -60.35
CA PHE C 153 57.53 21.96 -59.40
C PHE C 153 56.66 20.84 -59.94
N ILE C 154 55.70 21.21 -60.78
CA ILE C 154 54.69 20.27 -61.28
C ILE C 154 55.27 19.25 -62.26
N ASP C 155 55.02 17.98 -61.98
CA ASP C 155 55.37 16.90 -62.90
C ASP C 155 54.10 16.19 -63.37
N HIS C 156 53.59 16.59 -64.53
CA HIS C 156 52.32 16.07 -65.04
C HIS C 156 52.40 14.60 -65.46
N ASP C 157 53.62 14.07 -65.53
CA ASP C 157 53.81 12.67 -65.89
C ASP C 157 53.50 11.74 -64.73
N ARG C 158 53.27 12.31 -63.55
CA ARG C 158 52.93 11.53 -62.37
C ARG C 158 51.48 11.05 -62.44
N ASP C 159 50.73 11.56 -63.41
CA ASP C 159 49.36 11.14 -63.64
C ASP C 159 49.31 9.73 -64.24
N MET C 160 50.44 9.28 -64.76
CA MET C 160 50.53 7.96 -65.38
C MET C 160 50.83 6.89 -64.33
N THR C 161 50.94 7.32 -63.08
CA THR C 161 51.23 6.39 -61.99
C THR C 161 49.96 5.96 -61.26
N PHE C 162 48.84 6.59 -61.61
CA PHE C 162 47.55 6.25 -61.01
C PHE C 162 47.02 4.92 -61.55
N SER C 163 46.32 4.19 -60.69
CA SER C 163 45.63 2.97 -61.10
C SER C 163 44.27 3.33 -61.68
N TYR C 164 43.59 2.35 -62.27
CA TYR C 164 42.30 2.59 -62.89
C TYR C 164 41.24 2.99 -61.86
N ALA C 165 41.29 2.32 -60.70
CA ALA C 165 40.37 2.63 -59.61
C ALA C 165 40.62 4.03 -59.06
N ALA C 166 41.88 4.45 -59.09
CA ALA C 166 42.28 5.76 -58.57
C ALA C 166 41.72 6.91 -59.41
N VAL C 167 41.84 6.78 -60.73
CA VAL C 167 41.39 7.81 -61.65
C VAL C 167 39.88 8.02 -61.55
N LYS C 168 39.15 6.92 -61.41
CA LYS C 168 37.70 6.98 -61.27
C LYS C 168 37.28 7.75 -60.03
N GLN C 169 38.05 7.59 -58.96
CA GLN C 169 37.78 8.30 -57.71
C GLN C 169 38.12 9.79 -57.84
N LEU C 170 39.16 10.09 -58.61
CA LEU C 170 39.55 11.47 -58.88
C LEU C 170 38.46 12.18 -59.67
N GLU C 171 38.04 11.54 -60.76
CA GLU C 171 37.03 12.10 -61.66
C GLU C 171 35.67 12.28 -60.98
N GLY C 172 35.39 11.44 -59.99
CA GLY C 172 34.09 11.44 -59.35
C GLY C 172 33.95 12.32 -58.12
N LYS C 173 34.99 12.36 -57.30
CA LYS C 173 34.90 13.02 -56.00
C LYS C 173 35.85 14.20 -55.82
N TYR C 174 37.08 14.06 -56.30
CA TYR C 174 38.14 15.01 -55.97
C TYR C 174 38.26 16.18 -56.94
N LEU C 175 38.35 15.88 -58.23
CA LEU C 175 38.56 16.91 -59.25
C LEU C 175 37.45 17.95 -59.29
N VAL C 176 37.84 19.22 -59.33
CA VAL C 176 36.87 20.31 -59.43
C VAL C 176 36.11 20.22 -60.75
N GLN C 177 34.80 20.15 -60.66
CA GLN C 177 33.96 19.94 -61.84
C GLN C 177 32.59 20.57 -61.68
N ASN C 178 31.86 20.69 -62.79
CA ASN C 178 30.48 21.15 -62.76
C ASN C 178 29.55 19.98 -62.50
N ARG C 179 28.92 19.98 -61.33
CA ARG C 179 28.07 18.86 -60.91
C ARG C 179 26.80 18.74 -61.75
N VAL C 180 26.49 19.77 -62.51
CA VAL C 180 25.29 19.77 -63.34
C VAL C 180 25.56 19.23 -64.74
N THR C 181 26.55 19.82 -65.41
CA THR C 181 26.85 19.45 -66.79
C THR C 181 27.85 18.30 -66.88
N GLY C 182 28.69 18.16 -65.86
CA GLY C 182 29.67 17.08 -65.82
C GLY C 182 31.00 17.47 -66.43
N GLU C 183 31.18 18.77 -66.68
CA GLU C 183 32.42 19.27 -67.25
C GLU C 183 33.57 19.18 -66.25
N ILE C 184 34.69 18.63 -66.68
CA ILE C 184 35.89 18.59 -65.86
C ILE C 184 36.70 19.86 -66.04
N TYR C 185 37.21 20.42 -64.95
CA TYR C 185 37.88 21.71 -64.99
C TYR C 185 39.36 21.67 -64.64
N GLU C 186 39.84 20.54 -64.12
CA GLU C 186 41.24 20.44 -63.72
C GLU C 186 41.79 19.02 -63.86
N SER C 187 43.08 18.89 -63.58
CA SER C 187 43.75 17.59 -63.62
C SER C 187 44.24 17.20 -62.23
N ALA C 188 44.95 16.08 -62.14
CA ALA C 188 45.40 15.55 -60.86
C ALA C 188 46.50 16.40 -60.22
N GLN C 189 47.46 16.85 -61.04
CA GLN C 189 48.62 17.58 -60.52
C GLN C 189 48.26 18.98 -60.05
N PHE C 190 47.30 19.62 -60.72
CA PHE C 190 46.84 20.94 -60.32
C PHE C 190 46.14 20.88 -58.96
N LEU C 191 45.51 19.75 -58.68
CA LEU C 191 44.85 19.52 -57.40
C LEU C 191 45.88 19.50 -56.28
N TYR C 192 46.93 18.70 -56.45
CA TYR C 192 47.97 18.53 -55.45
C TYR C 192 48.73 19.82 -55.15
N ILE C 193 49.10 20.54 -56.20
CA ILE C 193 49.94 21.72 -56.07
C ILE C 193 49.20 22.90 -55.43
N LEU C 194 47.87 22.92 -55.59
CA LEU C 194 47.08 24.03 -55.07
C LEU C 194 46.61 23.78 -53.64
N VAL C 195 46.49 22.52 -53.26
CA VAL C 195 46.20 22.17 -51.89
C VAL C 195 47.38 22.57 -51.01
N ALA C 196 48.59 22.28 -51.50
CA ALA C 196 49.81 22.68 -50.82
C ALA C 196 49.96 24.20 -50.79
N ALA C 197 49.49 24.85 -51.84
CA ALA C 197 49.59 26.30 -51.96
C ALA C 197 48.72 27.02 -50.93
N CYS C 198 47.49 26.53 -50.74
CA CYS C 198 46.55 27.16 -49.83
C CYS C 198 46.94 26.97 -48.37
N LEU C 199 47.40 25.76 -48.04
CA LEU C 199 47.76 25.43 -46.66
C LEU C 199 49.01 26.17 -46.19
N PHE C 200 49.96 26.38 -47.10
CA PHE C 200 51.20 27.06 -46.75
C PHE C 200 51.21 28.50 -47.27
N SER C 201 50.03 29.04 -47.54
CA SER C 201 49.90 30.38 -48.09
C SER C 201 50.30 31.46 -47.09
N ASN C 202 50.15 31.15 -45.80
CA ASN C 202 50.42 32.12 -44.74
C ASN C 202 51.85 32.03 -44.21
N TYR C 203 52.64 31.13 -44.77
CA TYR C 203 54.03 30.97 -44.37
C TYR C 203 54.91 32.11 -44.89
N PRO C 204 55.97 32.46 -44.15
CA PRO C 204 56.92 33.51 -44.54
C PRO C 204 57.67 33.16 -45.82
N ARG C 205 57.98 34.19 -46.62
CA ARG C 205 58.65 34.01 -47.91
C ARG C 205 59.96 33.24 -47.82
N GLU C 206 60.66 33.38 -46.71
CA GLU C 206 61.94 32.69 -46.51
C GLU C 206 61.79 31.17 -46.61
N THR C 207 60.62 30.65 -46.22
CA THR C 207 60.40 29.21 -46.21
C THR C 207 59.11 28.77 -46.90
N ARG C 208 58.31 29.72 -47.38
CA ARG C 208 57.00 29.39 -47.95
C ARG C 208 57.08 28.48 -49.17
N LEU C 209 57.73 28.96 -50.22
CA LEU C 209 57.84 28.21 -51.47
C LEU C 209 58.62 26.91 -51.30
N GLN C 210 59.44 26.85 -50.26
CA GLN C 210 60.19 25.65 -49.95
C GLN C 210 59.28 24.55 -49.43
N TYR C 211 58.34 24.92 -48.56
CA TYR C 211 57.37 23.98 -48.02
C TYR C 211 56.36 23.52 -49.08
N VAL C 212 56.05 24.41 -50.02
CA VAL C 212 55.09 24.11 -51.07
C VAL C 212 55.56 22.95 -51.95
N LYS C 213 56.82 23.02 -52.38
CA LYS C 213 57.40 21.98 -53.23
C LYS C 213 57.50 20.64 -52.49
N ARG C 214 58.00 20.69 -51.26
CA ARG C 214 58.24 19.49 -50.47
C ARG C 214 56.95 18.74 -50.14
N PHE C 215 55.89 19.48 -49.84
CA PHE C 215 54.60 18.87 -49.52
C PHE C 215 53.93 18.34 -50.78
N TYR C 216 54.13 19.03 -51.90
CA TYR C 216 53.60 18.59 -53.18
C TYR C 216 54.24 17.27 -53.60
N ASP C 217 55.55 17.17 -53.41
CA ASP C 217 56.30 15.97 -53.75
C ASP C 217 55.84 14.79 -52.89
N ALA C 218 55.37 15.10 -51.68
CA ALA C 218 54.90 14.06 -50.76
C ALA C 218 53.57 13.47 -51.22
N VAL C 219 52.64 14.32 -51.64
CA VAL C 219 51.29 13.87 -51.99
C VAL C 219 51.19 13.37 -53.43
N SER C 220 52.04 13.91 -54.31
CA SER C 220 52.02 13.51 -55.71
C SER C 220 52.72 12.16 -55.92
N THR C 221 53.67 11.87 -55.04
CA THR C 221 54.38 10.59 -55.08
C THR C 221 53.75 9.60 -54.12
N PHE C 222 52.54 9.93 -53.66
CA PHE C 222 51.73 9.05 -52.81
C PHE C 222 52.39 8.69 -51.48
N LYS C 223 53.08 9.65 -50.87
CA LYS C 223 53.65 9.43 -49.54
C LYS C 223 52.64 9.83 -48.46
N ILE C 224 51.86 10.87 -48.74
CA ILE C 224 50.84 11.34 -47.82
C ILE C 224 49.45 11.30 -48.46
N SER C 225 48.53 10.59 -47.82
CA SER C 225 47.16 10.49 -48.33
C SER C 225 46.25 11.47 -47.58
N LEU C 226 45.50 12.26 -48.33
CA LEU C 226 44.61 13.25 -47.74
C LEU C 226 43.14 12.85 -47.88
N PRO C 227 42.34 13.17 -46.85
CA PRO C 227 40.90 12.86 -46.81
C PRO C 227 40.12 13.49 -47.96
N THR C 228 38.92 12.96 -48.20
CA THR C 228 38.06 13.46 -49.27
C THR C 228 37.70 14.95 -49.20
N PRO C 229 37.32 15.46 -48.00
CA PRO C 229 36.97 16.89 -47.99
C PRO C 229 38.17 17.80 -48.25
N ILE C 230 39.37 17.32 -47.99
CA ILE C 230 40.58 18.09 -48.22
C ILE C 230 40.94 18.11 -49.71
N MET C 231 40.89 16.93 -50.33
CA MET C 231 41.24 16.79 -51.74
C MET C 231 40.34 17.60 -52.66
N SER C 232 39.04 17.62 -52.36
CA SER C 232 38.07 18.30 -53.21
C SER C 232 37.75 19.72 -52.76
N GLY C 233 38.34 20.15 -51.64
CA GLY C 233 37.98 21.42 -51.05
C GLY C 233 39.06 22.49 -51.01
N VAL C 234 40.22 22.16 -50.45
CA VAL C 234 41.24 23.15 -50.13
C VAL C 234 41.81 23.84 -51.36
N ARG C 235 40.99 24.69 -51.98
CA ARG C 235 41.35 25.57 -53.10
C ARG C 235 40.07 26.23 -53.59
N THR C 236 38.94 25.65 -53.19
CA THR C 236 37.62 26.16 -53.54
C THR C 236 37.13 27.15 -52.49
N PRO C 237 36.18 28.03 -52.86
CA PRO C 237 35.65 29.03 -51.92
C PRO C 237 35.03 28.46 -50.65
N THR C 238 34.74 27.17 -50.61
CA THR C 238 34.13 26.56 -49.44
C THR C 238 35.13 26.44 -48.30
N ARG C 239 34.62 26.31 -47.08
CA ARG C 239 35.47 26.19 -45.90
C ARG C 239 35.06 25.02 -45.01
N GLN C 240 34.20 24.16 -45.54
CA GLN C 240 33.73 23.00 -44.81
C GLN C 240 34.68 21.82 -45.00
N PHE C 241 35.54 21.58 -44.02
CA PHE C 241 36.51 20.49 -44.11
C PHE C 241 36.42 19.55 -42.92
N SER C 242 35.51 19.85 -42.01
CA SER C 242 35.29 19.02 -40.83
C SER C 242 34.53 17.75 -41.21
N SER C 243 35.16 16.60 -40.99
CA SER C 243 34.54 15.32 -41.35
C SER C 243 34.42 14.41 -40.14
N CYS C 244 34.76 14.93 -38.97
CA CYS C 244 34.69 14.14 -37.74
C CYS C 244 34.24 15.01 -36.56
N VAL C 245 33.06 14.73 -36.04
CA VAL C 245 32.47 15.52 -34.97
C VAL C 245 32.09 14.66 -33.77
N LEU C 246 32.49 15.10 -32.58
CA LEU C 246 32.15 14.40 -31.34
C LEU C 246 31.39 15.33 -30.39
N ILE C 247 30.14 14.98 -30.11
CA ILE C 247 29.29 15.80 -29.25
C ILE C 247 28.83 15.04 -28.01
N GLU C 248 28.99 15.66 -26.85
CA GLU C 248 28.52 15.08 -25.60
C GLU C 248 27.21 15.73 -25.15
N CYS C 249 26.22 14.91 -24.85
CA CYS C 249 24.92 15.42 -24.42
C CYS C 249 24.76 15.35 -22.91
N GLY C 250 24.33 16.46 -22.32
CA GLY C 250 24.09 16.52 -20.89
C GLY C 250 22.70 16.04 -20.54
N ASP C 251 22.41 15.94 -19.25
CA ASP C 251 21.12 15.45 -18.80
C ASP C 251 20.14 16.60 -18.57
N SER C 252 19.79 17.29 -19.64
CA SER C 252 18.85 18.40 -19.57
C SER C 252 18.21 18.67 -20.93
N LEU C 253 17.00 19.22 -20.90
CA LEU C 253 16.29 19.57 -22.12
C LEU C 253 17.08 20.57 -22.96
N ASP C 254 17.74 21.49 -22.28
CA ASP C 254 18.54 22.51 -22.95
C ASP C 254 19.74 21.87 -23.66
N SER C 255 20.29 20.82 -23.08
CA SER C 255 21.44 20.14 -23.66
C SER C 255 21.03 19.29 -24.85
N ILE C 256 19.91 18.60 -24.71
CA ILE C 256 19.39 17.75 -25.79
C ILE C 256 18.99 18.62 -26.98
N ASN C 257 18.34 19.75 -26.71
CA ASN C 257 17.99 20.70 -27.75
C ASN C 257 19.23 21.28 -28.41
N ALA C 258 20.25 21.55 -27.61
CA ALA C 258 21.51 22.06 -28.13
C ALA C 258 22.23 21.01 -28.97
N THR C 259 22.25 19.77 -28.47
CA THR C 259 22.88 18.67 -29.17
C THR C 259 22.18 18.41 -30.50
N SER C 260 20.85 18.40 -30.47
CA SER C 260 20.06 18.20 -31.67
C SER C 260 20.35 19.28 -32.71
N SER C 261 20.39 20.53 -32.26
CA SER C 261 20.70 21.65 -33.13
C SER C 261 22.14 21.58 -33.63
N ALA C 262 23.02 21.07 -32.78
CA ALA C 262 24.43 20.93 -33.12
C ALA C 262 24.64 19.88 -34.21
N ILE C 263 23.91 18.77 -34.09
CA ILE C 263 24.00 17.69 -35.06
C ILE C 263 23.56 18.13 -36.45
N VAL C 264 22.41 18.79 -36.51
CA VAL C 264 21.83 19.25 -37.78
C VAL C 264 22.80 20.12 -38.59
N LYS C 265 23.49 21.03 -37.89
CA LYS C 265 24.43 21.93 -38.56
C LYS C 265 25.63 21.19 -39.17
N TYR C 266 26.02 20.07 -38.56
CA TYR C 266 27.21 19.36 -39.01
C TYR C 266 26.90 18.22 -39.97
N VAL C 267 25.71 17.66 -39.89
CA VAL C 267 25.31 16.63 -40.86
C VAL C 267 25.00 17.29 -42.19
N SER C 268 24.78 18.60 -42.14
CA SER C 268 24.59 19.40 -43.35
C SER C 268 25.93 19.61 -44.05
N GLN C 269 27.00 19.47 -43.28
CA GLN C 269 28.35 19.60 -43.82
C GLN C 269 28.96 18.22 -44.06
N ARG C 270 28.12 17.20 -44.08
CA ARG C 270 28.52 15.83 -44.38
C ARG C 270 29.60 15.32 -43.43
N ALA C 271 29.41 15.55 -42.14
CA ALA C 271 30.37 15.11 -41.13
C ALA C 271 29.84 13.92 -40.32
N GLY C 272 30.75 13.08 -39.86
CA GLY C 272 30.40 11.95 -39.01
C GLY C 272 30.21 12.41 -37.59
N ILE C 273 29.17 11.90 -36.94
CA ILE C 273 28.82 12.36 -35.59
C ILE C 273 29.02 11.28 -34.54
N GLY C 274 29.60 11.66 -33.40
CA GLY C 274 29.74 10.76 -32.26
C GLY C 274 28.95 11.29 -31.08
N ILE C 275 27.93 10.55 -30.67
CA ILE C 275 27.02 11.01 -29.62
C ILE C 275 27.21 10.27 -28.31
N ASN C 276 27.43 11.02 -27.23
CA ASN C 276 27.51 10.46 -25.90
C ASN C 276 26.26 10.79 -25.10
N ALA C 277 25.32 9.84 -25.04
CA ALA C 277 24.05 10.07 -24.37
C ALA C 277 23.92 9.19 -23.13
N GLY C 278 25.05 8.90 -22.49
CA GLY C 278 25.05 8.08 -21.29
C GLY C 278 24.58 8.85 -20.07
N ARG C 279 24.66 10.18 -20.14
CA ARG C 279 24.28 11.03 -19.02
C ARG C 279 22.77 11.12 -18.86
N ILE C 280 22.03 10.82 -19.92
CA ILE C 280 20.57 10.85 -19.87
C ILE C 280 20.05 9.82 -18.88
N ARG C 281 19.28 10.29 -17.91
CA ARG C 281 18.76 9.42 -16.85
C ARG C 281 17.81 8.37 -17.41
N ALA C 282 17.62 7.30 -16.64
CA ALA C 282 16.83 6.16 -17.10
C ALA C 282 15.34 6.38 -16.95
N LEU C 283 14.55 5.50 -17.57
CA LEU C 283 13.10 5.56 -17.50
C LEU C 283 12.58 5.39 -16.08
N GLY C 284 11.72 6.29 -15.65
CA GLY C 284 11.12 6.22 -14.33
C GLY C 284 11.80 7.13 -13.32
N SER C 285 12.97 7.64 -13.67
CA SER C 285 13.71 8.54 -12.78
C SER C 285 12.92 9.82 -12.54
N PRO C 286 12.86 10.26 -11.27
CA PRO C 286 12.09 11.45 -10.89
C PRO C 286 12.69 12.74 -11.43
N ILE C 287 11.82 13.69 -11.77
CA ILE C 287 12.27 14.98 -12.29
C ILE C 287 11.83 16.11 -11.35
N ARG C 288 12.78 16.93 -10.94
CA ARG C 288 12.54 18.05 -10.03
C ARG C 288 11.86 17.61 -8.74
N GLY C 289 12.32 16.50 -8.19
CA GLY C 289 11.80 16.01 -6.92
C GLY C 289 10.50 15.23 -7.02
N GLY C 290 10.08 14.94 -8.25
CA GLY C 290 8.88 14.15 -8.46
C GLY C 290 7.76 14.90 -9.16
N GLU C 291 8.07 16.09 -9.66
CA GLU C 291 7.09 16.89 -10.41
C GLU C 291 6.69 16.15 -11.69
N ALA C 292 7.64 15.42 -12.25
CA ALA C 292 7.38 14.59 -13.43
C ALA C 292 8.31 13.38 -13.43
N PHE C 293 8.02 12.42 -14.30
CA PHE C 293 8.85 11.22 -14.39
C PHE C 293 9.37 11.04 -15.81
N HIS C 294 10.61 10.58 -15.92
CA HIS C 294 11.26 10.41 -17.23
C HIS C 294 10.53 9.39 -18.08
N THR C 295 10.61 9.57 -19.40
CA THR C 295 9.87 8.72 -20.34
C THR C 295 10.78 7.75 -21.08
N GLY C 296 12.07 7.75 -20.72
CA GLY C 296 13.02 6.83 -21.33
C GLY C 296 14.04 7.52 -22.22
N CYS C 297 15.16 6.85 -22.46
CA CYS C 297 16.22 7.40 -23.31
C CYS C 297 15.89 7.22 -24.79
N ILE C 298 15.17 6.14 -25.10
CA ILE C 298 14.81 5.80 -26.47
C ILE C 298 14.05 6.91 -27.23
N PRO C 299 13.06 7.57 -26.59
CA PRO C 299 12.42 8.66 -27.33
C PRO C 299 13.38 9.79 -27.70
N PHE C 300 14.42 9.98 -26.89
CA PHE C 300 15.42 11.01 -27.17
C PHE C 300 16.43 10.52 -28.19
N TYR C 301 16.63 9.21 -28.25
CA TYR C 301 17.53 8.62 -29.24
C TYR C 301 16.94 8.76 -30.63
N LYS C 302 15.61 8.64 -30.72
CA LYS C 302 14.91 8.82 -31.98
C LYS C 302 15.06 10.26 -32.47
N HIS C 303 15.02 11.19 -31.53
CA HIS C 303 15.15 12.61 -31.86
C HIS C 303 16.54 12.92 -32.39
N PHE C 304 17.53 12.17 -31.89
CA PHE C 304 18.90 12.31 -32.37
C PHE C 304 19.05 11.77 -33.79
N GLN C 305 18.43 10.62 -34.04
CA GLN C 305 18.52 9.98 -35.35
C GLN C 305 17.96 10.85 -36.46
N THR C 306 16.80 11.45 -36.22
CA THR C 306 16.17 12.32 -37.21
C THR C 306 16.96 13.60 -37.41
N ALA C 307 17.68 14.02 -36.37
CA ALA C 307 18.57 15.17 -36.47
C ALA C 307 19.77 14.82 -37.34
N VAL C 308 20.20 13.56 -37.27
CA VAL C 308 21.32 13.08 -38.07
C VAL C 308 20.90 12.92 -39.54
N LYS C 309 19.72 12.35 -39.77
CA LYS C 309 19.26 12.09 -41.13
C LYS C 309 18.44 13.26 -41.69
N SER C 310 18.53 14.42 -41.06
CA SER C 310 17.78 15.60 -41.46
C SER C 310 18.23 16.15 -42.81
N CYS C 311 19.53 16.08 -43.06
CA CYS C 311 20.13 16.61 -44.27
C CYS C 311 20.56 15.47 -45.20
N SER C 312 19.70 14.48 -45.34
CA SER C 312 19.97 13.30 -46.15
C SER C 312 18.98 13.21 -47.30
N GLN C 313 19.52 13.05 -48.51
CA GLN C 313 18.72 12.92 -49.73
C GLN C 313 17.64 11.86 -49.56
N GLY C 314 18.04 10.72 -49.03
CA GLY C 314 17.13 9.65 -48.69
C GLY C 314 17.26 9.52 -47.18
N GLY C 315 16.18 9.19 -46.48
CA GLY C 315 16.24 9.11 -45.03
C GLY C 315 17.15 8.03 -44.47
N VAL C 316 18.09 7.58 -45.29
CA VAL C 316 19.08 6.58 -44.89
C VAL C 316 20.50 7.08 -45.14
N ARG C 317 20.89 7.14 -46.41
CA ARG C 317 22.25 7.50 -46.78
C ARG C 317 22.50 8.99 -46.54
N GLY C 318 23.70 9.32 -46.08
CA GLY C 318 24.01 10.68 -45.71
C GLY C 318 24.86 10.66 -44.47
N GLY C 319 24.68 11.66 -43.61
CA GLY C 319 25.40 11.71 -42.35
C GLY C 319 25.06 10.50 -41.49
N ALA C 320 26.10 9.80 -41.04
CA ALA C 320 25.95 8.68 -40.12
C ALA C 320 26.40 9.08 -38.72
N ALA C 321 25.97 8.33 -37.71
CA ALA C 321 26.31 8.66 -36.33
C ALA C 321 26.36 7.42 -35.44
N THR C 322 27.20 7.50 -34.41
CA THR C 322 27.33 6.42 -33.44
C THR C 322 27.05 6.92 -32.03
N LEU C 323 26.14 6.25 -31.34
CA LEU C 323 25.72 6.65 -29.99
C LEU C 323 26.39 5.78 -28.94
N PHE C 324 26.85 6.41 -27.85
CA PHE C 324 27.58 5.68 -26.82
C PHE C 324 26.85 5.71 -25.48
N TYR C 325 26.93 4.60 -24.74
CA TYR C 325 26.31 4.50 -23.43
C TYR C 325 27.00 3.44 -22.58
N PRO C 326 27.09 3.68 -21.26
CA PRO C 326 27.72 2.72 -20.35
C PRO C 326 26.91 1.42 -20.21
N MET C 327 27.60 0.32 -19.93
CA MET C 327 26.94 -0.98 -19.82
C MET C 327 26.10 -1.10 -18.56
N TRP C 328 26.52 -0.42 -17.49
CA TRP C 328 25.81 -0.49 -16.21
C TRP C 328 24.58 0.40 -16.18
N HIS C 329 24.21 0.96 -17.33
CA HIS C 329 23.02 1.79 -17.42
C HIS C 329 21.77 0.94 -17.17
N LEU C 330 20.72 1.55 -16.65
CA LEU C 330 19.52 0.82 -16.26
C LEU C 330 18.75 0.26 -17.46
N GLU C 331 18.76 1.01 -18.56
CA GLU C 331 18.01 0.59 -19.76
C GLU C 331 18.90 -0.15 -20.75
N VAL C 332 20.01 -0.71 -20.28
CA VAL C 332 20.98 -1.35 -21.15
C VAL C 332 20.40 -2.58 -21.86
N GLU C 333 19.39 -3.19 -21.25
CA GLU C 333 18.75 -4.35 -21.86
C GLU C 333 17.85 -3.93 -23.03
N SER C 334 17.41 -2.68 -22.99
CA SER C 334 16.54 -2.14 -24.03
C SER C 334 17.36 -1.45 -25.14
N LEU C 335 18.52 -0.93 -24.77
CA LEU C 335 19.36 -0.18 -25.71
C LEU C 335 20.21 -1.10 -26.58
N LEU C 336 20.48 -2.31 -26.08
CA LEU C 336 21.31 -3.26 -26.80
C LEU C 336 20.59 -3.83 -28.02
N VAL C 337 19.27 -3.82 -27.98
CA VAL C 337 18.46 -4.42 -29.05
C VAL C 337 17.77 -3.40 -29.94
N LEU C 338 18.44 -2.26 -30.17
CA LEU C 338 17.83 -1.18 -30.95
C LEU C 338 18.00 -1.32 -32.47
N LYS C 339 18.93 -2.17 -32.90
CA LYS C 339 19.26 -2.23 -34.33
C LYS C 339 18.66 -3.43 -35.06
N ASN C 340 18.30 -4.46 -34.31
CA ASN C 340 17.75 -5.67 -34.93
C ASN C 340 16.43 -5.41 -35.64
N ASN C 341 16.16 -6.19 -36.67
CA ASN C 341 14.98 -6.02 -37.52
C ASN C 341 13.70 -6.39 -36.76
N ARG C 342 13.86 -7.10 -35.66
CA ARG C 342 12.74 -7.56 -34.85
C ARG C 342 12.15 -6.41 -34.03
N GLY C 343 11.11 -6.71 -33.25
CA GLY C 343 10.49 -5.73 -32.40
C GLY C 343 9.60 -4.75 -33.14
N VAL C 344 8.99 -3.83 -32.38
CA VAL C 344 8.11 -2.82 -32.95
C VAL C 344 8.86 -1.49 -33.09
N GLU C 345 8.22 -0.52 -33.75
CA GLU C 345 8.85 0.78 -33.98
C GLU C 345 9.04 1.56 -32.68
N GLY C 346 8.25 1.22 -31.67
CA GLY C 346 8.30 1.92 -30.40
C GLY C 346 9.60 1.77 -29.65
N ASN C 347 10.26 0.63 -29.82
CA ASN C 347 11.50 0.35 -29.12
C ASN C 347 12.66 0.02 -30.06
N ARG C 348 12.68 0.65 -31.23
CA ARG C 348 13.75 0.41 -32.19
C ARG C 348 14.26 1.71 -32.82
N VAL C 349 15.58 1.87 -32.80
CA VAL C 349 16.25 2.99 -33.48
C VAL C 349 17.37 2.40 -34.34
N ARG C 350 17.03 2.00 -35.55
CA ARG C 350 17.89 1.15 -36.36
C ARG C 350 18.95 1.88 -37.19
N HIS C 351 18.69 3.14 -37.53
CA HIS C 351 19.56 3.84 -38.48
C HIS C 351 20.73 4.55 -37.80
N MET C 352 21.10 4.07 -36.62
CA MET C 352 22.31 4.57 -35.95
C MET C 352 23.11 3.41 -35.36
N ASP C 353 24.41 3.65 -35.15
CA ASP C 353 25.29 2.65 -34.57
C ASP C 353 25.46 2.90 -33.08
N TYR C 354 25.86 1.87 -32.35
CA TYR C 354 26.00 1.99 -30.90
C TYR C 354 27.31 1.41 -30.39
N GLY C 355 27.83 2.02 -29.34
CA GLY C 355 29.05 1.57 -28.70
C GLY C 355 28.86 1.43 -27.20
N VAL C 356 28.98 0.20 -26.71
CA VAL C 356 28.81 -0.06 -25.29
C VAL C 356 30.11 0.24 -24.53
N GLN C 357 29.98 1.01 -23.46
CA GLN C 357 31.14 1.39 -22.67
C GLN C 357 31.37 0.41 -21.52
N ILE C 358 32.54 -0.21 -21.51
CA ILE C 358 32.86 -1.25 -20.53
C ILE C 358 34.16 -0.89 -19.80
N ASN C 359 34.24 -1.27 -18.52
CA ASN C 359 35.47 -1.09 -17.75
C ASN C 359 35.94 -2.39 -17.11
N LYS C 360 36.94 -2.28 -16.25
CA LYS C 360 37.58 -3.47 -15.66
C LYS C 360 36.60 -4.27 -14.80
N LEU C 361 35.81 -3.57 -14.00
CA LEU C 361 34.89 -4.20 -13.05
C LEU C 361 33.84 -5.08 -13.74
N MET C 362 33.42 -4.67 -14.94
CA MET C 362 32.44 -5.43 -15.69
C MET C 362 33.00 -6.77 -16.15
N TYR C 363 34.24 -6.74 -16.64
CA TYR C 363 34.92 -7.95 -17.08
C TYR C 363 35.20 -8.88 -15.90
N THR C 364 35.41 -8.27 -14.73
CA THR C 364 35.68 -9.02 -13.51
C THR C 364 34.49 -9.89 -13.10
N ARG C 365 33.30 -9.30 -13.16
CA ARG C 365 32.07 -10.03 -12.83
C ARG C 365 31.80 -11.16 -13.82
N LEU C 366 32.27 -10.97 -15.04
CA LEU C 366 32.12 -11.99 -16.07
C LEU C 366 33.00 -13.21 -15.80
N LEU C 367 34.25 -12.94 -15.42
CA LEU C 367 35.21 -14.01 -15.15
C LEU C 367 34.83 -14.78 -13.89
N LYS C 368 34.38 -14.06 -12.86
CA LYS C 368 33.98 -14.70 -11.61
C LYS C 368 32.58 -15.31 -11.73
N GLY C 369 31.89 -14.98 -12.82
CA GLY C 369 30.55 -15.48 -13.05
C GLY C 369 29.55 -14.93 -12.06
N GLU C 370 29.80 -13.72 -11.58
CA GLU C 370 28.92 -13.08 -10.61
C GLU C 370 27.83 -12.26 -11.30
N ASP C 371 27.32 -11.25 -10.61
CA ASP C 371 26.25 -10.42 -11.16
C ASP C 371 26.71 -9.00 -11.46
N ILE C 372 25.98 -8.33 -12.36
CA ILE C 372 26.21 -6.92 -12.66
C ILE C 372 24.97 -6.10 -12.31
N THR C 373 25.15 -5.09 -11.47
CA THR C 373 24.03 -4.27 -11.03
C THR C 373 23.85 -3.06 -11.94
N LEU C 374 22.61 -2.82 -12.36
CA LEU C 374 22.30 -1.72 -13.26
C LEU C 374 21.82 -0.50 -12.49
N PHE C 375 22.42 0.66 -12.78
CA PHE C 375 22.05 1.90 -12.11
C PHE C 375 21.68 3.00 -13.11
N SER C 376 20.88 3.94 -12.65
CA SER C 376 20.61 5.16 -13.41
C SER C 376 21.60 6.23 -12.98
N PRO C 377 22.26 6.89 -13.94
CA PRO C 377 23.31 7.87 -13.66
C PRO C 377 22.84 9.05 -12.81
N SER C 378 21.53 9.21 -12.67
CA SER C 378 20.97 10.29 -11.85
C SER C 378 20.79 9.86 -10.40
N ASP C 379 20.90 8.56 -10.15
CA ASP C 379 20.70 8.00 -8.82
C ASP C 379 22.03 7.67 -8.15
N VAL C 380 23.10 7.73 -8.92
CA VAL C 380 24.43 7.38 -8.42
C VAL C 380 25.42 8.53 -8.57
N PRO C 381 25.51 9.38 -7.54
CA PRO C 381 26.36 10.58 -7.55
C PRO C 381 27.83 10.27 -7.75
N GLY C 382 28.43 10.85 -8.79
CA GLY C 382 29.85 10.71 -9.03
C GLY C 382 30.27 9.39 -9.65
N LEU C 383 29.33 8.46 -9.80
CA LEU C 383 29.64 7.17 -10.37
C LEU C 383 29.97 7.29 -11.86
N TYR C 384 29.28 8.22 -12.53
CA TYR C 384 29.51 8.44 -13.95
C TYR C 384 30.87 9.09 -14.17
N ASP C 385 31.21 10.07 -13.33
CA ASP C 385 32.49 10.76 -13.44
C ASP C 385 33.65 9.82 -13.14
N ALA C 386 33.48 9.00 -12.11
CA ALA C 386 34.52 8.05 -11.72
C ALA C 386 34.67 6.93 -12.75
N PHE C 387 33.61 6.67 -13.50
CA PHE C 387 33.61 5.62 -14.51
C PHE C 387 34.65 5.87 -15.59
N PHE C 388 35.02 7.13 -15.77
CA PHE C 388 35.99 7.51 -16.78
C PHE C 388 37.32 7.95 -16.16
N ALA C 389 37.24 8.62 -15.02
CA ALA C 389 38.42 9.29 -14.44
C ALA C 389 39.15 8.46 -13.39
N ASP C 390 38.42 7.71 -12.58
CA ASP C 390 39.03 6.99 -11.47
C ASP C 390 38.45 5.59 -11.28
N GLN C 391 39.19 4.58 -11.71
CA GLN C 391 38.74 3.20 -11.59
C GLN C 391 38.71 2.73 -10.13
N GLU C 392 39.58 3.31 -9.31
CA GLU C 392 39.61 2.99 -7.89
C GLU C 392 38.38 3.54 -7.17
N GLU C 393 38.04 4.79 -7.48
CA GLU C 393 36.88 5.44 -6.90
C GLU C 393 35.59 4.78 -7.36
N PHE C 394 35.60 4.28 -8.59
CA PHE C 394 34.43 3.61 -9.16
C PHE C 394 34.09 2.34 -8.38
N GLU C 395 35.08 1.48 -8.18
CA GLU C 395 34.87 0.22 -7.48
C GLU C 395 34.40 0.46 -6.04
N ARG C 396 34.86 1.56 -5.45
CA ARG C 396 34.45 1.93 -4.11
C ARG C 396 32.97 2.34 -4.11
N LEU C 397 32.62 3.21 -5.05
CA LEU C 397 31.25 3.71 -5.17
C LEU C 397 30.30 2.63 -5.67
N TYR C 398 30.77 1.78 -6.57
CA TYR C 398 29.94 0.73 -7.16
C TYR C 398 29.48 -0.26 -6.10
N THR C 399 30.42 -0.73 -5.27
CA THR C 399 30.10 -1.66 -4.21
C THR C 399 29.30 -0.98 -3.10
N LYS C 400 29.54 0.31 -2.91
CA LYS C 400 28.83 1.09 -1.91
C LYS C 400 27.35 1.23 -2.30
N TYR C 401 27.11 1.50 -3.57
CA TYR C 401 25.74 1.69 -4.07
C TYR C 401 25.03 0.36 -4.25
N GLU C 402 25.80 -0.72 -4.39
CA GLU C 402 25.23 -2.06 -4.51
C GLU C 402 24.63 -2.52 -3.17
N LYS C 403 25.25 -2.08 -2.09
CA LYS C 403 24.83 -2.48 -0.75
C LYS C 403 23.73 -1.56 -0.22
N ASP C 404 23.47 -0.48 -0.95
CA ASP C 404 22.41 0.45 -0.58
C ASP C 404 21.08 -0.02 -1.17
N ASP C 405 20.04 -0.07 -0.33
CA ASP C 405 18.73 -0.54 -0.76
C ASP C 405 17.78 0.61 -1.08
N SER C 406 18.19 1.82 -0.72
CA SER C 406 17.38 3.01 -0.99
C SER C 406 17.53 3.46 -2.45
N ILE C 407 18.64 3.07 -3.07
CA ILE C 407 18.92 3.43 -4.46
C ILE C 407 18.33 2.39 -5.41
N ARG C 408 17.54 2.85 -6.38
CA ARG C 408 16.90 1.97 -7.34
C ARG C 408 17.93 1.28 -8.23
N LYS C 409 17.83 -0.04 -8.33
CA LYS C 409 18.80 -0.84 -9.07
C LYS C 409 18.17 -2.09 -9.67
N GLN C 410 18.93 -2.80 -10.50
CA GLN C 410 18.48 -4.06 -11.06
C GLN C 410 19.65 -5.02 -11.26
N ARG C 411 19.46 -6.28 -10.84
CA ARG C 411 20.51 -7.28 -10.94
C ARG C 411 20.37 -8.16 -12.17
N VAL C 412 21.47 -8.31 -12.91
CA VAL C 412 21.51 -9.20 -14.07
C VAL C 412 22.85 -9.93 -14.11
N LYS C 413 22.82 -11.20 -14.53
CA LYS C 413 24.04 -12.00 -14.59
C LYS C 413 24.99 -11.50 -15.66
N ALA C 414 26.27 -11.39 -15.30
CA ALA C 414 27.29 -10.87 -16.19
C ALA C 414 27.43 -11.71 -17.47
N VAL C 415 27.24 -13.01 -17.33
CA VAL C 415 27.34 -13.93 -18.47
C VAL C 415 26.21 -13.67 -19.47
N GLU C 416 25.02 -13.39 -18.95
CA GLU C 416 23.85 -13.14 -19.78
C GLU C 416 23.94 -11.79 -20.49
N LEU C 417 24.43 -10.78 -19.78
CA LEU C 417 24.51 -9.43 -20.32
C LEU C 417 25.52 -9.35 -21.45
N PHE C 418 26.69 -9.92 -21.25
CA PHE C 418 27.73 -9.96 -22.28
C PHE C 418 27.28 -10.79 -23.47
N SER C 419 26.48 -11.82 -23.21
CA SER C 419 25.97 -12.68 -24.27
C SER C 419 24.98 -11.93 -25.16
N LEU C 420 24.15 -11.10 -24.53
CA LEU C 420 23.17 -10.31 -25.26
C LEU C 420 23.84 -9.28 -26.17
N MET C 421 24.90 -8.65 -25.66
CA MET C 421 25.63 -7.64 -26.41
C MET C 421 26.28 -8.24 -27.66
N MET C 422 27.00 -9.34 -27.48
CA MET C 422 27.69 -10.00 -28.59
C MET C 422 26.69 -10.63 -29.56
N GLN C 423 25.51 -10.96 -29.06
CA GLN C 423 24.46 -11.54 -29.90
C GLN C 423 23.98 -10.53 -30.94
N GLU C 424 23.74 -9.30 -30.49
CA GLU C 424 23.32 -8.23 -31.38
C GLU C 424 24.47 -7.76 -32.26
N ARG C 425 25.69 -7.86 -31.73
CA ARG C 425 26.88 -7.51 -32.49
C ARG C 425 27.10 -8.52 -33.61
N ALA C 426 26.68 -9.76 -33.37
CA ALA C 426 26.83 -10.82 -34.37
C ALA C 426 25.82 -10.65 -35.50
N SER C 427 24.59 -10.31 -35.14
CA SER C 427 23.50 -10.20 -36.11
C SER C 427 23.60 -8.93 -36.95
N THR C 428 23.90 -7.81 -36.29
CA THR C 428 23.94 -6.52 -36.97
C THR C 428 25.34 -6.17 -37.46
N GLY C 429 26.34 -6.39 -36.61
CA GLY C 429 27.71 -6.07 -36.95
C GLY C 429 28.03 -4.60 -36.69
N ARG C 430 27.09 -3.90 -36.07
CA ARG C 430 27.27 -2.48 -35.80
C ARG C 430 27.07 -2.15 -34.32
N ILE C 431 27.21 -3.15 -33.46
CA ILE C 431 27.19 -2.93 -32.02
C ILE C 431 28.63 -2.92 -31.50
N TYR C 432 29.11 -1.75 -31.13
CA TYR C 432 30.53 -1.56 -30.83
C TYR C 432 30.85 -1.59 -29.34
N ILE C 433 32.15 -1.70 -29.04
CA ILE C 433 32.61 -1.76 -27.67
C ILE C 433 33.72 -0.73 -27.43
N GLN C 434 33.57 0.07 -26.38
CA GLN C 434 34.59 1.05 -26.00
C GLN C 434 35.03 0.86 -24.56
N ASN C 435 36.29 0.45 -24.39
CA ASN C 435 36.86 0.29 -23.06
C ASN C 435 37.33 1.63 -22.49
N VAL C 436 36.48 2.23 -21.66
CA VAL C 436 36.71 3.59 -21.17
C VAL C 436 37.90 3.71 -20.23
N ASP C 437 38.24 2.62 -19.55
CA ASP C 437 39.35 2.63 -18.61
C ASP C 437 40.69 2.72 -19.35
N HIS C 438 40.79 2.03 -20.48
CA HIS C 438 41.99 2.09 -21.30
C HIS C 438 42.09 3.42 -22.04
N CYS C 439 40.94 4.08 -22.21
CA CYS C 439 40.88 5.35 -22.94
C CYS C 439 41.30 6.53 -22.07
N ASN C 440 41.60 6.28 -20.81
CA ASN C 440 42.01 7.35 -19.90
C ASN C 440 43.32 7.02 -19.16
N THR C 441 43.56 5.74 -18.93
CA THR C 441 44.81 5.30 -18.33
C THR C 441 45.94 5.36 -19.35
N HIS C 442 45.60 5.13 -20.61
CA HIS C 442 46.55 5.26 -21.71
C HIS C 442 46.10 6.39 -22.64
N SER C 443 46.20 7.62 -22.15
CA SER C 443 45.68 8.78 -22.88
C SER C 443 46.61 9.98 -22.76
N PRO C 444 46.65 10.82 -23.81
CA PRO C 444 47.42 12.06 -23.80
C PRO C 444 46.73 13.18 -23.01
N PHE C 445 45.60 12.86 -22.37
CA PHE C 445 44.84 13.84 -21.60
C PHE C 445 44.76 13.47 -20.12
N ASP C 446 44.64 14.48 -19.27
CA ASP C 446 44.46 14.27 -17.83
C ASP C 446 43.00 13.97 -17.52
N PRO C 447 42.72 12.76 -17.03
CA PRO C 447 41.35 12.32 -16.71
C PRO C 447 40.69 13.17 -15.63
N ALA C 448 41.50 13.87 -14.85
CA ALA C 448 40.99 14.70 -13.76
C ALA C 448 40.53 16.07 -14.24
N ILE C 449 41.07 16.51 -15.38
CA ILE C 449 40.74 17.82 -15.92
C ILE C 449 39.87 17.73 -17.17
N ALA C 450 40.26 16.85 -18.09
CA ALA C 450 39.53 16.68 -19.34
C ALA C 450 39.53 15.22 -19.79
N PRO C 451 38.59 14.43 -19.24
CA PRO C 451 38.49 12.99 -19.54
C PRO C 451 37.86 12.70 -20.89
N VAL C 452 38.13 11.53 -21.44
CA VAL C 452 37.52 11.08 -22.69
C VAL C 452 36.30 10.22 -22.36
N ARG C 453 35.13 10.67 -22.81
CA ARG C 453 33.88 10.00 -22.45
C ARG C 453 33.19 9.34 -23.65
N GLN C 454 33.77 9.48 -24.82
CA GLN C 454 33.13 8.98 -26.04
C GLN C 454 34.10 8.78 -27.20
N SER C 455 33.55 8.50 -28.37
CA SER C 455 34.33 8.36 -29.59
C SER C 455 33.55 8.91 -30.78
N ASN C 456 33.94 8.53 -31.99
CA ASN C 456 33.27 9.02 -33.19
C ASN C 456 32.53 7.92 -33.95
N LEU C 457 32.31 8.17 -35.24
CA LEU C 457 31.55 7.25 -36.09
C LEU C 457 32.28 5.93 -36.32
N CYS C 458 33.58 6.02 -36.60
CA CYS C 458 34.37 4.82 -36.91
C CYS C 458 35.19 4.35 -35.72
N LEU C 459 35.00 5.03 -34.58
CA LEU C 459 35.65 4.66 -33.32
C LEU C 459 37.17 4.64 -33.38
N GLU C 460 37.76 5.71 -33.92
CA GLU C 460 39.21 5.85 -33.92
C GLU C 460 39.62 7.14 -33.22
N ILE C 461 38.62 7.96 -32.91
CA ILE C 461 38.87 9.26 -32.28
C ILE C 461 38.47 9.24 -30.81
N ALA C 462 39.37 9.68 -29.95
CA ALA C 462 39.11 9.75 -28.52
C ALA C 462 39.51 11.11 -27.94
N LEU C 463 38.55 12.02 -27.88
CA LEU C 463 38.83 13.38 -27.42
C LEU C 463 37.89 13.81 -26.29
N PRO C 464 38.39 14.68 -25.39
CA PRO C 464 37.58 15.23 -24.29
C PRO C 464 36.42 16.07 -24.79
N THR C 465 35.29 16.00 -24.09
CA THR C 465 34.10 16.75 -24.49
C THR C 465 33.37 17.36 -23.29
N LYS C 466 32.64 18.43 -23.54
CA LYS C 466 31.82 19.07 -22.52
C LYS C 466 30.46 19.47 -23.10
N PRO C 467 29.38 19.11 -22.40
CA PRO C 467 28.00 19.33 -22.85
C PRO C 467 27.65 20.80 -23.01
N LEU C 468 26.70 21.08 -23.91
CA LEU C 468 26.27 22.46 -24.18
C LEU C 468 24.92 22.73 -23.54
N ASN C 469 24.71 23.97 -23.10
CA ASN C 469 23.40 24.38 -22.60
C ASN C 469 22.65 25.17 -23.67
N ASP C 470 23.35 25.44 -24.76
CA ASP C 470 22.78 26.15 -25.91
C ASP C 470 23.63 25.84 -27.14
N VAL C 471 23.04 25.99 -28.33
CA VAL C 471 23.75 25.69 -29.57
C VAL C 471 24.95 26.63 -29.76
N ASN C 472 24.86 27.83 -29.18
CA ASN C 472 25.93 28.80 -29.27
C ASN C 472 26.63 29.02 -27.93
N ASP C 473 26.61 27.99 -27.08
CA ASP C 473 27.23 28.06 -25.77
C ASP C 473 28.75 28.14 -25.90
N GLU C 474 29.36 29.06 -25.15
CA GLU C 474 30.80 29.25 -25.20
C GLU C 474 31.49 28.46 -24.08
N ASN C 475 30.72 27.71 -23.31
CA ASN C 475 31.27 26.90 -22.24
C ASN C 475 31.37 25.43 -22.62
N GLY C 476 30.62 25.03 -23.65
CA GLY C 476 30.63 23.66 -24.12
C GLY C 476 31.85 23.35 -24.96
N GLU C 477 32.09 22.06 -25.19
CA GLU C 477 33.24 21.64 -25.99
C GLU C 477 32.88 20.51 -26.96
N ILE C 478 32.84 20.85 -28.25
CA ILE C 478 32.60 19.86 -29.29
C ILE C 478 33.92 19.45 -29.93
N ALA C 479 34.25 18.17 -29.87
CA ALA C 479 35.54 17.68 -30.32
C ALA C 479 35.59 17.52 -31.84
N LEU C 480 36.54 18.21 -32.47
CA LEU C 480 36.79 18.07 -33.90
C LEU C 480 38.17 17.48 -34.13
N CYS C 481 38.38 16.89 -35.31
CA CYS C 481 39.66 16.28 -35.64
C CYS C 481 39.92 16.25 -37.14
N THR C 482 41.12 16.68 -37.53
CA THR C 482 41.54 16.66 -38.92
C THR C 482 42.32 15.37 -39.20
N LEU C 483 41.97 14.70 -40.29
CA LEU C 483 42.52 13.37 -40.57
C LEU C 483 43.61 13.39 -41.64
N SER C 484 44.38 12.30 -41.68
CA SER C 484 45.41 12.07 -42.70
C SER C 484 45.92 10.63 -42.58
N ALA C 485 46.82 10.25 -43.49
CA ALA C 485 47.36 8.89 -43.48
C ALA C 485 48.73 8.81 -44.16
N PHE C 486 49.61 8.00 -43.60
CA PHE C 486 50.90 7.72 -44.21
C PHE C 486 50.85 6.46 -45.07
N ASN C 487 51.50 6.51 -46.23
CA ASN C 487 51.57 5.35 -47.12
C ASN C 487 52.85 4.57 -46.86
N LEU C 488 52.73 3.45 -46.17
CA LEU C 488 53.88 2.63 -45.78
C LEU C 488 54.55 1.94 -46.97
N GLY C 489 53.81 1.81 -48.06
CA GLY C 489 54.33 1.16 -49.25
C GLY C 489 55.10 2.07 -50.18
N ALA C 490 55.07 3.37 -49.90
CA ALA C 490 55.71 4.35 -50.75
C ALA C 490 57.04 4.83 -50.19
N ILE C 491 57.36 4.39 -48.97
CA ILE C 491 58.62 4.77 -48.34
C ILE C 491 59.63 3.63 -48.39
N ASN C 492 60.91 3.98 -48.46
CA ASN C 492 61.97 2.99 -48.54
C ASN C 492 62.55 2.65 -47.17
N ASN C 493 62.44 3.60 -46.23
CA ASN C 493 62.89 3.38 -44.86
C ASN C 493 62.08 4.21 -43.87
N LEU C 494 62.23 3.90 -42.59
CA LEU C 494 61.43 4.55 -41.55
C LEU C 494 61.92 5.96 -41.24
N ASP C 495 63.15 6.28 -41.65
CA ASP C 495 63.73 7.58 -41.38
C ASP C 495 63.22 8.64 -42.36
N GLU C 496 62.48 8.19 -43.37
CA GLU C 496 61.84 9.09 -44.32
C GLU C 496 60.62 9.77 -43.69
N LEU C 497 60.14 9.15 -42.61
CA LEU C 497 58.95 9.64 -41.92
C LEU C 497 59.17 10.99 -41.24
N GLU C 498 60.43 11.28 -40.92
CA GLU C 498 60.79 12.54 -40.27
C GLU C 498 60.43 13.74 -41.14
N GLU C 499 60.70 13.61 -42.44
CA GLU C 499 60.37 14.66 -43.39
C GLU C 499 58.87 14.72 -43.62
N LEU C 500 58.24 13.56 -43.74
CA LEU C 500 56.80 13.47 -44.01
C LEU C 500 55.97 13.98 -42.83
N ALA C 501 56.47 13.78 -41.61
CA ALA C 501 55.76 14.21 -40.41
C ALA C 501 55.69 15.73 -40.31
N ILE C 502 56.80 16.40 -40.59
CA ILE C 502 56.86 17.86 -40.54
C ILE C 502 55.88 18.47 -41.54
N LEU C 503 55.81 17.87 -42.73
CA LEU C 503 54.92 18.35 -43.78
C LEU C 503 53.46 18.11 -43.41
N ALA C 504 53.18 16.93 -42.86
CA ALA C 504 51.82 16.54 -42.52
C ALA C 504 51.25 17.38 -41.38
N VAL C 505 52.02 17.52 -40.31
CA VAL C 505 51.57 18.23 -39.13
C VAL C 505 51.34 19.71 -39.40
N ARG C 506 52.30 20.36 -40.06
CA ARG C 506 52.21 21.78 -40.36
C ARG C 506 51.03 22.10 -41.29
N ALA C 507 50.74 21.16 -42.19
CA ALA C 507 49.65 21.35 -43.14
C ALA C 507 48.29 21.28 -42.44
N LEU C 508 48.09 20.22 -41.66
CA LEU C 508 46.82 20.01 -40.96
C LEU C 508 46.57 21.10 -39.93
N ASP C 509 47.63 21.55 -39.27
CA ASP C 509 47.52 22.59 -38.26
C ASP C 509 47.13 23.93 -38.91
N ALA C 510 47.59 24.13 -40.14
CA ALA C 510 47.27 25.33 -40.89
C ALA C 510 45.82 25.30 -41.36
N LEU C 511 45.32 24.08 -41.60
CA LEU C 511 43.95 23.89 -42.06
C LEU C 511 42.96 24.27 -40.96
N LEU C 512 43.38 24.08 -39.71
CA LEU C 512 42.55 24.40 -38.55
C LEU C 512 42.20 25.90 -38.52
N ASP C 513 43.14 26.72 -38.97
CA ASP C 513 42.91 28.17 -39.02
C ASP C 513 42.33 28.58 -40.36
N TYR C 514 42.22 27.62 -41.28
CA TYR C 514 41.70 27.90 -42.62
C TYR C 514 40.20 27.60 -42.70
N GLN C 515 39.79 26.49 -42.09
CA GLN C 515 38.40 26.05 -42.14
C GLN C 515 37.50 26.90 -41.24
N ASP C 516 36.20 26.80 -41.44
CA ASP C 516 35.23 27.55 -40.64
C ASP C 516 34.56 26.65 -39.61
N TYR C 517 33.89 27.27 -38.64
CA TYR C 517 33.20 26.54 -37.59
C TYR C 517 31.80 27.10 -37.38
N PRO C 518 30.78 26.31 -37.72
CA PRO C 518 29.38 26.72 -37.60
C PRO C 518 28.90 26.77 -36.16
N ILE C 519 29.66 26.17 -35.25
CA ILE C 519 29.29 26.11 -33.84
C ILE C 519 30.43 26.61 -32.96
N PRO C 520 30.13 27.61 -32.09
CA PRO C 520 31.12 28.21 -31.19
C PRO C 520 31.81 27.20 -30.28
N ALA C 521 31.07 26.20 -29.81
CA ALA C 521 31.64 25.18 -28.93
C ALA C 521 32.64 24.30 -29.67
N ALA C 522 32.43 24.13 -30.97
CA ALA C 522 33.33 23.34 -31.80
C ALA C 522 34.62 24.10 -32.02
N LYS C 523 34.51 25.42 -32.13
CA LYS C 523 35.66 26.28 -32.32
C LYS C 523 36.54 26.26 -31.08
N ARG C 524 35.91 26.15 -29.92
CA ARG C 524 36.63 26.08 -28.64
C ARG C 524 37.50 24.85 -28.57
N GLY C 525 36.96 23.70 -28.98
CA GLY C 525 37.69 22.45 -28.97
C GLY C 525 38.78 22.41 -30.02
N ALA C 526 38.51 23.02 -31.17
CA ALA C 526 39.46 23.03 -32.27
C ALA C 526 40.63 23.98 -32.01
N MET C 527 40.31 25.19 -31.55
CA MET C 527 41.34 26.19 -31.29
C MET C 527 42.07 25.96 -29.98
N GLY C 528 41.39 25.30 -29.04
CA GLY C 528 41.94 25.09 -27.71
C GLY C 528 42.97 23.98 -27.63
N ARG C 529 42.66 22.84 -28.23
CA ARG C 529 43.54 21.68 -28.13
C ARG C 529 44.28 21.41 -29.44
N ARG C 530 43.67 21.81 -30.55
CA ARG C 530 44.22 21.63 -31.89
C ARG C 530 44.56 20.16 -32.16
N THR C 531 43.56 19.30 -32.00
CA THR C 531 43.74 17.86 -32.11
C THR C 531 43.87 17.40 -33.57
N LEU C 532 44.83 16.53 -33.83
CA LEU C 532 45.00 15.94 -35.16
C LEU C 532 44.91 14.42 -35.07
N GLY C 533 44.58 13.78 -36.18
CA GLY C 533 44.47 12.34 -36.23
C GLY C 533 45.04 11.74 -37.51
N ILE C 534 46.32 11.39 -37.46
CA ILE C 534 47.00 10.83 -38.62
C ILE C 534 47.13 9.31 -38.49
N GLY C 535 46.75 8.60 -39.55
CA GLY C 535 46.80 7.15 -39.54
C GLY C 535 47.74 6.57 -40.57
N VAL C 536 47.49 5.33 -40.98
CA VAL C 536 48.32 4.65 -41.97
C VAL C 536 47.49 3.86 -42.97
N ILE C 537 48.03 3.71 -44.17
CA ILE C 537 47.42 2.87 -45.19
C ILE C 537 48.48 1.93 -45.76
N ASN C 538 48.05 1.01 -46.61
CA ASN C 538 48.94 0.03 -47.25
C ASN C 538 49.73 -0.78 -46.22
N PHE C 539 49.07 -1.15 -45.12
CA PHE C 539 49.71 -1.92 -44.07
C PHE C 539 49.89 -3.38 -44.48
N ALA C 540 48.93 -3.90 -45.23
CA ALA C 540 48.99 -5.27 -45.72
C ALA C 540 50.15 -5.43 -46.70
N TYR C 541 50.31 -4.45 -47.59
CA TYR C 541 51.40 -4.44 -48.56
C TYR C 541 52.74 -4.22 -47.87
N TYR C 542 52.72 -3.51 -46.75
CA TYR C 542 53.93 -3.25 -45.98
C TYR C 542 54.46 -4.54 -45.36
N LEU C 543 53.55 -5.42 -44.95
CA LEU C 543 53.92 -6.70 -44.37
C LEU C 543 54.36 -7.69 -45.44
N ALA C 544 53.77 -7.58 -46.63
CA ALA C 544 54.09 -8.47 -47.74
C ALA C 544 55.52 -8.24 -48.24
N LYS C 545 55.96 -6.98 -48.24
CA LYS C 545 57.31 -6.65 -48.68
C LYS C 545 58.37 -7.19 -47.74
N HIS C 546 58.05 -7.24 -46.45
CA HIS C 546 58.98 -7.72 -45.44
C HIS C 546 58.74 -9.19 -45.09
N GLY C 547 57.80 -9.81 -45.79
CA GLY C 547 57.53 -11.23 -45.62
C GLY C 547 56.96 -11.59 -44.26
N LYS C 548 56.08 -10.73 -43.73
CA LYS C 548 55.46 -10.98 -42.45
C LYS C 548 53.97 -11.27 -42.62
N ARG C 549 53.32 -11.73 -41.56
CA ARG C 549 51.90 -12.05 -41.60
C ARG C 549 51.16 -11.53 -40.38
N TYR C 550 49.84 -11.72 -40.35
CA TYR C 550 49.00 -11.21 -39.29
C TYR C 550 48.83 -12.20 -38.13
N SER C 551 48.52 -13.45 -38.46
CA SER C 551 48.07 -14.41 -37.46
C SER C 551 49.18 -15.15 -36.73
N ASP C 552 50.40 -15.16 -37.30
CA ASP C 552 51.51 -15.89 -36.68
C ASP C 552 52.24 -15.04 -35.65
N GLY C 553 51.97 -13.74 -35.65
CA GLY C 553 52.60 -12.83 -34.72
C GLY C 553 54.05 -12.55 -35.07
N SER C 554 54.41 -12.84 -36.32
CA SER C 554 55.78 -12.64 -36.80
C SER C 554 56.04 -11.18 -37.10
N ALA C 555 54.97 -10.38 -37.16
CA ALA C 555 55.08 -8.97 -37.47
C ALA C 555 55.00 -8.12 -36.20
N ASN C 556 55.00 -8.79 -35.05
CA ASN C 556 54.88 -8.10 -33.76
C ASN C 556 56.03 -7.13 -33.51
N ASN C 557 57.26 -7.59 -33.70
CA ASN C 557 58.43 -6.76 -33.50
C ASN C 557 58.58 -5.71 -34.61
N LEU C 558 58.16 -6.07 -35.81
CA LEU C 558 58.20 -5.13 -36.94
C LEU C 558 57.20 -4.00 -36.75
N THR C 559 56.01 -4.35 -36.28
CA THR C 559 54.97 -3.37 -36.00
C THR C 559 55.42 -2.38 -34.93
N HIS C 560 56.04 -2.91 -33.88
CA HIS C 560 56.52 -2.09 -32.76
C HIS C 560 57.57 -1.09 -33.20
N LYS C 561 58.47 -1.52 -34.09
CA LYS C 561 59.52 -0.64 -34.61
C LYS C 561 58.92 0.42 -35.51
N THR C 562 57.95 0.02 -36.32
CA THR C 562 57.34 0.91 -37.31
C THR C 562 56.58 2.06 -36.67
N PHE C 563 55.61 1.72 -35.83
CA PHE C 563 54.74 2.72 -35.22
C PHE C 563 55.46 3.58 -34.19
N GLU C 564 56.61 3.13 -33.72
CA GLU C 564 57.44 3.93 -32.82
C GLU C 564 58.04 5.12 -33.56
N ALA C 565 58.57 4.87 -34.76
CA ALA C 565 59.16 5.91 -35.58
C ALA C 565 58.10 6.92 -36.01
N ILE C 566 56.87 6.44 -36.18
CA ILE C 566 55.76 7.30 -36.55
C ILE C 566 55.46 8.32 -35.45
N GLN C 567 55.22 7.82 -34.24
CA GLN C 567 54.86 8.66 -33.12
C GLN C 567 55.99 9.63 -32.74
N TYR C 568 57.23 9.13 -32.80
CA TYR C 568 58.40 9.94 -32.45
C TYR C 568 58.55 11.15 -33.36
N TYR C 569 58.53 10.91 -34.67
CA TYR C 569 58.73 11.98 -35.64
C TYR C 569 57.55 12.94 -35.67
N LEU C 570 56.36 12.44 -35.32
CA LEU C 570 55.18 13.29 -35.22
C LEU C 570 55.33 14.27 -34.05
N LEU C 571 55.69 13.74 -32.89
CA LEU C 571 55.92 14.56 -31.71
C LEU C 571 57.09 15.53 -31.94
N LYS C 572 58.14 15.05 -32.57
CA LYS C 572 59.32 15.85 -32.85
C LYS C 572 58.99 17.02 -33.77
N ALA C 573 58.13 16.75 -34.75
CA ALA C 573 57.69 17.78 -35.69
C ALA C 573 56.83 18.81 -34.99
N SER C 574 55.90 18.32 -34.16
CA SER C 574 55.01 19.20 -33.41
C SER C 574 55.77 20.01 -32.37
N ASN C 575 56.81 19.40 -31.80
CA ASN C 575 57.63 20.07 -30.80
C ASN C 575 58.44 21.21 -31.41
N GLU C 576 59.04 20.97 -32.57
CA GLU C 576 59.79 21.99 -33.28
C GLU C 576 58.85 23.09 -33.81
N LEU C 577 57.62 22.70 -34.09
CA LEU C 577 56.60 23.64 -34.53
C LEU C 577 56.14 24.51 -33.36
N ALA C 578 56.16 23.92 -32.17
CA ALA C 578 55.79 24.64 -30.95
C ALA C 578 56.86 25.66 -30.60
N LYS C 579 58.09 25.38 -31.01
CA LYS C 579 59.19 26.32 -30.82
C LYS C 579 59.01 27.54 -31.71
N GLU C 580 58.37 27.31 -32.86
CA GLU C 580 58.22 28.35 -33.87
C GLU C 580 57.00 29.25 -33.64
N GLN C 581 55.86 28.64 -33.34
CA GLN C 581 54.62 29.39 -33.25
C GLN C 581 53.91 29.27 -31.89
N GLY C 582 54.49 28.49 -30.98
CA GLY C 582 53.92 28.33 -29.66
C GLY C 582 53.00 27.13 -29.53
N ALA C 583 52.95 26.56 -28.33
CA ALA C 583 52.10 25.41 -28.05
C ALA C 583 50.63 25.80 -27.96
N CYS C 584 49.75 24.80 -28.00
CA CYS C 584 48.31 25.02 -27.91
C CYS C 584 47.92 25.57 -26.53
N PRO C 585 46.89 26.45 -26.49
CA PRO C 585 46.44 27.09 -25.25
C PRO C 585 46.10 26.11 -24.13
N TRP C 586 45.44 25.01 -24.45
CA TRP C 586 45.01 24.05 -23.43
C TRP C 586 45.97 22.87 -23.33
N PHE C 587 47.26 23.14 -23.49
CA PHE C 587 48.27 22.10 -23.40
C PHE C 587 48.49 21.65 -21.97
N ASN C 588 48.20 22.54 -21.02
CA ASN C 588 48.40 22.27 -19.60
C ASN C 588 47.45 21.19 -19.06
N GLU C 589 46.40 20.89 -19.82
CA GLU C 589 45.45 19.86 -19.41
C GLU C 589 45.84 18.50 -19.99
N THR C 590 46.98 18.45 -20.65
CA THR C 590 47.48 17.22 -21.27
C THR C 590 48.52 16.54 -20.38
N THR C 591 48.77 15.27 -20.64
CA THR C 591 49.76 14.52 -19.87
C THR C 591 51.18 14.87 -20.34
N TYR C 592 51.28 15.36 -21.58
CA TYR C 592 52.57 15.77 -22.12
C TYR C 592 53.14 16.96 -21.35
N ALA C 593 52.25 17.80 -20.83
CA ALA C 593 52.67 18.97 -20.06
C ALA C 593 53.31 18.55 -18.73
N LYS C 594 52.92 17.39 -18.23
CA LYS C 594 53.48 16.86 -17.00
C LYS C 594 54.62 15.89 -17.28
N GLY C 595 55.06 15.85 -18.53
CA GLY C 595 56.20 15.04 -18.92
C GLY C 595 55.90 13.56 -19.04
N ILE C 596 54.65 13.23 -19.34
CA ILE C 596 54.25 11.84 -19.49
C ILE C 596 54.16 11.45 -20.97
N LEU C 597 54.80 10.34 -21.31
CA LEU C 597 54.82 9.85 -22.69
C LEU C 597 54.01 8.56 -22.82
N PRO C 598 53.53 8.26 -24.04
CA PRO C 598 52.78 7.02 -24.31
C PRO C 598 53.57 5.75 -23.95
N ILE C 599 54.89 5.86 -23.93
CA ILE C 599 55.75 4.72 -23.59
C ILE C 599 55.81 4.46 -22.10
N ASP C 600 55.09 5.27 -21.32
CA ASP C 600 55.09 5.15 -19.87
C ASP C 600 53.81 4.53 -19.31
N THR C 601 52.71 4.70 -20.03
CA THR C 601 51.41 4.29 -19.53
C THR C 601 50.77 3.16 -20.34
N TYR C 602 51.57 2.51 -21.18
CA TYR C 602 51.06 1.43 -22.01
C TYR C 602 50.74 0.17 -21.20
N LYS C 603 49.89 -0.68 -21.75
CA LYS C 603 49.51 -1.94 -21.11
C LYS C 603 50.71 -2.89 -21.02
N LYS C 604 51.04 -3.29 -19.80
CA LYS C 604 52.25 -4.08 -19.55
C LYS C 604 52.13 -5.53 -20.05
N ASP C 605 50.94 -5.91 -20.49
CA ASP C 605 50.74 -7.24 -21.06
C ASP C 605 51.30 -7.34 -22.47
N LEU C 606 51.63 -6.19 -23.05
CA LEU C 606 52.18 -6.13 -24.40
C LEU C 606 53.62 -6.63 -24.44
N ASP C 607 54.27 -6.64 -23.28
CA ASP C 607 55.65 -7.05 -23.17
C ASP C 607 55.82 -8.56 -23.35
N THR C 608 54.72 -9.30 -23.25
CA THR C 608 54.75 -10.75 -23.36
C THR C 608 54.66 -11.22 -24.81
N ILE C 609 54.33 -10.30 -25.71
CA ILE C 609 54.19 -10.65 -27.12
C ILE C 609 55.12 -9.84 -28.02
N ALA C 610 55.91 -8.95 -27.41
CA ALA C 610 56.84 -8.11 -28.17
C ALA C 610 58.02 -7.70 -27.31
N ASN C 611 59.23 -7.91 -27.83
CA ASN C 611 60.45 -7.59 -27.10
C ASN C 611 61.37 -6.63 -27.84
N GLU C 612 60.85 -5.98 -28.88
CA GLU C 612 61.62 -5.03 -29.66
C GLU C 612 61.94 -3.76 -28.86
N PRO C 613 63.23 -3.42 -28.77
CA PRO C 613 63.70 -2.25 -28.03
C PRO C 613 63.43 -0.92 -28.74
N LEU C 614 63.50 0.18 -28.00
CA LEU C 614 63.32 1.51 -28.58
C LEU C 614 64.57 1.96 -29.32
N HIS C 615 64.39 2.48 -30.53
CA HIS C 615 65.51 2.85 -31.38
C HIS C 615 65.75 4.36 -31.42
N TYR C 616 64.87 5.13 -30.79
CA TYR C 616 64.98 6.58 -30.83
C TYR C 616 65.08 7.19 -29.43
N ASP C 617 65.60 8.41 -29.37
CA ASP C 617 65.80 9.11 -28.11
C ASP C 617 64.52 9.75 -27.61
N TRP C 618 63.73 8.99 -26.86
CA TRP C 618 62.48 9.49 -26.32
C TRP C 618 62.71 10.42 -25.14
N GLU C 619 63.83 10.23 -24.45
CA GLU C 619 64.16 11.01 -23.26
C GLU C 619 64.53 12.44 -23.61
N ALA C 620 65.21 12.62 -24.74
CA ALA C 620 65.57 13.96 -25.21
C ALA C 620 64.33 14.70 -25.68
N LEU C 621 63.38 13.95 -26.23
CA LEU C 621 62.11 14.51 -26.66
C LEU C 621 61.27 14.94 -25.47
N ARG C 622 61.39 14.17 -24.38
CA ARG C 622 60.64 14.44 -23.16
C ARG C 622 60.99 15.81 -22.57
N GLU C 623 62.29 16.11 -22.53
CA GLU C 623 62.76 17.38 -21.99
C GLU C 623 62.51 18.53 -22.97
N SER C 624 62.38 18.19 -24.25
CA SER C 624 62.10 19.19 -25.27
C SER C 624 60.63 19.59 -25.22
N ILE C 625 59.77 18.65 -24.87
CA ILE C 625 58.34 18.92 -24.74
C ILE C 625 58.05 19.69 -23.46
N LYS C 626 58.75 19.35 -22.38
CA LYS C 626 58.61 20.04 -21.10
C LYS C 626 58.94 21.52 -21.23
N THR C 627 59.84 21.85 -22.16
CA THR C 627 60.32 23.22 -22.32
C THR C 627 59.45 24.05 -23.26
N HIS C 628 59.22 23.53 -24.47
CA HIS C 628 58.53 24.29 -25.50
C HIS C 628 57.06 23.87 -25.68
N GLY C 629 56.75 22.63 -25.34
CA GLY C 629 55.40 22.13 -25.45
C GLY C 629 55.09 21.52 -26.80
N LEU C 630 53.82 21.21 -27.04
CA LEU C 630 53.40 20.63 -28.32
C LEU C 630 52.35 21.51 -28.99
N ARG C 631 52.46 21.63 -30.31
CA ARG C 631 51.50 22.40 -31.10
C ARG C 631 50.13 21.72 -31.14
N ASN C 632 50.13 20.39 -31.02
CA ASN C 632 48.90 19.62 -31.07
C ASN C 632 48.74 18.68 -29.88
N SER C 633 47.53 18.55 -29.36
CA SER C 633 47.24 17.67 -28.24
C SER C 633 47.35 16.21 -28.66
N THR C 634 46.79 15.89 -29.83
CA THR C 634 46.89 14.54 -30.39
C THR C 634 47.49 14.61 -31.79
N LEU C 635 48.02 13.49 -32.26
CA LEU C 635 48.67 13.45 -33.57
C LEU C 635 48.35 12.16 -34.33
N SER C 636 48.31 11.04 -33.62
CA SER C 636 48.13 9.74 -34.25
C SER C 636 46.76 9.13 -33.97
N ALA C 637 46.14 8.60 -35.02
CA ALA C 637 44.85 7.92 -34.92
C ALA C 637 44.60 7.06 -36.15
N LEU C 638 44.30 5.78 -35.95
CA LEU C 638 44.14 4.86 -37.07
C LEU C 638 42.68 4.73 -37.52
N MET C 639 42.34 5.41 -38.60
CA MET C 639 40.98 5.37 -39.14
C MET C 639 40.89 4.45 -40.34
N PRO C 640 39.68 3.95 -40.64
CA PRO C 640 39.48 3.17 -41.86
C PRO C 640 39.52 4.06 -43.09
N SER C 641 40.10 3.58 -44.18
CA SER C 641 40.18 4.36 -45.40
C SER C 641 39.78 3.52 -46.61
N GLU C 642 38.60 3.81 -47.14
CA GLU C 642 38.08 3.09 -48.30
C GLU C 642 38.16 3.96 -49.55
N THR C 643 38.05 5.27 -49.36
CA THR C 643 38.08 6.21 -50.47
C THR C 643 39.50 6.67 -50.77
N SER C 644 40.21 7.12 -49.75
CA SER C 644 41.56 7.67 -49.91
C SER C 644 42.59 6.58 -50.25
N SER C 645 42.27 5.33 -49.91
CA SER C 645 43.18 4.23 -50.15
C SER C 645 43.26 3.85 -51.63
N GLN C 646 42.11 3.93 -52.30
CA GLN C 646 42.03 3.55 -53.71
C GLN C 646 42.85 4.48 -54.61
N ILE C 647 43.09 5.70 -54.12
CA ILE C 647 43.88 6.67 -54.87
C ILE C 647 45.33 6.20 -55.04
N SER C 648 45.89 5.64 -53.97
CA SER C 648 47.27 5.14 -54.01
C SER C 648 47.31 3.67 -54.38
N ASN C 649 46.16 3.12 -54.76
CA ASN C 649 46.00 1.69 -55.03
C ASN C 649 46.50 0.87 -53.85
N ALA C 650 46.09 1.28 -52.65
CA ALA C 650 46.55 0.66 -51.42
C ALA C 650 45.47 -0.20 -50.78
N THR C 651 45.87 -1.06 -49.85
CA THR C 651 44.92 -1.84 -49.08
C THR C 651 44.25 -0.93 -48.06
N ASN C 652 42.96 -1.16 -47.82
CA ASN C 652 42.16 -0.30 -46.97
C ASN C 652 42.65 -0.24 -45.52
N GLY C 653 43.37 0.83 -45.20
CA GLY C 653 43.86 1.06 -43.85
C GLY C 653 44.80 -0.03 -43.35
N ILE C 654 44.47 -0.60 -42.20
CA ILE C 654 45.27 -1.66 -41.61
C ILE C 654 44.64 -3.03 -41.86
N GLU C 655 43.44 -3.02 -42.42
CA GLU C 655 42.70 -4.25 -42.69
C GLU C 655 43.30 -5.01 -43.87
N PRO C 656 43.35 -6.35 -43.77
CA PRO C 656 43.81 -7.19 -44.87
C PRO C 656 42.75 -7.32 -45.96
N PRO C 657 43.18 -7.37 -47.23
CA PRO C 657 42.25 -7.47 -48.37
C PRO C 657 41.50 -8.80 -48.39
N ARG C 658 40.25 -8.76 -48.85
CA ARG C 658 39.44 -9.98 -48.94
C ARG C 658 39.83 -10.80 -50.16
N GLY C 659 40.45 -10.15 -51.13
CA GLY C 659 40.90 -10.83 -52.34
C GLY C 659 42.03 -10.08 -53.01
N TYR C 660 42.73 -10.74 -53.92
CA TYR C 660 43.84 -10.13 -54.62
C TYR C 660 43.34 -9.05 -55.58
N VAL C 661 42.13 -9.23 -56.07
CA VAL C 661 41.49 -8.25 -56.94
C VAL C 661 40.09 -7.93 -56.43
N SER C 662 39.86 -6.66 -56.09
CA SER C 662 38.57 -6.22 -55.58
C SER C 662 37.61 -5.80 -56.70
N ILE C 663 36.39 -6.33 -56.66
CA ILE C 663 35.39 -5.99 -57.66
C ILE C 663 34.28 -5.16 -57.05
N LYS C 664 34.12 -3.93 -57.55
CA LYS C 664 33.10 -3.02 -57.07
C LYS C 664 32.39 -2.33 -58.23
N ALA C 665 31.09 -2.58 -58.36
CA ALA C 665 30.29 -2.02 -59.44
C ALA C 665 30.14 -0.51 -59.32
N SER C 666 30.06 0.17 -60.46
CA SER C 666 29.94 1.62 -60.50
C SER C 666 29.02 2.07 -61.63
N LYS C 667 28.95 3.38 -61.83
CA LYS C 667 28.09 3.96 -62.86
C LYS C 667 28.61 3.68 -64.26
N ASP C 668 29.93 3.57 -64.38
CA ASP C 668 30.56 3.34 -65.68
C ASP C 668 30.91 1.88 -65.91
N GLY C 669 30.37 0.99 -65.06
CA GLY C 669 30.61 -0.42 -65.20
C GLY C 669 31.28 -1.04 -63.99
N ILE C 670 31.95 -2.17 -64.21
CA ILE C 670 32.62 -2.88 -63.12
C ILE C 670 34.08 -2.43 -62.97
N LEU C 671 34.42 -1.95 -61.78
CA LEU C 671 35.78 -1.50 -61.51
C LEU C 671 36.59 -2.58 -60.79
N ARG C 672 37.75 -2.90 -61.33
CA ARG C 672 38.63 -3.90 -60.75
C ARG C 672 39.92 -3.28 -60.23
N GLN C 673 40.30 -3.63 -59.00
CA GLN C 673 41.50 -3.11 -58.38
C GLN C 673 42.40 -4.24 -57.89
N VAL C 674 43.63 -4.25 -58.36
CA VAL C 674 44.59 -5.29 -57.99
C VAL C 674 45.49 -4.82 -56.86
N VAL C 675 45.80 -5.72 -55.94
CA VAL C 675 46.71 -5.42 -54.84
C VAL C 675 48.08 -4.96 -55.38
N PRO C 676 48.71 -4.00 -54.68
CA PRO C 676 49.99 -3.44 -55.14
C PRO C 676 51.11 -4.47 -55.24
N ASP C 677 51.74 -4.52 -56.41
CA ASP C 677 52.85 -5.44 -56.67
C ASP C 677 52.44 -6.90 -56.44
N TYR C 678 51.34 -7.30 -57.08
CA TYR C 678 50.84 -8.67 -56.98
C TYR C 678 51.78 -9.64 -57.71
N GLU C 679 52.49 -9.12 -58.70
CA GLU C 679 53.36 -9.93 -59.54
C GLU C 679 54.47 -10.63 -58.75
N HIS C 680 54.97 -9.97 -57.71
CA HIS C 680 56.10 -10.48 -56.95
C HIS C 680 55.72 -10.92 -55.53
N LEU C 681 54.53 -10.55 -55.07
CA LEU C 681 54.14 -10.81 -53.69
C LEU C 681 52.78 -11.50 -53.58
N HIS C 682 52.44 -12.33 -54.56
CA HIS C 682 51.15 -13.00 -54.59
C HIS C 682 50.96 -14.01 -53.46
N ASP C 683 52.06 -14.60 -53.00
CA ASP C 683 52.00 -15.58 -51.91
C ASP C 683 52.33 -14.97 -50.55
N ALA C 684 52.91 -13.77 -50.57
CA ALA C 684 53.30 -13.09 -49.33
C ALA C 684 52.07 -12.54 -48.61
N TYR C 685 51.01 -12.27 -49.35
CA TYR C 685 49.79 -11.73 -48.79
C TYR C 685 49.01 -12.78 -47.99
N GLU C 686 48.27 -12.32 -46.98
CA GLU C 686 47.38 -13.19 -46.22
C GLU C 686 45.96 -12.60 -46.22
N LEU C 687 45.07 -13.24 -46.97
CA LEU C 687 43.69 -12.76 -47.10
C LEU C 687 42.95 -12.80 -45.77
N LEU C 688 41.79 -12.13 -45.75
CA LEU C 688 41.01 -12.00 -44.53
C LEU C 688 40.46 -13.33 -44.04
N TRP C 689 39.99 -14.17 -44.97
CA TRP C 689 39.37 -15.43 -44.61
C TRP C 689 40.37 -16.58 -44.62
N GLU C 690 41.63 -16.26 -44.85
CA GLU C 690 42.72 -17.23 -44.75
C GLU C 690 43.23 -17.29 -43.32
N MET C 691 42.67 -16.44 -42.46
CA MET C 691 43.09 -16.35 -41.06
C MET C 691 42.35 -17.35 -40.19
N PRO C 692 43.08 -18.03 -39.31
CA PRO C 692 42.50 -19.00 -38.36
C PRO C 692 41.54 -18.33 -37.38
N GLY C 693 41.96 -17.21 -36.80
CA GLY C 693 41.15 -16.50 -35.83
C GLY C 693 41.48 -15.02 -35.77
N ASN C 694 41.09 -14.37 -34.68
CA ASN C 694 41.30 -12.95 -34.51
C ASN C 694 42.44 -12.63 -33.55
N ASP C 695 42.94 -13.67 -32.87
CA ASP C 695 43.97 -13.51 -31.86
C ASP C 695 45.25 -12.88 -32.41
N GLY C 696 45.64 -13.29 -33.60
CA GLY C 696 46.83 -12.75 -34.24
C GLY C 696 46.67 -11.28 -34.62
N TYR C 697 45.48 -10.95 -35.11
CA TYR C 697 45.18 -9.58 -35.53
C TYR C 697 45.15 -8.64 -34.33
N LEU C 698 44.49 -9.07 -33.25
CA LEU C 698 44.34 -8.24 -32.06
C LEU C 698 45.68 -7.92 -31.40
N GLN C 699 46.62 -8.86 -31.46
CA GLN C 699 47.94 -8.65 -30.88
C GLN C 699 48.67 -7.50 -31.56
N LEU C 700 48.56 -7.43 -32.89
CA LEU C 700 49.16 -6.34 -33.64
C LEU C 700 48.54 -5.01 -33.27
N VAL C 701 47.22 -5.00 -33.14
CA VAL C 701 46.47 -3.79 -32.78
C VAL C 701 46.91 -3.25 -31.42
N GLY C 702 47.07 -4.14 -30.45
CA GLY C 702 47.49 -3.75 -29.12
C GLY C 702 48.86 -3.09 -29.11
N ILE C 703 49.76 -3.61 -29.94
CA ILE C 703 51.11 -3.06 -30.05
C ILE C 703 51.06 -1.65 -30.66
N MET C 704 50.18 -1.47 -31.63
CA MET C 704 50.00 -0.16 -32.26
C MET C 704 49.48 0.85 -31.25
N GLN C 705 48.55 0.42 -30.40
CA GLN C 705 47.91 1.30 -29.42
C GLN C 705 48.93 1.87 -28.43
N LYS C 706 50.06 1.18 -28.28
CA LYS C 706 51.12 1.62 -27.38
C LYS C 706 51.68 2.98 -27.79
N PHE C 707 51.64 3.27 -29.09
CA PHE C 707 52.20 4.52 -29.61
C PHE C 707 51.11 5.45 -30.13
N ILE C 708 49.98 4.88 -30.54
CA ILE C 708 48.85 5.66 -31.05
C ILE C 708 48.24 6.51 -29.94
N ASP C 709 48.12 7.81 -30.19
CA ASP C 709 47.55 8.74 -29.22
C ASP C 709 46.10 8.41 -28.88
N GLN C 710 45.28 8.31 -29.92
CA GLN C 710 43.84 8.08 -29.74
C GLN C 710 43.51 6.59 -29.79
N SER C 711 42.61 6.21 -30.69
CA SER C 711 42.14 4.83 -30.77
C SER C 711 42.38 4.21 -32.14
N ILE C 712 42.00 2.95 -32.28
CA ILE C 712 42.19 2.21 -33.53
C ILE C 712 40.92 1.47 -33.93
N SER C 713 40.49 1.68 -35.18
CA SER C 713 39.30 1.03 -35.69
C SER C 713 39.57 -0.44 -36.04
N ALA C 714 39.62 -1.29 -35.02
CA ALA C 714 39.91 -2.70 -35.20
C ALA C 714 38.65 -3.49 -35.53
N ASN C 715 38.73 -4.34 -36.55
CA ASN C 715 37.58 -5.17 -36.94
C ASN C 715 37.74 -6.61 -36.49
N THR C 716 36.64 -7.21 -36.07
CA THR C 716 36.62 -8.64 -35.73
C THR C 716 35.96 -9.42 -36.87
N ASN C 717 36.58 -10.54 -37.25
CA ASN C 717 36.09 -11.33 -38.37
C ASN C 717 35.82 -12.77 -37.99
N TYR C 718 34.73 -13.33 -38.52
CA TYR C 718 34.36 -14.71 -38.21
C TYR C 718 33.80 -15.42 -39.44
N ASP C 719 34.30 -16.63 -39.68
CA ASP C 719 33.82 -17.45 -40.79
C ASP C 719 33.06 -18.65 -40.25
N PRO C 720 31.74 -18.68 -40.50
CA PRO C 720 30.84 -19.75 -40.04
C PRO C 720 31.27 -21.14 -40.53
N SER C 721 31.99 -21.18 -41.65
CA SER C 721 32.45 -22.44 -42.22
C SER C 721 33.57 -23.06 -41.39
N ARG C 722 34.31 -22.23 -40.66
CA ARG C 722 35.41 -22.68 -39.82
C ARG C 722 34.92 -23.21 -38.48
N PHE C 723 33.62 -23.11 -38.24
CA PHE C 723 33.03 -23.58 -36.99
C PHE C 723 32.00 -24.67 -37.25
N PRO C 724 31.89 -25.64 -36.31
CA PRO C 724 30.92 -26.73 -36.44
C PRO C 724 29.48 -26.21 -36.46
N SER C 725 28.61 -26.93 -37.16
CA SER C 725 27.20 -26.56 -37.32
C SER C 725 27.01 -25.21 -38.02
N GLY C 726 28.07 -24.69 -38.60
CA GLY C 726 28.02 -23.44 -39.35
C GLY C 726 27.61 -22.23 -38.54
N LYS C 727 27.89 -22.24 -37.24
CA LYS C 727 27.50 -21.14 -36.37
C LYS C 727 28.62 -20.78 -35.40
N VAL C 728 28.89 -19.49 -35.26
CA VAL C 728 29.93 -19.01 -34.35
C VAL C 728 29.46 -19.09 -32.90
N PRO C 729 30.20 -19.85 -32.08
CA PRO C 729 29.86 -20.05 -30.67
C PRO C 729 30.03 -18.78 -29.83
N MET C 730 29.24 -18.67 -28.77
CA MET C 730 29.30 -17.53 -27.87
C MET C 730 30.63 -17.50 -27.13
N GLN C 731 31.18 -18.68 -26.87
CA GLN C 731 32.43 -18.81 -26.12
C GLN C 731 33.60 -18.20 -26.89
N GLN C 732 33.54 -18.28 -28.22
CA GLN C 732 34.60 -17.72 -29.06
C GLN C 732 34.51 -16.20 -29.11
N LEU C 733 33.29 -15.69 -29.10
CA LEU C 733 33.05 -14.25 -29.11
C LEU C 733 33.58 -13.59 -27.84
N LEU C 734 33.29 -14.22 -26.71
CA LEU C 734 33.75 -13.69 -25.42
C LEU C 734 35.25 -13.87 -25.26
N LYS C 735 35.80 -14.91 -25.88
CA LYS C 735 37.23 -15.19 -25.84
C LYS C 735 38.02 -14.06 -26.50
N ASP C 736 37.65 -13.74 -27.73
CA ASP C 736 38.32 -12.68 -28.48
C ASP C 736 38.06 -11.32 -27.85
N LEU C 737 36.91 -11.18 -27.22
CA LEU C 737 36.58 -9.95 -26.51
C LEU C 737 37.53 -9.72 -25.34
N LEU C 738 37.75 -10.78 -24.57
CA LEU C 738 38.68 -10.72 -23.44
C LEU C 738 40.13 -10.66 -23.94
N THR C 739 40.37 -11.24 -25.10
CA THR C 739 41.70 -11.24 -25.70
C THR C 739 42.14 -9.83 -26.06
N ALA C 740 41.22 -9.07 -26.64
CA ALA C 740 41.48 -7.69 -27.02
C ALA C 740 41.77 -6.81 -25.80
N TYR C 741 40.93 -6.95 -24.78
CA TYR C 741 41.06 -6.16 -23.56
C TYR C 741 42.38 -6.44 -22.83
N LYS C 742 42.86 -7.67 -22.95
CA LYS C 742 44.10 -8.07 -22.28
C LYS C 742 45.30 -7.30 -22.82
N PHE C 743 45.28 -7.02 -24.12
CA PHE C 743 46.40 -6.35 -24.77
C PHE C 743 46.16 -4.85 -24.94
N GLY C 744 45.20 -4.32 -24.20
CA GLY C 744 44.97 -2.88 -24.15
C GLY C 744 44.24 -2.29 -25.34
N VAL C 745 43.48 -3.11 -26.06
CA VAL C 745 42.67 -2.62 -27.18
C VAL C 745 41.57 -1.70 -26.65
N LYS C 746 41.52 -0.48 -27.18
CA LYS C 746 40.57 0.52 -26.69
C LYS C 746 39.15 0.31 -27.21
N THR C 747 39.02 0.17 -28.53
CA THR C 747 37.71 0.06 -29.16
C THR C 747 37.62 -1.07 -30.17
N LEU C 748 36.39 -1.47 -30.49
CA LEU C 748 36.14 -2.48 -31.51
C LEU C 748 35.09 -1.97 -32.50
N TYR C 749 35.41 -2.04 -33.79
CA TYR C 749 34.55 -1.51 -34.83
C TYR C 749 33.64 -2.59 -35.41
N TYR C 750 33.69 -2.76 -36.72
CA TYR C 750 32.84 -3.72 -37.43
C TYR C 750 33.08 -5.17 -36.99
N GLN C 751 32.04 -5.98 -37.10
CA GLN C 751 32.20 -7.43 -37.03
C GLN C 751 31.73 -8.06 -38.33
N ASN C 752 32.67 -8.24 -39.25
CA ASN C 752 32.34 -8.77 -40.57
C ASN C 752 32.04 -10.27 -40.51
N THR C 753 30.81 -10.63 -40.88
CA THR C 753 30.41 -12.03 -40.89
C THR C 753 30.21 -12.50 -42.33
N ARG C 754 31.01 -13.49 -42.73
CA ARG C 754 30.95 -13.99 -44.10
C ARG C 754 29.65 -14.76 -44.34
N ASP C 755 29.04 -14.51 -45.50
CA ASP C 755 27.79 -15.17 -45.85
C ASP C 755 28.03 -16.40 -46.72
N LEU D 24 -20.89 -11.31 9.81
CA LEU D 24 -21.71 -10.43 10.64
C LEU D 24 -20.89 -9.31 11.25
N LEU D 25 -19.61 -9.23 10.87
CA LEU D 25 -18.74 -8.19 11.41
C LEU D 25 -18.14 -7.33 10.30
N VAL D 26 -17.96 -6.04 10.59
CA VAL D 26 -17.33 -5.12 9.66
C VAL D 26 -16.05 -4.53 10.25
N THR D 27 -15.18 -4.02 9.39
CA THR D 27 -13.93 -3.42 9.84
C THR D 27 -13.96 -1.91 9.69
N LYS D 28 -13.83 -1.20 10.80
CA LYS D 28 -13.83 0.26 10.79
C LYS D 28 -12.54 0.81 10.20
N ARG D 29 -12.46 2.13 10.06
CA ARG D 29 -11.28 2.76 9.46
C ARG D 29 -10.05 2.64 10.34
N ASP D 30 -10.24 2.77 11.66
CA ASP D 30 -9.13 2.72 12.59
C ASP D 30 -8.63 1.29 12.80
N GLY D 31 -9.48 0.32 12.48
CA GLY D 31 -9.12 -1.08 12.63
C GLY D 31 -10.02 -1.83 13.60
N SER D 32 -10.91 -1.11 14.28
CA SER D 32 -11.84 -1.72 15.23
C SER D 32 -12.87 -2.58 14.50
N THR D 33 -13.67 -3.31 15.27
CA THR D 33 -14.70 -4.17 14.69
C THR D 33 -16.03 -4.06 15.42
N GLU D 34 -17.12 -4.10 14.66
CA GLU D 34 -18.46 -4.03 15.23
C GLU D 34 -19.44 -4.79 14.34
N ARG D 35 -20.52 -5.30 14.93
CA ARG D 35 -21.54 -6.00 14.17
C ARG D 35 -22.18 -5.12 13.09
N ILE D 36 -22.47 -5.73 11.95
CA ILE D 36 -23.02 -5.02 10.80
C ILE D 36 -24.38 -4.40 11.10
N ASN D 37 -24.58 -3.17 10.62
CA ASN D 37 -25.82 -2.43 10.83
C ASN D 37 -26.37 -1.90 9.52
N LEU D 38 -27.40 -2.57 8.99
CA LEU D 38 -27.98 -2.21 7.71
C LEU D 38 -28.76 -0.90 7.77
N ASP D 39 -29.05 -0.43 8.98
CA ASP D 39 -29.75 0.83 9.17
C ASP D 39 -28.81 2.01 8.95
N LYS D 40 -27.53 1.82 9.28
CA LYS D 40 -26.52 2.85 9.05
C LYS D 40 -26.31 3.06 7.57
N ILE D 41 -26.35 1.97 6.81
CA ILE D 41 -26.24 2.03 5.36
C ILE D 41 -27.49 2.67 4.76
N HIS D 42 -28.65 2.27 5.29
CA HIS D 42 -29.93 2.78 4.81
C HIS D 42 -30.09 4.28 5.08
N ARG D 43 -29.45 4.76 6.15
CA ARG D 43 -29.52 6.18 6.50
C ARG D 43 -28.70 7.02 5.53
N VAL D 44 -27.58 6.46 5.06
CA VAL D 44 -26.72 7.14 4.11
C VAL D 44 -27.38 7.22 2.73
N LEU D 45 -27.98 6.11 2.31
CA LEU D 45 -28.63 6.03 1.01
C LEU D 45 -29.81 6.99 0.90
N ASP D 46 -30.49 7.22 2.02
CA ASP D 46 -31.62 8.15 2.05
C ASP D 46 -31.16 9.59 1.83
N ALA D 47 -30.01 9.93 2.37
CA ALA D 47 -29.45 11.27 2.23
C ALA D 47 -29.05 11.57 0.79
N ALA D 48 -28.65 10.52 0.07
CA ALA D 48 -28.18 10.68 -1.31
C ALA D 48 -29.34 10.59 -2.31
N ALA D 49 -30.51 10.18 -1.84
CA ALA D 49 -31.66 9.98 -2.71
C ALA D 49 -32.69 11.11 -2.59
N GLU D 50 -32.33 12.17 -1.87
CA GLU D 50 -33.23 13.30 -1.65
C GLU D 50 -33.53 14.04 -2.95
N GLY D 51 -34.81 14.08 -3.32
CA GLY D 51 -35.24 14.80 -4.50
C GLY D 51 -35.15 13.99 -5.77
N LEU D 52 -34.63 12.78 -5.67
CA LEU D 52 -34.44 11.91 -6.83
C LEU D 52 -35.73 11.14 -7.16
N HIS D 53 -35.89 10.81 -8.45
CA HIS D 53 -37.07 10.09 -8.90
C HIS D 53 -36.69 8.73 -9.50
N ASN D 54 -37.61 7.77 -9.40
CA ASN D 54 -37.42 6.43 -9.93
C ASN D 54 -36.18 5.73 -9.37
N VAL D 55 -35.85 6.05 -8.13
CA VAL D 55 -34.72 5.40 -7.45
C VAL D 55 -35.21 4.47 -6.36
N SER D 56 -34.62 3.28 -6.29
CA SER D 56 -35.02 2.29 -5.31
C SER D 56 -33.87 1.99 -4.34
N ILE D 57 -34.07 2.38 -3.08
CA ILE D 57 -33.07 2.14 -2.04
C ILE D 57 -32.88 0.65 -1.81
N SER D 58 -33.98 -0.09 -1.84
CA SER D 58 -33.95 -1.54 -1.62
C SER D 58 -33.20 -2.25 -2.74
N GLN D 59 -33.33 -1.74 -3.96
CA GLN D 59 -32.65 -2.31 -5.11
C GLN D 59 -31.13 -2.18 -4.95
N VAL D 60 -30.70 -1.04 -4.41
CA VAL D 60 -29.29 -0.80 -4.15
C VAL D 60 -28.79 -1.74 -3.07
N GLU D 61 -29.59 -1.90 -2.02
CA GLU D 61 -29.26 -2.78 -0.91
C GLU D 61 -29.23 -4.24 -1.36
N LEU D 62 -30.04 -4.56 -2.36
CA LEU D 62 -30.12 -5.92 -2.90
C LEU D 62 -28.79 -6.30 -3.56
N ARG D 63 -28.23 -5.38 -4.34
CA ARG D 63 -26.99 -5.64 -5.05
C ARG D 63 -25.77 -5.51 -4.14
N SER D 64 -25.95 -4.86 -3.00
CA SER D 64 -24.84 -4.59 -2.08
C SER D 64 -24.69 -5.66 -1.00
N HIS D 65 -25.81 -6.07 -0.41
CA HIS D 65 -25.80 -7.02 0.69
C HIS D 65 -25.27 -8.39 0.26
N ILE D 66 -25.49 -8.75 -1.00
CA ILE D 66 -25.06 -10.04 -1.52
C ILE D 66 -23.54 -10.10 -1.67
N GLN D 67 -22.90 -8.94 -1.69
CA GLN D 67 -21.45 -8.87 -1.87
C GLN D 67 -20.71 -8.83 -0.53
N PHE D 68 -21.45 -8.64 0.55
CA PHE D 68 -20.85 -8.49 1.87
C PHE D 68 -20.22 -9.78 2.39
N TYR D 69 -19.08 -9.64 3.04
CA TYR D 69 -18.35 -10.77 3.60
C TYR D 69 -17.84 -10.43 4.99
N ASP D 70 -17.54 -11.44 5.80
CA ASP D 70 -17.07 -11.21 7.17
C ASP D 70 -15.67 -10.62 7.16
N GLY D 71 -15.50 -9.50 7.85
CA GLY D 71 -14.22 -8.84 7.95
C GLY D 71 -14.01 -7.80 6.86
N ILE D 72 -15.11 -7.37 6.25
CA ILE D 72 -15.04 -6.39 5.16
C ILE D 72 -14.69 -5.01 5.71
N LYS D 73 -13.80 -4.32 5.00
CA LYS D 73 -13.44 -2.95 5.36
C LYS D 73 -14.61 -2.01 5.12
N THR D 74 -14.79 -1.05 6.02
CA THR D 74 -15.89 -0.10 5.91
C THR D 74 -15.75 0.80 4.67
N SER D 75 -14.51 0.92 4.19
CA SER D 75 -14.24 1.70 2.99
C SER D 75 -14.67 0.93 1.74
N ASP D 76 -14.58 -0.40 1.82
CA ASP D 76 -15.00 -1.25 0.72
C ASP D 76 -16.52 -1.33 0.64
N ILE D 77 -17.16 -1.16 1.78
CA ILE D 77 -18.63 -1.14 1.84
C ILE D 77 -19.16 0.07 1.08
N HIS D 78 -18.51 1.22 1.29
CA HIS D 78 -18.94 2.46 0.67
C HIS D 78 -18.75 2.40 -0.85
N GLU D 79 -17.61 1.86 -1.28
CA GLU D 79 -17.33 1.74 -2.72
C GLU D 79 -18.22 0.68 -3.37
N THR D 80 -18.80 -0.20 -2.55
CA THR D 80 -19.68 -1.24 -3.06
C THR D 80 -21.04 -0.66 -3.46
N ILE D 81 -21.59 0.20 -2.60
CA ILE D 81 -22.88 0.81 -2.86
C ILE D 81 -22.79 1.89 -3.93
N ILE D 82 -21.58 2.41 -4.14
CA ILE D 82 -21.34 3.38 -5.20
C ILE D 82 -21.40 2.69 -6.56
N LYS D 83 -20.67 1.59 -6.68
CA LYS D 83 -20.62 0.82 -7.91
C LYS D 83 -21.98 0.17 -8.20
N ALA D 84 -22.70 -0.18 -7.14
CA ALA D 84 -24.03 -0.79 -7.29
C ALA D 84 -25.03 0.21 -7.86
N ALA D 85 -24.96 1.46 -7.40
CA ALA D 85 -25.84 2.51 -7.88
C ALA D 85 -25.42 2.98 -9.27
N ALA D 86 -24.13 2.87 -9.55
CA ALA D 86 -23.59 3.29 -10.84
C ALA D 86 -24.00 2.37 -11.96
N ASP D 87 -24.24 1.10 -11.64
CA ASP D 87 -24.64 0.10 -12.63
C ASP D 87 -26.12 0.22 -12.97
N LEU D 88 -26.87 0.91 -12.12
CA LEU D 88 -28.30 1.07 -12.31
C LEU D 88 -28.63 2.33 -13.12
N ILE D 89 -27.58 3.03 -13.54
CA ILE D 89 -27.74 4.22 -14.37
C ILE D 89 -28.22 3.84 -15.77
N SER D 90 -29.44 4.23 -16.11
CA SER D 90 -30.01 3.87 -17.40
C SER D 90 -30.93 4.96 -17.94
N ARG D 91 -31.48 4.71 -19.13
CA ARG D 91 -32.38 5.65 -19.77
C ARG D 91 -33.71 5.77 -19.01
N ASP D 92 -34.18 4.64 -18.50
CA ASP D 92 -35.45 4.58 -17.78
C ASP D 92 -35.35 5.33 -16.45
N ALA D 93 -34.18 5.24 -15.81
CA ALA D 93 -33.95 5.92 -14.54
C ALA D 93 -32.64 6.68 -14.58
N PRO D 94 -32.65 7.90 -15.13
CA PRO D 94 -31.45 8.72 -15.29
C PRO D 94 -30.95 9.31 -13.97
N ASP D 95 -31.80 9.35 -12.96
CA ASP D 95 -31.45 9.97 -11.68
C ASP D 95 -30.51 9.12 -10.83
N TYR D 96 -30.13 7.95 -11.35
CA TYR D 96 -29.15 7.11 -10.66
C TYR D 96 -27.75 7.69 -10.80
N GLN D 97 -27.58 8.56 -11.80
CA GLN D 97 -26.29 9.21 -12.03
C GLN D 97 -26.00 10.24 -10.95
N TYR D 98 -27.06 10.66 -10.25
CA TYR D 98 -26.92 11.60 -9.14
C TYR D 98 -26.83 10.87 -7.82
N LEU D 99 -27.41 9.67 -7.76
CA LEU D 99 -27.38 8.86 -6.56
C LEU D 99 -25.97 8.35 -6.27
N ALA D 100 -25.36 7.70 -7.26
CA ALA D 100 -24.02 7.17 -7.12
C ALA D 100 -22.99 8.29 -6.97
N ALA D 101 -23.30 9.45 -7.54
CA ALA D 101 -22.41 10.61 -7.48
C ALA D 101 -22.31 11.15 -6.06
N ARG D 102 -23.45 11.37 -5.42
CA ARG D 102 -23.49 11.89 -4.06
C ARG D 102 -22.83 10.92 -3.08
N LEU D 103 -22.95 9.63 -3.37
CA LEU D 103 -22.28 8.60 -2.57
C LEU D 103 -20.77 8.71 -2.71
N ALA D 104 -20.32 9.04 -3.91
CA ALA D 104 -18.89 9.21 -4.18
C ALA D 104 -18.38 10.46 -3.49
N ILE D 105 -19.20 11.50 -3.46
CA ILE D 105 -18.84 12.75 -2.80
C ILE D 105 -18.63 12.50 -1.30
N PHE D 106 -19.51 11.70 -0.72
CA PHE D 106 -19.43 11.35 0.70
C PHE D 106 -18.10 10.72 1.05
N HIS D 107 -17.68 9.76 0.23
CA HIS D 107 -16.43 9.04 0.46
C HIS D 107 -15.23 9.97 0.30
N LEU D 108 -15.32 10.88 -0.65
CA LEU D 108 -14.24 11.84 -0.90
C LEU D 108 -14.09 12.79 0.27
N ARG D 109 -15.21 13.10 0.93
CA ARG D 109 -15.19 13.93 2.13
C ARG D 109 -14.41 13.25 3.25
N LYS D 110 -14.60 11.94 3.37
CA LYS D 110 -13.94 11.14 4.40
C LYS D 110 -12.45 10.98 4.13
N LYS D 111 -12.10 10.82 2.86
CA LYS D 111 -10.71 10.62 2.47
C LYS D 111 -9.84 11.85 2.75
N ALA D 112 -10.46 13.03 2.68
CA ALA D 112 -9.71 14.27 2.77
C ALA D 112 -9.84 14.95 4.13
N TYR D 113 -11.01 14.86 4.74
CA TYR D 113 -11.29 15.59 5.97
C TYR D 113 -11.50 14.69 7.18
N GLY D 114 -11.88 13.44 6.94
CA GLY D 114 -12.16 12.52 8.01
C GLY D 114 -13.56 12.70 8.56
N GLN D 115 -14.33 13.57 7.89
CA GLN D 115 -15.70 13.85 8.28
C GLN D 115 -16.47 14.42 7.10
N PHE D 116 -17.78 14.57 7.25
CA PHE D 116 -18.61 15.07 6.15
C PHE D 116 -18.37 16.54 5.88
N GLU D 117 -18.64 17.38 6.88
CA GLU D 117 -18.48 18.82 6.72
C GLU D 117 -17.00 19.21 6.68
N PRO D 118 -16.60 19.92 5.62
CA PRO D 118 -15.23 20.41 5.47
C PRO D 118 -14.88 21.43 6.55
N PRO D 119 -13.59 21.54 6.91
CA PRO D 119 -13.17 22.52 7.91
C PRO D 119 -13.28 23.95 7.37
N ALA D 120 -12.93 24.93 8.19
CA ALA D 120 -12.98 26.33 7.76
C ALA D 120 -12.04 26.57 6.58
N LEU D 121 -12.41 27.51 5.72
CA LEU D 121 -11.63 27.80 4.53
C LEU D 121 -10.21 28.24 4.88
N TYR D 122 -10.10 29.11 5.87
CA TYR D 122 -8.79 29.59 6.31
C TYR D 122 -7.97 28.45 6.90
N ASP D 123 -8.64 27.58 7.65
CA ASP D 123 -7.98 26.44 8.27
C ASP D 123 -7.52 25.44 7.22
N HIS D 124 -8.28 25.34 6.13
CA HIS D 124 -7.94 24.44 5.03
C HIS D 124 -6.69 24.91 4.29
N VAL D 125 -6.67 26.20 3.95
CA VAL D 125 -5.56 26.78 3.22
C VAL D 125 -4.24 26.67 3.98
N VAL D 126 -4.27 27.04 5.26
CA VAL D 126 -3.08 27.00 6.11
C VAL D 126 -2.47 25.59 6.14
N LYS D 127 -3.32 24.59 6.28
CA LYS D 127 -2.87 23.20 6.33
C LYS D 127 -2.27 22.75 5.00
N MET D 128 -2.87 23.18 3.89
CA MET D 128 -2.45 22.77 2.56
C MET D 128 -1.17 23.48 2.11
N VAL D 129 -1.00 24.73 2.51
CA VAL D 129 0.19 25.49 2.17
C VAL D 129 1.41 24.87 2.85
N GLU D 130 1.22 24.42 4.08
CA GLU D 130 2.28 23.75 4.84
C GLU D 130 2.71 22.46 4.16
N MET D 131 1.76 21.79 3.53
CA MET D 131 2.04 20.54 2.82
C MET D 131 2.71 20.81 1.47
N GLY D 132 2.65 22.06 1.02
CA GLY D 132 3.26 22.44 -0.24
C GLY D 132 2.37 22.11 -1.43
N LYS D 133 1.07 22.03 -1.18
CA LYS D 133 0.10 21.73 -2.24
C LYS D 133 -0.51 23.01 -2.80
N TYR D 134 -0.60 24.04 -1.97
CA TYR D 134 -1.11 25.34 -2.42
C TYR D 134 0.03 26.36 -2.53
N ASP D 135 -0.20 27.40 -3.32
CA ASP D 135 0.77 28.47 -3.47
C ASP D 135 0.73 29.41 -2.27
N ASN D 136 1.90 29.90 -1.86
CA ASN D 136 2.01 30.75 -0.67
C ASN D 136 1.41 32.15 -0.88
N HIS D 137 1.21 32.53 -2.13
CA HIS D 137 0.74 33.88 -2.46
C HIS D 137 -0.71 34.12 -2.03
N LEU D 138 -1.42 33.04 -1.68
CA LEU D 138 -2.80 33.17 -1.22
C LEU D 138 -2.89 33.83 0.15
N LEU D 139 -1.93 33.53 1.02
CA LEU D 139 -1.91 34.10 2.36
C LEU D 139 -1.32 35.50 2.37
N GLU D 140 -0.71 35.89 1.24
CA GLU D 140 -0.09 37.21 1.13
C GLU D 140 -1.08 38.24 0.58
N ASP D 141 -1.94 37.80 -0.35
CA ASP D 141 -2.89 38.70 -0.98
C ASP D 141 -4.21 38.76 -0.22
N TYR D 142 -4.45 37.77 0.64
CA TYR D 142 -5.69 37.71 1.41
C TYR D 142 -5.42 37.55 2.91
N THR D 143 -6.12 38.33 3.71
CA THR D 143 -6.01 38.25 5.16
C THR D 143 -6.93 37.15 5.70
N GLU D 144 -6.79 36.85 6.98
CA GLU D 144 -7.60 35.82 7.62
C GLU D 144 -9.08 36.19 7.63
N GLU D 145 -9.34 37.49 7.78
CA GLU D 145 -10.72 37.99 7.82
C GLU D 145 -11.42 37.82 6.47
N GLU D 146 -10.68 38.03 5.39
CA GLU D 146 -11.24 37.91 4.04
C GLU D 146 -11.55 36.47 3.70
N PHE D 147 -10.80 35.54 4.29
CA PHE D 147 -11.06 34.11 4.08
C PHE D 147 -12.35 33.70 4.77
N LYS D 148 -12.66 34.33 5.90
CA LYS D 148 -13.90 34.07 6.61
C LYS D 148 -15.09 34.55 5.80
N GLN D 149 -14.91 35.68 5.11
CA GLN D 149 -15.96 36.23 4.27
C GLN D 149 -16.17 35.36 3.03
N MET D 150 -15.07 34.88 2.45
CA MET D 150 -15.14 34.04 1.28
C MET D 150 -15.68 32.65 1.63
N ASP D 151 -15.54 32.28 2.90
CA ASP D 151 -16.05 31.00 3.39
C ASP D 151 -17.57 31.03 3.39
N THR D 152 -18.13 32.20 3.64
CA THR D 152 -19.58 32.37 3.66
C THR D 152 -20.17 32.23 2.26
N PHE D 153 -19.35 32.53 1.25
CA PHE D 153 -19.79 32.41 -0.14
C PHE D 153 -19.94 30.94 -0.52
N ILE D 154 -19.17 30.08 0.14
CA ILE D 154 -19.13 28.67 -0.19
C ILE D 154 -20.41 27.92 0.17
N ASP D 155 -20.97 27.22 -0.80
CA ASP D 155 -22.10 26.34 -0.56
C ASP D 155 -21.72 24.90 -0.88
N HIS D 156 -21.32 24.15 0.15
CA HIS D 156 -20.82 22.79 -0.03
C HIS D 156 -21.88 21.81 -0.51
N ASP D 157 -23.14 22.23 -0.47
CA ASP D 157 -24.24 21.39 -0.92
C ASP D 157 -24.33 21.31 -2.44
N ARG D 158 -23.52 22.12 -3.13
CA ARG D 158 -23.47 22.10 -4.58
C ARG D 158 -22.69 20.88 -5.09
N ASP D 159 -22.07 20.17 -4.17
CA ASP D 159 -21.35 18.94 -4.51
C ASP D 159 -22.32 17.82 -4.84
N MET D 160 -23.58 17.99 -4.46
CA MET D 160 -24.61 16.99 -4.71
C MET D 160 -25.25 17.20 -6.08
N THR D 161 -24.77 18.20 -6.80
CA THR D 161 -25.31 18.53 -8.12
C THR D 161 -24.46 17.91 -9.22
N PHE D 162 -23.32 17.34 -8.84
CA PHE D 162 -22.43 16.68 -9.79
C PHE D 162 -23.01 15.35 -10.25
N SER D 163 -22.75 14.99 -11.50
CA SER D 163 -23.14 13.68 -12.01
C SER D 163 -22.07 12.66 -11.64
N TYR D 164 -22.36 11.39 -11.86
CA TYR D 164 -21.42 10.33 -11.51
C TYR D 164 -20.16 10.40 -12.36
N ALA D 165 -20.34 10.71 -13.65
CA ALA D 165 -19.21 10.86 -14.56
C ALA D 165 -18.36 12.06 -14.16
N ALA D 166 -19.01 13.08 -13.61
CA ALA D 166 -18.34 14.31 -13.21
C ALA D 166 -17.40 14.07 -12.02
N VAL D 167 -17.89 13.35 -11.03
CA VAL D 167 -17.13 13.09 -9.81
C VAL D 167 -15.86 12.29 -10.10
N LYS D 168 -15.97 11.31 -11.01
CA LYS D 168 -14.81 10.51 -11.41
C LYS D 168 -13.75 11.37 -12.09
N GLN D 169 -14.19 12.37 -12.84
CA GLN D 169 -13.28 13.29 -13.49
C GLN D 169 -12.63 14.21 -12.48
N LEU D 170 -13.39 14.59 -11.44
CA LEU D 170 -12.87 15.43 -10.37
C LEU D 170 -11.79 14.73 -9.57
N GLU D 171 -12.09 13.52 -9.11
CA GLU D 171 -11.18 12.75 -8.28
C GLU D 171 -9.90 12.38 -9.03
N GLY D 172 -10.01 12.25 -10.35
CA GLY D 172 -8.90 11.80 -11.17
C GLY D 172 -8.00 12.87 -11.75
N LYS D 173 -8.60 13.99 -12.16
CA LYS D 173 -7.84 15.00 -12.89
C LYS D 173 -7.75 16.35 -12.18
N TYR D 174 -8.86 16.80 -11.59
CA TYR D 174 -8.94 18.16 -11.10
C TYR D 174 -8.50 18.32 -9.64
N LEU D 175 -9.07 17.50 -8.76
CA LEU D 175 -8.80 17.61 -7.32
C LEU D 175 -7.33 17.40 -6.99
N VAL D 176 -6.78 18.28 -6.15
CA VAL D 176 -5.40 18.15 -5.68
C VAL D 176 -5.24 16.88 -4.86
N GLN D 177 -4.29 16.04 -5.26
CA GLN D 177 -4.12 14.74 -4.62
C GLN D 177 -2.67 14.27 -4.66
N ASN D 178 -2.38 13.24 -3.86
CA ASN D 178 -1.09 12.60 -3.87
C ASN D 178 -1.04 11.53 -4.96
N ARG D 179 -0.24 11.76 -5.98
CA ARG D 179 -0.18 10.86 -7.14
C ARG D 179 0.41 9.49 -6.80
N VAL D 180 1.05 9.38 -5.64
CA VAL D 180 1.66 8.13 -5.22
C VAL D 180 0.69 7.27 -4.40
N THR D 181 0.16 7.84 -3.33
CA THR D 181 -0.71 7.10 -2.42
C THR D 181 -2.17 7.14 -2.85
N GLY D 182 -2.56 8.21 -3.55
CA GLY D 182 -3.93 8.34 -4.03
C GLY D 182 -4.82 9.10 -3.06
N GLU D 183 -4.21 9.71 -2.04
CA GLU D 183 -4.96 10.47 -1.05
C GLU D 183 -5.54 11.75 -1.63
N ILE D 184 -6.84 11.96 -1.40
CA ILE D 184 -7.50 13.20 -1.80
C ILE D 184 -7.33 14.24 -0.70
N TYR D 185 -7.06 15.49 -1.08
CA TYR D 185 -6.75 16.52 -0.11
C TYR D 185 -7.78 17.65 -0.05
N GLU D 186 -8.69 17.71 -1.03
CA GLU D 186 -9.68 18.77 -1.08
C GLU D 186 -11.00 18.34 -1.71
N SER D 187 -11.96 19.26 -1.72
CA SER D 187 -13.25 19.00 -2.33
C SER D 187 -13.49 19.92 -3.53
N ALA D 188 -14.68 19.83 -4.12
CA ALA D 188 -15.00 20.59 -5.33
C ALA D 188 -15.17 22.08 -5.06
N GLN D 189 -15.85 22.42 -3.97
CA GLN D 189 -16.15 23.82 -3.67
C GLN D 189 -14.91 24.60 -3.24
N PHE D 190 -13.98 23.93 -2.58
CA PHE D 190 -12.73 24.56 -2.19
C PHE D 190 -11.89 24.87 -3.43
N LEU D 191 -12.03 24.04 -4.45
CA LEU D 191 -11.35 24.25 -5.72
C LEU D 191 -11.85 25.53 -6.39
N TYR D 192 -13.18 25.64 -6.51
CA TYR D 192 -13.82 26.76 -7.19
C TYR D 192 -13.55 28.11 -6.52
N ILE D 193 -13.63 28.14 -5.20
CA ILE D 193 -13.51 29.39 -4.45
C ILE D 193 -12.06 29.89 -4.45
N LEU D 194 -11.11 28.98 -4.60
CA LEU D 194 -9.70 29.34 -4.56
C LEU D 194 -9.16 29.71 -5.95
N VAL D 195 -9.78 29.16 -6.99
CA VAL D 195 -9.43 29.53 -8.36
C VAL D 195 -9.80 31.00 -8.60
N ALA D 196 -10.98 31.39 -8.12
CA ALA D 196 -11.43 32.77 -8.21
C ALA D 196 -10.54 33.68 -7.38
N ALA D 197 -10.04 33.16 -6.26
CA ALA D 197 -9.20 33.92 -5.35
C ALA D 197 -7.85 34.24 -5.98
N CYS D 198 -7.26 33.27 -6.67
CA CYS D 198 -5.95 33.45 -7.28
C CYS D 198 -5.99 34.39 -8.47
N LEU D 199 -7.02 34.25 -9.29
CA LEU D 199 -7.16 35.05 -10.50
C LEU D 199 -7.43 36.52 -10.20
N PHE D 200 -8.20 36.77 -9.15
CA PHE D 200 -8.54 38.14 -8.76
C PHE D 200 -7.76 38.59 -7.53
N SER D 201 -6.62 37.95 -7.28
CA SER D 201 -5.82 38.26 -6.11
C SER D 201 -5.17 39.64 -6.19
N ASN D 202 -4.90 40.10 -7.41
CA ASN D 202 -4.23 41.38 -7.61
C ASN D 202 -5.22 42.53 -7.82
N TYR D 203 -6.52 42.20 -7.76
CA TYR D 203 -7.56 43.20 -7.89
C TYR D 203 -7.67 44.04 -6.62
N PRO D 204 -8.08 45.31 -6.75
CA PRO D 204 -8.23 46.18 -5.58
C PRO D 204 -9.30 45.68 -4.62
N ARG D 205 -9.09 45.88 -3.32
CA ARG D 205 -9.99 45.40 -2.27
C ARG D 205 -11.41 45.89 -2.44
N GLU D 206 -11.56 47.07 -3.05
CA GLU D 206 -12.88 47.68 -3.27
C GLU D 206 -13.80 46.78 -4.08
N THR D 207 -13.24 45.98 -4.96
CA THR D 207 -14.03 45.11 -5.83
C THR D 207 -13.55 43.66 -5.82
N ARG D 208 -12.47 43.39 -5.08
CA ARG D 208 -11.84 42.07 -5.10
C ARG D 208 -12.76 40.96 -4.61
N LEU D 209 -13.20 41.04 -3.36
CA LEU D 209 -14.04 40.01 -2.77
C LEU D 209 -15.39 39.87 -3.48
N GLN D 210 -15.82 40.94 -4.15
CA GLN D 210 -17.06 40.93 -4.89
C GLN D 210 -16.96 40.06 -6.15
N TYR D 211 -15.82 40.18 -6.85
CA TYR D 211 -15.58 39.39 -8.05
C TYR D 211 -15.34 37.92 -7.71
N VAL D 212 -14.74 37.67 -6.54
CA VAL D 212 -14.46 36.31 -6.10
C VAL D 212 -15.74 35.51 -5.94
N LYS D 213 -16.74 36.12 -5.29
CA LYS D 213 -18.02 35.47 -5.07
C LYS D 213 -18.77 35.22 -6.38
N ARG D 214 -18.83 36.23 -7.24
CA ARG D 214 -19.59 36.13 -8.48
C ARG D 214 -19.00 35.10 -9.44
N PHE D 215 -17.68 35.02 -9.51
CA PHE D 215 -17.03 34.04 -10.38
C PHE D 215 -17.15 32.64 -9.81
N TYR D 216 -17.16 32.55 -8.48
CA TYR D 216 -17.34 31.27 -7.80
C TYR D 216 -18.72 30.71 -8.10
N ASP D 217 -19.73 31.58 -8.03
CA ASP D 217 -21.11 31.19 -8.33
C ASP D 217 -21.27 30.78 -9.79
N ALA D 218 -20.44 31.35 -10.66
CA ALA D 218 -20.51 31.05 -12.09
C ALA D 218 -19.97 29.66 -12.40
N VAL D 219 -18.85 29.30 -11.79
CA VAL D 219 -18.20 28.02 -12.09
C VAL D 219 -18.80 26.87 -11.28
N SER D 220 -19.34 27.18 -10.10
CA SER D 220 -19.92 26.16 -9.24
C SER D 220 -21.31 25.74 -9.72
N THR D 221 -22.00 26.66 -10.39
CA THR D 221 -23.33 26.37 -10.93
C THR D 221 -23.23 25.95 -12.40
N PHE D 222 -22.01 25.65 -12.84
CA PHE D 222 -21.74 25.12 -14.17
C PHE D 222 -22.21 26.04 -15.29
N LYS D 223 -22.05 27.35 -15.08
CA LYS D 223 -22.37 28.31 -16.13
C LYS D 223 -21.15 28.59 -17.01
N ILE D 224 -19.97 28.60 -16.38
CA ILE D 224 -18.72 28.81 -17.10
C ILE D 224 -17.81 27.60 -16.91
N SER D 225 -17.40 26.99 -18.02
CA SER D 225 -16.54 25.82 -17.98
C SER D 225 -15.08 26.18 -18.21
N LEU D 226 -14.21 25.69 -17.33
CA LEU D 226 -12.78 25.98 -17.42
C LEU D 226 -12.01 24.74 -17.86
N PRO D 227 -10.95 24.94 -18.67
CA PRO D 227 -10.10 23.86 -19.17
C PRO D 227 -9.42 23.04 -18.08
N THR D 228 -8.95 21.86 -18.43
CA THR D 228 -8.28 20.96 -17.49
C THR D 228 -7.06 21.54 -16.77
N PRO D 229 -6.13 22.20 -17.51
CA PRO D 229 -4.96 22.70 -16.78
C PRO D 229 -5.28 23.83 -15.80
N ILE D 230 -6.39 24.52 -16.01
CA ILE D 230 -6.81 25.60 -15.12
C ILE D 230 -7.43 25.06 -13.84
N MET D 231 -8.33 24.09 -13.96
CA MET D 231 -9.01 23.50 -12.82
C MET D 231 -8.05 22.84 -11.83
N SER D 232 -7.03 22.16 -12.36
CA SER D 232 -6.10 21.41 -11.53
C SER D 232 -4.86 22.21 -11.18
N GLY D 233 -4.76 23.43 -11.69
CA GLY D 233 -3.55 24.22 -11.55
C GLY D 233 -3.65 25.49 -10.73
N VAL D 234 -4.60 26.36 -11.07
CA VAL D 234 -4.64 27.71 -10.52
C VAL D 234 -4.93 27.73 -9.02
N ARG D 235 -3.95 27.29 -8.24
CA ARG D 235 -3.93 27.34 -6.77
C ARG D 235 -2.67 26.63 -6.29
N THR D 236 -2.10 25.85 -7.19
CA THR D 236 -0.88 25.09 -6.92
C THR D 236 0.36 25.90 -7.29
N PRO D 237 1.53 25.55 -6.72
CA PRO D 237 2.77 26.29 -7.00
C PRO D 237 3.18 26.32 -8.47
N THR D 238 2.59 25.47 -9.30
CA THR D 238 2.92 25.44 -10.72
C THR D 238 2.35 26.67 -11.43
N ARG D 239 2.91 26.99 -12.59
CA ARG D 239 2.47 28.14 -13.36
C ARG D 239 2.26 27.77 -14.83
N GLN D 240 2.27 26.47 -15.11
CA GLN D 240 2.08 25.96 -16.46
C GLN D 240 0.61 25.76 -16.79
N PHE D 241 0.05 26.69 -17.54
CA PHE D 241 -1.36 26.63 -17.93
C PHE D 241 -1.53 26.71 -19.44
N SER D 242 -0.42 26.83 -20.16
CA SER D 242 -0.47 26.88 -21.62
C SER D 242 -0.73 25.51 -22.20
N SER D 243 -1.85 25.37 -22.90
CA SER D 243 -2.23 24.09 -23.50
C SER D 243 -2.43 24.23 -25.00
N CYS D 244 -2.12 25.40 -25.53
CA CYS D 244 -2.28 25.66 -26.96
C CYS D 244 -1.12 26.51 -27.48
N VAL D 245 -0.31 25.92 -28.35
CA VAL D 245 0.88 26.59 -28.87
C VAL D 245 0.92 26.59 -30.40
N LEU D 246 1.17 27.76 -30.98
CA LEU D 246 1.29 27.89 -32.43
C LEU D 246 2.65 28.43 -32.82
N ILE D 247 3.43 27.62 -33.55
CA ILE D 247 4.77 27.99 -33.96
C ILE D 247 4.92 27.98 -35.47
N GLU D 248 5.45 29.07 -36.03
CA GLU D 248 5.71 29.15 -37.46
C GLU D 248 7.19 28.91 -37.75
N CYS D 249 7.46 27.99 -38.68
CA CYS D 249 8.83 27.64 -39.02
C CYS D 249 9.30 28.31 -40.31
N GLY D 250 10.47 28.94 -40.25
CA GLY D 250 11.05 29.57 -41.42
C GLY D 250 11.86 28.59 -42.26
N ASP D 251 12.31 29.03 -43.43
CA ASP D 251 13.07 28.18 -44.33
C ASP D 251 14.57 28.31 -44.11
N SER D 252 15.04 27.90 -42.94
CA SER D 252 16.46 27.96 -42.62
C SER D 252 16.81 26.97 -41.52
N LEU D 253 18.08 26.54 -41.51
CA LEU D 253 18.56 25.61 -40.49
C LEU D 253 18.43 26.19 -39.09
N ASP D 254 18.65 27.50 -38.98
CA ASP D 254 18.56 28.18 -37.70
C ASP D 254 17.11 28.20 -37.19
N SER D 255 16.16 28.30 -38.11
CA SER D 255 14.75 28.33 -37.76
C SER D 255 14.23 26.95 -37.38
N ILE D 256 14.65 25.94 -38.12
CA ILE D 256 14.23 24.57 -37.86
C ILE D 256 14.76 24.08 -36.52
N ASN D 257 16.01 24.37 -36.23
CA ASN D 257 16.60 24.05 -34.94
C ASN D 257 15.89 24.79 -33.81
N ALA D 258 15.52 26.04 -34.08
CA ALA D 258 14.80 26.85 -33.11
C ALA D 258 13.39 26.30 -32.90
N THR D 259 12.74 25.92 -33.99
CA THR D 259 11.39 25.36 -33.93
C THR D 259 11.38 24.05 -33.13
N SER D 260 12.37 23.20 -33.41
CA SER D 260 12.50 21.92 -32.71
C SER D 260 12.69 22.13 -31.20
N SER D 261 13.55 23.07 -30.83
CA SER D 261 13.79 23.37 -29.43
C SER D 261 12.54 23.98 -28.78
N ALA D 262 11.80 24.74 -29.56
CA ALA D 262 10.57 25.36 -29.08
C ALA D 262 9.50 24.31 -28.79
N ILE D 263 9.39 23.33 -29.68
CA ILE D 263 8.42 22.24 -29.52
C ILE D 263 8.71 21.42 -28.27
N VAL D 264 9.97 21.02 -28.10
CA VAL D 264 10.39 20.20 -26.97
C VAL D 264 10.07 20.88 -25.64
N LYS D 265 10.27 22.19 -25.59
CA LYS D 265 10.01 22.97 -24.38
C LYS D 265 8.53 22.97 -23.99
N TYR D 266 7.64 22.88 -24.98
CA TYR D 266 6.21 22.96 -24.71
C TYR D 266 5.51 21.61 -24.61
N VAL D 267 6.06 20.59 -25.26
CA VAL D 267 5.49 19.24 -25.14
C VAL D 267 5.86 18.64 -23.80
N SER D 268 6.84 19.22 -23.13
CA SER D 268 7.20 18.81 -21.77
C SER D 268 6.16 19.33 -20.79
N GLN D 269 5.45 20.36 -21.20
CA GLN D 269 4.38 20.93 -20.38
C GLN D 269 3.01 20.44 -20.85
N ARG D 270 3.03 19.37 -21.66
CA ARG D 270 1.81 18.72 -22.14
C ARG D 270 0.89 19.67 -22.92
N ALA D 271 1.48 20.44 -23.83
CA ALA D 271 0.70 21.38 -24.63
C ALA D 271 0.56 20.92 -26.07
N GLY D 272 -0.55 21.29 -26.71
CA GLY D 272 -0.78 20.98 -28.10
C GLY D 272 -0.05 21.95 -29.00
N ILE D 273 0.57 21.42 -30.07
CA ILE D 273 1.41 22.23 -30.93
C ILE D 273 0.82 22.37 -32.34
N GLY D 274 0.89 23.59 -32.88
CA GLY D 274 0.49 23.85 -34.25
C GLY D 274 1.68 24.33 -35.06
N ILE D 275 2.08 23.53 -36.05
CA ILE D 275 3.27 23.82 -36.82
C ILE D 275 2.97 24.28 -38.24
N ASN D 276 3.52 25.43 -38.61
CA ASN D 276 3.42 25.93 -39.98
C ASN D 276 4.75 25.77 -40.71
N ALA D 277 4.87 24.70 -41.49
CA ALA D 277 6.11 24.41 -42.20
C ALA D 277 5.93 24.51 -43.71
N GLY D 278 5.05 25.43 -44.13
CA GLY D 278 4.82 25.65 -45.55
C GLY D 278 5.94 26.46 -46.19
N ARG D 279 6.68 27.18 -45.37
CA ARG D 279 7.76 28.04 -45.86
C ARG D 279 8.98 27.24 -46.30
N ILE D 280 9.11 26.01 -45.79
CA ILE D 280 10.23 25.15 -46.14
C ILE D 280 10.21 24.82 -47.62
N ARG D 281 11.32 25.11 -48.30
CA ARG D 281 11.42 24.92 -49.75
C ARG D 281 11.29 23.44 -50.13
N ALA D 282 10.95 23.20 -51.39
CA ALA D 282 10.67 21.85 -51.86
C ALA D 282 11.94 21.07 -52.18
N LEU D 283 11.78 19.77 -52.41
CA LEU D 283 12.88 18.89 -52.77
C LEU D 283 13.52 19.28 -54.09
N GLY D 284 14.84 19.41 -54.10
CA GLY D 284 15.57 19.73 -55.30
C GLY D 284 15.94 21.20 -55.42
N SER D 285 15.32 22.03 -54.58
CA SER D 285 15.58 23.46 -54.59
C SER D 285 17.04 23.76 -54.23
N PRO D 286 17.68 24.66 -55.00
CA PRO D 286 19.08 25.02 -54.80
C PRO D 286 19.33 25.77 -53.50
N ILE D 287 20.49 25.53 -52.89
CA ILE D 287 20.86 26.20 -51.65
C ILE D 287 22.12 27.05 -51.85
N ARG D 288 22.04 28.31 -51.46
CA ARG D 288 23.14 29.26 -51.58
C ARG D 288 23.63 29.38 -53.02
N GLY D 289 22.69 29.44 -53.96
CA GLY D 289 23.01 29.64 -55.36
C GLY D 289 23.42 28.37 -56.08
N GLY D 290 23.29 27.23 -55.41
CA GLY D 290 23.60 25.95 -56.01
C GLY D 290 24.76 25.23 -55.38
N GLU D 291 25.23 25.74 -54.24
CA GLU D 291 26.31 25.09 -53.50
C GLU D 291 25.85 23.73 -52.98
N ALA D 292 24.55 23.64 -52.68
CA ALA D 292 23.95 22.38 -52.25
C ALA D 292 22.49 22.33 -52.68
N PHE D 293 21.89 21.14 -52.59
CA PHE D 293 20.49 20.98 -52.96
C PHE D 293 19.68 20.40 -51.81
N HIS D 294 18.44 20.87 -51.67
CA HIS D 294 17.57 20.46 -50.57
C HIS D 294 17.26 18.97 -50.65
N THR D 295 17.02 18.36 -49.49
CA THR D 295 16.82 16.91 -49.42
C THR D 295 15.37 16.53 -49.17
N GLY D 296 14.48 17.52 -49.13
CA GLY D 296 13.06 17.27 -48.95
C GLY D 296 12.54 17.73 -47.61
N CYS D 297 11.22 17.93 -47.53
CA CYS D 297 10.58 18.37 -46.30
C CYS D 297 10.36 17.22 -45.33
N ILE D 298 10.18 16.02 -45.89
CA ILE D 298 9.89 14.82 -45.09
C ILE D 298 10.96 14.52 -44.02
N PRO D 299 12.26 14.63 -44.35
CA PRO D 299 13.23 14.40 -43.27
C PRO D 299 13.10 15.41 -42.13
N PHE D 300 12.65 16.62 -42.45
CA PHE D 300 12.49 17.65 -41.43
C PHE D 300 11.17 17.49 -40.67
N TYR D 301 10.18 16.90 -41.33
CA TYR D 301 8.90 16.61 -40.67
C TYR D 301 9.09 15.50 -39.65
N LYS D 302 9.95 14.54 -39.96
CA LYS D 302 10.28 13.46 -39.04
C LYS D 302 10.96 14.00 -37.80
N HIS D 303 11.83 14.99 -37.99
CA HIS D 303 12.54 15.62 -36.89
C HIS D 303 11.58 16.37 -35.98
N PHE D 304 10.51 16.90 -36.58
CA PHE D 304 9.48 17.60 -35.83
C PHE D 304 8.68 16.62 -34.98
N GLN D 305 8.35 15.47 -35.57
CA GLN D 305 7.55 14.45 -34.89
C GLN D 305 8.26 13.93 -33.64
N THR D 306 9.56 13.67 -33.77
CA THR D 306 10.34 13.16 -32.65
C THR D 306 10.53 14.22 -31.58
N ALA D 307 10.49 15.49 -31.99
CA ALA D 307 10.53 16.60 -31.04
C ALA D 307 9.23 16.67 -30.25
N VAL D 308 8.13 16.33 -30.91
CA VAL D 308 6.81 16.31 -30.28
C VAL D 308 6.67 15.12 -29.33
N LYS D 309 7.08 13.96 -29.81
CA LYS D 309 6.96 12.72 -29.04
C LYS D 309 8.19 12.43 -28.19
N SER D 310 9.01 13.46 -27.97
CA SER D 310 10.23 13.28 -27.19
C SER D 310 9.93 12.97 -25.73
N CYS D 311 8.87 13.59 -25.21
CA CYS D 311 8.48 13.38 -23.82
C CYS D 311 7.18 12.59 -23.73
N SER D 312 7.03 11.60 -24.62
CA SER D 312 5.83 10.77 -24.63
C SER D 312 6.15 9.29 -24.49
N GLN D 313 5.52 8.65 -23.50
CA GLN D 313 5.66 7.21 -23.30
C GLN D 313 5.31 6.44 -24.57
N GLY D 314 6.33 5.86 -25.20
CA GLY D 314 6.11 5.04 -26.39
C GLY D 314 5.76 5.85 -27.63
N GLY D 315 4.57 6.44 -27.63
CA GLY D 315 4.11 7.20 -28.77
C GLY D 315 2.61 7.32 -28.83
N VAL D 316 1.95 7.18 -27.69
CA VAL D 316 0.50 7.30 -27.60
C VAL D 316 0.17 8.41 -26.61
N ARG D 317 -0.83 9.23 -26.95
CA ARG D 317 -1.15 10.44 -26.19
C ARG D 317 0.07 11.33 -26.08
N GLY D 318 0.29 11.90 -24.90
CA GLY D 318 1.40 12.81 -24.69
C GLY D 318 1.23 14.03 -25.58
N GLY D 319 2.35 14.62 -26.00
CA GLY D 319 2.32 15.75 -26.92
C GLY D 319 1.73 15.39 -28.27
N ALA D 320 0.70 16.13 -28.67
CA ALA D 320 0.15 16.01 -30.01
C ALA D 320 0.50 17.25 -30.84
N ALA D 321 0.45 17.12 -32.16
CA ALA D 321 0.80 18.24 -33.02
C ALA D 321 0.11 18.17 -34.39
N THR D 322 -0.18 19.34 -34.95
CA THR D 322 -0.78 19.44 -36.28
C THR D 322 0.09 20.31 -37.18
N LEU D 323 0.47 19.76 -38.34
CA LEU D 323 1.34 20.49 -39.27
C LEU D 323 0.55 21.04 -40.44
N PHE D 324 0.85 22.27 -40.84
CA PHE D 324 0.10 22.95 -41.90
C PHE D 324 0.98 23.27 -43.11
N TYR D 325 0.39 23.14 -44.30
CA TYR D 325 1.07 23.46 -45.54
C TYR D 325 0.07 23.80 -46.63
N PRO D 326 0.43 24.75 -47.52
CA PRO D 326 -0.45 25.15 -48.63
C PRO D 326 -0.65 24.06 -49.67
N MET D 327 -1.79 24.08 -50.35
CA MET D 327 -2.14 23.08 -51.35
C MET D 327 -1.27 23.21 -52.61
N TRP D 328 -0.87 24.44 -52.92
CA TRP D 328 -0.09 24.70 -54.13
C TRP D 328 1.39 24.37 -53.94
N HIS D 329 1.72 23.74 -52.81
CA HIS D 329 3.08 23.32 -52.54
C HIS D 329 3.50 22.24 -53.54
N LEU D 330 4.79 22.19 -53.84
CA LEU D 330 5.30 21.28 -54.86
C LEU D 330 5.22 19.83 -54.41
N GLU D 331 5.42 19.58 -53.12
CA GLU D 331 5.41 18.24 -52.58
C GLU D 331 4.07 17.86 -52.00
N VAL D 332 3.02 18.57 -52.43
CA VAL D 332 1.68 18.37 -51.87
C VAL D 332 1.14 16.96 -52.13
N GLU D 333 1.62 16.32 -53.19
CA GLU D 333 1.18 14.96 -53.50
C GLU D 333 1.81 13.97 -52.54
N SER D 334 2.94 14.35 -51.96
CA SER D 334 3.67 13.50 -51.03
C SER D 334 3.25 13.74 -49.58
N LEU D 335 2.80 14.95 -49.29
CA LEU D 335 2.44 15.33 -47.92
C LEU D 335 1.04 14.87 -47.52
N LEU D 336 0.17 14.69 -48.50
CA LEU D 336 -1.20 14.26 -48.23
C LEU D 336 -1.27 12.78 -47.82
N VAL D 337 -0.27 12.01 -48.22
CA VAL D 337 -0.28 10.57 -47.98
C VAL D 337 0.71 10.17 -46.88
N LEU D 338 0.89 11.06 -45.91
CA LEU D 338 1.85 10.82 -44.83
C LEU D 338 1.27 9.97 -43.69
N LYS D 339 -0.05 9.87 -43.65
CA LYS D 339 -0.71 9.24 -42.50
C LYS D 339 -1.23 7.83 -42.76
N ASN D 340 -1.41 7.45 -44.01
CA ASN D 340 -1.95 6.12 -44.32
C ASN D 340 -1.01 5.01 -43.83
N ASN D 341 -1.60 3.88 -43.45
CA ASN D 341 -0.83 2.79 -42.85
C ASN D 341 0.09 2.07 -43.81
N ARG D 342 -0.17 2.18 -45.11
CA ARG D 342 0.65 1.52 -46.11
C ARG D 342 1.94 2.28 -46.37
N GLY D 343 2.75 1.77 -47.31
CA GLY D 343 4.01 2.40 -47.66
C GLY D 343 5.10 2.11 -46.66
N VAL D 344 6.30 2.62 -46.93
CA VAL D 344 7.45 2.39 -46.06
C VAL D 344 7.69 3.55 -45.11
N GLU D 345 8.61 3.35 -44.16
CA GLU D 345 8.92 4.37 -43.16
C GLU D 345 9.60 5.60 -43.77
N GLY D 346 10.20 5.42 -44.94
CA GLY D 346 10.92 6.50 -45.60
C GLY D 346 10.03 7.64 -46.03
N ASN D 347 8.77 7.34 -46.35
CA ASN D 347 7.83 8.36 -46.82
C ASN D 347 6.56 8.44 -45.98
N ARG D 348 6.69 8.18 -44.68
CA ARG D 348 5.54 8.24 -43.78
C ARG D 348 5.85 8.94 -42.46
N VAL D 349 4.99 9.89 -42.09
CA VAL D 349 5.06 10.54 -40.79
C VAL D 349 3.66 10.47 -40.18
N ARG D 350 3.38 9.37 -39.51
CA ARG D 350 2.00 9.01 -39.15
C ARG D 350 1.51 9.61 -37.84
N HIS D 351 2.42 9.91 -36.93
CA HIS D 351 2.02 10.30 -35.58
C HIS D 351 1.77 11.80 -35.42
N MET D 352 1.44 12.47 -36.52
CA MET D 352 1.05 13.87 -36.47
C MET D 352 -0.16 14.14 -37.37
N ASP D 353 -0.89 15.20 -37.07
CA ASP D 353 -2.05 15.58 -37.87
C ASP D 353 -1.68 16.66 -38.88
N TYR D 354 -2.48 16.79 -39.93
CA TYR D 354 -2.19 17.75 -40.99
C TYR D 354 -3.39 18.56 -41.43
N GLY D 355 -3.15 19.81 -41.82
CA GLY D 355 -4.19 20.70 -42.30
C GLY D 355 -3.82 21.34 -43.61
N VAL D 356 -4.59 21.03 -44.66
CA VAL D 356 -4.33 21.58 -45.99
C VAL D 356 -4.93 22.97 -46.14
N GLN D 357 -4.11 23.91 -46.60
CA GLN D 357 -4.55 25.29 -46.78
C GLN D 357 -5.05 25.54 -48.20
N ILE D 358 -6.31 25.95 -48.30
CA ILE D 358 -6.96 26.15 -49.61
C ILE D 358 -7.54 27.55 -49.72
N ASN D 359 -7.54 28.11 -50.93
CA ASN D 359 -8.16 29.40 -51.16
C ASN D 359 -9.16 29.35 -52.31
N LYS D 360 -9.65 30.51 -52.73
CA LYS D 360 -10.70 30.59 -53.74
C LYS D 360 -10.26 30.05 -55.10
N LEU D 361 -9.04 30.38 -55.51
CA LEU D 361 -8.54 30.01 -56.83
C LEU D 361 -8.45 28.50 -57.00
N MET D 362 -8.14 27.80 -55.91
CA MET D 362 -8.06 26.33 -55.95
C MET D 362 -9.43 25.70 -56.18
N TYR D 363 -10.44 26.21 -55.48
CA TYR D 363 -11.81 25.73 -55.65
C TYR D 363 -12.33 26.06 -57.04
N THR D 364 -11.86 27.19 -57.58
CA THR D 364 -12.26 27.63 -58.91
C THR D 364 -11.79 26.63 -59.97
N ARG D 365 -10.55 26.17 -59.84
CA ARG D 365 -9.99 25.18 -60.75
C ARG D 365 -10.75 23.86 -60.64
N LEU D 366 -11.27 23.59 -59.44
CA LEU D 366 -12.05 22.38 -59.20
C LEU D 366 -13.40 22.46 -59.90
N LEU D 367 -14.05 23.61 -59.76
CA LEU D 367 -15.36 23.83 -60.37
C LEU D 367 -15.26 23.90 -61.89
N LYS D 368 -14.23 24.57 -62.37
CA LYS D 368 -14.00 24.70 -63.81
C LYS D 368 -13.39 23.44 -64.41
N GLY D 369 -12.95 22.54 -63.54
CA GLY D 369 -12.33 21.28 -63.97
C GLY D 369 -11.01 21.51 -64.67
N GLU D 370 -10.31 22.57 -64.28
CA GLU D 370 -9.02 22.91 -64.88
C GLU D 370 -7.87 22.23 -64.14
N ASP D 371 -6.69 22.83 -64.23
CA ASP D 371 -5.49 22.27 -63.60
C ASP D 371 -5.01 23.14 -62.45
N ILE D 372 -4.26 22.52 -61.53
CA ILE D 372 -3.62 23.25 -60.46
C ILE D 372 -2.10 23.10 -60.56
N THR D 373 -1.40 24.23 -60.64
CA THR D 373 0.05 24.22 -60.80
C THR D 373 0.75 24.27 -59.45
N LEU D 374 1.72 23.38 -59.27
CA LEU D 374 2.46 23.28 -58.01
C LEU D 374 3.77 24.06 -58.05
N PHE D 375 4.00 24.89 -57.04
CA PHE D 375 5.21 25.70 -56.97
C PHE D 375 5.95 25.52 -55.65
N SER D 376 7.25 25.78 -55.68
CA SER D 376 8.06 25.84 -54.46
C SER D 376 8.12 27.28 -53.96
N PRO D 377 7.83 27.48 -52.67
CA PRO D 377 7.74 28.82 -52.06
C PRO D 377 9.02 29.64 -52.15
N SER D 378 10.13 29.00 -52.51
CA SER D 378 11.40 29.71 -52.65
C SER D 378 11.59 30.22 -54.08
N ASP D 379 10.78 29.72 -55.01
CA ASP D 379 10.91 30.07 -56.41
C ASP D 379 9.85 31.08 -56.86
N VAL D 380 8.87 31.33 -56.00
CA VAL D 380 7.77 32.23 -56.34
C VAL D 380 7.66 33.38 -55.32
N PRO D 381 8.35 34.49 -55.59
CA PRO D 381 8.43 35.65 -54.68
C PRO D 381 7.07 36.27 -54.36
N GLY D 382 6.73 36.33 -53.09
CA GLY D 382 5.50 36.99 -52.65
C GLY D 382 4.24 36.17 -52.84
N LEU D 383 4.37 35.02 -53.49
CA LEU D 383 3.23 34.16 -53.77
C LEU D 383 2.68 33.56 -52.49
N TYR D 384 3.59 33.25 -51.56
CA TYR D 384 3.20 32.67 -50.28
C TYR D 384 2.47 33.68 -49.40
N ASP D 385 2.98 34.90 -49.35
CA ASP D 385 2.38 35.96 -48.55
C ASP D 385 1.00 36.36 -49.08
N ALA D 386 0.89 36.45 -50.39
CA ALA D 386 -0.36 36.84 -51.04
C ALA D 386 -1.44 35.76 -50.87
N PHE D 387 -0.99 34.53 -50.68
CA PHE D 387 -1.90 33.39 -50.52
C PHE D 387 -2.80 33.54 -49.30
N PHE D 388 -2.37 34.34 -48.34
CA PHE D 388 -3.13 34.54 -47.11
C PHE D 388 -3.74 35.94 -47.02
N ALA D 389 -3.02 36.94 -47.52
CA ALA D 389 -3.39 38.33 -47.30
C ALA D 389 -4.21 38.94 -48.44
N ASP D 390 -3.90 38.55 -49.67
CA ASP D 390 -4.54 39.17 -50.83
C ASP D 390 -4.88 38.14 -51.92
N GLN D 391 -6.15 37.77 -52.01
CA GLN D 391 -6.60 36.80 -53.00
C GLN D 391 -6.52 37.35 -54.42
N GLU D 392 -6.66 38.67 -54.56
CA GLU D 392 -6.56 39.32 -55.86
C GLU D 392 -5.11 39.29 -56.35
N GLU D 393 -4.18 39.63 -55.46
CA GLU D 393 -2.76 39.62 -55.78
C GLU D 393 -2.27 38.20 -56.05
N PHE D 394 -2.85 37.24 -55.37
CA PHE D 394 -2.49 35.84 -55.54
C PHE D 394 -2.80 35.37 -56.96
N GLU D 395 -4.03 35.61 -57.40
CA GLU D 395 -4.47 35.19 -58.73
C GLU D 395 -3.62 35.83 -59.83
N ARG D 396 -3.15 37.05 -59.58
CA ARG D 396 -2.28 37.74 -60.53
C ARG D 396 -0.93 37.05 -60.61
N LEU D 397 -0.33 36.79 -59.44
CA LEU D 397 0.97 36.14 -59.37
C LEU D 397 0.91 34.68 -59.81
N TYR D 398 -0.18 34.02 -59.46
CA TYR D 398 -0.36 32.60 -59.79
C TYR D 398 -0.40 32.39 -61.30
N THR D 399 -1.20 33.20 -61.98
CA THR D 399 -1.32 33.13 -63.43
C THR D 399 -0.06 33.63 -64.13
N LYS D 400 0.63 34.57 -63.50
CA LYS D 400 1.87 35.10 -64.03
C LYS D 400 2.98 34.05 -64.07
N TYR D 401 3.08 33.29 -62.99
CA TYR D 401 4.11 32.27 -62.86
C TYR D 401 3.75 31.00 -63.62
N GLU D 402 2.47 30.81 -63.91
CA GLU D 402 2.02 29.65 -64.67
C GLU D 402 2.46 29.73 -66.13
N LYS D 403 2.47 30.95 -66.68
CA LYS D 403 2.86 31.16 -68.07
C LYS D 403 4.36 31.32 -68.19
N ASP D 404 5.04 31.43 -67.06
CA ASP D 404 6.49 31.53 -67.03
C ASP D 404 7.11 30.13 -67.05
N ASP D 405 8.09 29.94 -67.92
CA ASP D 405 8.74 28.64 -68.08
C ASP D 405 10.06 28.56 -67.31
N SER D 406 10.52 29.69 -66.81
CA SER D 406 11.77 29.73 -66.06
C SER D 406 11.55 29.23 -64.63
N ILE D 407 10.32 29.32 -64.15
CA ILE D 407 9.97 28.86 -62.81
C ILE D 407 9.60 27.38 -62.82
N ARG D 408 10.25 26.60 -61.97
CA ARG D 408 9.98 25.17 -61.89
C ARG D 408 8.57 24.91 -61.37
N LYS D 409 7.83 24.05 -62.06
CA LYS D 409 6.44 23.80 -61.72
C LYS D 409 6.02 22.38 -62.07
N GLN D 410 4.81 22.02 -61.65
CA GLN D 410 4.22 20.73 -61.98
C GLN D 410 2.71 20.86 -62.16
N ARG D 411 2.19 20.26 -63.22
CA ARG D 411 0.77 20.36 -63.54
C ARG D 411 0.00 19.14 -63.02
N VAL D 412 -1.08 19.39 -62.30
CA VAL D 412 -1.96 18.32 -61.84
C VAL D 412 -3.42 18.78 -61.95
N LYS D 413 -4.30 17.86 -62.34
CA LYS D 413 -5.71 18.16 -62.49
C LYS D 413 -6.36 18.42 -61.13
N ALA D 414 -7.15 19.49 -61.05
CA ALA D 414 -7.78 19.90 -59.81
C ALA D 414 -8.69 18.81 -59.24
N VAL D 415 -9.33 18.05 -60.12
CA VAL D 415 -10.22 16.98 -59.71
C VAL D 415 -9.45 15.86 -59.02
N GLU D 416 -8.25 15.57 -59.53
CA GLU D 416 -7.41 14.52 -58.96
C GLU D 416 -6.82 14.92 -57.61
N LEU D 417 -6.39 16.17 -57.50
CA LEU D 417 -5.77 16.65 -56.27
C LEU D 417 -6.74 16.69 -55.10
N PHE D 418 -7.92 17.25 -55.34
CA PHE D 418 -8.95 17.32 -54.30
C PHE D 418 -9.46 15.93 -53.93
N SER D 419 -9.48 15.03 -54.91
CA SER D 419 -9.92 13.66 -54.66
C SER D 419 -8.93 12.92 -53.75
N LEU D 420 -7.64 13.16 -53.98
CA LEU D 420 -6.59 12.54 -53.18
C LEU D 420 -6.64 13.03 -51.74
N MET D 421 -6.89 14.32 -51.57
CA MET D 421 -6.97 14.93 -50.25
C MET D 421 -8.12 14.36 -49.43
N MET D 422 -9.31 14.34 -50.03
CA MET D 422 -10.51 13.83 -49.36
C MET D 422 -10.44 12.32 -49.15
N GLN D 423 -9.67 11.64 -49.98
CA GLN D 423 -9.49 10.19 -49.86
C GLN D 423 -8.78 9.83 -48.57
N GLU D 424 -7.71 10.56 -48.26
CA GLU D 424 -6.96 10.33 -47.03
C GLU D 424 -7.76 10.82 -45.83
N ARG D 425 -8.57 11.84 -46.04
CA ARG D 425 -9.44 12.36 -44.99
C ARG D 425 -10.53 11.34 -44.66
N ALA D 426 -10.93 10.57 -45.67
CA ALA D 426 -11.96 9.56 -45.50
C ALA D 426 -11.42 8.33 -44.77
N SER D 427 -10.21 7.91 -45.15
CA SER D 427 -9.61 6.71 -44.59
C SER D 427 -9.05 6.92 -43.19
N THR D 428 -8.39 8.05 -42.98
CA THR D 428 -7.74 8.33 -41.69
C THR D 428 -8.65 9.15 -40.77
N GLY D 429 -9.29 10.17 -41.32
CA GLY D 429 -10.15 11.04 -40.53
C GLY D 429 -9.36 12.12 -39.81
N ARG D 430 -8.08 12.22 -40.14
CA ARG D 430 -7.21 13.18 -39.48
C ARG D 430 -6.52 14.10 -40.49
N ILE D 431 -7.09 14.19 -41.69
CA ILE D 431 -6.61 15.12 -42.71
C ILE D 431 -7.53 16.33 -42.77
N TYR D 432 -7.02 17.48 -42.31
CA TYR D 432 -7.88 18.64 -42.10
C TYR D 432 -7.81 19.64 -43.25
N ILE D 433 -8.76 20.58 -43.27
CA ILE D 433 -8.84 21.59 -44.31
C ILE D 433 -8.97 22.98 -43.70
N GLN D 434 -8.13 23.91 -44.15
CA GLN D 434 -8.21 25.30 -43.71
C GLN D 434 -8.37 26.26 -44.88
N ASN D 435 -9.52 26.92 -44.94
CA ASN D 435 -9.76 27.92 -45.97
C ASN D 435 -9.16 29.27 -45.58
N VAL D 436 -7.96 29.53 -46.08
CA VAL D 436 -7.17 30.69 -45.66
C VAL D 436 -7.77 32.03 -46.09
N ASP D 437 -8.54 32.03 -47.18
CA ASP D 437 -9.13 33.27 -47.67
C ASP D 437 -10.23 33.75 -46.75
N HIS D 438 -11.02 32.81 -46.23
CA HIS D 438 -12.08 33.13 -45.27
C HIS D 438 -11.49 33.49 -43.92
N CYS D 439 -10.27 33.02 -43.66
CA CYS D 439 -9.60 33.26 -42.39
C CYS D 439 -8.95 34.64 -42.32
N ASN D 440 -9.02 35.38 -43.42
CA ASN D 440 -8.43 36.72 -43.47
C ASN D 440 -9.42 37.79 -43.96
N THR D 441 -10.34 37.38 -44.82
CA THR D 441 -11.39 38.30 -45.29
C THR D 441 -12.42 38.48 -44.17
N HIS D 442 -12.61 37.43 -43.39
CA HIS D 442 -13.47 37.48 -42.21
C HIS D 442 -12.64 37.26 -40.96
N SER D 443 -11.81 38.24 -40.62
CA SER D 443 -10.85 38.10 -39.53
C SER D 443 -10.76 39.38 -38.69
N PRO D 444 -10.49 39.23 -37.39
CA PRO D 444 -10.27 40.37 -36.50
C PRO D 444 -8.88 40.97 -36.65
N PHE D 445 -8.09 40.46 -37.59
CA PHE D 445 -6.74 40.97 -37.81
C PHE D 445 -6.57 41.55 -39.21
N ASP D 446 -5.67 42.52 -39.33
CA ASP D 446 -5.33 43.11 -40.61
C ASP D 446 -4.31 42.23 -41.33
N PRO D 447 -4.71 41.66 -42.48
CA PRO D 447 -3.86 40.75 -43.28
C PRO D 447 -2.57 41.39 -43.77
N ALA D 448 -2.51 42.72 -43.79
CA ALA D 448 -1.34 43.43 -44.28
C ALA D 448 -0.26 43.58 -43.21
N ILE D 449 -0.66 43.50 -41.94
CA ILE D 449 0.28 43.67 -40.85
C ILE D 449 0.56 42.35 -40.11
N ALA D 450 -0.51 41.62 -39.80
CA ALA D 450 -0.38 40.36 -39.09
C ALA D 450 -1.43 39.36 -39.57
N PRO D 451 -1.15 38.68 -40.70
CA PRO D 451 -2.08 37.71 -41.29
C PRO D 451 -2.07 36.37 -40.57
N VAL D 452 -3.15 35.61 -40.72
CA VAL D 452 -3.23 34.27 -40.15
C VAL D 452 -2.80 33.24 -41.17
N ARG D 453 -1.73 32.52 -40.88
CA ARG D 453 -1.17 31.56 -41.83
C ARG D 453 -1.26 30.12 -41.34
N GLN D 454 -1.82 29.93 -40.15
CA GLN D 454 -1.88 28.60 -39.55
C GLN D 454 -2.97 28.47 -38.49
N SER D 455 -2.96 27.34 -37.81
CA SER D 455 -3.90 27.09 -36.71
C SER D 455 -3.25 26.22 -35.64
N ASN D 456 -4.07 25.58 -34.80
CA ASN D 456 -3.55 24.75 -33.72
C ASN D 456 -3.87 23.28 -33.91
N LEU D 457 -3.88 22.54 -32.81
CA LEU D 457 -4.10 21.09 -32.84
C LEU D 457 -5.50 20.71 -33.29
N CYS D 458 -6.51 21.38 -32.73
CA CYS D 458 -7.90 21.04 -33.01
C CYS D 458 -8.53 21.99 -34.03
N LEU D 459 -7.73 22.89 -34.56
CA LEU D 459 -8.15 23.84 -35.60
C LEU D 459 -9.31 24.73 -35.19
N GLU D 460 -9.21 25.34 -34.01
CA GLU D 460 -10.20 26.32 -33.57
C GLU D 460 -9.52 27.65 -33.28
N ILE D 461 -8.19 27.63 -33.29
CA ILE D 461 -7.40 28.82 -33.00
C ILE D 461 -6.78 29.39 -34.27
N ALA D 462 -6.97 30.69 -34.49
CA ALA D 462 -6.41 31.36 -35.66
C ALA D 462 -5.71 32.65 -35.25
N LEU D 463 -4.41 32.56 -35.01
CA LEU D 463 -3.64 33.69 -34.52
C LEU D 463 -2.41 33.96 -35.39
N PRO D 464 -2.00 35.24 -35.49
CA PRO D 464 -0.81 35.65 -36.24
C PRO D 464 0.48 35.07 -35.64
N THR D 465 1.43 34.71 -36.48
CA THR D 465 2.69 34.13 -36.03
C THR D 465 3.88 34.71 -36.79
N LYS D 466 5.04 34.67 -36.17
CA LYS D 466 6.28 35.13 -36.82
C LYS D 466 7.41 34.14 -36.51
N PRO D 467 8.12 33.70 -37.55
CA PRO D 467 9.18 32.69 -37.42
C PRO D 467 10.36 33.14 -36.56
N LEU D 468 11.03 32.17 -35.92
CA LEU D 468 12.17 32.45 -35.07
C LEU D 468 13.46 32.06 -35.76
N ASN D 469 14.53 32.82 -35.50
CA ASN D 469 15.85 32.45 -36.00
C ASN D 469 16.68 31.80 -34.89
N ASP D 470 16.13 31.80 -33.68
CA ASP D 470 16.76 31.17 -32.53
C ASP D 470 15.70 30.89 -31.47
N VAL D 471 15.98 29.96 -30.58
CA VAL D 471 15.03 29.59 -29.53
C VAL D 471 14.75 30.77 -28.61
N ASN D 472 15.72 31.69 -28.51
CA ASN D 472 15.57 32.87 -27.66
C ASN D 472 15.44 34.16 -28.46
N ASP D 473 14.91 34.05 -29.68
CA ASP D 473 14.71 35.22 -30.52
C ASP D 473 13.61 36.11 -29.97
N GLU D 474 13.87 37.41 -29.89
CA GLU D 474 12.89 38.35 -29.35
C GLU D 474 12.08 39.02 -30.46
N ASN D 475 12.35 38.61 -31.70
CA ASN D 475 11.62 39.15 -32.85
C ASN D 475 10.55 38.20 -33.33
N GLY D 476 10.65 36.93 -32.94
CA GLY D 476 9.68 35.94 -33.32
C GLY D 476 8.41 36.04 -32.51
N GLU D 477 7.35 35.37 -32.96
CA GLU D 477 6.07 35.40 -32.27
C GLU D 477 5.41 34.04 -32.22
N ILE D 478 5.37 33.45 -31.03
CA ILE D 478 4.68 32.18 -30.81
C ILE D 478 3.30 32.45 -30.21
N ALA D 479 2.26 32.03 -30.93
CA ALA D 479 0.89 32.33 -30.53
C ALA D 479 0.37 31.40 -29.43
N LEU D 480 -0.04 31.99 -28.31
CA LEU D 480 -0.67 31.25 -27.23
C LEU D 480 -2.12 31.71 -27.06
N CYS D 481 -2.95 30.86 -26.46
CA CYS D 481 -4.36 31.20 -26.27
C CYS D 481 -4.97 30.47 -25.08
N THR D 482 -5.65 31.22 -24.22
CA THR D 482 -6.34 30.66 -23.06
C THR D 482 -7.80 30.36 -23.40
N LEU D 483 -8.26 29.17 -23.06
CA LEU D 483 -9.59 28.72 -23.46
C LEU D 483 -10.62 28.79 -22.33
N SER D 484 -11.89 28.73 -22.71
CA SER D 484 -13.02 28.68 -21.78
C SER D 484 -14.28 28.35 -22.56
N ALA D 485 -15.40 28.20 -21.87
CA ALA D 485 -16.65 27.83 -22.53
C ALA D 485 -17.88 28.27 -21.75
N PHE D 486 -18.91 28.72 -22.49
CA PHE D 486 -20.20 29.03 -21.90
C PHE D 486 -21.12 27.83 -21.96
N ASN D 487 -21.87 27.59 -20.89
CA ASN D 487 -22.83 26.49 -20.86
C ASN D 487 -24.23 26.97 -21.25
N LEU D 488 -24.63 26.64 -22.48
CA LEU D 488 -25.90 27.10 -23.03
C LEU D 488 -27.09 26.45 -22.32
N GLY D 489 -26.85 25.32 -21.66
CA GLY D 489 -27.90 24.61 -20.96
C GLY D 489 -28.11 25.12 -19.55
N ALA D 490 -27.22 26.02 -19.11
CA ALA D 490 -27.28 26.53 -17.74
C ALA D 490 -27.90 27.92 -17.66
N ILE D 491 -28.16 28.52 -18.82
CA ILE D 491 -28.77 29.85 -18.86
C ILE D 491 -30.25 29.76 -19.25
N ASN D 492 -31.05 30.67 -18.72
CA ASN D 492 -32.47 30.70 -19.02
C ASN D 492 -32.79 31.69 -20.15
N ASN D 493 -31.95 32.70 -20.31
CA ASN D 493 -32.10 33.66 -21.40
C ASN D 493 -30.75 34.21 -21.83
N LEU D 494 -30.73 34.90 -22.97
CA LEU D 494 -29.49 35.41 -23.55
C LEU D 494 -28.96 36.64 -22.82
N ASP D 495 -29.80 37.27 -22.01
CA ASP D 495 -29.41 38.50 -21.32
C ASP D 495 -28.54 38.23 -20.08
N GLU D 496 -28.41 36.96 -19.71
CA GLU D 496 -27.51 36.58 -18.63
C GLU D 496 -26.06 36.63 -19.07
N LEU D 497 -25.85 36.62 -20.39
CA LEU D 497 -24.50 36.59 -20.95
C LEU D 497 -23.70 37.85 -20.65
N GLU D 498 -24.40 38.96 -20.44
CA GLU D 498 -23.73 40.22 -20.13
C GLU D 498 -22.95 40.13 -18.82
N GLU D 499 -23.55 39.50 -17.82
CA GLU D 499 -22.89 39.30 -16.53
C GLU D 499 -21.80 38.24 -16.64
N LEU D 500 -22.09 37.15 -17.35
CA LEU D 500 -21.16 36.04 -17.50
C LEU D 500 -19.91 36.45 -18.29
N ALA D 501 -20.09 37.35 -19.25
CA ALA D 501 -18.98 37.81 -20.07
C ALA D 501 -17.98 38.61 -19.25
N ILE D 502 -18.49 39.50 -18.40
CA ILE D 502 -17.64 40.33 -17.54
C ILE D 502 -16.78 39.47 -16.62
N LEU D 503 -17.37 38.41 -16.07
CA LEU D 503 -16.66 37.50 -15.18
C LEU D 503 -15.63 36.65 -15.93
N ALA D 504 -16.03 36.15 -17.09
CA ALA D 504 -15.17 35.27 -17.89
C ALA D 504 -13.95 35.98 -18.45
N VAL D 505 -14.18 37.13 -19.08
CA VAL D 505 -13.10 37.89 -19.73
C VAL D 505 -12.07 38.39 -18.73
N ARG D 506 -12.53 39.00 -17.64
CA ARG D 506 -11.64 39.56 -16.63
C ARG D 506 -10.78 38.48 -15.96
N ALA D 507 -11.33 37.28 -15.82
CA ALA D 507 -10.62 36.17 -15.20
C ALA D 507 -9.47 35.67 -16.06
N LEU D 508 -9.77 35.38 -17.33
CA LEU D 508 -8.77 34.87 -18.26
C LEU D 508 -7.69 35.89 -18.55
N ASP D 509 -8.07 37.16 -18.62
CA ASP D 509 -7.12 38.24 -18.88
C ASP D 509 -6.14 38.39 -17.72
N ALA D 510 -6.62 38.12 -16.51
CA ALA D 510 -5.77 38.17 -15.33
C ALA D 510 -4.83 36.98 -15.30
N LEU D 511 -5.27 35.87 -15.89
CA LEU D 511 -4.48 34.65 -15.96
C LEU D 511 -3.27 34.81 -16.87
N LEU D 512 -3.40 35.65 -17.89
CA LEU D 512 -2.32 35.90 -18.84
C LEU D 512 -1.09 36.48 -18.15
N ASP D 513 -1.33 37.30 -17.13
CA ASP D 513 -0.25 37.90 -16.37
C ASP D 513 0.13 37.01 -15.18
N TYR D 514 -0.65 35.94 -15.00
CA TYR D 514 -0.43 35.02 -13.89
C TYR D 514 0.43 33.84 -14.31
N GLN D 515 0.19 33.33 -15.52
CA GLN D 515 0.91 32.17 -16.02
C GLN D 515 2.33 32.53 -16.46
N ASP D 516 3.17 31.52 -16.65
CA ASP D 516 4.55 31.72 -17.05
C ASP D 516 4.77 31.41 -18.54
N TYR D 517 5.89 31.87 -19.07
CA TYR D 517 6.23 31.65 -20.47
C TYR D 517 7.67 31.18 -20.62
N PRO D 518 7.86 29.92 -21.05
CA PRO D 518 9.19 29.32 -21.20
C PRO D 518 9.96 29.87 -22.40
N ILE D 519 9.26 30.55 -23.31
CA ILE D 519 9.87 31.08 -24.51
C ILE D 519 9.56 32.57 -24.70
N PRO D 520 10.60 33.39 -24.86
CA PRO D 520 10.47 34.84 -25.03
C PRO D 520 9.57 35.23 -26.20
N ALA D 521 9.63 34.46 -27.28
CA ALA D 521 8.81 34.75 -28.46
C ALA D 521 7.33 34.53 -28.18
N ALA D 522 7.03 33.61 -27.28
CA ALA D 522 5.65 33.32 -26.91
C ALA D 522 5.09 34.41 -26.01
N LYS D 523 5.95 34.99 -25.18
CA LYS D 523 5.55 36.08 -24.29
C LYS D 523 5.19 37.34 -25.07
N ARG D 524 5.86 37.55 -26.19
CA ARG D 524 5.58 38.70 -27.05
C ARG D 524 4.15 38.64 -27.60
N GLY D 525 3.75 37.47 -28.07
CA GLY D 525 2.42 37.28 -28.62
C GLY D 525 1.33 37.34 -27.56
N ALA D 526 1.64 36.84 -26.37
CA ALA D 526 0.69 36.81 -25.27
C ALA D 526 0.47 38.20 -24.68
N MET D 527 1.56 38.93 -24.47
CA MET D 527 1.48 40.26 -23.88
C MET D 527 1.05 41.30 -24.89
N GLY D 528 1.32 41.03 -26.17
CA GLY D 528 1.03 41.98 -27.22
C GLY D 528 -0.42 42.06 -27.64
N ARG D 529 -1.04 40.90 -27.84
CA ARG D 529 -2.41 40.85 -28.33
C ARG D 529 -3.39 40.44 -27.24
N ARG D 530 -2.90 39.64 -26.29
CA ARG D 530 -3.71 39.13 -25.19
C ARG D 530 -4.94 38.40 -25.71
N THR D 531 -4.72 37.41 -26.57
CA THR D 531 -5.81 36.70 -27.24
C THR D 531 -6.48 35.69 -26.31
N LEU D 532 -7.81 35.67 -26.36
CA LEU D 532 -8.60 34.71 -25.60
C LEU D 532 -9.47 33.90 -26.56
N GLY D 533 -9.88 32.71 -26.12
CA GLY D 533 -10.73 31.85 -26.94
C GLY D 533 -11.80 31.17 -26.13
N ILE D 534 -12.96 31.81 -26.04
CA ILE D 534 -14.08 31.26 -25.29
C ILE D 534 -15.10 30.64 -26.22
N GLY D 535 -15.53 29.41 -25.91
CA GLY D 535 -16.47 28.70 -26.75
C GLY D 535 -17.78 28.38 -26.06
N VAL D 536 -18.46 27.34 -26.54
CA VAL D 536 -19.73 26.93 -25.96
C VAL D 536 -19.84 25.41 -25.85
N ILE D 537 -20.63 24.96 -24.88
CA ILE D 537 -20.95 23.54 -24.73
C ILE D 537 -22.44 23.38 -24.55
N ASN D 538 -22.90 22.12 -24.52
CA ASN D 538 -24.32 21.81 -24.37
C ASN D 538 -25.19 22.46 -25.44
N PHE D 539 -24.70 22.49 -26.68
CA PHE D 539 -25.43 23.09 -27.77
C PHE D 539 -26.58 22.19 -28.24
N ALA D 540 -26.35 20.87 -28.17
CA ALA D 540 -27.36 19.90 -28.54
C ALA D 540 -28.56 19.96 -27.60
N TYR D 541 -28.26 20.08 -26.30
CA TYR D 541 -29.30 20.20 -25.29
C TYR D 541 -30.00 21.56 -25.38
N TYR D 542 -29.27 22.57 -25.83
CA TYR D 542 -29.82 23.90 -25.98
C TYR D 542 -30.87 23.94 -27.09
N LEU D 543 -30.65 23.17 -28.14
CA LEU D 543 -31.61 23.08 -29.25
C LEU D 543 -32.80 22.22 -28.86
N ALA D 544 -32.55 21.21 -28.03
CA ALA D 544 -33.60 20.30 -27.58
C ALA D 544 -34.62 21.02 -26.71
N LYS D 545 -34.14 21.97 -25.90
CA LYS D 545 -35.02 22.75 -25.05
C LYS D 545 -35.90 23.67 -25.87
N HIS D 546 -35.38 24.13 -27.00
CA HIS D 546 -36.12 25.04 -27.87
C HIS D 546 -36.78 24.29 -29.01
N GLY D 547 -36.69 22.96 -28.98
CA GLY D 547 -37.34 22.11 -29.97
C GLY D 547 -36.80 22.27 -31.37
N LYS D 548 -35.49 22.44 -31.50
CA LYS D 548 -34.85 22.58 -32.80
C LYS D 548 -34.00 21.36 -33.13
N ARG D 549 -33.53 21.29 -34.38
CA ARG D 549 -32.70 20.17 -34.83
C ARG D 549 -31.53 20.65 -35.66
N TYR D 550 -30.66 19.73 -36.07
CA TYR D 550 -29.46 20.06 -36.82
C TYR D 550 -29.65 20.07 -38.33
N SER D 551 -30.24 19.01 -38.87
CA SER D 551 -30.22 18.77 -40.31
C SER D 551 -31.33 19.48 -41.09
N ASP D 552 -32.38 19.90 -40.40
CA ASP D 552 -33.50 20.54 -41.07
C ASP D 552 -33.30 22.05 -41.23
N GLY D 553 -32.29 22.58 -40.52
CA GLY D 553 -31.99 24.00 -40.58
C GLY D 553 -33.01 24.84 -39.82
N SER D 554 -33.75 24.20 -38.92
CA SER D 554 -34.77 24.88 -38.14
C SER D 554 -34.15 25.71 -37.01
N ALA D 555 -32.87 25.47 -36.76
CA ALA D 555 -32.16 26.16 -35.69
C ALA D 555 -31.32 27.31 -36.24
N ASN D 556 -31.49 27.61 -37.51
CA ASN D 556 -30.72 28.66 -38.18
C ASN D 556 -30.92 30.04 -37.56
N ASN D 557 -32.17 30.43 -37.38
CA ASN D 557 -32.48 31.73 -36.79
C ASN D 557 -32.17 31.77 -35.29
N LEU D 558 -32.33 30.64 -34.62
CA LEU D 558 -32.03 30.55 -33.20
C LEU D 558 -30.53 30.68 -32.98
N THR D 559 -29.75 30.02 -33.83
CA THR D 559 -28.29 30.08 -33.77
C THR D 559 -27.81 31.50 -33.99
N HIS D 560 -28.40 32.17 -34.98
CA HIS D 560 -28.03 33.54 -35.31
C HIS D 560 -28.33 34.48 -34.16
N LYS D 561 -29.46 34.27 -33.50
CA LYS D 561 -29.86 35.09 -32.36
C LYS D 561 -28.96 34.85 -31.15
N THR D 562 -28.63 33.58 -30.92
CA THR D 562 -27.83 33.19 -29.76
C THR D 562 -26.41 33.73 -29.82
N PHE D 563 -25.70 33.41 -30.91
CA PHE D 563 -24.30 33.76 -31.05
C PHE D 563 -24.11 35.26 -31.26
N GLU D 564 -25.18 35.96 -31.62
CA GLU D 564 -25.12 37.41 -31.69
C GLU D 564 -24.98 37.98 -30.29
N ALA D 565 -25.79 37.46 -29.38
CA ALA D 565 -25.75 37.88 -27.99
C ALA D 565 -24.42 37.49 -27.35
N ILE D 566 -23.86 36.38 -27.80
CA ILE D 566 -22.57 35.91 -27.32
C ILE D 566 -21.47 36.89 -27.70
N GLN D 567 -21.35 37.15 -29.00
CA GLN D 567 -20.29 38.01 -29.52
C GLN D 567 -20.43 39.45 -29.02
N TYR D 568 -21.66 39.94 -28.96
CA TYR D 568 -21.91 41.31 -28.53
C TYR D 568 -21.46 41.55 -27.09
N TYR D 569 -21.91 40.69 -26.19
CA TYR D 569 -21.58 40.84 -24.77
C TYR D 569 -20.12 40.55 -24.46
N LEU D 570 -19.50 39.69 -25.27
CA LEU D 570 -18.08 39.41 -25.11
C LEU D 570 -17.26 40.63 -25.48
N LEU D 571 -17.55 41.22 -26.64
CA LEU D 571 -16.88 42.43 -27.07
C LEU D 571 -17.15 43.58 -26.11
N LYS D 572 -18.40 43.67 -25.65
CA LYS D 572 -18.82 44.72 -24.73
C LYS D 572 -18.09 44.59 -23.40
N ALA D 573 -17.88 43.36 -22.95
CA ALA D 573 -17.17 43.11 -21.70
C ALA D 573 -15.70 43.46 -21.83
N SER D 574 -15.11 43.07 -22.96
CA SER D 574 -13.71 43.36 -23.23
C SER D 574 -13.50 44.85 -23.42
N ASN D 575 -14.50 45.51 -23.99
CA ASN D 575 -14.45 46.95 -24.22
C ASN D 575 -14.46 47.71 -22.90
N GLU D 576 -15.31 47.28 -21.97
CA GLU D 576 -15.38 47.89 -20.65
C GLU D 576 -14.11 47.60 -19.85
N LEU D 577 -13.47 46.48 -20.15
CA LEU D 577 -12.21 46.11 -19.51
C LEU D 577 -11.07 46.97 -20.04
N ALA D 578 -11.18 47.36 -21.31
CA ALA D 578 -10.18 48.21 -21.94
C ALA D 578 -10.22 49.63 -21.39
N LYS D 579 -11.39 50.05 -20.91
CA LYS D 579 -11.54 51.35 -20.30
C LYS D 579 -10.84 51.42 -18.94
N GLU D 580 -10.78 50.28 -18.25
CA GLU D 580 -10.25 50.24 -16.89
C GLU D 580 -8.73 50.10 -16.82
N GLN D 581 -8.18 49.21 -17.63
CA GLN D 581 -6.76 48.89 -17.54
C GLN D 581 -6.01 49.15 -18.84
N GLY D 582 -6.72 49.62 -19.86
CA GLY D 582 -6.11 49.93 -21.14
C GLY D 582 -6.16 48.78 -22.11
N ALA D 583 -6.24 49.10 -23.40
CA ALA D 583 -6.27 48.09 -24.45
C ALA D 583 -4.89 47.46 -24.64
N CYS D 584 -4.86 46.33 -25.34
CA CYS D 584 -3.61 45.63 -25.61
C CYS D 584 -2.71 46.47 -26.52
N PRO D 585 -1.38 46.39 -26.31
CA PRO D 585 -0.38 47.16 -27.06
C PRO D 585 -0.49 47.03 -28.58
N TRP D 586 -0.76 45.82 -29.06
CA TRP D 586 -0.81 45.56 -30.49
C TRP D 586 -2.23 45.57 -31.03
N PHE D 587 -3.08 46.45 -30.48
CA PHE D 587 -4.46 46.56 -30.93
C PHE D 587 -4.55 47.24 -32.28
N ASN D 588 -3.54 48.05 -32.60
CA ASN D 588 -3.50 48.79 -33.85
C ASN D 588 -3.36 47.88 -35.07
N GLU D 589 -3.01 46.62 -34.84
CA GLU D 589 -2.86 45.66 -35.92
C GLU D 589 -4.16 44.89 -36.16
N THR D 590 -5.22 45.27 -35.44
CA THR D 590 -6.51 44.62 -35.60
C THR D 590 -7.46 45.43 -36.48
N THR D 591 -8.50 44.78 -36.98
CA THR D 591 -9.50 45.44 -37.82
C THR D 591 -10.48 46.27 -36.99
N TYR D 592 -10.61 45.90 -35.71
CA TYR D 592 -11.50 46.62 -34.79
C TYR D 592 -11.04 48.07 -34.58
N ALA D 593 -9.74 48.29 -34.69
CA ALA D 593 -9.19 49.63 -34.53
C ALA D 593 -9.67 50.55 -35.65
N LYS D 594 -10.00 49.97 -36.79
CA LYS D 594 -10.50 50.74 -37.93
C LYS D 594 -12.02 50.76 -37.94
N GLY D 595 -12.63 50.28 -36.87
CA GLY D 595 -14.08 50.30 -36.73
C GLY D 595 -14.79 49.24 -37.54
N ILE D 596 -14.11 48.13 -37.78
CA ILE D 596 -14.69 47.03 -38.54
C ILE D 596 -15.22 45.93 -37.63
N LEU D 597 -16.46 45.52 -37.85
CA LEU D 597 -17.10 44.48 -37.05
C LEU D 597 -17.32 43.23 -37.89
N PRO D 598 -17.44 42.06 -37.23
CA PRO D 598 -17.70 40.79 -37.93
C PRO D 598 -18.97 40.81 -38.78
N ILE D 599 -19.90 41.70 -38.45
CA ILE D 599 -21.16 41.81 -39.19
C ILE D 599 -20.99 42.57 -40.51
N ASP D 600 -19.77 43.01 -40.79
CA ASP D 600 -19.50 43.78 -42.01
C ASP D 600 -18.74 42.95 -43.05
N THR D 601 -17.94 42.00 -42.57
CA THR D 601 -17.05 41.25 -43.45
C THR D 601 -17.39 39.77 -43.50
N TYR D 602 -18.57 39.41 -43.01
CA TYR D 602 -18.99 38.01 -43.01
C TYR D 602 -19.33 37.53 -44.41
N LYS D 603 -19.33 36.22 -44.61
CA LYS D 603 -19.67 35.65 -45.91
C LYS D 603 -21.13 35.95 -46.22
N LYS D 604 -21.37 36.65 -47.32
CA LYS D 604 -22.70 37.15 -47.66
C LYS D 604 -23.66 36.05 -48.09
N ASP D 605 -23.17 34.83 -48.24
CA ASP D 605 -24.01 33.69 -48.59
C ASP D 605 -24.84 33.21 -47.40
N LEU D 606 -24.49 33.69 -46.21
CA LEU D 606 -25.21 33.31 -44.98
C LEU D 606 -26.59 33.95 -44.90
N ASP D 607 -26.79 35.02 -45.65
CA ASP D 607 -28.06 35.73 -45.64
C ASP D 607 -29.17 34.93 -46.33
N THR D 608 -28.77 33.93 -47.10
CA THR D 608 -29.72 33.10 -47.84
C THR D 608 -30.25 31.95 -47.00
N ILE D 609 -29.63 31.71 -45.85
CA ILE D 609 -30.02 30.61 -44.98
C ILE D 609 -30.40 31.13 -43.58
N ALA D 610 -30.31 32.44 -43.40
CA ALA D 610 -30.64 33.05 -42.11
C ALA D 610 -31.11 34.49 -42.30
N ASN D 611 -32.25 34.82 -41.71
CA ASN D 611 -32.83 36.14 -41.83
C ASN D 611 -33.06 36.81 -40.47
N GLU D 612 -32.44 36.25 -39.43
CA GLU D 612 -32.57 36.79 -38.08
C GLU D 612 -31.91 38.16 -37.97
N PRO D 613 -32.67 39.17 -37.52
CA PRO D 613 -32.16 40.54 -37.37
C PRO D 613 -31.28 40.72 -36.15
N LEU D 614 -30.51 41.79 -36.11
CA LEU D 614 -29.67 42.09 -34.96
C LEU D 614 -30.53 42.69 -33.84
N HIS D 615 -30.33 42.18 -32.63
CA HIS D 615 -31.15 42.59 -31.49
C HIS D 615 -30.41 43.56 -30.56
N TYR D 616 -29.13 43.79 -30.85
CA TYR D 616 -28.32 44.64 -30.00
C TYR D 616 -27.74 45.82 -30.77
N ASP D 617 -27.34 46.85 -30.05
CA ASP D 617 -26.81 48.08 -30.66
C ASP D 617 -25.35 47.90 -31.04
N TRP D 618 -25.11 47.41 -32.25
CA TRP D 618 -23.75 47.19 -32.74
C TRP D 618 -23.09 48.50 -33.13
N GLU D 619 -23.90 49.49 -33.51
CA GLU D 619 -23.37 50.77 -33.96
C GLU D 619 -22.82 51.60 -32.79
N ALA D 620 -23.46 51.48 -31.63
CA ALA D 620 -22.96 52.15 -30.43
C ALA D 620 -21.70 51.47 -29.94
N LEU D 621 -21.65 50.15 -30.12
CA LEU D 621 -20.47 49.37 -29.78
C LEU D 621 -19.32 49.71 -30.72
N ARG D 622 -19.66 49.99 -31.98
CA ARG D 622 -18.66 50.33 -32.99
C ARG D 622 -17.91 51.60 -32.62
N GLU D 623 -18.65 52.60 -32.17
CA GLU D 623 -18.06 53.87 -31.77
C GLU D 623 -17.37 53.76 -30.41
N SER D 624 -17.78 52.77 -29.63
CA SER D 624 -17.17 52.52 -28.33
C SER D 624 -15.81 51.85 -28.47
N ILE D 625 -15.66 51.03 -29.52
CA ILE D 625 -14.40 50.35 -29.80
C ILE D 625 -13.38 51.31 -30.37
N LYS D 626 -13.82 52.21 -31.25
CA LYS D 626 -12.97 53.22 -31.84
C LYS D 626 -12.34 54.14 -30.79
N THR D 627 -13.05 54.31 -29.67
CA THR D 627 -12.60 55.25 -28.65
C THR D 627 -11.64 54.62 -27.64
N HIS D 628 -12.05 53.51 -27.03
CA HIS D 628 -11.29 52.89 -25.95
C HIS D 628 -10.50 51.66 -26.39
N GLY D 629 -10.98 50.98 -27.43
CA GLY D 629 -10.29 49.80 -27.93
C GLY D 629 -10.74 48.52 -27.25
N LEU D 630 -10.02 47.43 -27.52
CA LEU D 630 -10.33 46.15 -26.90
C LEU D 630 -9.15 45.63 -26.10
N ARG D 631 -9.44 45.02 -24.95
CA ARG D 631 -8.40 44.43 -24.11
C ARG D 631 -7.81 43.19 -24.77
N ASN D 632 -8.62 42.54 -25.60
CA ASN D 632 -8.19 41.32 -26.29
C ASN D 632 -8.41 41.42 -27.80
N SER D 633 -7.47 40.89 -28.57
CA SER D 633 -7.57 40.88 -30.02
C SER D 633 -8.68 39.94 -30.48
N THR D 634 -8.72 38.76 -29.86
CA THR D 634 -9.78 37.79 -30.12
C THR D 634 -10.49 37.43 -28.82
N LEU D 635 -11.70 36.88 -28.94
CA LEU D 635 -12.49 36.54 -27.76
C LEU D 635 -13.24 35.23 -27.93
N SER D 636 -13.75 34.98 -29.14
CA SER D 636 -14.57 33.81 -29.38
C SER D 636 -13.88 32.76 -30.24
N ALA D 637 -13.98 31.51 -29.80
CA ALA D 637 -13.43 30.37 -30.54
C ALA D 637 -14.06 29.09 -30.03
N LEU D 638 -14.60 28.30 -30.95
CA LEU D 638 -15.33 27.08 -30.56
C LEU D 638 -14.42 25.85 -30.58
N MET D 639 -13.95 25.44 -29.40
CA MET D 639 -13.09 24.28 -29.26
C MET D 639 -13.89 23.07 -28.80
N PRO D 640 -13.37 21.86 -29.08
CA PRO D 640 -14.01 20.65 -28.54
C PRO D 640 -13.75 20.51 -27.04
N SER D 641 -14.76 20.07 -26.31
CA SER D 641 -14.62 19.87 -24.87
C SER D 641 -15.19 18.52 -24.45
N GLU D 642 -14.30 17.59 -24.13
CA GLU D 642 -14.72 16.25 -23.72
C GLU D 642 -14.52 16.05 -22.21
N THR D 643 -13.52 16.73 -21.65
CA THR D 643 -13.22 16.60 -20.23
C THR D 643 -14.01 17.60 -19.39
N SER D 644 -13.95 18.87 -19.77
CA SER D 644 -14.61 19.93 -19.01
C SER D 644 -16.13 19.87 -19.13
N SER D 645 -16.62 19.23 -20.19
CA SER D 645 -18.06 19.13 -20.42
C SER D 645 -18.73 18.14 -19.49
N GLN D 646 -18.03 17.04 -19.19
CA GLN D 646 -18.58 15.99 -18.33
C GLN D 646 -18.81 16.46 -16.90
N ILE D 647 -18.08 17.50 -16.49
CA ILE D 647 -18.24 18.08 -15.16
C ILE D 647 -19.63 18.67 -15.02
N SER D 648 -20.08 19.37 -16.06
CA SER D 648 -21.40 19.98 -16.07
C SER D 648 -22.45 19.04 -16.66
N ASN D 649 -22.04 17.81 -16.93
CA ASN D 649 -22.90 16.81 -17.59
C ASN D 649 -23.47 17.35 -18.89
N ALA D 650 -22.61 17.96 -19.71
CA ALA D 650 -23.04 18.59 -20.94
C ALA D 650 -22.63 17.77 -22.16
N THR D 651 -23.25 18.06 -23.30
CA THR D 651 -22.87 17.44 -24.56
C THR D 651 -21.55 18.05 -25.05
N ASN D 652 -20.71 17.23 -25.67
CA ASN D 652 -19.37 17.65 -26.08
C ASN D 652 -19.39 18.79 -27.09
N GLY D 653 -19.18 20.02 -26.59
CA GLY D 653 -19.13 21.19 -27.44
C GLY D 653 -20.42 21.45 -28.19
N ILE D 654 -20.31 21.57 -29.51
CA ILE D 654 -21.48 21.83 -30.35
C ILE D 654 -21.94 20.53 -31.03
N GLU D 655 -21.17 19.47 -30.86
CA GLU D 655 -21.46 18.20 -31.50
C GLU D 655 -22.65 17.49 -30.85
N PRO D 656 -23.50 16.85 -31.67
CA PRO D 656 -24.63 16.06 -31.19
C PRO D 656 -24.17 14.72 -30.63
N PRO D 657 -24.81 14.24 -29.55
CA PRO D 657 -24.44 12.97 -28.92
C PRO D 657 -24.71 11.76 -29.81
N ARG D 658 -23.87 10.74 -29.71
CA ARG D 658 -24.03 9.53 -30.50
C ARG D 658 -25.11 8.63 -29.89
N GLY D 659 -25.38 8.84 -28.61
CA GLY D 659 -26.40 8.08 -27.90
C GLY D 659 -26.93 8.82 -26.70
N TYR D 660 -28.07 8.36 -26.18
CA TYR D 660 -28.68 8.98 -25.02
C TYR D 660 -27.85 8.75 -23.76
N VAL D 661 -27.17 7.61 -23.71
CA VAL D 661 -26.29 7.28 -22.61
C VAL D 661 -24.91 6.86 -23.11
N SER D 662 -23.88 7.58 -22.67
CA SER D 662 -22.51 7.28 -23.08
C SER D 662 -21.86 6.28 -22.14
N ILE D 663 -21.26 5.24 -22.71
CA ILE D 663 -20.60 4.21 -21.93
C ILE D 663 -19.09 4.28 -22.10
N LYS D 664 -18.38 4.51 -21.01
CA LYS D 664 -16.92 4.61 -21.04
C LYS D 664 -16.30 3.81 -19.90
N ALA D 665 -15.54 2.78 -20.24
CA ALA D 665 -14.90 1.93 -19.25
C ALA D 665 -13.80 2.70 -18.52
N SER D 666 -13.60 2.38 -17.24
CA SER D 666 -12.60 3.06 -16.43
C SER D 666 -11.91 2.12 -15.47
N LYS D 667 -11.06 2.69 -14.62
CA LYS D 667 -10.29 1.93 -13.64
C LYS D 667 -11.19 1.39 -12.53
N ASP D 668 -12.25 2.14 -12.24
CA ASP D 668 -13.17 1.76 -11.17
C ASP D 668 -14.42 1.08 -11.72
N GLY D 669 -14.37 0.68 -12.98
CA GLY D 669 -15.49 -0.02 -13.60
C GLY D 669 -16.07 0.74 -14.78
N ILE D 670 -17.33 0.47 -15.09
CA ILE D 670 -17.99 1.11 -16.22
C ILE D 670 -18.70 2.38 -15.78
N LEU D 671 -18.32 3.50 -16.40
CA LEU D 671 -18.93 4.79 -16.09
C LEU D 671 -20.02 5.12 -17.10
N ARG D 672 -21.21 5.43 -16.61
CA ARG D 672 -22.33 5.76 -17.48
C ARG D 672 -22.75 7.22 -17.31
N GLN D 673 -22.90 7.92 -18.42
CA GLN D 673 -23.31 9.31 -18.41
C GLN D 673 -24.52 9.53 -19.31
N VAL D 674 -25.60 10.06 -18.73
CA VAL D 674 -26.83 10.30 -19.46
C VAL D 674 -26.91 11.75 -19.91
N VAL D 675 -27.44 11.97 -21.12
CA VAL D 675 -27.65 13.31 -21.64
C VAL D 675 -28.55 14.09 -20.69
N PRO D 676 -28.29 15.40 -20.54
CA PRO D 676 -29.04 16.23 -19.59
C PRO D 676 -30.54 16.29 -19.87
N ASP D 677 -31.33 16.00 -18.86
CA ASP D 677 -32.80 16.02 -18.95
C ASP D 677 -33.33 15.11 -20.05
N TYR D 678 -32.92 13.84 -20.01
CA TYR D 678 -33.40 12.85 -20.98
C TYR D 678 -34.86 12.52 -20.73
N GLU D 679 -35.29 12.68 -19.48
CA GLU D 679 -36.64 12.33 -19.06
C GLU D 679 -37.72 13.10 -19.81
N HIS D 680 -37.43 14.36 -20.16
CA HIS D 680 -38.42 15.22 -20.79
C HIS D 680 -38.11 15.52 -22.26
N LEU D 681 -36.91 15.17 -22.70
CA LEU D 681 -36.48 15.53 -24.06
C LEU D 681 -35.94 14.33 -24.83
N HIS D 682 -36.49 13.15 -24.55
CA HIS D 682 -36.03 11.92 -25.21
C HIS D 682 -36.31 11.93 -26.71
N ASP D 683 -37.37 12.62 -27.12
CA ASP D 683 -37.72 12.71 -28.53
C ASP D 683 -37.23 14.01 -29.15
N ALA D 684 -36.86 14.97 -28.30
CA ALA D 684 -36.39 16.27 -28.77
C ALA D 684 -34.96 16.20 -29.29
N TYR D 685 -34.19 15.23 -28.82
CA TYR D 685 -32.81 15.06 -29.25
C TYR D 685 -32.69 14.48 -30.65
N GLU D 686 -31.61 14.84 -31.34
CA GLU D 686 -31.28 14.26 -32.63
C GLU D 686 -29.87 13.71 -32.59
N LEU D 687 -29.76 12.38 -32.55
CA LEU D 687 -28.47 11.72 -32.45
C LEU D 687 -27.61 11.97 -33.68
N LEU D 688 -26.32 11.64 -33.57
CA LEU D 688 -25.36 11.89 -34.63
C LEU D 688 -25.66 11.09 -35.89
N TRP D 689 -26.05 9.82 -35.70
CA TRP D 689 -26.27 8.92 -36.83
C TRP D 689 -27.73 8.89 -37.26
N GLU D 690 -28.56 9.71 -36.62
CA GLU D 690 -29.94 9.88 -37.04
C GLU D 690 -30.05 10.99 -38.08
N MET D 691 -28.91 11.60 -38.39
CA MET D 691 -28.86 12.71 -39.33
C MET D 691 -28.72 12.22 -40.77
N PRO D 692 -29.51 12.80 -41.70
CA PRO D 692 -29.47 12.47 -43.12
C PRO D 692 -28.12 12.82 -43.75
N GLY D 693 -27.63 14.02 -43.50
CA GLY D 693 -26.36 14.46 -44.07
C GLY D 693 -25.68 15.52 -43.24
N ASN D 694 -24.72 16.22 -43.85
CA ASN D 694 -23.96 17.25 -43.16
C ASN D 694 -24.39 18.66 -43.55
N ASP D 695 -25.23 18.76 -44.57
CA ASP D 695 -25.65 20.06 -45.09
C ASP D 695 -26.34 20.90 -44.03
N GLY D 696 -27.18 20.25 -43.22
CA GLY D 696 -27.87 20.94 -42.15
C GLY D 696 -26.91 21.38 -41.06
N TYR D 697 -25.97 20.50 -40.74
CA TYR D 697 -24.97 20.78 -39.71
C TYR D 697 -24.04 21.91 -40.12
N LEU D 698 -23.55 21.85 -41.36
CA LEU D 698 -22.61 22.84 -41.88
C LEU D 698 -23.23 24.23 -41.92
N GLN D 699 -24.52 24.31 -42.20
CA GLN D 699 -25.22 25.59 -42.24
C GLN D 699 -25.21 26.25 -40.87
N LEU D 700 -25.43 25.46 -39.84
CA LEU D 700 -25.41 25.97 -38.47
C LEU D 700 -24.02 26.48 -38.10
N VAL D 701 -23.00 25.73 -38.49
CA VAL D 701 -21.61 26.11 -38.22
C VAL D 701 -21.27 27.44 -38.90
N GLY D 702 -21.68 27.57 -40.16
CA GLY D 702 -21.44 28.78 -40.93
C GLY D 702 -22.05 30.02 -40.32
N ILE D 703 -23.26 29.87 -39.76
CA ILE D 703 -23.95 30.98 -39.12
C ILE D 703 -23.19 31.43 -37.87
N MET D 704 -22.64 30.46 -37.14
CA MET D 704 -21.82 30.76 -35.97
C MET D 704 -20.59 31.57 -36.37
N GLN D 705 -19.98 31.19 -37.49
CA GLN D 705 -18.76 31.80 -37.98
C GLN D 705 -18.94 33.29 -38.28
N LYS D 706 -20.19 33.69 -38.51
CA LYS D 706 -20.51 35.09 -38.80
C LYS D 706 -20.13 35.98 -37.63
N PHE D 707 -20.18 35.44 -36.42
CA PHE D 707 -19.88 36.21 -35.22
C PHE D 707 -18.59 35.75 -34.55
N ILE D 708 -18.22 34.48 -34.76
CA ILE D 708 -17.02 33.93 -34.16
C ILE D 708 -15.75 34.58 -34.73
N ASP D 709 -14.90 35.09 -33.84
CA ASP D 709 -13.66 35.74 -34.23
C ASP D 709 -12.69 34.79 -34.94
N GLN D 710 -12.38 33.68 -34.27
CA GLN D 710 -11.41 32.73 -34.80
C GLN D 710 -12.09 31.65 -35.63
N SER D 711 -11.87 30.39 -35.28
CA SER D 711 -12.42 29.28 -36.05
C SER D 711 -13.30 28.36 -35.22
N ILE D 712 -13.86 27.35 -35.88
CA ILE D 712 -14.76 26.40 -35.24
C ILE D 712 -14.39 24.96 -35.60
N SER D 713 -14.24 24.12 -34.60
CA SER D 713 -13.89 22.71 -34.83
C SER D 713 -15.10 21.94 -35.35
N ALA D 714 -15.41 22.13 -36.63
CA ALA D 714 -16.56 21.49 -37.24
C ALA D 714 -16.22 20.10 -37.76
N ASN D 715 -17.08 19.13 -37.44
CA ASN D 715 -16.86 17.76 -37.88
C ASN D 715 -17.77 17.38 -39.04
N THR D 716 -17.25 16.58 -39.96
CA THR D 716 -18.06 16.03 -41.03
C THR D 716 -18.38 14.58 -40.71
N ASN D 717 -19.64 14.18 -40.89
CA ASN D 717 -20.06 12.84 -40.52
C ASN D 717 -20.68 12.09 -41.68
N TYR D 718 -20.36 10.80 -41.78
CA TYR D 718 -20.87 9.96 -42.86
C TYR D 718 -21.21 8.56 -42.38
N ASP D 719 -22.39 8.09 -42.76
CA ASP D 719 -22.82 6.74 -42.43
C ASP D 719 -22.85 5.89 -43.69
N PRO D 720 -21.94 4.90 -43.77
CA PRO D 720 -21.81 4.01 -44.94
C PRO D 720 -23.10 3.26 -45.24
N SER D 721 -23.95 3.06 -44.24
CA SER D 721 -25.21 2.35 -44.42
C SER D 721 -26.21 3.22 -45.19
N ARG D 722 -26.05 4.53 -45.09
CA ARG D 722 -26.95 5.47 -45.77
C ARG D 722 -26.57 5.68 -47.23
N PHE D 723 -25.48 5.04 -47.66
CA PHE D 723 -25.03 5.17 -49.04
C PHE D 723 -25.02 3.82 -49.76
N PRO D 724 -25.30 3.83 -51.07
CA PRO D 724 -25.29 2.61 -51.88
C PRO D 724 -23.91 1.96 -51.91
N SER D 725 -23.90 0.63 -52.03
CA SER D 725 -22.65 -0.16 -52.04
C SER D 725 -21.85 -0.01 -50.75
N GLY D 726 -22.46 0.58 -49.74
CA GLY D 726 -21.85 0.74 -48.43
C GLY D 726 -20.58 1.57 -48.43
N LYS D 727 -20.46 2.48 -49.38
CA LYS D 727 -19.28 3.33 -49.49
C LYS D 727 -19.65 4.77 -49.83
N VAL D 728 -19.05 5.72 -49.12
CA VAL D 728 -19.30 7.13 -49.35
C VAL D 728 -18.61 7.59 -50.65
N PRO D 729 -19.39 8.08 -51.60
CA PRO D 729 -18.87 8.53 -52.91
C PRO D 729 -18.01 9.79 -52.79
N MET D 730 -17.06 9.94 -53.70
CA MET D 730 -16.18 11.10 -53.71
C MET D 730 -16.95 12.38 -53.99
N GLN D 731 -18.01 12.26 -54.79
CA GLN D 731 -18.84 13.40 -55.16
C GLN D 731 -19.54 14.00 -53.95
N GLN D 732 -19.88 13.14 -52.99
CA GLN D 732 -20.56 13.58 -51.77
C GLN D 732 -19.58 14.29 -50.84
N LEU D 733 -18.35 13.79 -50.81
CA LEU D 733 -17.30 14.40 -49.99
C LEU D 733 -16.99 15.80 -50.49
N LEU D 734 -16.88 15.93 -51.81
CA LEU D 734 -16.60 17.22 -52.43
C LEU D 734 -17.81 18.15 -52.33
N LYS D 735 -19.00 17.56 -52.30
CA LYS D 735 -20.23 18.33 -52.18
C LYS D 735 -20.28 19.09 -50.86
N ASP D 736 -20.09 18.37 -49.77
CA ASP D 736 -20.11 18.98 -48.44
C ASP D 736 -18.91 19.90 -48.25
N LEU D 737 -17.81 19.57 -48.93
CA LEU D 737 -16.61 20.40 -48.89
C LEU D 737 -16.88 21.77 -49.51
N LEU D 738 -17.52 21.77 -50.67
CA LEU D 738 -17.88 23.01 -51.35
C LEU D 738 -19.02 23.70 -50.61
N THR D 739 -19.88 22.92 -49.96
CA THR D 739 -20.99 23.45 -49.20
C THR D 739 -20.47 24.25 -48.00
N ALA D 740 -19.45 23.70 -47.34
CA ALA D 740 -18.84 24.36 -46.19
C ALA D 740 -18.20 25.68 -46.61
N TYR D 741 -17.42 25.64 -47.69
CA TYR D 741 -16.74 26.84 -48.19
C TYR D 741 -17.74 27.90 -48.62
N LYS D 742 -18.91 27.46 -49.09
CA LYS D 742 -19.95 28.36 -49.56
C LYS D 742 -20.48 29.26 -48.45
N PHE D 743 -20.55 28.71 -47.24
CA PHE D 743 -21.12 29.43 -46.10
C PHE D 743 -20.05 30.05 -45.21
N GLY D 744 -18.83 30.14 -45.73
CA GLY D 744 -17.76 30.85 -45.04
C GLY D 744 -17.13 30.07 -43.91
N VAL D 745 -17.26 28.74 -43.94
CA VAL D 745 -16.63 27.89 -42.94
C VAL D 745 -15.11 27.94 -43.08
N LYS D 746 -14.43 28.24 -41.98
CA LYS D 746 -12.97 28.42 -42.01
C LYS D 746 -12.21 27.09 -42.01
N THR D 747 -12.54 26.20 -41.08
CA THR D 747 -11.80 24.95 -40.94
C THR D 747 -12.70 23.72 -40.82
N LEU D 748 -12.12 22.55 -41.09
CA LEU D 748 -12.81 21.28 -40.93
C LEU D 748 -11.97 20.33 -40.08
N TYR D 749 -12.57 19.76 -39.05
CA TYR D 749 -11.85 18.92 -38.11
C TYR D 749 -11.98 17.43 -38.47
N TYR D 750 -12.45 16.63 -37.50
CA TYR D 750 -12.58 15.20 -37.68
C TYR D 750 -13.55 14.81 -38.78
N GLN D 751 -13.33 13.64 -39.38
CA GLN D 751 -14.35 13.01 -40.21
C GLN D 751 -14.71 11.66 -39.60
N ASN D 752 -15.74 11.66 -38.76
CA ASN D 752 -16.16 10.46 -38.04
C ASN D 752 -16.87 9.46 -38.94
N THR D 753 -16.31 8.26 -39.03
CA THR D 753 -16.90 7.19 -39.85
C THR D 753 -17.46 6.08 -38.96
N ARG D 754 -18.77 5.86 -39.07
CA ARG D 754 -19.45 4.85 -38.27
C ARG D 754 -19.06 3.43 -38.66
N ASP D 755 -18.84 2.58 -37.66
CA ASP D 755 -18.46 1.20 -37.89
C ASP D 755 -19.69 0.28 -37.87
PG DTP E . -42.60 -19.13 79.47
O1G DTP E . -42.50 -17.85 80.24
O2G DTP E . -43.05 -20.30 80.35
O3G DTP E . -41.29 -19.52 78.77
PB DTP E . -44.74 -17.84 77.98
O1B DTP E . -45.91 -18.41 77.30
O2B DTP E . -45.15 -17.15 79.28
O3B DTP E . -43.69 -18.99 78.32
PA DTP E . -43.29 -15.37 77.36
O1A DTP E . -42.08 -15.25 76.50
O2A DTP E . -42.87 -15.38 78.83
O3A DTP E . -44.03 -16.75 77.05
O5' DTP E . -44.34 -14.20 77.14
C5' DTP E . -44.45 -13.43 75.92
C4' DTP E . -45.37 -12.25 76.16
O4' DTP E . -46.69 -12.72 76.55
C3' DTP E . -44.91 -11.29 77.26
O3' DTP E . -45.12 -9.94 76.86
C2' DTP E . -45.81 -11.65 78.44
C1' DTP E . -47.08 -12.08 77.74
N9 DTP E . -47.91 -13.01 78.50
C8 DTP E . -47.48 -14.02 79.32
N7 DTP E . -48.44 -14.70 79.89
C5 DTP E . -49.60 -14.09 79.42
C6 DTP E . -50.97 -14.33 79.64
N6 DTP E . -51.43 -15.30 80.44
N1 DTP E . -51.86 -13.54 79.01
C2 DTP E . -51.41 -12.57 78.21
N3 DTP E . -50.15 -12.24 77.92
C4 DTP E . -49.29 -13.04 78.56
MG MG F . -43.75 -16.20 80.55
PG GTP G . -45.88 -16.63 83.14
O1G GTP G . -47.20 -17.13 82.67
O2G GTP G . -44.72 -17.04 82.23
O3G GTP G . -45.55 -17.08 84.58
O3B GTP G . -45.86 -15.03 83.18
PB GTP G . -45.16 -13.95 82.24
O1B GTP G . -44.99 -14.51 80.88
O2B GTP G . -46.04 -12.70 82.20
O3A GTP G . -43.74 -13.55 82.85
PA GTP G . -42.26 -14.00 82.48
O1A GTP G . -42.29 -15.29 81.76
O2A GTP G . -41.47 -14.14 83.79
O5' GTP G . -41.60 -12.81 81.64
C5' GTP G . -42.23 -12.12 80.54
C4' GTP G . -41.19 -11.31 79.80
O4' GTP G . -40.55 -10.39 80.71
C3' GTP G . -40.06 -12.10 79.13
O3' GTP G . -39.71 -11.53 77.88
C2' GTP G . -38.94 -12.01 80.15
O2' GTP G . -37.66 -12.10 79.53
C1' GTP G . -39.15 -10.61 80.73
N9 GTP G . -38.68 -10.48 82.12
C8 GTP G . -38.78 -11.40 83.13
N7 GTP G . -38.25 -11.00 84.26
C5 GTP G . -37.77 -9.73 83.98
C6 GTP G . -37.09 -8.78 84.80
O6 GTP G . -36.78 -8.91 85.99
N1 GTP G . -36.78 -7.62 84.12
C2 GTP G . -37.08 -7.37 82.81
N2 GTP G . -36.71 -6.19 82.31
N3 GTP G . -37.71 -8.25 82.03
C4 GTP G . -38.02 -9.39 82.66
PG DTP H . 4.95 -9.86 25.48
O1G DTP H . 4.62 -9.49 26.89
O2G DTP H . 4.10 -9.12 24.45
O3G DTP H . 6.43 -9.67 25.14
PB DTP H . 4.20 -12.57 26.25
O1B DTP H . 5.03 -12.52 27.48
O2B DTP H . 4.35 -13.91 25.55
O3B DTP H . 4.66 -11.41 25.25
PA DTP H . 1.95 -11.60 27.82
O1A DTP H . 2.91 -11.43 28.94
O2A DTP H . 0.78 -12.46 28.27
O3A DTP H . 2.66 -12.36 26.62
O5' DTP H . 1.38 -10.24 27.26
C5' DTP H . 0.49 -10.15 26.13
C4' DTP H . -0.71 -9.32 26.50
O4' DTP H . -1.74 -9.52 25.50
C3' DTP H . -1.37 -9.71 27.81
O3' DTP H . -2.12 -8.60 28.32
C2' DTP H . -2.30 -10.84 27.39
C1' DTP H . -2.67 -10.49 25.95
N9 DTP H . -2.63 -11.62 25.02
C8 DTP H . -1.72 -12.64 25.00
N7 DTP H . -1.92 -13.51 24.04
C5 DTP H . -3.04 -13.02 23.38
C6 DTP H . -3.76 -13.49 22.26
N6 DTP H . -3.44 -14.59 21.58
N1 DTP H . -4.82 -12.77 21.86
C2 DTP H . -5.15 -11.66 22.54
N3 DTP H . -4.55 -11.13 23.60
C4 DTP H . -3.50 -11.86 23.98
MG MG I . 4.88 -10.69 28.61
PG DTP J . 7.02 -8.77 -16.11
O1G DTP J . 6.74 -9.90 -17.04
O2G DTP J . 8.17 -7.89 -16.58
O3G DTP J . 7.32 -9.24 -14.69
PB DTP J . 4.42 -7.63 -16.86
O1B DTP J . 4.10 -6.19 -17.01
O2B DTP J . 4.63 -8.25 -18.23
O3B DTP J . 5.76 -7.80 -15.99
PA DTP J . 2.80 -9.93 -16.12
O1A DTP J . 2.67 -10.39 -14.71
O2A DTP J . 3.91 -10.73 -16.81
O3A DTP J . 3.23 -8.40 -16.14
O5' DTP J . 1.47 -10.09 -16.96
C5' DTP J . 0.14 -10.09 -16.39
C4' DTP J . -0.89 -10.26 -17.49
O4' DTP J . -0.78 -9.16 -18.43
C3' DTP J . -0.77 -11.55 -18.30
O3' DTP J . -2.07 -12.10 -18.53
C2' DTP J . -0.14 -11.08 -19.61
C1' DTP J . -0.70 -9.69 -19.75
N9 DTP J . 0.11 -8.78 -20.55
C8 DTP J . 1.48 -8.71 -20.59
N7 DTP J . 1.96 -7.81 -21.41
C5 DTP J . 0.82 -7.24 -21.96
C6 DTP J . 0.63 -6.22 -22.91
N6 DTP J . 1.63 -5.56 -23.51
N1 DTP J . -0.64 -5.89 -23.24
C2 DTP J . -1.65 -6.55 -22.65
N3 DTP J . -1.59 -7.52 -21.74
C4 DTP J . -0.32 -7.83 -21.44
MG MG K . 5.20 -10.24 -18.39
PG GTP L . 6.24 -9.67 -21.54
O1G GTP L . 6.03 -8.27 -21.99
O2G GTP L . 6.44 -9.78 -20.02
O3G GTP L . 7.42 -10.35 -22.22
O3B GTP L . 4.96 -10.56 -21.88
PB GTP L . 3.92 -11.36 -20.98
O1B GTP L . 3.63 -10.59 -19.74
O2B GTP L . 2.63 -11.57 -21.77
O3A GTP L . 4.54 -12.78 -20.60
PA GTP L . 5.25 -13.33 -19.29
O1A GTP L . 5.87 -12.22 -18.55
O2A GTP L . 6.33 -14.33 -19.72
O5' GTP L . 4.15 -14.13 -18.43
C5' GTP L . 2.78 -13.74 -18.26
C4' GTP L . 2.11 -14.67 -17.28
O4' GTP L . 2.29 -16.03 -17.70
C3' GTP L . 2.61 -14.59 -15.84
O3' GTP L . 1.55 -14.80 -14.91
C2' GTP L . 3.63 -15.73 -15.78
O2' GTP L . 3.77 -16.27 -14.48
C1' GTP L . 3.01 -16.76 -16.72
N9 GTP L . 3.99 -17.61 -17.41
C8 GTP L . 5.26 -17.26 -17.79
N7 GTP L . 5.92 -18.23 -18.37
C5 GTP L . 5.02 -19.29 -18.39
C6 GTP L . 5.14 -20.63 -18.89
O6 GTP L . 6.12 -21.12 -19.43
N1 GTP L . 3.99 -21.36 -18.69
C2 GTP L . 2.85 -20.90 -18.09
N2 GTP L . 1.83 -21.76 -17.99
N3 GTP L . 2.72 -19.67 -17.62
C4 GTP L . 3.83 -18.92 -17.80
PG DTP M . -16.54 -28.78 50.49
O1G DTP M . -16.02 -29.30 49.19
O2G DTP M . -18.04 -28.44 50.45
O3G DTP M . -16.29 -29.73 51.66
PB DTP M . -14.46 -26.78 50.30
O1B DTP M . -13.48 -27.83 49.98
O2B DTP M . -13.88 -25.82 51.36
O3B DTP M . -15.80 -27.42 50.86
PA DTP M . -14.65 -26.29 47.45
O1A DTP M . -13.77 -27.47 47.31
O2A DTP M . -14.01 -25.08 46.75
O3A DTP M . -14.80 -25.94 49.00
O5' DTP M . -16.10 -26.50 46.84
C5' DTP M . -17.22 -25.63 47.13
C4' DTP M . -18.12 -25.54 45.93
O4' DTP M . -19.04 -24.46 46.09
C3' DTP M . -17.40 -25.25 44.62
O3' DTP M . -18.20 -25.70 43.52
C2' DTP M . -17.31 -23.74 44.63
C1' DTP M . -18.55 -23.30 45.43
N9 DTP M . -18.29 -22.27 46.43
C8 DTP M . -17.22 -22.19 47.28
N7 DTP M . -17.26 -21.15 48.09
C5 DTP M . -18.44 -20.51 47.74
C6 DTP M . -19.06 -19.35 48.22
N6 DTP M . -18.57 -18.60 49.22
N1 DTP M . -20.23 -18.97 47.66
C2 DTP M . -20.73 -19.72 46.67
N3 DTP M . -20.24 -20.84 46.13
C4 DTP M . -19.09 -21.18 46.71
MG MG N . -14.04 -29.25 48.44
PG DTP O . 40.09 16.95 -81.09
O1G DTP O . 41.39 16.23 -81.28
O2G DTP O . 39.91 18.10 -82.10
O3G DTP O . 39.91 17.51 -79.69
PB DTP O . 38.78 14.48 -81.92
O1B DTP O . 37.59 14.33 -82.78
O2B DTP O . 40.06 14.18 -82.72
O3B DTP O . 38.87 15.96 -81.34
PA DTP O . 39.80 12.95 -79.64
O1A DTP O . 39.36 13.27 -78.27
O2A DTP O . 41.11 13.67 -79.94
O3A DTP O . 38.72 13.45 -80.69
O5' DTP O . 40.04 11.39 -79.88
C5' DTP O . 39.49 10.36 -79.04
C4' DTP O . 39.88 9.00 -79.58
O4' DTP O . 39.39 8.85 -80.93
C3' DTP O . 41.39 8.73 -79.63
O3' DTP O . 41.66 7.39 -79.23
C2' DTP O . 41.72 8.94 -81.10
C1' DTP O . 40.46 8.47 -81.79
N9 DTP O . 40.22 9.05 -83.10
C8 DTP O . 40.33 10.37 -83.46
N7 DTP O . 40.07 10.61 -84.71
C5 DTP O . 39.75 9.36 -85.23
C6 DTP O . 39.39 8.92 -86.52
N6 DTP O . 39.28 9.74 -87.58
N1 DTP O . 39.16 7.61 -86.70
C2 DTP O . 39.27 6.79 -85.65
N3 DTP O . 39.61 7.08 -84.39
C4 DTP O . 39.84 8.39 -84.25
MG MG P . 41.93 14.26 -81.77
PG GTP Q . 43.28 14.08 -84.84
O1G GTP Q . 42.23 13.88 -85.88
O2G GTP Q . 42.76 14.82 -83.61
O3G GTP Q . 44.51 14.84 -85.37
O3B GTP Q . 43.82 12.68 -84.31
PB GTP Q . 43.76 11.96 -82.89
O1B GTP Q . 42.46 12.26 -82.23
O2B GTP Q . 43.91 10.45 -83.09
O3A GTP Q . 44.96 12.47 -82.00
PA GTP Q . 45.03 13.54 -80.82
O1A GTP Q . 43.81 14.38 -80.82
O2A GTP Q . 46.24 14.43 -81.05
O5' GTP Q . 45.26 12.75 -79.45
C5' GTP Q . 44.47 11.63 -78.99
C4' GTP Q . 44.60 11.49 -77.50
O4' GTP Q . 46.00 11.35 -77.14
C3' GTP Q . 44.06 12.66 -76.67
O3' GTP Q . 43.43 12.20 -75.48
C2' GTP Q . 45.32 13.48 -76.37
O2' GTP Q . 45.20 14.21 -75.16
C1' GTP Q . 46.37 12.38 -76.24
N9 GTP Q . 47.73 12.83 -76.58
C8 GTP Q . 48.07 13.77 -77.51
N7 GTP Q . 49.37 13.96 -77.60
C5 GTP Q . 49.91 13.10 -76.67
C6 GTP Q . 51.26 12.85 -76.29
O6 GTP Q . 52.28 13.39 -76.74
N1 GTP Q . 51.36 11.90 -75.30
C2 GTP Q . 50.30 11.25 -74.72
N2 GTP Q . 50.58 10.34 -73.78
N3 GTP Q . 49.04 11.46 -75.06
C4 GTP Q . 48.91 12.40 -76.03
PG DTP R . 16.19 18.23 -12.52
O1G DTP R . 17.58 18.39 -13.05
O2G DTP R . 15.73 16.76 -12.50
O3G DTP R . 16.02 18.81 -11.12
PB DTP R . 15.35 20.11 -14.58
O1B DTP R . 16.69 20.74 -14.43
O2B DTP R . 14.26 21.16 -14.43
O3B DTP R . 15.16 19.00 -13.45
PA DTP R . 16.33 18.93 -17.05
O1A DTP R . 17.64 19.54 -16.72
O2A DTP R . 15.90 19.39 -18.44
O3A DTP R . 15.23 19.43 -16.02
O5' DTP R . 16.35 17.35 -17.02
C5' DTP R . 15.14 16.55 -16.95
C4' DTP R . 15.36 15.24 -17.68
O4' DTP R . 14.10 14.59 -17.89
C3' DTP R . 15.96 15.38 -19.07
O3' DTP R . 16.60 14.17 -19.46
C2' DTP R . 14.73 15.64 -19.92
C1' DTP R . 13.63 14.86 -19.21
N9 DTP R . 12.35 15.56 -19.11
C8 DTP R . 12.15 16.86 -18.75
N7 DTP R . 10.89 17.22 -18.72
C5 DTP R . 10.21 16.07 -19.11
C6 DTP R . 8.85 15.78 -19.28
N6 DTP R . 7.87 16.67 -19.08
N1 DTP R . 8.51 14.53 -19.67
C2 DTP R . 9.48 13.64 -19.87
N3 DTP R . 10.80 13.79 -19.73
C4 DTP R . 11.11 15.03 -19.35
MG MG S . 18.32 19.39 -14.74
PG DTP T . -15.00 6.70 11.04
O1G DTP T . -16.42 7.16 10.96
O2G DTP T . -14.48 6.57 12.49
O3G DTP T . -14.04 7.61 10.27
PB DTP T . -15.89 4.24 9.76
O1B DTP T . -15.45 2.84 10.01
O2B DTP T . -17.26 4.47 10.42
O3B DTP T . -14.85 5.25 10.39
PA DTP T . -16.99 5.46 7.36
O1A DTP T . -16.21 6.19 6.33
O2A DTP T . -17.62 6.46 8.33
O3A DTP T . -16.03 4.51 8.20
O5' DTP T . -18.16 4.57 6.75
C5' DTP T . -18.28 4.22 5.35
C4' DTP T . -19.63 3.58 5.10
O4' DTP T . -19.76 2.39 5.93
C3' DTP T . -20.84 4.46 5.41
O3' DTP T . -21.83 4.31 4.40
C2' DTP T . -21.34 3.91 6.74
C1' DTP T . -20.99 2.44 6.63
N9 DTP T . -20.81 1.76 7.91
C8 DTP T . -20.09 2.20 8.99
N7 DTP T . -20.14 1.38 10.02
C5 DTP T . -20.93 0.34 9.59
C6 DTP T . -21.37 -0.85 10.21
N6 DTP T . -21.06 -1.19 11.46
N1 DTP T . -22.16 -1.69 9.50
C2 DTP T . -22.48 -1.34 8.24
N3 DTP T . -22.14 -0.25 7.56
C4 DTP T . -21.36 0.56 8.29
MG MG U . -18.24 6.32 10.34
PG GTP V . -20.09 5.47 13.01
O1G GTP V . -19.80 4.05 13.37
O2G GTP V . -18.89 6.16 12.33
O3G GTP V . -20.52 6.32 14.20
O3B GTP V . -21.28 5.54 11.96
PB GTP V . -21.34 5.86 10.39
O1B GTP V . -20.08 5.43 9.74
O2B GTP V . -22.52 5.12 9.79
O3A GTP V . -21.55 7.43 10.19
PA GTP V . -20.53 8.61 9.84
O1A GTP V . -19.16 8.23 10.27
O2A GTP V . -20.98 9.86 10.59
O5' GTP V . -20.64 8.90 8.26
C5' GTP V . -20.87 7.90 7.25
C4' GTP V . -20.96 8.57 5.89
O4' GTP V . -22.03 9.54 5.89
C3' GTP V . -19.70 9.31 5.44
O3' GTP V . -19.48 9.13 4.04
C2' GTP V . -20.03 10.77 5.78
O2' GTP V . -19.36 11.68 4.92
C1' GTP V . -21.53 10.82 5.54
N9 GTP V . -22.23 11.82 6.35
C8 GTP V . -21.98 12.15 7.66
N7 GTP V . -22.75 13.10 8.12
C5 GTP V . -23.57 13.42 7.05
C6 GTP V . -24.63 14.38 6.92
O6 GTP V . -25.04 15.15 7.78
N1 GTP V . -25.20 14.37 5.66
C2 GTP V . -24.82 13.55 4.63
N2 GTP V . -25.49 13.67 3.48
N3 GTP V . -23.84 12.66 4.73
C4 GTP V . -23.27 12.64 5.95
PG DTP W . 19.95 30.10 -48.63
O1G DTP W . 18.83 30.46 -47.72
O2G DTP W . 19.62 28.92 -49.55
O3G DTP W . 20.43 31.27 -49.50
PB DTP W . 21.56 29.71 -46.23
O1B DTP W . 20.98 30.95 -45.66
O2B DTP W . 23.07 29.69 -46.04
O3B DTP W . 21.23 29.63 -47.78
PA DTP W . 19.56 28.22 -44.73
O1A DTP W . 19.07 29.53 -44.23
O2A DTP W . 19.82 27.28 -43.55
O3A DTP W . 20.94 28.44 -45.50
O5' DTP W . 18.56 27.51 -45.74
C5' DTP W . 18.87 26.28 -46.45
C4' DTP W . 17.64 25.41 -46.50
O4' DTP W . 18.00 24.11 -46.99
C3' DTP W . 16.98 25.16 -45.16
O3' DTP W . 15.60 24.81 -45.35
C2' DTP W . 17.77 23.98 -44.63
C1' DTP W . 18.18 23.23 -45.89
N9 DTP W . 19.57 22.77 -45.90
C8 DTP W . 20.67 23.47 -45.49
N7 DTP W . 21.80 22.82 -45.63
C5 DTP W . 21.42 21.60 -46.15
C6 DTP W . 22.14 20.45 -46.52
N6 DTP W . 23.47 20.35 -46.42
N1 DTP W . 21.44 19.40 -47.00
C2 DTP W . 20.11 19.49 -47.11
N3 DTP W . 19.32 20.53 -46.79
C4 DTP W . 20.03 21.55 -46.32
MG MG X . 18.83 31.05 -45.68
#